data_2MWP
#
_entry.id   2MWP
#
loop_
_entity.id
_entity.type
_entity.pdbx_description
1 polymer 'Tumor suppressor p53-binding protein 1'
2 polymer 'Cellular tumor antigen p53'
#
loop_
_entity_poly.entity_id
_entity_poly.type
_entity_poly.pdbx_seq_one_letter_code
_entity_poly.pdbx_strand_id
1 'polypeptide(L)'
;GHMNSFVGLRVVAKWSSNGYFYSGKITRDVGAGKYKLLFDDGYECDVLGKDILLCDPIPLDTEVTALSEDEYFSAGVVKG
HRKESGELYYSIEKEGQRKWYKRMAVILSLEQGNRLREQYGLG
;
A
2 'polypeptide(L)' STSRHK(MLY)LMFKT B
#
# COMPACT_ATOMS: atom_id res chain seq x y z
N GLY A 1 -4.24 -24.66 10.48
CA GLY A 1 -3.10 -24.58 9.54
C GLY A 1 -2.85 -23.15 9.05
N HIS A 2 -1.71 -22.93 8.38
CA HIS A 2 -1.34 -21.63 7.79
C HIS A 2 -2.22 -21.24 6.58
N MET A 3 -2.14 -19.98 6.16
CA MET A 3 -2.79 -19.46 4.95
C MET A 3 -2.28 -20.13 3.66
N ASN A 4 -3.05 -19.98 2.57
CA ASN A 4 -2.70 -20.49 1.23
C ASN A 4 -1.55 -19.74 0.55
N SER A 5 -1.22 -20.23 -0.65
CA SER A 5 -0.09 -19.90 -1.53
C SER A 5 -0.07 -18.50 -2.10
N PHE A 6 -0.01 -17.47 -1.24
CA PHE A 6 0.05 -16.04 -1.56
C PHE A 6 -1.26 -15.51 -2.13
N VAL A 7 -1.69 -16.13 -3.22
CA VAL A 7 -2.89 -15.91 -4.00
C VAL A 7 -4.13 -15.87 -3.12
N GLY A 8 -4.56 -14.65 -2.80
CA GLY A 8 -5.72 -14.35 -1.97
C GLY A 8 -5.42 -13.43 -0.78
N LEU A 9 -4.16 -13.37 -0.32
CA LEU A 9 -3.71 -12.53 0.78
C LEU A 9 -3.71 -11.04 0.43
N ARG A 10 -4.21 -10.20 1.34
CA ARG A 10 -4.08 -8.73 1.31
C ARG A 10 -2.64 -8.34 1.71
N VAL A 11 -1.96 -7.60 0.84
CA VAL A 11 -0.52 -7.26 0.94
C VAL A 11 -0.31 -5.85 0.36
N VAL A 12 0.93 -5.35 0.33
CA VAL A 12 1.29 -4.06 -0.32
C VAL A 12 2.39 -4.33 -1.35
N ALA A 13 2.39 -3.66 -2.51
CA ALA A 13 3.26 -3.99 -3.63
C ALA A 13 3.77 -2.72 -4.34
N LYS A 14 4.92 -2.83 -5.03
CA LYS A 14 5.42 -1.76 -5.88
C LYS A 14 4.79 -1.87 -7.27
N TRP A 15 4.09 -0.81 -7.68
CA TRP A 15 3.61 -0.66 -9.06
C TRP A 15 4.81 -0.64 -10.02
N SER A 16 4.83 -1.58 -10.96
CA SER A 16 6.00 -1.94 -11.77
C SER A 16 6.63 -0.88 -12.68
N SER A 17 5.95 0.23 -13.01
CA SER A 17 6.51 1.35 -13.79
C SER A 17 7.43 2.25 -12.95
N ASN A 18 8.38 1.63 -12.22
CA ASN A 18 9.26 2.21 -11.21
C ASN A 18 8.58 3.25 -10.27
N GLY A 19 7.41 2.88 -9.72
CA GLY A 19 6.58 3.76 -8.89
C GLY A 19 6.78 3.60 -7.37
N TYR A 20 5.69 3.81 -6.63
CA TYR A 20 5.60 3.74 -5.16
C TYR A 20 4.85 2.44 -4.77
N PHE A 21 4.61 2.25 -3.48
CA PHE A 21 4.07 1.03 -2.89
C PHE A 21 2.60 1.25 -2.49
N TYR A 22 1.71 0.49 -3.12
CA TYR A 22 0.25 0.62 -2.99
C TYR A 22 -0.35 -0.71 -2.49
N SER A 23 -1.45 -0.66 -1.73
CA SER A 23 -2.07 -1.84 -1.14
C SER A 23 -2.92 -2.62 -2.17
N GLY A 24 -2.97 -3.95 -2.02
CA GLY A 24 -3.66 -4.84 -2.97
C GLY A 24 -3.85 -6.27 -2.45
N LYS A 25 -4.15 -7.22 -3.34
CA LYS A 25 -4.23 -8.68 -3.05
C LYS A 25 -3.48 -9.45 -4.13
N ILE A 26 -2.75 -10.52 -3.77
CA ILE A 26 -2.18 -11.40 -4.80
C ILE A 26 -3.33 -12.13 -5.52
N THR A 27 -3.37 -12.10 -6.84
CA THR A 27 -4.44 -12.72 -7.65
C THR A 27 -3.98 -14.02 -8.30
N ARG A 28 -2.66 -14.13 -8.56
CA ARG A 28 -2.01 -15.30 -9.19
C ARG A 28 -0.48 -15.24 -9.10
N ASP A 29 0.19 -16.37 -9.10
CA ASP A 29 1.64 -16.50 -9.26
C ASP A 29 1.98 -16.49 -10.76
N VAL A 30 2.46 -15.36 -11.25
CA VAL A 30 2.78 -15.16 -12.69
C VAL A 30 3.83 -16.18 -13.14
N GLY A 31 4.93 -16.27 -12.39
CA GLY A 31 5.95 -17.29 -12.53
C GLY A 31 7.31 -16.81 -12.03
N ALA A 32 8.22 -17.73 -11.76
CA ALA A 32 9.64 -17.48 -11.42
C ALA A 32 9.91 -16.56 -10.19
N GLY A 33 8.86 -16.13 -9.48
CA GLY A 33 8.91 -15.19 -8.36
C GLY A 33 8.01 -13.97 -8.56
N LYS A 34 7.50 -13.71 -9.77
CA LYS A 34 6.50 -12.67 -10.03
C LYS A 34 5.13 -13.18 -9.62
N TYR A 35 4.37 -12.32 -8.96
CA TYR A 35 2.95 -12.52 -8.63
C TYR A 35 2.12 -11.36 -9.19
N LYS A 36 0.95 -11.65 -9.76
CA LYS A 36 -0.03 -10.67 -10.23
C LYS A 36 -0.79 -10.07 -9.05
N LEU A 37 -0.84 -8.75 -9.00
CA LEU A 37 -1.37 -7.97 -7.87
C LEU A 37 -2.51 -7.04 -8.30
N LEU A 38 -3.69 -7.30 -7.74
CA LEU A 38 -4.87 -6.42 -7.82
C LEU A 38 -4.78 -5.38 -6.70
N PHE A 39 -4.34 -4.19 -7.06
CA PHE A 39 -4.36 -3.01 -6.21
C PHE A 39 -5.80 -2.60 -5.84
N ASP A 40 -5.98 -2.02 -4.66
CA ASP A 40 -7.31 -1.72 -4.08
C ASP A 40 -8.13 -0.70 -4.89
N ASP A 41 -7.48 0.16 -5.68
CA ASP A 41 -8.12 1.08 -6.64
C ASP A 41 -8.75 0.38 -7.87
N GLY A 42 -8.39 -0.89 -8.11
CA GLY A 42 -8.93 -1.76 -9.16
C GLY A 42 -7.90 -2.16 -10.23
N TYR A 43 -6.69 -1.61 -10.16
CA TYR A 43 -5.62 -1.82 -11.14
C TYR A 43 -4.91 -3.16 -10.93
N GLU A 44 -4.30 -3.73 -11.97
CA GLU A 44 -3.52 -4.97 -11.91
C GLU A 44 -2.19 -4.87 -12.65
N CYS A 45 -1.11 -5.36 -12.03
CA CYS A 45 0.21 -5.51 -12.66
C CYS A 45 0.96 -6.74 -12.08
N ASP A 46 1.94 -7.28 -12.80
CA ASP A 46 2.85 -8.28 -12.26
C ASP A 46 3.89 -7.56 -11.37
N VAL A 47 4.25 -8.17 -10.25
CA VAL A 47 5.25 -7.63 -9.31
C VAL A 47 6.16 -8.77 -8.82
N LEU A 48 7.48 -8.58 -8.80
CA LEU A 48 8.42 -9.57 -8.27
C LEU A 48 8.28 -9.74 -6.75
N GLY A 49 8.52 -10.94 -6.22
CA GLY A 49 8.32 -11.28 -4.82
C GLY A 49 9.00 -10.33 -3.85
N LYS A 50 10.23 -9.88 -4.16
CA LYS A 50 10.95 -8.92 -3.30
C LYS A 50 10.14 -7.62 -3.10
N ASP A 51 9.39 -7.23 -4.12
CA ASP A 51 8.63 -5.99 -4.24
C ASP A 51 7.17 -6.11 -3.75
N ILE A 52 6.85 -7.16 -2.98
CA ILE A 52 5.54 -7.38 -2.37
C ILE A 52 5.75 -7.69 -0.89
N LEU A 53 4.96 -7.04 -0.04
CA LEU A 53 5.11 -6.93 1.40
C LEU A 53 3.87 -7.53 2.08
N LEU A 54 4.02 -8.68 2.72
CA LEU A 54 2.87 -9.49 3.21
C LEU A 54 2.69 -9.56 4.74
N CYS A 55 3.56 -8.87 5.47
CA CYS A 55 3.50 -8.71 6.92
C CYS A 55 3.47 -7.19 7.21
N ASP A 56 2.67 -6.46 6.43
CA ASP A 56 2.70 -5.01 6.33
C ASP A 56 1.42 -4.25 6.73
N PRO A 57 0.92 -4.40 7.98
CA PRO A 57 0.03 -3.39 8.52
C PRO A 57 0.97 -2.17 8.68
N ILE A 58 0.66 -1.02 8.09
CA ILE A 58 1.65 0.06 7.92
C ILE A 58 2.24 0.48 9.29
N PRO A 59 3.54 0.29 9.52
CA PRO A 59 4.10 0.47 10.85
C PRO A 59 3.97 1.92 11.30
N LEU A 60 3.44 2.08 12.51
CA LEU A 60 3.42 3.35 13.17
C LEU A 60 4.86 3.88 13.30
N ASP A 61 4.99 5.21 13.32
CA ASP A 61 6.23 5.97 13.21
C ASP A 61 6.94 5.86 11.84
N THR A 62 6.33 5.21 10.82
CA THR A 62 6.83 5.25 9.44
C THR A 62 6.20 6.43 8.67
N GLU A 63 6.98 7.01 7.77
CA GLU A 63 6.57 8.14 6.93
C GLU A 63 5.83 7.63 5.68
N VAL A 64 4.72 8.29 5.35
CA VAL A 64 3.75 7.86 4.33
C VAL A 64 3.08 9.05 3.66
N THR A 65 2.56 8.84 2.45
CA THR A 65 1.65 9.77 1.78
C THR A 65 0.21 9.42 2.13
N ALA A 66 -0.66 10.41 2.21
CA ALA A 66 -2.04 10.36 2.67
C ALA A 66 -2.95 11.06 1.63
N LEU A 67 -4.11 10.46 1.34
CA LEU A 67 -5.06 10.91 0.30
C LEU A 67 -6.49 11.06 0.85
N SER A 68 -7.15 12.16 0.51
CA SER A 68 -8.51 12.46 1.00
C SER A 68 -9.56 12.23 -0.10
N GLU A 69 -10.81 12.00 0.29
CA GLU A 69 -11.94 11.83 -0.64
C GLU A 69 -12.25 13.10 -1.47
N ASP A 70 -11.79 14.27 -1.01
CA ASP A 70 -11.79 15.55 -1.75
C ASP A 70 -10.55 15.73 -2.66
N GLU A 71 -9.78 14.65 -2.87
CA GLU A 71 -8.63 14.46 -3.79
C GLU A 71 -7.28 15.03 -3.31
N TYR A 72 -7.22 15.73 -2.17
CA TYR A 72 -5.95 16.24 -1.61
C TYR A 72 -4.92 15.12 -1.40
N PHE A 73 -3.65 15.44 -1.62
CA PHE A 73 -2.52 14.51 -1.42
C PHE A 73 -1.31 15.23 -0.78
N SER A 74 -0.88 14.74 0.37
CA SER A 74 0.33 15.18 1.08
C SER A 74 0.93 14.08 1.97
N ALA A 75 2.07 14.31 2.63
CA ALA A 75 2.76 13.29 3.43
C ALA A 75 2.94 13.66 4.91
N GLY A 76 3.09 12.62 5.73
CA GLY A 76 3.09 12.65 7.19
C GLY A 76 3.49 11.28 7.75
N VAL A 77 3.13 10.98 8.99
CA VAL A 77 3.64 9.79 9.70
C VAL A 77 2.54 9.05 10.41
N VAL A 78 2.50 7.73 10.28
CA VAL A 78 1.50 6.94 11.00
C VAL A 78 1.69 7.07 12.51
N LYS A 79 0.64 7.40 13.27
CA LYS A 79 0.63 7.38 14.75
C LYS A 79 -0.65 6.78 15.38
N GLY A 80 -1.40 5.98 14.62
CA GLY A 80 -2.54 5.20 15.15
C GLY A 80 -3.19 4.23 14.15
N HIS A 81 -4.10 3.41 14.64
CA HIS A 81 -4.84 2.36 13.92
C HIS A 81 -6.32 2.33 14.34
N ARG A 82 -7.20 2.00 13.39
CA ARG A 82 -8.64 1.78 13.61
C ARG A 82 -9.13 0.63 12.73
N LYS A 83 -10.18 -0.05 13.18
CA LYS A 83 -10.92 -1.06 12.42
C LYS A 83 -12.40 -0.67 12.39
N GLU A 84 -13.02 -0.79 11.22
CA GLU A 84 -14.38 -0.33 10.95
C GLU A 84 -15.13 -1.37 10.12
N SER A 85 -15.99 -2.16 10.79
CA SER A 85 -16.90 -3.21 10.27
C SER A 85 -16.28 -4.39 9.49
N GLY A 86 -15.25 -4.14 8.68
CA GLY A 86 -14.49 -5.10 7.89
C GLY A 86 -13.32 -4.47 7.12
N GLU A 87 -12.83 -3.28 7.52
CA GLU A 87 -11.71 -2.59 6.87
C GLU A 87 -10.81 -1.88 7.89
N LEU A 88 -9.62 -1.46 7.43
CA LEU A 88 -8.52 -0.99 8.27
C LEU A 88 -8.15 0.46 7.95
N TYR A 89 -7.87 1.20 9.03
CA TYR A 89 -7.57 2.63 9.05
C TYR A 89 -6.26 2.94 9.77
N TYR A 90 -5.70 4.09 9.44
CA TYR A 90 -4.40 4.59 9.91
C TYR A 90 -4.54 6.07 10.27
N SER A 91 -4.25 6.42 11.53
CA SER A 91 -4.12 7.84 11.89
C SER A 91 -2.76 8.30 11.44
N ILE A 92 -2.74 9.27 10.54
CA ILE A 92 -1.50 9.89 10.04
C ILE A 92 -1.37 11.26 10.72
N GLU A 93 -0.21 11.57 11.30
CA GLU A 93 0.14 12.91 11.77
C GLU A 93 0.74 13.65 10.58
N LYS A 94 -0.07 14.51 9.98
CA LYS A 94 0.23 15.22 8.74
C LYS A 94 0.15 16.72 8.96
N GLU A 95 1.22 17.45 8.65
CA GLU A 95 1.37 18.89 8.95
C GLU A 95 1.14 19.22 10.46
N GLY A 96 1.35 18.23 11.36
CA GLY A 96 1.13 18.34 12.80
C GLY A 96 -0.27 17.92 13.28
N GLN A 97 -1.05 17.21 12.44
CA GLN A 97 -2.48 16.90 12.66
C GLN A 97 -2.72 15.40 12.57
N ARG A 98 -3.21 14.76 13.64
CA ARG A 98 -3.52 13.30 13.66
C ARG A 98 -4.88 13.08 12.99
N LYS A 99 -4.83 12.54 11.77
CA LYS A 99 -5.97 12.46 10.84
C LYS A 99 -6.16 11.05 10.31
N TRP A 100 -7.39 10.53 10.34
CA TRP A 100 -7.70 9.16 9.93
C TRP A 100 -7.77 9.03 8.41
N TYR A 101 -6.92 8.17 7.87
CA TYR A 101 -6.90 7.76 6.47
C TYR A 101 -7.11 6.24 6.32
N LYS A 102 -7.56 5.80 5.15
CA LYS A 102 -7.87 4.38 4.81
C LYS A 102 -6.57 3.61 4.58
N ARG A 103 -6.60 2.27 4.67
CA ARG A 103 -5.52 1.37 4.20
C ARG A 103 -4.97 1.82 2.85
N MET A 104 -5.84 1.85 1.83
CA MET A 104 -5.42 2.23 0.46
C MET A 104 -5.17 3.73 0.27
N ALA A 105 -5.69 4.58 1.18
CA ALA A 105 -5.42 6.01 1.15
C ALA A 105 -4.05 6.36 1.78
N VAL A 106 -3.40 5.38 2.42
CA VAL A 106 -2.06 5.51 3.01
C VAL A 106 -1.07 4.72 2.15
N ILE A 107 -0.24 5.47 1.41
CA ILE A 107 0.63 4.92 0.36
C ILE A 107 2.09 5.18 0.74
N LEU A 108 2.96 4.19 0.49
CA LEU A 108 4.35 4.16 0.97
C LEU A 108 5.26 4.63 -0.17
N SER A 109 6.01 5.72 0.04
CA SER A 109 7.05 6.18 -0.90
C SER A 109 8.09 5.07 -1.12
N LEU A 110 8.71 4.98 -2.31
CA LEU A 110 9.57 3.81 -2.64
C LEU A 110 10.73 3.59 -1.65
N GLU A 111 11.26 4.66 -1.10
CA GLU A 111 12.37 4.59 -0.12
C GLU A 111 11.89 4.11 1.25
N GLN A 112 10.62 4.34 1.58
CA GLN A 112 9.95 3.75 2.76
C GLN A 112 9.78 2.25 2.50
N GLY A 113 9.13 1.88 1.39
CA GLY A 113 8.86 0.48 0.99
C GLY A 113 10.10 -0.40 0.93
N ASN A 114 11.24 0.17 0.53
CA ASN A 114 12.56 -0.51 0.62
C ASN A 114 12.88 -1.04 2.02
N ARG A 115 12.72 -0.20 3.06
CA ARG A 115 12.96 -0.57 4.47
C ARG A 115 12.06 -1.71 4.96
N LEU A 116 10.99 -2.01 4.21
CA LEU A 116 10.07 -3.11 4.48
C LEU A 116 10.38 -4.35 3.63
N ARG A 117 10.93 -4.22 2.40
CA ARG A 117 11.27 -5.39 1.53
C ARG A 117 12.14 -6.42 2.26
N GLU A 118 13.09 -5.93 3.06
CA GLU A 118 14.00 -6.75 3.84
C GLU A 118 13.35 -7.74 4.82
N GLN A 119 12.21 -7.40 5.42
CA GLN A 119 11.58 -8.11 6.49
C GLN A 119 10.25 -8.74 6.04
N TYR A 120 9.53 -8.03 5.16
CA TYR A 120 8.16 -8.37 4.71
C TYR A 120 8.09 -8.90 3.27
N GLY A 121 9.18 -8.78 2.51
CA GLY A 121 9.29 -9.22 1.12
C GLY A 121 8.90 -10.70 0.95
N LEU A 122 8.20 -11.04 -0.14
CA LEU A 122 7.93 -12.45 -0.47
C LEU A 122 9.21 -13.17 -0.90
N GLY A 123 10.04 -12.41 -1.62
CA GLY A 123 11.24 -12.88 -2.34
C GLY A 123 12.23 -13.64 -1.46
N SER B 1 -6.38 20.42 -15.23
CA SER B 1 -5.51 20.37 -14.03
C SER B 1 -5.94 19.26 -13.06
N THR B 2 -5.09 18.89 -12.10
CA THR B 2 -5.37 17.88 -11.06
C THR B 2 -4.67 18.19 -9.72
N SER B 3 -4.90 17.33 -8.73
CA SER B 3 -4.47 17.51 -7.33
C SER B 3 -3.86 16.24 -6.70
N ARG B 4 -3.49 15.24 -7.51
CA ARG B 4 -3.06 13.88 -7.07
C ARG B 4 -1.69 13.46 -7.62
N HIS B 5 -1.08 12.49 -6.91
CA HIS B 5 0.25 11.94 -7.17
C HIS B 5 0.34 11.01 -8.41
N LYS B 6 1.58 10.63 -8.74
CA LYS B 6 2.09 9.75 -9.81
C LYS B 6 1.06 8.93 -10.61
N MLY B 7 0.39 7.95 -9.98
CA MLY B 7 -0.48 6.98 -10.68
CB MLY B 7 0.16 5.60 -10.52
CG MLY B 7 -0.42 4.54 -11.47
CD MLY B 7 -0.85 3.26 -10.73
CE MLY B 7 -2.22 3.36 -10.03
NZ MLY B 7 -2.35 2.40 -8.89
CH1 MLY B 7 -1.80 2.88 -7.60
CH2 MLY B 7 -2.03 0.98 -9.18
C MLY B 7 -1.93 6.98 -10.19
O MLY B 7 -2.84 6.67 -10.96
H MLY B 7 0.65 7.77 -9.01
HA MLY B 7 -0.49 7.22 -11.74
HB2 MLY B 7 1.23 5.69 -10.72
HB3 MLY B 7 0.05 5.29 -9.47
HG2 MLY B 7 -1.26 4.92 -12.05
HG3 MLY B 7 0.35 4.27 -12.20
HD2 MLY B 7 -0.92 2.45 -11.45
HD3 MLY B 7 -0.08 2.99 -10.01
HE2 MLY B 7 -3.00 3.17 -10.77
HE3 MLY B 7 -2.39 4.37 -9.67
HH11 MLY B 7 -0.71 2.98 -7.67
HH12 MLY B 7 -2.04 2.18 -6.79
HH13 MLY B 7 -2.22 3.86 -7.33
HH21 MLY B 7 -2.52 0.32 -8.46
HH22 MLY B 7 -2.34 0.71 -10.19
HH23 MLY B 7 -0.95 0.80 -9.10
HZ MLY B 7 -3.39 2.39 -8.71
N LEU B 8 -2.17 7.32 -8.92
CA LEU B 8 -3.47 7.26 -8.23
C LEU B 8 -4.46 8.36 -8.62
N MET B 9 -4.15 9.12 -9.68
CA MET B 9 -5.08 10.00 -10.38
C MET B 9 -5.97 9.13 -11.32
N PHE B 10 -6.55 8.07 -10.74
CA PHE B 10 -7.48 7.14 -11.41
C PHE B 10 -8.85 7.80 -11.68
N LYS B 11 -9.70 7.10 -12.46
CA LYS B 11 -10.97 7.64 -13.00
C LYS B 11 -11.91 8.27 -11.95
N THR B 12 -11.97 7.68 -10.75
CA THR B 12 -12.64 8.26 -9.57
C THR B 12 -11.78 9.37 -8.96
N GLY A 1 -11.15 -21.02 8.45
CA GLY A 1 -10.29 -20.64 7.29
C GLY A 1 -8.81 -20.63 7.64
N HIS A 2 -7.95 -20.58 6.63
CA HIS A 2 -6.48 -20.56 6.74
C HIS A 2 -5.81 -19.79 5.58
N MET A 3 -4.51 -19.53 5.71
CA MET A 3 -3.67 -18.91 4.66
C MET A 3 -3.55 -19.79 3.39
N ASN A 4 -3.06 -19.19 2.31
CA ASN A 4 -2.86 -19.83 1.00
C ASN A 4 -1.55 -19.37 0.35
N SER A 5 -1.17 -20.07 -0.73
CA SER A 5 0.06 -19.96 -1.52
C SER A 5 0.29 -18.61 -2.20
N PHE A 6 0.46 -17.54 -1.42
CA PHE A 6 0.52 -16.13 -1.84
C PHE A 6 -0.83 -15.64 -2.36
N VAL A 7 -1.37 -16.38 -3.33
CA VAL A 7 -2.59 -16.12 -4.06
C VAL A 7 -3.80 -16.08 -3.12
N GLY A 8 -4.28 -14.86 -2.86
CA GLY A 8 -5.38 -14.54 -1.96
C GLY A 8 -5.02 -13.55 -0.84
N LEU A 9 -3.73 -13.44 -0.47
CA LEU A 9 -3.22 -12.58 0.60
C LEU A 9 -3.24 -11.08 0.26
N ARG A 10 -3.70 -10.26 1.21
CA ARG A 10 -3.57 -8.79 1.18
C ARG A 10 -2.16 -8.39 1.58
N VAL A 11 -1.51 -7.56 0.76
CA VAL A 11 -0.09 -7.20 0.84
C VAL A 11 0.11 -5.78 0.27
N VAL A 12 1.34 -5.26 0.27
CA VAL A 12 1.70 -3.98 -0.40
C VAL A 12 2.79 -4.28 -1.44
N ALA A 13 2.76 -3.66 -2.61
CA ALA A 13 3.62 -4.01 -3.74
C ALA A 13 4.09 -2.78 -4.52
N LYS A 14 5.18 -2.92 -5.27
CA LYS A 14 5.68 -1.84 -6.14
C LYS A 14 4.96 -1.87 -7.49
N TRP A 15 4.50 -0.71 -7.94
CA TRP A 15 4.05 -0.56 -9.32
C TRP A 15 5.26 -0.28 -10.24
N SER A 16 5.27 -0.93 -11.41
CA SER A 16 6.39 -0.93 -12.36
C SER A 16 6.70 0.44 -13.01
N SER A 17 7.69 0.50 -13.92
CA SER A 17 8.25 1.75 -14.47
C SER A 17 8.71 2.72 -13.36
N ASN A 18 9.33 2.15 -12.31
CA ASN A 18 9.83 2.81 -11.10
C ASN A 18 8.83 3.76 -10.39
N GLY A 19 7.64 3.24 -10.05
CA GLY A 19 6.64 3.96 -9.23
C GLY A 19 6.88 3.86 -7.71
N TYR A 20 5.80 3.98 -6.95
CA TYR A 20 5.74 3.86 -5.48
C TYR A 20 5.11 2.50 -5.10
N PHE A 21 4.91 2.26 -3.79
CA PHE A 21 4.38 0.99 -3.26
C PHE A 21 2.92 1.19 -2.78
N TYR A 22 2.01 0.41 -3.36
CA TYR A 22 0.55 0.56 -3.23
C TYR A 22 -0.05 -0.75 -2.69
N SER A 23 -1.13 -0.69 -1.87
CA SER A 23 -1.73 -1.89 -1.26
C SER A 23 -2.56 -2.68 -2.28
N GLY A 24 -2.67 -4.00 -2.10
CA GLY A 24 -3.33 -4.90 -3.07
C GLY A 24 -3.44 -6.34 -2.59
N LYS A 25 -3.86 -7.25 -3.48
CA LYS A 25 -3.96 -8.71 -3.20
C LYS A 25 -3.20 -9.49 -4.28
N ILE A 26 -2.45 -10.53 -3.90
CA ILE A 26 -1.85 -11.42 -4.89
C ILE A 26 -2.97 -12.21 -5.55
N THR A 27 -3.14 -12.09 -6.86
CA THR A 27 -4.24 -12.72 -7.61
C THR A 27 -3.84 -14.01 -8.32
N ARG A 28 -2.54 -14.13 -8.65
CA ARG A 28 -1.91 -15.33 -9.26
C ARG A 28 -0.38 -15.24 -9.30
N ASP A 29 0.34 -16.30 -8.95
CA ASP A 29 1.79 -16.43 -9.21
C ASP A 29 2.05 -16.47 -10.72
N VAL A 30 2.54 -15.36 -11.28
CA VAL A 30 2.79 -15.21 -12.72
C VAL A 30 3.78 -16.27 -13.17
N GLY A 31 4.92 -16.35 -12.48
CA GLY A 31 5.90 -17.43 -12.58
C GLY A 31 7.29 -16.95 -12.20
N ALA A 32 8.21 -17.88 -11.93
CA ALA A 32 9.64 -17.65 -11.67
C ALA A 32 10.00 -16.68 -10.50
N GLY A 33 8.99 -16.19 -9.76
CA GLY A 33 9.13 -15.20 -8.69
C GLY A 33 8.24 -13.98 -8.89
N LYS A 34 7.67 -13.74 -10.08
CA LYS A 34 6.68 -12.68 -10.33
C LYS A 34 5.31 -13.16 -9.85
N TYR A 35 4.59 -12.28 -9.17
CA TYR A 35 3.20 -12.47 -8.76
C TYR A 35 2.32 -11.32 -9.29
N LYS A 36 1.14 -11.64 -9.81
CA LYS A 36 0.09 -10.74 -10.29
C LYS A 36 -0.58 -10.04 -9.11
N LEU A 37 -0.60 -8.71 -9.10
CA LEU A 37 -1.11 -7.88 -7.99
C LEU A 37 -2.22 -6.94 -8.42
N LEU A 38 -3.42 -7.20 -7.88
CA LEU A 38 -4.58 -6.31 -7.94
C LEU A 38 -4.49 -5.30 -6.80
N PHE A 39 -4.09 -4.08 -7.14
CA PHE A 39 -4.04 -2.95 -6.23
C PHE A 39 -5.46 -2.50 -5.81
N ASP A 40 -5.61 -1.97 -4.59
CA ASP A 40 -6.92 -1.55 -4.05
C ASP A 40 -7.57 -0.42 -4.85
N ASP A 41 -6.74 0.45 -5.43
CA ASP A 41 -7.10 1.51 -6.40
C ASP A 41 -7.69 0.96 -7.71
N GLY A 42 -7.61 -0.36 -7.93
CA GLY A 42 -8.30 -1.10 -8.98
C GLY A 42 -7.40 -1.56 -10.14
N TYR A 43 -6.13 -1.15 -10.09
CA TYR A 43 -5.12 -1.46 -11.10
C TYR A 43 -4.56 -2.89 -10.95
N GLU A 44 -4.00 -3.48 -12.00
CA GLU A 44 -3.27 -4.76 -11.94
C GLU A 44 -1.93 -4.71 -12.70
N CYS A 45 -0.88 -5.29 -12.10
CA CYS A 45 0.41 -5.51 -12.77
C CYS A 45 1.14 -6.75 -12.20
N ASP A 46 2.09 -7.33 -12.96
CA ASP A 46 3.01 -8.33 -12.43
C ASP A 46 4.10 -7.63 -11.60
N VAL A 47 4.50 -8.22 -10.47
CA VAL A 47 5.52 -7.66 -9.56
C VAL A 47 6.45 -8.80 -9.11
N LEU A 48 7.77 -8.60 -9.12
CA LEU A 48 8.71 -9.61 -8.61
C LEU A 48 8.61 -9.74 -7.09
N GLY A 49 8.81 -10.96 -6.56
CA GLY A 49 8.61 -11.27 -5.14
C GLY A 49 9.34 -10.34 -4.17
N LYS A 50 10.56 -9.92 -4.52
CA LYS A 50 11.31 -8.96 -3.68
C LYS A 50 10.55 -7.66 -3.43
N ASP A 51 9.70 -7.26 -4.37
CA ASP A 51 8.93 -6.02 -4.40
C ASP A 51 7.49 -6.15 -3.86
N ILE A 52 7.20 -7.17 -3.05
CA ILE A 52 5.88 -7.43 -2.45
C ILE A 52 6.04 -7.72 -0.95
N LEU A 53 5.55 -6.80 -0.12
CA LEU A 53 5.66 -6.73 1.34
C LEU A 53 4.39 -7.33 1.91
N LEU A 54 4.46 -8.54 2.49
CA LEU A 54 3.27 -9.32 2.85
C LEU A 54 2.89 -9.35 4.33
N CYS A 55 3.71 -8.76 5.19
CA CYS A 55 3.51 -8.74 6.63
C CYS A 55 3.64 -7.27 7.11
N ASP A 56 2.89 -6.40 6.42
CA ASP A 56 3.00 -4.95 6.47
C ASP A 56 1.75 -4.21 7.00
N PRO A 57 1.34 -4.42 8.26
CA PRO A 57 0.47 -3.47 8.91
C PRO A 57 1.38 -2.23 9.08
N ILE A 58 1.04 -1.09 8.47
CA ILE A 58 1.99 0.02 8.29
C ILE A 58 2.55 0.48 9.65
N PRO A 59 3.86 0.36 9.90
CA PRO A 59 4.42 0.62 11.21
C PRO A 59 4.27 2.09 11.59
N LEU A 60 3.76 2.28 12.79
CA LEU A 60 3.67 3.59 13.39
C LEU A 60 5.07 4.23 13.49
N ASP A 61 5.11 5.56 13.47
CA ASP A 61 6.31 6.40 13.30
C ASP A 61 6.97 6.32 11.90
N THR A 62 6.45 5.53 10.94
CA THR A 62 6.91 5.58 9.55
C THR A 62 6.22 6.72 8.78
N GLU A 63 6.97 7.30 7.84
CA GLU A 63 6.48 8.34 6.93
C GLU A 63 5.70 7.70 5.78
N VAL A 64 4.58 8.31 5.40
CA VAL A 64 3.63 7.78 4.41
C VAL A 64 2.92 8.89 3.65
N THR A 65 2.42 8.58 2.46
CA THR A 65 1.50 9.43 1.70
C THR A 65 0.07 9.08 2.09
N ALA A 66 -0.81 10.07 2.17
CA ALA A 66 -2.20 9.97 2.56
C ALA A 66 -3.12 10.58 1.47
N LEU A 67 -4.25 9.93 1.20
CA LEU A 67 -5.27 10.33 0.21
C LEU A 67 -6.62 10.66 0.89
N SER A 68 -7.21 11.81 0.57
CA SER A 68 -8.37 12.35 1.29
C SER A 68 -9.68 12.17 0.51
N GLU A 69 -10.79 12.20 1.25
CA GLU A 69 -12.16 12.07 0.75
C GLU A 69 -12.56 13.18 -0.25
N ASP A 70 -11.87 14.32 -0.20
CA ASP A 70 -12.01 15.47 -1.13
C ASP A 70 -10.86 15.53 -2.18
N GLU A 71 -10.22 14.38 -2.39
CA GLU A 71 -9.26 13.99 -3.44
C GLU A 71 -7.77 14.29 -3.17
N TYR A 72 -7.44 15.12 -2.19
CA TYR A 72 -6.05 15.56 -1.95
C TYR A 72 -5.09 14.38 -1.75
N PHE A 73 -3.87 14.52 -2.27
CA PHE A 73 -2.76 13.60 -2.05
C PHE A 73 -1.58 14.37 -1.42
N SER A 74 -1.13 13.88 -0.26
CA SER A 74 -0.19 14.58 0.64
C SER A 74 0.64 13.58 1.45
N ALA A 75 1.59 14.02 2.29
CA ALA A 75 2.35 13.09 3.14
C ALA A 75 2.49 13.55 4.61
N GLY A 76 2.74 12.58 5.48
CA GLY A 76 2.73 12.68 6.94
C GLY A 76 3.27 11.40 7.59
N VAL A 77 2.95 11.14 8.85
CA VAL A 77 3.54 10.01 9.61
C VAL A 77 2.50 9.25 10.37
N VAL A 78 2.55 7.93 10.32
CA VAL A 78 1.61 7.12 11.09
C VAL A 78 1.79 7.33 12.60
N LYS A 79 0.73 7.63 13.34
CA LYS A 79 0.70 7.70 14.82
C LYS A 79 -0.53 7.01 15.47
N GLY A 80 -1.24 6.13 14.75
CA GLY A 80 -2.32 5.29 15.29
C GLY A 80 -2.95 4.29 14.31
N HIS A 81 -3.86 3.47 14.81
CA HIS A 81 -4.60 2.41 14.10
C HIS A 81 -6.09 2.39 14.49
N ARG A 82 -6.95 2.01 13.54
CA ARG A 82 -8.40 1.85 13.73
C ARG A 82 -8.92 0.68 12.90
N LYS A 83 -10.06 0.12 13.33
CA LYS A 83 -10.80 -0.92 12.62
C LYS A 83 -12.24 -0.47 12.45
N GLU A 84 -12.62 -0.21 11.20
CA GLU A 84 -13.89 0.42 10.82
C GLU A 84 -14.45 -0.23 9.56
N SER A 85 -15.77 -0.41 9.49
CA SER A 85 -16.44 -1.14 8.40
C SER A 85 -15.84 -2.53 8.10
N GLY A 86 -15.21 -3.16 9.11
CA GLY A 86 -14.51 -4.44 8.97
C GLY A 86 -13.19 -4.35 8.18
N GLU A 87 -12.50 -3.20 8.17
CA GLU A 87 -11.22 -3.01 7.47
C GLU A 87 -10.28 -2.07 8.24
N LEU A 88 -9.03 -1.99 7.81
CA LEU A 88 -7.96 -1.34 8.55
C LEU A 88 -7.74 0.12 8.16
N TYR A 89 -7.55 0.93 9.20
CA TYR A 89 -7.30 2.38 9.17
C TYR A 89 -6.03 2.76 9.94
N TYR A 90 -5.50 3.93 9.63
CA TYR A 90 -4.27 4.48 10.18
C TYR A 90 -4.48 5.96 10.49
N SER A 91 -4.14 6.38 11.70
CA SER A 91 -4.08 7.81 12.02
C SER A 91 -2.74 8.30 11.53
N ILE A 92 -2.76 9.20 10.54
CA ILE A 92 -1.57 9.85 10.00
C ILE A 92 -1.53 11.27 10.58
N GLU A 93 -0.39 11.69 11.10
CA GLU A 93 -0.12 13.07 11.49
C GLU A 93 0.38 13.79 10.25
N LYS A 94 -0.49 14.64 9.69
CA LYS A 94 -0.33 15.26 8.38
C LYS A 94 -0.50 16.78 8.53
N GLU A 95 0.53 17.54 8.16
CA GLU A 95 0.65 18.98 8.46
C GLU A 95 0.48 19.30 9.98
N GLY A 96 0.85 18.34 10.85
CA GLY A 96 0.73 18.45 12.31
C GLY A 96 -0.62 18.01 12.89
N GLN A 97 -1.45 17.32 12.10
CA GLN A 97 -2.85 16.97 12.44
C GLN A 97 -3.03 15.45 12.42
N ARG A 98 -3.42 14.82 13.53
CA ARG A 98 -3.66 13.37 13.59
C ARG A 98 -5.03 13.09 12.97
N LYS A 99 -4.98 12.55 11.74
CA LYS A 99 -6.11 12.42 10.81
C LYS A 99 -6.26 10.95 10.38
N TRP A 100 -7.48 10.43 10.37
CA TRP A 100 -7.75 9.04 9.98
C TRP A 100 -7.76 8.88 8.46
N TYR A 101 -6.93 7.95 7.98
CA TYR A 101 -6.88 7.51 6.59
C TYR A 101 -7.04 5.99 6.50
N LYS A 102 -7.55 5.51 5.35
CA LYS A 102 -7.76 4.07 5.09
C LYS A 102 -6.44 3.36 4.76
N ARG A 103 -6.37 2.04 4.93
CA ARG A 103 -5.27 1.17 4.41
C ARG A 103 -4.79 1.63 3.03
N MET A 104 -5.70 1.60 2.05
CA MET A 104 -5.38 1.92 0.65
C MET A 104 -5.16 3.41 0.40
N ALA A 105 -5.58 4.26 1.34
CA ALA A 105 -5.32 5.70 1.28
C ALA A 105 -3.93 6.02 1.83
N VAL A 106 -3.33 5.11 2.61
CA VAL A 106 -1.99 5.21 3.20
C VAL A 106 -1.00 4.41 2.35
N ILE A 107 -0.37 5.10 1.41
CA ILE A 107 0.57 4.53 0.43
C ILE A 107 2.01 4.91 0.81
N LEU A 108 3.00 4.14 0.37
CA LEU A 108 4.40 4.26 0.78
C LEU A 108 5.26 4.61 -0.45
N SER A 109 6.13 5.62 -0.36
CA SER A 109 7.15 5.83 -1.38
C SER A 109 8.07 4.60 -1.45
N LEU A 110 8.79 4.42 -2.56
CA LEU A 110 9.81 3.37 -2.64
C LEU A 110 10.86 3.47 -1.52
N GLU A 111 11.24 4.68 -1.10
CA GLU A 111 12.24 4.90 -0.04
C GLU A 111 11.67 4.61 1.34
N GLN A 112 10.38 4.94 1.56
CA GLN A 112 9.66 4.63 2.80
C GLN A 112 9.43 3.12 2.94
N GLY A 113 9.00 2.46 1.86
CA GLY A 113 8.77 1.02 1.80
C GLY A 113 10.05 0.17 1.72
N ASN A 114 11.18 0.72 1.26
CA ASN A 114 12.48 0.02 1.27
C ASN A 114 12.89 -0.41 2.70
N ARG A 115 12.64 0.44 3.73
CA ARG A 115 12.85 0.10 5.16
C ARG A 115 12.16 -1.22 5.57
N LEU A 116 11.02 -1.50 4.92
CA LEU A 116 10.19 -2.67 5.17
C LEU A 116 10.54 -3.82 4.21
N ARG A 117 11.00 -3.51 2.99
CA ARG A 117 11.18 -4.48 1.88
C ARG A 117 12.17 -5.58 2.24
N GLU A 118 13.21 -5.23 2.99
CA GLU A 118 14.21 -6.15 3.54
C GLU A 118 13.66 -7.29 4.39
N GLN A 119 12.55 -7.08 5.11
CA GLN A 119 12.03 -7.98 6.10
C GLN A 119 10.70 -8.61 5.63
N TYR A 120 9.92 -7.85 4.85
CA TYR A 120 8.55 -8.21 4.44
C TYR A 120 8.44 -8.74 3.01
N GLY A 121 9.46 -8.52 2.18
CA GLY A 121 9.54 -9.00 0.79
C GLY A 121 9.31 -10.52 0.66
N LEU A 122 8.59 -10.97 -0.39
CA LEU A 122 8.44 -12.41 -0.70
C LEU A 122 9.76 -13.02 -1.16
N GLY A 123 10.54 -12.21 -1.89
CA GLY A 123 11.75 -12.61 -2.62
C GLY A 123 12.84 -13.20 -1.73
N SER B 1 -3.69 15.97 -13.30
CA SER B 1 -3.47 17.31 -12.67
C SER B 1 -2.78 17.20 -11.31
N THR B 2 -2.16 18.28 -10.82
CA THR B 2 -1.30 18.32 -9.61
C THR B 2 -1.92 17.74 -8.32
N SER B 3 -3.26 17.76 -8.20
CA SER B 3 -4.01 17.21 -7.07
C SER B 3 -3.91 15.69 -6.88
N ARG B 4 -3.32 14.94 -7.83
CA ARG B 4 -3.17 13.46 -7.82
C ARG B 4 -1.72 13.03 -8.10
N HIS B 5 -1.38 11.81 -7.68
CA HIS B 5 -0.04 11.19 -7.83
C HIS B 5 0.20 10.62 -9.25
N LYS B 6 1.29 9.86 -9.45
CA LYS B 6 1.74 9.30 -10.74
C LYS B 6 0.65 8.50 -11.48
N MLY B 7 -0.09 7.67 -10.73
CA MLY B 7 -1.21 6.85 -11.22
CB MLY B 7 -0.67 5.46 -11.64
CG MLY B 7 -0.05 4.68 -10.47
CD MLY B 7 -0.27 3.16 -10.61
CE MLY B 7 -1.67 2.62 -10.26
NZ MLY B 7 -1.84 2.22 -8.82
CH1 MLY B 7 -1.86 3.34 -7.83
CH2 MLY B 7 -1.04 1.04 -8.36
C MLY B 7 -2.37 6.70 -10.23
O MLY B 7 -3.32 5.97 -10.53
H MLY B 7 0.20 7.57 -9.77
HA MLY B 7 -1.62 7.33 -12.11
HB2 MLY B 7 -1.50 4.90 -12.08
HB3 MLY B 7 0.07 5.59 -12.43
HG2 MLY B 7 -0.43 5.02 -9.52
HG3 MLY B 7 1.04 4.87 -10.47
HD2 MLY B 7 0.49 2.66 -10.01
HD3 MLY B 7 -0.07 2.92 -11.65
HE2 MLY B 7 -2.43 3.33 -10.55
HE3 MLY B 7 -1.83 1.73 -10.89
HH11 MLY B 7 -2.14 2.99 -6.84
HH12 MLY B 7 -0.86 3.79 -7.74
HH13 MLY B 7 -2.57 4.11 -8.13
HH21 MLY B 7 -1.39 0.69 -7.38
HH22 MLY B 7 -1.14 0.21 -9.06
HH23 MLY B 7 0.01 1.28 -8.27
HZ MLY B 7 -2.81 1.85 -8.74
N LEU B 8 -2.31 7.33 -9.05
CA LEU B 8 -3.38 7.24 -8.05
C LEU B 8 -4.55 8.14 -8.46
N MET B 9 -5.53 7.54 -9.14
CA MET B 9 -6.87 8.09 -9.42
C MET B 9 -7.76 7.02 -10.05
N PHE B 10 -9.04 7.02 -9.66
CA PHE B 10 -10.02 5.97 -9.93
C PHE B 10 -11.46 6.48 -9.71
N LYS B 11 -12.45 5.81 -10.33
CA LYS B 11 -13.88 6.04 -10.05
C LYS B 11 -14.28 5.57 -8.64
N THR B 12 -15.36 6.14 -8.11
CA THR B 12 -16.06 5.69 -6.88
C THR B 12 -16.87 4.41 -7.09
N GLY A 1 -10.40 -21.96 10.19
CA GLY A 1 -9.78 -21.11 9.15
C GLY A 1 -8.94 -21.91 8.15
N HIS A 2 -8.52 -21.26 7.07
CA HIS A 2 -7.70 -21.85 5.99
C HIS A 2 -6.76 -20.80 5.35
N MET A 3 -5.76 -21.25 4.58
CA MET A 3 -4.72 -20.43 3.96
C MET A 3 -4.31 -20.95 2.56
N ASN A 4 -3.56 -20.13 1.82
CA ASN A 4 -2.98 -20.46 0.51
C ASN A 4 -1.61 -19.78 0.36
N SER A 5 -0.88 -20.20 -0.65
CA SER A 5 0.52 -19.87 -0.88
C SER A 5 0.87 -18.39 -0.74
N PHE A 6 0.22 -17.61 -1.59
CA PHE A 6 0.42 -16.19 -1.78
C PHE A 6 -0.87 -15.63 -2.37
N VAL A 7 -1.25 -16.25 -3.48
CA VAL A 7 -2.47 -16.07 -4.25
C VAL A 7 -3.72 -16.08 -3.35
N GLY A 8 -4.19 -14.86 -3.05
CA GLY A 8 -5.39 -14.60 -2.24
C GLY A 8 -5.14 -13.66 -1.05
N LEU A 9 -3.88 -13.55 -0.60
CA LEU A 9 -3.47 -12.71 0.54
C LEU A 9 -3.46 -11.21 0.19
N ARG A 10 -3.92 -10.37 1.13
CA ARG A 10 -3.76 -8.92 1.09
C ARG A 10 -2.34 -8.55 1.54
N VAL A 11 -1.65 -7.74 0.75
CA VAL A 11 -0.22 -7.38 0.88
C VAL A 11 -0.01 -5.94 0.35
N VAL A 12 1.20 -5.40 0.43
CA VAL A 12 1.56 -4.10 -0.18
C VAL A 12 2.69 -4.31 -1.19
N ALA A 13 2.58 -3.78 -2.39
CA ALA A 13 3.49 -4.05 -3.50
C ALA A 13 3.99 -2.77 -4.15
N LYS A 14 5.11 -2.84 -4.85
CA LYS A 14 5.57 -1.72 -5.66
C LYS A 14 4.88 -1.78 -7.01
N TRP A 15 4.36 -0.64 -7.45
CA TRP A 15 3.92 -0.46 -8.83
C TRP A 15 5.18 -0.39 -9.70
N SER A 16 5.55 -1.57 -10.19
CA SER A 16 6.82 -1.88 -10.86
C SER A 16 7.18 -1.02 -12.06
N SER A 17 6.19 -0.46 -12.77
CA SER A 17 6.41 0.33 -13.99
C SER A 17 7.27 1.59 -13.74
N ASN A 18 6.92 2.40 -12.72
CA ASN A 18 7.54 3.72 -12.51
C ASN A 18 7.27 4.39 -11.13
N GLY A 19 6.79 3.69 -10.08
CA GLY A 19 6.27 4.40 -8.89
C GLY A 19 6.54 3.82 -7.50
N TYR A 20 5.52 3.96 -6.64
CA TYR A 20 5.54 3.77 -5.19
C TYR A 20 4.84 2.45 -4.78
N PHE A 21 4.59 2.27 -3.49
CA PHE A 21 4.09 1.03 -2.90
C PHE A 21 2.64 1.19 -2.45
N TYR A 22 1.76 0.32 -2.97
CA TYR A 22 0.31 0.41 -2.83
C TYR A 22 -0.25 -0.91 -2.30
N SER A 23 -1.33 -0.87 -1.50
CA SER A 23 -1.99 -2.09 -1.01
C SER A 23 -2.72 -2.82 -2.15
N GLY A 24 -2.80 -4.14 -2.05
CA GLY A 24 -3.38 -5.01 -3.06
C GLY A 24 -3.49 -6.47 -2.63
N LYS A 25 -3.87 -7.36 -3.54
CA LYS A 25 -3.99 -8.82 -3.31
C LYS A 25 -3.21 -9.57 -4.37
N ILE A 26 -2.46 -10.61 -3.99
CA ILE A 26 -1.84 -11.50 -4.99
C ILE A 26 -2.98 -12.24 -5.71
N THR A 27 -3.05 -12.10 -7.04
CA THR A 27 -4.10 -12.72 -7.86
C THR A 27 -3.64 -13.99 -8.56
N ARG A 28 -2.33 -14.10 -8.83
CA ARG A 28 -1.66 -15.27 -9.45
C ARG A 28 -0.14 -15.17 -9.46
N ASP A 29 0.59 -16.24 -9.14
CA ASP A 29 2.04 -16.37 -9.36
C ASP A 29 2.34 -16.34 -10.87
N VAL A 30 2.85 -15.22 -11.37
CA VAL A 30 3.16 -15.01 -12.78
C VAL A 30 4.20 -16.05 -13.23
N GLY A 31 5.31 -16.14 -12.50
CA GLY A 31 6.34 -17.17 -12.65
C GLY A 31 7.68 -16.68 -12.15
N ALA A 32 8.61 -17.59 -11.86
CA ALA A 32 10.02 -17.33 -11.53
C ALA A 32 10.28 -16.40 -10.31
N GLY A 33 9.24 -15.98 -9.58
CA GLY A 33 9.29 -15.03 -8.47
C GLY A 33 8.38 -13.81 -8.68
N LYS A 34 7.86 -13.55 -9.89
CA LYS A 34 6.89 -12.51 -10.15
C LYS A 34 5.50 -13.00 -9.75
N TYR A 35 4.74 -12.13 -9.08
CA TYR A 35 3.33 -12.34 -8.74
C TYR A 35 2.47 -11.20 -9.31
N LYS A 36 1.31 -11.53 -9.88
CA LYS A 36 0.27 -10.62 -10.36
C LYS A 36 -0.45 -9.99 -9.16
N LEU A 37 -0.49 -8.66 -9.11
CA LEU A 37 -1.04 -7.90 -7.97
C LEU A 37 -2.16 -6.96 -8.40
N LEU A 38 -3.36 -7.24 -7.88
CA LEU A 38 -4.53 -6.36 -7.94
C LEU A 38 -4.47 -5.34 -6.82
N PHE A 39 -4.04 -4.13 -7.16
CA PHE A 39 -4.03 -2.98 -6.27
C PHE A 39 -5.45 -2.49 -5.94
N ASP A 40 -5.64 -1.90 -4.76
CA ASP A 40 -6.95 -1.40 -4.34
C ASP A 40 -7.47 -0.22 -5.17
N ASP A 41 -6.60 0.50 -5.86
CA ASP A 41 -7.01 1.51 -6.85
C ASP A 41 -7.61 0.90 -8.14
N GLY A 42 -7.57 -0.43 -8.26
CA GLY A 42 -8.24 -1.23 -9.29
C GLY A 42 -7.29 -1.83 -10.33
N TYR A 43 -6.01 -1.46 -10.27
CA TYR A 43 -4.99 -1.80 -11.27
C TYR A 43 -4.40 -3.20 -11.06
N GLU A 44 -3.88 -3.81 -12.13
CA GLU A 44 -3.21 -5.12 -12.09
C GLU A 44 -1.96 -5.12 -12.98
N CYS A 45 -0.81 -5.47 -12.39
CA CYS A 45 0.46 -5.70 -13.08
C CYS A 45 1.26 -6.82 -12.37
N ASP A 46 2.34 -7.27 -13.00
CA ASP A 46 3.28 -8.23 -12.45
C ASP A 46 4.33 -7.49 -11.58
N VAL A 47 4.65 -8.03 -10.40
CA VAL A 47 5.62 -7.47 -9.44
C VAL A 47 6.52 -8.60 -8.93
N LEU A 48 7.84 -8.41 -8.88
CA LEU A 48 8.77 -9.42 -8.34
C LEU A 48 8.61 -9.59 -6.83
N GLY A 49 8.84 -10.80 -6.32
CA GLY A 49 8.66 -11.14 -4.90
C GLY A 49 9.36 -10.20 -3.93
N LYS A 50 10.56 -9.74 -4.28
CA LYS A 50 11.31 -8.78 -3.44
C LYS A 50 10.52 -7.49 -3.20
N ASP A 51 9.74 -7.08 -4.19
CA ASP A 51 8.96 -5.84 -4.25
C ASP A 51 7.51 -6.00 -3.72
N ILE A 52 7.21 -7.06 -2.96
CA ILE A 52 5.89 -7.32 -2.36
C ILE A 52 6.08 -7.66 -0.88
N LEU A 53 5.23 -7.09 -0.03
CA LEU A 53 5.35 -7.01 1.42
C LEU A 53 4.12 -7.61 2.08
N LEU A 54 4.27 -8.77 2.71
CA LEU A 54 3.12 -9.57 3.18
C LEU A 54 2.92 -9.63 4.70
N CYS A 55 3.76 -8.91 5.45
CA CYS A 55 3.67 -8.76 6.90
C CYS A 55 3.64 -7.26 7.26
N ASP A 56 3.00 -6.44 6.41
CA ASP A 56 3.08 -4.97 6.41
C ASP A 56 1.80 -4.19 6.82
N PRO A 57 1.23 -4.39 8.03
CA PRO A 57 0.31 -3.39 8.56
C PRO A 57 1.23 -2.18 8.79
N ILE A 58 0.90 -1.01 8.21
CA ILE A 58 1.87 0.09 8.07
C ILE A 58 2.42 0.53 9.44
N PRO A 59 3.74 0.37 9.71
CA PRO A 59 4.28 0.62 11.02
C PRO A 59 4.15 2.09 11.39
N LEU A 60 3.70 2.30 12.61
CA LEU A 60 3.70 3.61 13.23
C LEU A 60 5.14 4.17 13.24
N ASP A 61 5.25 5.50 13.27
CA ASP A 61 6.48 6.25 13.07
C ASP A 61 7.14 6.12 11.67
N THR A 62 6.55 5.38 10.71
CA THR A 62 6.99 5.40 9.30
C THR A 62 6.33 6.56 8.54
N GLU A 63 7.04 7.09 7.56
CA GLU A 63 6.58 8.17 6.71
C GLU A 63 5.76 7.63 5.54
N VAL A 64 4.68 8.32 5.18
CA VAL A 64 3.69 7.87 4.19
C VAL A 64 2.99 9.03 3.48
N THR A 65 2.50 8.78 2.27
CA THR A 65 1.58 9.70 1.57
C THR A 65 0.14 9.30 1.93
N ALA A 66 -0.71 10.31 2.04
CA ALA A 66 -2.09 10.24 2.48
C ALA A 66 -3.01 10.85 1.40
N LEU A 67 -4.20 10.26 1.20
CA LEU A 67 -5.19 10.68 0.18
C LEU A 67 -6.56 10.92 0.81
N SER A 68 -7.18 12.05 0.51
CA SER A 68 -8.38 12.53 1.23
C SER A 68 -9.66 12.34 0.43
N GLU A 69 -10.78 12.34 1.16
CA GLU A 69 -12.14 12.20 0.64
C GLU A 69 -12.54 13.33 -0.34
N ASP A 70 -11.87 14.49 -0.23
CA ASP A 70 -11.97 15.64 -1.13
C ASP A 70 -10.82 15.71 -2.17
N GLU A 71 -10.13 14.58 -2.38
CA GLU A 71 -9.12 14.29 -3.42
C GLU A 71 -7.71 14.87 -3.22
N TYR A 72 -7.44 15.61 -2.13
CA TYR A 72 -6.09 16.07 -1.78
C TYR A 72 -5.11 14.90 -1.62
N PHE A 73 -3.82 15.15 -1.91
CA PHE A 73 -2.74 14.20 -1.62
C PHE A 73 -1.50 14.92 -1.07
N SER A 74 -1.05 14.52 0.11
CA SER A 74 0.17 15.02 0.77
C SER A 74 0.77 13.99 1.73
N ALA A 75 1.92 14.27 2.35
CA ALA A 75 2.65 13.28 3.15
C ALA A 75 2.85 13.67 4.62
N GLY A 76 3.03 12.65 5.46
CA GLY A 76 3.05 12.69 6.92
C GLY A 76 3.51 11.36 7.51
N VAL A 77 3.18 11.09 8.77
CA VAL A 77 3.76 9.94 9.51
C VAL A 77 2.70 9.20 10.29
N VAL A 78 2.72 7.88 10.26
CA VAL A 78 1.74 7.11 11.01
C VAL A 78 1.91 7.31 12.52
N LYS A 79 0.83 7.60 13.26
CA LYS A 79 0.77 7.77 14.73
C LYS A 79 -0.41 7.04 15.41
N GLY A 80 -1.18 6.22 14.67
CA GLY A 80 -2.27 5.41 15.26
C GLY A 80 -2.92 4.42 14.28
N HIS A 81 -3.84 3.60 14.81
CA HIS A 81 -4.61 2.56 14.10
C HIS A 81 -6.08 2.56 14.52
N ARG A 82 -6.96 2.16 13.59
CA ARG A 82 -8.41 2.01 13.80
C ARG A 82 -8.94 0.85 12.96
N LYS A 83 -9.98 0.18 13.46
CA LYS A 83 -10.75 -0.85 12.74
C LYS A 83 -12.23 -0.47 12.76
N GLU A 84 -12.89 -0.63 11.61
CA GLU A 84 -14.24 -0.12 11.37
C GLU A 84 -15.05 -1.13 10.55
N SER A 85 -15.91 -1.91 11.20
CA SER A 85 -16.85 -2.87 10.59
C SER A 85 -16.29 -3.78 9.46
N GLY A 86 -14.99 -4.08 9.50
CA GLY A 86 -14.31 -4.91 8.50
C GLY A 86 -13.27 -4.20 7.59
N GLU A 87 -12.82 -2.98 7.93
CA GLU A 87 -11.76 -2.26 7.20
C GLU A 87 -10.79 -1.58 8.18
N LEU A 88 -9.59 -1.27 7.68
CA LEU A 88 -8.45 -0.84 8.48
C LEU A 88 -7.98 0.57 8.14
N TYR A 89 -7.65 1.30 9.19
CA TYR A 89 -7.32 2.72 9.18
C TYR A 89 -6.02 3.02 9.93
N TYR A 90 -5.41 4.14 9.55
CA TYR A 90 -4.16 4.65 10.07
C TYR A 90 -4.34 6.13 10.38
N SER A 91 -4.05 6.52 11.62
CA SER A 91 -3.97 7.95 11.96
C SER A 91 -2.62 8.42 11.47
N ILE A 92 -2.62 9.32 10.51
CA ILE A 92 -1.41 9.94 9.98
C ILE A 92 -1.30 11.34 10.57
N GLU A 93 -0.13 11.69 11.11
CA GLU A 93 0.22 13.05 11.51
C GLU A 93 0.76 13.76 10.27
N LYS A 94 -0.07 14.60 9.66
CA LYS A 94 0.20 15.27 8.40
C LYS A 94 0.08 16.78 8.58
N GLU A 95 1.12 17.52 8.18
CA GLU A 95 1.25 18.97 8.42
C GLU A 95 1.10 19.35 9.92
N GLY A 96 1.38 18.40 10.84
CA GLY A 96 1.23 18.57 12.30
C GLY A 96 -0.14 18.16 12.88
N GLN A 97 -0.94 17.38 12.13
CA GLN A 97 -2.35 17.08 12.43
C GLN A 97 -2.61 15.57 12.40
N ARG A 98 -3.14 14.98 13.46
CA ARG A 98 -3.50 13.54 13.50
C ARG A 98 -4.84 13.34 12.78
N LYS A 99 -4.78 12.71 11.60
CA LYS A 99 -5.89 12.59 10.63
C LYS A 99 -6.06 11.12 10.22
N TRP A 100 -7.29 10.61 10.22
CA TRP A 100 -7.57 9.22 9.83
C TRP A 100 -7.58 9.05 8.31
N TYR A 101 -6.76 8.11 7.84
CA TYR A 101 -6.72 7.66 6.45
C TYR A 101 -6.88 6.14 6.36
N LYS A 102 -7.36 5.65 5.20
CA LYS A 102 -7.61 4.21 4.94
C LYS A 102 -6.32 3.48 4.63
N ARG A 103 -6.25 2.16 4.80
CA ARG A 103 -5.14 1.29 4.31
C ARG A 103 -4.69 1.71 2.90
N MET A 104 -5.62 1.68 1.94
CA MET A 104 -5.34 2.02 0.54
C MET A 104 -5.11 3.52 0.26
N ALA A 105 -5.51 4.40 1.19
CA ALA A 105 -5.25 5.83 1.09
C ALA A 105 -3.93 6.22 1.76
N VAL A 106 -3.26 5.28 2.45
CA VAL A 106 -1.93 5.44 3.03
C VAL A 106 -0.94 4.68 2.15
N ILE A 107 -0.38 5.40 1.18
CA ILE A 107 0.52 4.85 0.15
C ILE A 107 1.97 5.13 0.55
N LEU A 108 2.86 4.16 0.38
CA LEU A 108 4.24 4.18 0.89
C LEU A 108 5.18 4.64 -0.23
N SER A 109 6.03 5.65 -0.01
CA SER A 109 7.09 5.99 -0.99
C SER A 109 7.98 4.78 -1.24
N LEU A 110 8.65 4.70 -2.39
CA LEU A 110 9.60 3.60 -2.66
C LEU A 110 10.71 3.51 -1.63
N GLU A 111 11.14 4.64 -1.08
CA GLU A 111 12.20 4.68 -0.06
C GLU A 111 11.68 4.16 1.30
N GLN A 112 10.37 4.21 1.52
CA GLN A 112 9.69 3.65 2.70
C GLN A 112 9.38 2.16 2.49
N GLY A 113 8.92 1.77 1.29
CA GLY A 113 8.78 0.38 0.85
C GLY A 113 10.07 -0.44 1.03
N ASN A 114 11.22 0.20 0.80
CA ASN A 114 12.54 -0.42 1.00
C ASN A 114 12.79 -0.83 2.47
N ARG A 115 12.47 0.04 3.46
CA ARG A 115 12.51 -0.27 4.93
C ARG A 115 11.71 -1.51 5.32
N LEU A 116 10.88 -2.01 4.41
CA LEU A 116 9.91 -3.04 4.64
C LEU A 116 10.24 -4.30 3.81
N ARG A 117 10.94 -4.18 2.66
CA ARG A 117 11.41 -5.35 1.88
C ARG A 117 12.25 -6.31 2.72
N GLU A 118 13.07 -5.73 3.59
CA GLU A 118 14.04 -6.42 4.44
C GLU A 118 13.44 -7.53 5.32
N GLN A 119 12.23 -7.33 5.86
CA GLN A 119 11.58 -8.24 6.75
C GLN A 119 10.32 -8.87 6.10
N TYR A 120 9.61 -8.11 5.27
CA TYR A 120 8.29 -8.46 4.73
C TYR A 120 8.29 -8.94 3.28
N GLY A 121 9.42 -8.79 2.58
CA GLY A 121 9.60 -9.22 1.18
C GLY A 121 9.22 -10.69 0.95
N LEU A 122 8.52 -11.01 -0.14
CA LEU A 122 8.24 -12.42 -0.51
C LEU A 122 9.52 -13.15 -0.94
N GLY A 123 10.37 -12.39 -1.63
CA GLY A 123 11.55 -12.87 -2.36
C GLY A 123 12.85 -12.14 -2.00
N SER B 1 -8.99 21.23 -12.96
CA SER B 1 -7.69 20.58 -12.60
C SER B 1 -7.42 20.63 -11.09
N THR B 2 -6.74 19.61 -10.55
CA THR B 2 -6.32 19.50 -9.14
C THR B 2 -4.94 18.84 -9.00
N SER B 3 -4.34 18.98 -7.81
CA SER B 3 -3.15 18.24 -7.37
C SER B 3 -3.34 16.72 -7.54
N ARG B 4 -2.31 16.00 -8.02
CA ARG B 4 -2.30 14.52 -8.03
C ARG B 4 -0.88 13.93 -8.13
N HIS B 5 -0.75 12.68 -7.67
CA HIS B 5 0.48 11.85 -7.73
C HIS B 5 0.95 11.57 -9.17
N LYS B 6 2.18 11.04 -9.33
CA LYS B 6 2.74 10.64 -10.63
C LYS B 6 1.96 9.54 -11.37
N MLY B 7 1.20 8.70 -10.65
CA MLY B 7 0.33 7.69 -11.25
CB MLY B 7 1.08 6.35 -11.37
CG MLY B 7 1.44 5.64 -10.05
CD MLY B 7 0.79 4.25 -9.88
CE MLY B 7 -0.71 4.24 -9.49
NZ MLY B 7 -1.31 2.88 -9.48
CH1 MLY B 7 -0.78 1.91 -8.47
CH2 MLY B 7 -1.55 2.30 -10.84
C MLY B 7 -1.05 7.47 -10.59
O MLY B 7 -1.97 7.11 -11.30
H MLY B 7 1.24 8.80 -9.65
HA MLY B 7 0.10 8.01 -12.27
HB2 MLY B 7 2.00 6.53 -11.92
HB3 MLY B 7 0.49 5.67 -12.01
HG2 MLY B 7 2.52 5.49 -10.04
HG3 MLY B 7 1.22 6.27 -9.19
HD2 MLY B 7 1.35 3.70 -9.11
HD3 MLY B 7 0.91 3.71 -10.81
HE2 MLY B 7 -0.81 4.70 -8.49
HE3 MLY B 7 -1.26 4.86 -10.19
HH11 MLY B 7 0.23 1.61 -8.71
HH12 MLY B 7 -0.80 2.35 -7.48
HH13 MLY B 7 -1.40 1.00 -8.43
HH21 MLY B 7 -2.26 2.91 -11.40
HH22 MLY B 7 -0.63 2.24 -11.41
HH23 MLY B 7 -1.95 1.28 -10.75
HZ MLY B 7 -2.29 3.01 -9.12
N LEU B 8 -1.18 7.66 -9.26
CA LEU B 8 -2.43 7.32 -8.56
C LEU B 8 -3.64 8.09 -9.12
N MET B 9 -4.66 7.33 -9.52
CA MET B 9 -6.00 7.78 -9.88
C MET B 9 -7.00 6.61 -9.77
N PHE B 10 -8.30 6.90 -9.79
CA PHE B 10 -9.36 5.95 -9.46
C PHE B 10 -10.51 5.86 -10.48
N LYS B 11 -11.05 4.65 -10.62
CA LYS B 11 -12.29 4.28 -11.33
C LYS B 11 -13.09 3.22 -10.53
N THR B 12 -12.76 3.13 -9.24
CA THR B 12 -13.13 2.11 -8.23
C THR B 12 -14.62 2.12 -7.89
N GLY A 1 -7.18 -25.30 5.71
CA GLY A 1 -6.68 -24.08 6.41
C GLY A 1 -7.08 -22.80 5.70
N HIS A 2 -7.14 -21.68 6.44
CA HIS A 2 -7.55 -20.36 5.93
C HIS A 2 -6.50 -19.74 4.97
N MET A 3 -5.21 -19.89 5.29
CA MET A 3 -4.09 -19.35 4.50
C MET A 3 -3.86 -20.15 3.20
N ASN A 4 -3.27 -19.49 2.19
CA ASN A 4 -2.86 -20.08 0.91
C ASN A 4 -1.64 -19.34 0.35
N SER A 5 -0.64 -20.13 -0.03
CA SER A 5 0.66 -19.76 -0.63
C SER A 5 1.01 -18.27 -0.59
N PHE A 6 0.47 -17.58 -1.58
CA PHE A 6 0.55 -16.15 -1.83
C PHE A 6 -0.78 -15.69 -2.40
N VAL A 7 -1.31 -16.48 -3.34
CA VAL A 7 -2.50 -16.18 -4.12
C VAL A 7 -3.75 -16.14 -3.23
N GLY A 8 -4.27 -14.93 -3.01
CA GLY A 8 -5.42 -14.62 -2.16
C GLY A 8 -5.09 -13.62 -1.04
N LEU A 9 -3.82 -13.49 -0.64
CA LEU A 9 -3.35 -12.63 0.47
C LEU A 9 -3.37 -11.14 0.14
N ARG A 10 -3.89 -10.33 1.07
CA ARG A 10 -3.78 -8.87 1.07
C ARG A 10 -2.39 -8.46 1.55
N VAL A 11 -1.70 -7.64 0.75
CA VAL A 11 -0.28 -7.26 0.90
C VAL A 11 -0.08 -5.82 0.37
N VAL A 12 1.14 -5.29 0.40
CA VAL A 12 1.48 -3.99 -0.22
C VAL A 12 2.62 -4.18 -1.22
N ALA A 13 2.51 -3.62 -2.43
CA ALA A 13 3.43 -3.91 -3.54
C ALA A 13 3.88 -2.65 -4.29
N LYS A 14 5.00 -2.76 -5.00
CA LYS A 14 5.49 -1.66 -5.86
C LYS A 14 4.81 -1.72 -7.23
N TRP A 15 4.14 -0.63 -7.60
CA TRP A 15 3.64 -0.46 -8.97
C TRP A 15 4.82 -0.33 -9.96
N SER A 16 4.80 -1.15 -11.02
CA SER A 16 5.97 -1.40 -11.89
C SER A 16 6.53 -0.25 -12.73
N SER A 17 5.85 0.88 -12.91
CA SER A 17 6.40 2.08 -13.60
C SER A 17 7.40 2.86 -12.73
N ASN A 18 8.35 2.15 -12.12
CA ASN A 18 9.29 2.60 -11.07
C ASN A 18 8.64 3.53 -10.01
N GLY A 19 7.46 3.11 -9.51
CA GLY A 19 6.60 3.93 -8.65
C GLY A 19 6.75 3.64 -7.15
N TYR A 20 5.65 3.86 -6.43
CA TYR A 20 5.54 3.75 -4.97
C TYR A 20 4.78 2.46 -4.60
N PHE A 21 4.54 2.25 -3.30
CA PHE A 21 4.04 1.00 -2.75
C PHE A 21 2.57 1.17 -2.33
N TYR A 22 1.68 0.45 -3.02
CA TYR A 22 0.22 0.56 -2.88
C TYR A 22 -0.36 -0.78 -2.40
N SER A 23 -1.47 -0.76 -1.63
CA SER A 23 -2.07 -1.99 -1.11
C SER A 23 -2.79 -2.77 -2.23
N GLY A 24 -2.83 -4.10 -2.11
CA GLY A 24 -3.42 -4.97 -3.11
C GLY A 24 -3.51 -6.43 -2.66
N LYS A 25 -3.89 -7.33 -3.57
CA LYS A 25 -4.00 -8.77 -3.31
C LYS A 25 -3.20 -9.54 -4.36
N ILE A 26 -2.41 -10.54 -3.96
CA ILE A 26 -1.77 -11.41 -4.95
C ILE A 26 -2.86 -12.24 -5.63
N THR A 27 -2.99 -12.12 -6.95
CA THR A 27 -4.06 -12.76 -7.74
C THR A 27 -3.58 -14.03 -8.46
N ARG A 28 -2.27 -14.13 -8.72
CA ARG A 28 -1.59 -15.31 -9.32
C ARG A 28 -0.06 -15.18 -9.32
N ASP A 29 0.67 -16.23 -9.00
CA ASP A 29 2.13 -16.33 -9.23
C ASP A 29 2.42 -16.34 -10.74
N VAL A 30 2.89 -15.20 -11.27
CA VAL A 30 3.16 -15.02 -12.70
C VAL A 30 4.20 -16.05 -13.18
N GLY A 31 5.34 -16.10 -12.47
CA GLY A 31 6.42 -17.07 -12.69
C GLY A 31 7.77 -16.49 -12.27
N ALA A 32 8.76 -17.36 -12.07
CA ALA A 32 10.17 -17.00 -11.78
C ALA A 32 10.42 -16.09 -10.55
N GLY A 33 9.39 -15.78 -9.75
CA GLY A 33 9.42 -14.85 -8.62
C GLY A 33 8.47 -13.67 -8.79
N LYS A 34 7.92 -13.41 -9.99
CA LYS A 34 6.91 -12.37 -10.23
C LYS A 34 5.56 -12.89 -9.78
N TYR A 35 4.79 -12.04 -9.10
CA TYR A 35 3.40 -12.29 -8.71
C TYR A 35 2.50 -11.16 -9.26
N LYS A 36 1.33 -11.53 -9.79
CA LYS A 36 0.28 -10.64 -10.29
C LYS A 36 -0.43 -9.98 -9.11
N LEU A 37 -0.49 -8.66 -9.07
CA LEU A 37 -1.04 -7.86 -7.96
C LEU A 37 -2.17 -6.94 -8.42
N LEU A 38 -3.37 -7.22 -7.92
CA LEU A 38 -4.54 -6.36 -8.00
C LEU A 38 -4.50 -5.33 -6.87
N PHE A 39 -4.11 -4.11 -7.20
CA PHE A 39 -4.15 -2.97 -6.30
C PHE A 39 -5.58 -2.59 -5.92
N ASP A 40 -5.79 -2.10 -4.70
CA ASP A 40 -7.08 -1.54 -4.28
C ASP A 40 -7.50 -0.30 -5.09
N ASP A 41 -6.54 0.35 -5.74
CA ASP A 41 -6.77 1.43 -6.71
C ASP A 41 -7.57 0.95 -7.95
N GLY A 42 -7.62 -0.38 -8.17
CA GLY A 42 -8.37 -1.05 -9.23
C GLY A 42 -7.50 -1.57 -10.38
N TYR A 43 -6.19 -1.39 -10.27
CA TYR A 43 -5.18 -1.72 -11.28
C TYR A 43 -4.58 -3.10 -11.06
N GLU A 44 -4.02 -3.72 -12.11
CA GLU A 44 -3.25 -4.97 -12.01
C GLU A 44 -1.91 -4.86 -12.75
N CYS A 45 -0.83 -5.29 -12.10
CA CYS A 45 0.50 -5.42 -12.71
C CYS A 45 1.27 -6.63 -12.14
N ASP A 46 2.24 -7.17 -12.88
CA ASP A 46 3.19 -8.14 -12.35
C ASP A 46 4.22 -7.40 -11.48
N VAL A 47 4.62 -7.98 -10.35
CA VAL A 47 5.62 -7.41 -9.41
C VAL A 47 6.56 -8.52 -8.96
N LEU A 48 7.88 -8.32 -9.00
CA LEU A 48 8.84 -9.29 -8.47
C LEU A 48 8.69 -9.43 -6.95
N GLY A 49 8.83 -10.65 -6.42
CA GLY A 49 8.52 -10.96 -5.03
C GLY A 49 9.24 -10.09 -4.00
N LYS A 50 10.47 -9.68 -4.29
CA LYS A 50 11.19 -8.73 -3.42
C LYS A 50 10.33 -7.50 -3.12
N ASP A 51 9.66 -6.97 -4.13
CA ASP A 51 8.83 -5.76 -4.11
C ASP A 51 7.38 -5.95 -3.62
N ILE A 52 7.11 -6.98 -2.80
CA ILE A 52 5.78 -7.28 -2.26
C ILE A 52 5.94 -7.61 -0.77
N LEU A 53 5.24 -6.83 0.07
CA LEU A 53 5.35 -6.75 1.52
C LEU A 53 4.11 -7.39 2.14
N LEU A 54 4.26 -8.57 2.76
CA LEU A 54 3.11 -9.39 3.16
C LEU A 54 2.84 -9.50 4.67
N CYS A 55 3.65 -8.83 5.49
CA CYS A 55 3.48 -8.72 6.94
C CYS A 55 3.44 -7.22 7.30
N ASP A 56 2.66 -6.45 6.53
CA ASP A 56 2.73 -4.99 6.50
C ASP A 56 1.45 -4.22 6.93
N PRO A 57 1.00 -4.35 8.19
CA PRO A 57 0.11 -3.34 8.74
C PRO A 57 1.04 -2.13 8.91
N ILE A 58 0.73 -0.97 8.32
CA ILE A 58 1.70 0.13 8.17
C ILE A 58 2.25 0.57 9.53
N PRO A 59 3.57 0.44 9.80
CA PRO A 59 4.12 0.73 11.11
C PRO A 59 3.98 2.20 11.44
N LEU A 60 3.49 2.45 12.66
CA LEU A 60 3.50 3.76 13.24
C LEU A 60 4.94 4.31 13.27
N ASP A 61 5.07 5.63 13.26
CA ASP A 61 6.32 6.37 13.08
C ASP A 61 6.99 6.21 11.70
N THR A 62 6.41 5.46 10.74
CA THR A 62 6.89 5.47 9.34
C THR A 62 6.27 6.62 8.54
N GLU A 63 7.04 7.19 7.62
CA GLU A 63 6.58 8.24 6.71
C GLU A 63 5.73 7.64 5.57
N VAL A 64 4.62 8.29 5.24
CA VAL A 64 3.63 7.84 4.25
C VAL A 64 2.96 9.00 3.54
N THR A 65 2.50 8.75 2.32
CA THR A 65 1.59 9.65 1.58
C THR A 65 0.14 9.25 1.89
N ALA A 66 -0.75 10.22 1.87
CA ALA A 66 -2.15 10.16 2.28
C ALA A 66 -3.04 10.76 1.17
N LEU A 67 -4.13 10.07 0.84
CA LEU A 67 -5.10 10.44 -0.20
C LEU A 67 -6.49 10.69 0.40
N SER A 68 -7.15 11.77 0.02
CA SER A 68 -8.49 12.16 0.50
C SER A 68 -9.55 11.88 -0.57
N GLU A 69 -10.79 11.64 -0.16
CA GLU A 69 -11.92 11.42 -1.09
C GLU A 69 -12.26 12.69 -1.93
N ASP A 70 -11.87 13.87 -1.44
CA ASP A 70 -11.90 15.14 -2.19
C ASP A 70 -10.73 15.32 -3.19
N GLU A 71 -9.87 14.29 -3.29
CA GLU A 71 -8.78 14.00 -4.26
C GLU A 71 -7.37 14.39 -3.78
N TYR A 72 -7.22 15.21 -2.74
CA TYR A 72 -5.91 15.74 -2.32
C TYR A 72 -4.88 14.63 -2.02
N PHE A 73 -3.61 14.88 -2.33
CA PHE A 73 -2.49 13.96 -2.07
C PHE A 73 -1.28 14.71 -1.45
N SER A 74 -0.92 14.34 -0.22
CA SER A 74 0.23 14.90 0.52
C SER A 74 0.81 13.90 1.51
N ALA A 75 1.90 14.23 2.22
CA ALA A 75 2.65 13.27 3.03
C ALA A 75 2.83 13.68 4.50
N GLY A 76 3.04 12.68 5.34
CA GLY A 76 3.03 12.75 6.80
C GLY A 76 3.51 11.42 7.40
N VAL A 77 3.12 11.14 8.64
CA VAL A 77 3.67 9.99 9.40
C VAL A 77 2.58 9.27 10.14
N VAL A 78 2.60 7.95 10.12
CA VAL A 78 1.58 7.20 10.88
C VAL A 78 1.75 7.43 12.39
N LYS A 79 0.66 7.76 13.10
CA LYS A 79 0.61 7.93 14.57
C LYS A 79 -0.60 7.26 15.25
N GLY A 80 -1.38 6.44 14.53
CA GLY A 80 -2.49 5.66 15.12
C GLY A 80 -3.14 4.66 14.16
N HIS A 81 -4.08 3.87 14.69
CA HIS A 81 -4.83 2.80 14.01
C HIS A 81 -6.32 2.80 14.39
N ARG A 82 -7.18 2.43 13.44
CA ARG A 82 -8.63 2.23 13.62
C ARG A 82 -9.08 1.02 12.82
N LYS A 83 -10.22 0.44 13.21
CA LYS A 83 -10.93 -0.63 12.50
C LYS A 83 -12.38 -0.23 12.27
N GLU A 84 -12.88 -0.40 11.04
CA GLU A 84 -14.21 0.05 10.63
C GLU A 84 -14.94 -1.06 9.87
N SER A 85 -15.86 -1.76 10.56
CA SER A 85 -16.77 -2.80 9.99
C SER A 85 -16.12 -3.82 9.04
N GLY A 86 -14.86 -4.20 9.30
CA GLY A 86 -14.09 -5.14 8.47
C GLY A 86 -12.98 -4.50 7.60
N GLU A 87 -12.56 -3.26 7.89
CA GLU A 87 -11.53 -2.52 7.16
C GLU A 87 -10.60 -1.84 8.16
N LEU A 88 -9.37 -1.54 7.74
CA LEU A 88 -8.30 -0.99 8.56
C LEU A 88 -8.02 0.47 8.16
N TYR A 89 -7.65 1.26 9.16
CA TYR A 89 -7.42 2.71 9.09
C TYR A 89 -6.14 3.10 9.84
N TYR A 90 -5.60 4.25 9.47
CA TYR A 90 -4.34 4.79 9.95
C TYR A 90 -4.51 6.27 10.23
N SER A 91 -4.22 6.70 11.46
CA SER A 91 -4.11 8.13 11.75
C SER A 91 -2.75 8.57 11.28
N ILE A 92 -2.72 9.48 10.31
CA ILE A 92 -1.52 10.08 9.77
C ILE A 92 -1.37 11.49 10.35
N GLU A 93 -0.21 11.82 10.89
CA GLU A 93 0.17 13.17 11.29
C GLU A 93 0.73 13.86 10.05
N LYS A 94 -0.12 14.65 9.40
CA LYS A 94 0.16 15.30 8.12
C LYS A 94 0.10 16.81 8.27
N GLU A 95 1.16 17.51 7.87
CA GLU A 95 1.33 18.96 8.07
C GLU A 95 1.19 19.38 9.57
N GLY A 96 1.44 18.45 10.51
CA GLY A 96 1.29 18.65 11.95
C GLY A 96 -0.08 18.29 12.54
N GLN A 97 -0.90 17.51 11.81
CA GLN A 97 -2.32 17.25 12.13
C GLN A 97 -2.61 15.75 12.13
N ARG A 98 -3.14 15.18 13.22
CA ARG A 98 -3.52 13.76 13.30
C ARG A 98 -4.86 13.57 12.58
N LYS A 99 -4.79 12.94 11.39
CA LYS A 99 -5.89 12.84 10.41
C LYS A 99 -6.09 11.37 9.99
N TRP A 100 -7.32 10.88 10.02
CA TRP A 100 -7.62 9.48 9.67
C TRP A 100 -7.65 9.28 8.16
N TYR A 101 -6.88 8.31 7.69
CA TYR A 101 -6.88 7.81 6.31
C TYR A 101 -7.06 6.28 6.29
N LYS A 102 -7.59 5.75 5.18
CA LYS A 102 -7.90 4.31 5.02
C LYS A 102 -6.63 3.54 4.70
N ARG A 103 -6.64 2.20 4.89
CA ARG A 103 -5.57 1.28 4.42
C ARG A 103 -5.08 1.63 3.00
N MET A 104 -6.00 1.58 2.03
CA MET A 104 -5.68 1.86 0.62
C MET A 104 -5.42 3.34 0.31
N ALA A 105 -5.78 4.26 1.21
CA ALA A 105 -5.53 5.68 1.06
C ALA A 105 -4.20 6.11 1.71
N VAL A 106 -3.48 5.18 2.36
CA VAL A 106 -2.15 5.39 2.94
C VAL A 106 -1.14 4.56 2.16
N ILE A 107 -0.20 5.25 1.51
CA ILE A 107 0.72 4.67 0.54
C ILE A 107 2.17 4.97 0.97
N LEU A 108 3.06 4.02 0.73
CA LEU A 108 4.46 4.08 1.17
C LEU A 108 5.33 4.55 0.00
N SER A 109 6.20 5.55 0.20
CA SER A 109 7.22 5.88 -0.81
C SER A 109 8.13 4.68 -1.03
N LEU A 110 8.76 4.55 -2.21
CA LEU A 110 9.72 3.46 -2.46
C LEU A 110 10.86 3.43 -1.45
N GLU A 111 11.32 4.59 -1.00
CA GLU A 111 12.41 4.70 -0.02
C GLU A 111 11.98 4.18 1.36
N GLN A 112 10.72 4.43 1.73
CA GLN A 112 10.12 3.95 2.98
C GLN A 112 9.84 2.44 2.88
N GLY A 113 9.17 2.00 1.81
CA GLY A 113 8.89 0.59 1.51
C GLY A 113 10.14 -0.29 1.50
N ASN A 114 11.29 0.24 1.07
CA ASN A 114 12.58 -0.46 1.20
C ASN A 114 12.92 -0.87 2.65
N ARG A 115 12.72 0.01 3.66
CA ARG A 115 12.92 -0.33 5.09
C ARG A 115 12.09 -1.53 5.55
N LEU A 116 10.97 -1.79 4.87
CA LEU A 116 10.10 -2.93 5.13
C LEU A 116 10.47 -4.14 4.27
N ARG A 117 11.01 -3.91 3.05
CA ARG A 117 11.33 -4.92 2.05
C ARG A 117 12.27 -6.01 2.57
N GLU A 118 13.21 -5.61 3.40
CA GLU A 118 14.14 -6.51 4.10
C GLU A 118 13.49 -7.60 4.97
N GLN A 119 12.33 -7.32 5.58
CA GLN A 119 11.71 -8.13 6.58
C GLN A 119 10.40 -8.76 6.06
N TYR A 120 9.69 -8.02 5.21
CA TYR A 120 8.34 -8.34 4.71
C TYR A 120 8.32 -8.81 3.25
N GLY A 121 9.41 -8.62 2.52
CA GLY A 121 9.54 -9.00 1.10
C GLY A 121 9.34 -10.50 0.88
N LEU A 122 8.56 -10.90 -0.14
CA LEU A 122 8.39 -12.32 -0.50
C LEU A 122 9.69 -12.91 -1.01
N GLY A 123 10.27 -12.16 -1.95
CA GLY A 123 11.37 -12.54 -2.80
C GLY A 123 10.98 -13.21 -4.12
N SER B 1 -0.05 22.05 -11.65
CA SER B 1 0.34 20.64 -11.44
C SER B 1 -0.85 19.78 -11.04
N THR B 2 -0.91 18.53 -11.49
CA THR B 2 -2.04 17.60 -11.23
C THR B 2 -2.26 17.36 -9.74
N SER B 3 -3.52 17.32 -9.29
CA SER B 3 -3.92 17.24 -7.85
C SER B 3 -3.69 15.87 -7.17
N ARG B 4 -3.17 14.87 -7.91
CA ARG B 4 -2.97 13.47 -7.48
C ARG B 4 -1.64 12.89 -7.98
N HIS B 5 -1.21 11.79 -7.36
CA HIS B 5 -0.05 10.98 -7.78
C HIS B 5 -0.30 10.29 -9.13
N LYS B 6 0.75 9.64 -9.69
CA LYS B 6 0.73 8.85 -10.94
C LYS B 6 -0.44 7.84 -11.01
N MLY B 7 -1.25 7.95 -12.08
CA MLY B 7 -2.50 7.23 -12.46
CB MLY B 7 -2.17 5.97 -13.28
CG MLY B 7 -1.39 4.83 -12.56
CD MLY B 7 -2.10 4.24 -11.34
CE MLY B 7 -1.37 3.03 -10.77
NZ MLY B 7 -1.67 2.80 -9.33
CH1 MLY B 7 -1.52 1.39 -8.85
CH2 MLY B 7 -1.01 3.76 -8.39
C MLY B 7 -3.62 7.03 -11.42
O MLY B 7 -4.72 6.64 -11.80
H MLY B 7 -0.99 8.69 -12.72
HA MLY B 7 -2.97 7.91 -13.19
HB2 MLY B 7 -3.10 5.55 -13.65
HB3 MLY B 7 -1.59 6.27 -14.15
HG2 MLY B 7 -1.25 4.04 -13.28
HG3 MLY B 7 -0.42 5.20 -12.27
HD2 MLY B 7 -3.13 3.95 -11.60
HD3 MLY B 7 -2.17 5.01 -10.57
HE2 MLY B 7 -1.65 2.16 -11.37
HE3 MLY B 7 -0.30 3.16 -10.88
HH11 MLY B 7 -1.91 1.26 -7.84
HH12 MLY B 7 -2.04 0.70 -9.52
HH13 MLY B 7 -0.47 1.11 -8.83
HH21 MLY B 7 -1.36 3.59 -7.36
HH22 MLY B 7 0.07 3.64 -8.43
HH23 MLY B 7 -1.24 4.80 -8.64
HZ MLY B 7 -2.70 3.02 -9.22
N LEU B 8 -3.37 7.28 -10.13
CA LEU B 8 -4.26 6.92 -9.02
C LEU B 8 -5.61 7.65 -9.03
N MET B 9 -6.70 6.89 -8.83
CA MET B 9 -8.07 7.37 -8.55
C MET B 9 -9.05 6.19 -8.37
N PHE B 10 -9.67 6.15 -7.19
CA PHE B 10 -10.48 5.06 -6.65
C PHE B 10 -11.95 5.06 -7.14
N LYS B 11 -12.71 4.02 -6.76
CA LYS B 11 -14.16 3.89 -7.00
C LYS B 11 -15.02 4.79 -6.07
N THR B 12 -14.39 5.47 -5.10
CA THR B 12 -15.01 6.34 -4.07
C THR B 12 -15.97 7.40 -4.64
N GLY A 1 -10.62 -20.02 8.53
CA GLY A 1 -9.83 -18.92 7.91
C GLY A 1 -8.36 -19.04 8.25
N HIS A 2 -7.52 -19.39 7.26
CA HIS A 2 -6.10 -19.73 7.41
C HIS A 2 -5.24 -19.18 6.26
N MET A 3 -3.92 -19.13 6.46
CA MET A 3 -2.94 -18.76 5.42
C MET A 3 -2.91 -19.75 4.24
N ASN A 4 -2.45 -19.26 3.08
CA ASN A 4 -2.29 -20.00 1.83
C ASN A 4 -1.07 -19.54 1.04
N SER A 5 -0.92 -20.13 -0.15
CA SER A 5 0.15 -19.94 -1.11
C SER A 5 0.17 -18.59 -1.82
N PHE A 6 0.22 -17.51 -1.04
CA PHE A 6 0.23 -16.11 -1.47
C PHE A 6 -1.12 -15.65 -2.03
N VAL A 7 -1.66 -16.45 -2.93
CA VAL A 7 -2.81 -16.16 -3.77
C VAL A 7 -4.10 -16.06 -2.96
N GLY A 8 -4.48 -14.83 -2.66
CA GLY A 8 -5.65 -14.45 -1.86
C GLY A 8 -5.33 -13.44 -0.75
N LEU A 9 -4.07 -13.37 -0.30
CA LEU A 9 -3.57 -12.51 0.79
C LEU A 9 -3.54 -11.02 0.43
N ARG A 10 -4.04 -10.17 1.34
CA ARG A 10 -3.89 -8.70 1.31
C ARG A 10 -2.46 -8.32 1.75
N VAL A 11 -1.74 -7.61 0.90
CA VAL A 11 -0.32 -7.28 1.00
C VAL A 11 -0.07 -5.88 0.41
N VAL A 12 1.18 -5.40 0.40
CA VAL A 12 1.56 -4.10 -0.24
C VAL A 12 2.65 -4.33 -1.27
N ALA A 13 2.56 -3.74 -2.46
CA ALA A 13 3.44 -4.05 -3.59
C ALA A 13 3.92 -2.79 -4.33
N LYS A 14 5.05 -2.88 -5.02
CA LYS A 14 5.55 -1.77 -5.85
C LYS A 14 4.90 -1.85 -7.23
N TRP A 15 4.28 -0.75 -7.66
CA TRP A 15 3.81 -0.59 -9.03
C TRP A 15 5.00 -0.39 -10.00
N SER A 16 4.99 -1.11 -11.13
CA SER A 16 6.16 -1.29 -12.01
C SER A 16 6.65 -0.10 -12.85
N SER A 17 5.95 1.03 -12.95
CA SER A 17 6.46 2.27 -13.59
C SER A 17 7.52 3.00 -12.73
N ASN A 18 8.45 2.24 -12.12
CA ASN A 18 9.39 2.65 -11.08
C ASN A 18 8.72 3.55 -10.01
N GLY A 19 7.54 3.12 -9.54
CA GLY A 19 6.65 3.90 -8.70
C GLY A 19 6.84 3.67 -7.20
N TYR A 20 5.76 3.88 -6.44
CA TYR A 20 5.67 3.73 -4.99
C TYR A 20 4.91 2.43 -4.66
N PHE A 21 4.64 2.21 -3.38
CA PHE A 21 4.12 0.95 -2.85
C PHE A 21 2.66 1.11 -2.43
N TYR A 22 1.79 0.28 -3.01
CA TYR A 22 0.33 0.39 -2.92
C TYR A 22 -0.26 -0.93 -2.38
N SER A 23 -1.34 -0.87 -1.60
CA SER A 23 -1.99 -2.10 -1.10
C SER A 23 -2.79 -2.82 -2.19
N GLY A 24 -2.88 -4.16 -2.06
CA GLY A 24 -3.53 -5.03 -3.03
C GLY A 24 -3.63 -6.47 -2.55
N LYS A 25 -4.12 -7.37 -3.42
CA LYS A 25 -4.23 -8.81 -3.14
C LYS A 25 -3.43 -9.58 -4.17
N ILE A 26 -2.67 -10.59 -3.75
CA ILE A 26 -2.04 -11.49 -4.73
C ILE A 26 -3.14 -12.29 -5.40
N THR A 27 -3.25 -12.22 -6.72
CA THR A 27 -4.32 -12.87 -7.50
C THR A 27 -3.87 -14.17 -8.15
N ARG A 28 -2.56 -14.29 -8.43
CA ARG A 28 -1.90 -15.48 -8.99
C ARG A 28 -0.37 -15.37 -9.02
N ASP A 29 0.35 -16.41 -8.65
CA ASP A 29 1.80 -16.54 -8.87
C ASP A 29 2.10 -16.62 -10.37
N VAL A 30 2.59 -15.50 -10.94
CA VAL A 30 2.86 -15.37 -12.38
C VAL A 30 3.88 -16.43 -12.81
N GLY A 31 5.01 -16.49 -12.09
CA GLY A 31 6.03 -17.53 -12.21
C GLY A 31 7.40 -17.00 -11.78
N ALA A 32 8.33 -17.91 -11.50
CA ALA A 32 9.75 -17.62 -11.19
C ALA A 32 10.04 -16.66 -10.00
N GLY A 33 9.01 -16.21 -9.29
CA GLY A 33 9.08 -15.21 -8.22
C GLY A 33 8.19 -14.00 -8.47
N LYS A 34 7.65 -13.78 -9.68
CA LYS A 34 6.66 -12.75 -9.96
C LYS A 34 5.29 -13.22 -9.51
N TYR A 35 4.54 -12.34 -8.86
CA TYR A 35 3.15 -12.55 -8.46
C TYR A 35 2.28 -11.41 -9.02
N LYS A 36 1.11 -11.76 -9.55
CA LYS A 36 0.06 -10.85 -10.07
C LYS A 36 -0.65 -10.18 -8.90
N LEU A 37 -0.72 -8.85 -8.90
CA LEU A 37 -1.27 -8.04 -7.81
C LEU A 37 -2.39 -7.11 -8.26
N LEU A 38 -3.60 -7.38 -7.74
CA LEU A 38 -4.78 -6.51 -7.83
C LEU A 38 -4.73 -5.45 -6.73
N PHE A 39 -4.28 -4.26 -7.09
CA PHE A 39 -4.29 -3.08 -6.23
C PHE A 39 -5.73 -2.63 -5.93
N ASP A 40 -5.94 -2.01 -4.76
CA ASP A 40 -7.30 -1.63 -4.30
C ASP A 40 -8.02 -0.58 -5.16
N ASP A 41 -7.28 0.25 -5.90
CA ASP A 41 -7.83 1.16 -6.89
C ASP A 41 -8.39 0.47 -8.16
N GLY A 42 -8.12 -0.82 -8.34
CA GLY A 42 -8.66 -1.70 -9.38
C GLY A 42 -7.64 -2.17 -10.41
N TYR A 43 -6.39 -1.70 -10.30
CA TYR A 43 -5.31 -1.97 -11.24
C TYR A 43 -4.68 -3.36 -11.01
N GLU A 44 -4.10 -3.98 -12.04
CA GLU A 44 -3.39 -5.26 -11.97
C GLU A 44 -2.09 -5.24 -12.78
N CYS A 45 -1.01 -5.74 -12.17
CA CYS A 45 0.27 -6.00 -12.84
C CYS A 45 1.04 -7.12 -12.13
N ASP A 46 2.06 -7.63 -12.80
CA ASP A 46 3.05 -8.57 -12.28
C ASP A 46 4.12 -7.83 -11.46
N VAL A 47 4.46 -8.32 -10.27
CA VAL A 47 5.47 -7.73 -9.36
C VAL A 47 6.38 -8.85 -8.82
N LEU A 48 7.70 -8.66 -8.81
CA LEU A 48 8.63 -9.67 -8.25
C LEU A 48 8.52 -9.78 -6.72
N GLY A 49 8.77 -10.97 -6.16
CA GLY A 49 8.54 -11.27 -4.74
C GLY A 49 9.23 -10.31 -3.77
N LYS A 50 10.44 -9.87 -4.11
CA LYS A 50 11.17 -8.87 -3.33
C LYS A 50 10.35 -7.59 -3.10
N ASP A 51 9.59 -7.21 -4.12
CA ASP A 51 8.80 -5.98 -4.24
C ASP A 51 7.35 -6.13 -3.74
N ILE A 52 7.05 -7.16 -2.92
CA ILE A 52 5.74 -7.39 -2.32
C ILE A 52 5.96 -7.70 -0.84
N LEU A 53 5.14 -7.09 0.01
CA LEU A 53 5.30 -6.99 1.45
C LEU A 53 4.07 -7.59 2.14
N LEU A 54 4.22 -8.73 2.80
CA LEU A 54 3.07 -9.52 3.30
C LEU A 54 2.91 -9.57 4.82
N CYS A 55 3.76 -8.86 5.54
CA CYS A 55 3.71 -8.70 6.99
C CYS A 55 3.71 -7.19 7.34
N ASP A 56 3.06 -6.38 6.49
CA ASP A 56 3.14 -4.92 6.47
C ASP A 56 1.85 -4.17 6.87
N PRO A 57 1.29 -4.37 8.08
CA PRO A 57 0.38 -3.38 8.62
C PRO A 57 1.31 -2.18 8.87
N ILE A 58 1.02 -1.01 8.30
CA ILE A 58 2.01 0.08 8.19
C ILE A 58 2.55 0.47 9.58
N PRO A 59 3.86 0.29 9.85
CA PRO A 59 4.42 0.56 11.16
C PRO A 59 4.26 2.02 11.52
N LEU A 60 3.73 2.24 12.72
CA LEU A 60 3.64 3.56 13.30
C LEU A 60 5.05 4.16 13.42
N ASP A 61 5.14 5.49 13.36
CA ASP A 61 6.36 6.28 13.22
C ASP A 61 7.04 6.17 11.83
N THR A 62 6.51 5.38 10.88
CA THR A 62 6.99 5.42 9.49
C THR A 62 6.33 6.56 8.71
N GLU A 63 7.07 7.09 7.74
CA GLU A 63 6.61 8.16 6.86
C GLU A 63 5.85 7.58 5.67
N VAL A 64 4.76 8.24 5.29
CA VAL A 64 3.80 7.78 4.28
C VAL A 64 3.11 8.94 3.57
N THR A 65 2.65 8.67 2.34
CA THR A 65 1.75 9.56 1.61
C THR A 65 0.31 9.15 1.93
N ALA A 66 -0.59 10.12 1.98
CA ALA A 66 -1.99 9.98 2.37
C ALA A 66 -2.90 10.60 1.28
N LEU A 67 -4.07 10.01 1.02
CA LEU A 67 -5.05 10.53 0.05
C LEU A 67 -6.46 10.68 0.62
N SER A 68 -7.14 11.75 0.21
CA SER A 68 -8.44 12.15 0.76
C SER A 68 -9.58 11.87 -0.21
N GLU A 69 -10.82 11.78 0.29
CA GLU A 69 -12.02 11.61 -0.55
C GLU A 69 -12.26 12.79 -1.51
N ASP A 70 -11.76 13.98 -1.15
CA ASP A 70 -11.73 15.19 -2.01
C ASP A 70 -10.54 15.18 -3.02
N GLU A 71 -9.85 14.04 -3.13
CA GLU A 71 -8.85 13.62 -4.13
C GLU A 71 -7.38 14.00 -3.90
N TYR A 72 -7.07 14.91 -2.97
CA TYR A 72 -5.68 15.37 -2.74
C TYR A 72 -4.71 14.24 -2.36
N PHE A 73 -3.41 14.49 -2.54
CA PHE A 73 -2.32 13.65 -2.03
C PHE A 73 -1.21 14.51 -1.40
N SER A 74 -0.78 14.13 -0.19
CA SER A 74 0.30 14.77 0.58
C SER A 74 0.97 13.76 1.51
N ALA A 75 2.03 14.11 2.25
CA ALA A 75 2.77 13.16 3.11
C ALA A 75 2.90 13.58 4.58
N GLY A 76 3.07 12.57 5.43
CA GLY A 76 3.05 12.65 6.89
C GLY A 76 3.51 11.33 7.51
N VAL A 77 3.13 11.05 8.77
CA VAL A 77 3.69 9.92 9.53
C VAL A 77 2.62 9.19 10.29
N VAL A 78 2.65 7.87 10.27
CA VAL A 78 1.66 7.08 11.00
C VAL A 78 1.81 7.29 12.52
N LYS A 79 0.72 7.57 13.25
CA LYS A 79 0.65 7.61 14.73
C LYS A 79 -0.57 6.87 15.33
N GLY A 80 -1.32 6.07 14.57
CA GLY A 80 -2.43 5.25 15.08
C GLY A 80 -3.03 4.26 14.07
N HIS A 81 -3.97 3.44 14.53
CA HIS A 81 -4.67 2.36 13.80
C HIS A 81 -6.17 2.30 14.13
N ARG A 82 -6.99 1.89 13.15
CA ARG A 82 -8.43 1.63 13.29
C ARG A 82 -8.81 0.43 12.41
N LYS A 83 -9.83 -0.31 12.82
CA LYS A 83 -10.48 -1.38 12.03
C LYS A 83 -11.97 -1.06 11.88
N GLU A 84 -12.51 -1.34 10.69
CA GLU A 84 -13.87 -0.96 10.31
C GLU A 84 -14.52 -2.07 9.50
N SER A 85 -15.37 -2.88 10.15
CA SER A 85 -16.14 -4.03 9.63
C SER A 85 -15.34 -5.20 9.00
N GLY A 86 -14.33 -4.92 8.18
CA GLY A 86 -13.42 -5.86 7.55
C GLY A 86 -12.25 -5.18 6.81
N GLU A 87 -11.95 -3.92 7.12
CA GLU A 87 -10.89 -3.13 6.47
C GLU A 87 -10.13 -2.29 7.50
N LEU A 88 -8.98 -1.74 7.10
CA LEU A 88 -7.97 -1.18 7.99
C LEU A 88 -7.66 0.31 7.68
N TYR A 89 -7.37 1.03 8.75
CA TYR A 89 -7.17 2.49 8.80
C TYR A 89 -5.95 2.85 9.63
N TYR A 90 -5.42 4.05 9.36
CA TYR A 90 -4.22 4.60 9.99
C TYR A 90 -4.46 6.07 10.33
N SER A 91 -4.12 6.47 11.55
CA SER A 91 -4.07 7.90 11.88
C SER A 91 -2.71 8.38 11.41
N ILE A 92 -2.70 9.26 10.42
CA ILE A 92 -1.49 9.90 9.89
C ILE A 92 -1.39 11.29 10.51
N GLU A 93 -0.24 11.64 11.06
CA GLU A 93 0.09 13.00 11.47
C GLU A 93 0.65 13.70 10.24
N LYS A 94 -0.18 14.54 9.64
CA LYS A 94 0.10 15.22 8.38
C LYS A 94 0.03 16.73 8.59
N GLU A 95 1.10 17.44 8.24
CA GLU A 95 1.21 18.91 8.43
C GLU A 95 1.00 19.34 9.90
N GLY A 96 1.22 18.42 10.87
CA GLY A 96 1.01 18.62 12.30
C GLY A 96 -0.37 18.19 12.83
N GLN A 97 -1.12 17.38 12.07
CA GLN A 97 -2.54 17.05 12.33
C GLN A 97 -2.75 15.53 12.31
N ARG A 98 -3.28 14.94 13.38
CA ARG A 98 -3.62 13.49 13.41
C ARG A 98 -4.94 13.28 12.68
N LYS A 99 -4.86 12.63 11.52
CA LYS A 99 -5.94 12.52 10.52
C LYS A 99 -6.10 11.06 10.08
N TRP A 100 -7.33 10.54 10.07
CA TRP A 100 -7.59 9.15 9.68
C TRP A 100 -7.60 8.98 8.16
N TYR A 101 -6.81 8.02 7.68
CA TYR A 101 -6.77 7.58 6.28
C TYR A 101 -6.88 6.05 6.18
N LYS A 102 -7.33 5.55 5.02
CA LYS A 102 -7.51 4.11 4.72
C LYS A 102 -6.17 3.44 4.46
N ARG A 103 -6.05 2.11 4.60
CA ARG A 103 -4.85 1.36 4.14
C ARG A 103 -4.46 1.75 2.70
N MET A 104 -5.40 1.66 1.76
CA MET A 104 -5.13 2.02 0.35
C MET A 104 -4.89 3.51 0.13
N ALA A 105 -5.36 4.36 1.06
CA ALA A 105 -5.12 5.79 0.98
C ALA A 105 -3.72 6.13 1.51
N VAL A 106 -3.15 5.26 2.35
CA VAL A 106 -1.83 5.40 2.95
C VAL A 106 -0.83 4.62 2.11
N ILE A 107 -0.24 5.32 1.14
CA ILE A 107 0.66 4.76 0.14
C ILE A 107 2.11 5.05 0.57
N LEU A 108 3.00 4.07 0.39
CA LEU A 108 4.35 4.09 0.94
C LEU A 108 5.30 4.56 -0.17
N SER A 109 6.00 5.68 0.04
CA SER A 109 7.06 6.14 -0.87
C SER A 109 8.10 5.04 -1.10
N LEU A 110 8.77 4.99 -2.24
CA LEU A 110 9.61 3.82 -2.59
C LEU A 110 10.73 3.54 -1.58
N GLU A 111 11.29 4.57 -0.95
CA GLU A 111 12.29 4.40 0.13
C GLU A 111 11.67 3.77 1.38
N GLN A 112 10.43 4.15 1.71
CA GLN A 112 9.64 3.53 2.80
C GLN A 112 9.43 2.05 2.48
N GLY A 113 8.93 1.71 1.28
CA GLY A 113 8.77 0.32 0.81
C GLY A 113 10.06 -0.49 0.86
N ASN A 114 11.20 0.14 0.54
CA ASN A 114 12.54 -0.44 0.67
C ASN A 114 12.84 -0.88 2.10
N ARG A 115 12.66 0.00 3.09
CA ARG A 115 12.79 -0.28 4.54
C ARG A 115 11.88 -1.39 5.06
N LEU A 116 11.06 -1.96 4.18
CA LEU A 116 10.10 -2.99 4.47
C LEU A 116 10.36 -4.25 3.62
N ARG A 117 10.96 -4.14 2.42
CA ARG A 117 11.40 -5.30 1.59
C ARG A 117 12.29 -6.24 2.40
N GLU A 118 13.17 -5.65 3.20
CA GLU A 118 14.13 -6.33 4.08
C GLU A 118 13.52 -7.38 5.00
N GLN A 119 12.31 -7.12 5.54
CA GLN A 119 11.69 -7.89 6.57
C GLN A 119 10.45 -8.63 6.07
N TYR A 120 9.71 -7.98 5.16
CA TYR A 120 8.37 -8.38 4.69
C TYR A 120 8.31 -8.86 3.24
N GLY A 121 9.42 -8.74 2.51
CA GLY A 121 9.57 -9.21 1.13
C GLY A 121 9.18 -10.69 0.97
N LEU A 122 8.41 -11.05 -0.07
CA LEU A 122 8.14 -12.46 -0.39
C LEU A 122 9.41 -13.19 -0.84
N GLY A 123 10.25 -12.42 -1.52
CA GLY A 123 11.44 -12.87 -2.26
C GLY A 123 12.70 -12.04 -2.01
N SER B 1 -9.62 23.23 -8.05
CA SER B 1 -8.20 22.86 -7.80
C SER B 1 -8.07 21.44 -7.24
N THR B 2 -7.03 20.70 -7.63
CA THR B 2 -6.74 19.31 -7.17
C THR B 2 -5.23 19.02 -7.18
N SER B 3 -4.83 17.84 -6.72
CA SER B 3 -3.43 17.37 -6.68
C SER B 3 -3.36 15.84 -6.73
N ARG B 4 -2.45 15.27 -7.54
CA ARG B 4 -2.33 13.80 -7.72
C ARG B 4 -0.92 13.35 -8.14
N HIS B 5 -0.54 12.13 -7.74
CA HIS B 5 0.79 11.53 -7.98
C HIS B 5 1.02 11.08 -9.44
N LYS B 6 2.23 10.59 -9.74
CA LYS B 6 2.67 10.00 -11.03
C LYS B 6 1.77 8.86 -11.56
N MLY B 7 1.15 8.11 -10.65
CA MLY B 7 0.13 7.08 -10.90
CB MLY B 7 0.85 5.72 -11.12
CG MLY B 7 -0.10 4.53 -11.38
CD MLY B 7 -0.44 3.75 -10.09
CE MLY B 7 -1.82 3.06 -10.16
NZ MLY B 7 -2.10 2.17 -8.99
CH1 MLY B 7 -1.82 2.71 -7.63
CH2 MLY B 7 -1.61 0.77 -9.15
C MLY B 7 -0.84 7.05 -9.70
O MLY B 7 -0.42 7.31 -8.59
H MLY B 7 1.35 8.31 -9.69
HA MLY B 7 -0.43 7.34 -11.80
HB2 MLY B 7 1.48 5.83 -12.00
HB3 MLY B 7 1.50 5.50 -10.27
HG2 MLY B 7 -1.01 4.89 -11.87
HG3 MLY B 7 0.38 3.84 -12.07
HD2 MLY B 7 0.34 3.01 -9.91
HD3 MLY B 7 -0.45 4.45 -9.24
HE2 MLY B 7 -2.59 3.84 -10.20
HE3 MLY B 7 -1.89 2.50 -11.10
HH11 MLY B 7 -2.21 2.05 -6.85
HH12 MLY B 7 -2.30 3.68 -7.49
HH13 MLY B 7 -0.75 2.82 -7.48
HH21 MLY B 7 -2.06 0.12 -8.39
HH22 MLY B 7 -0.52 0.73 -9.02
HH23 MLY B 7 -1.86 0.36 -10.13
HZ MLY B 7 -3.14 2.10 -9.00
N LEU B 8 -2.12 6.77 -10.00
CA LEU B 8 -3.33 6.62 -9.15
C LEU B 8 -4.41 7.69 -9.45
N MET B 9 -4.28 8.41 -10.56
CA MET B 9 -5.32 9.30 -11.06
C MET B 9 -6.45 8.46 -11.69
N PHE B 10 -7.42 8.08 -10.85
CA PHE B 10 -8.57 7.22 -11.16
C PHE B 10 -9.90 7.90 -10.82
N LYS B 11 -11.01 7.34 -11.30
CA LYS B 11 -12.40 7.83 -11.09
C LYS B 11 -13.37 6.68 -10.82
N THR B 12 -14.52 6.99 -10.23
CA THR B 12 -15.63 6.07 -9.89
C THR B 12 -16.98 6.78 -9.82
N GLY A 1 -12.20 -22.42 8.68
CA GLY A 1 -11.28 -21.91 7.64
C GLY A 1 -9.82 -21.98 8.08
N HIS A 2 -8.88 -21.78 7.13
CA HIS A 2 -7.42 -21.78 7.35
C HIS A 2 -6.69 -20.84 6.38
N MET A 3 -5.41 -20.57 6.65
CA MET A 3 -4.51 -19.80 5.77
C MET A 3 -4.25 -20.48 4.41
N ASN A 4 -3.72 -19.69 3.47
CA ASN A 4 -3.32 -20.10 2.12
C ASN A 4 -1.97 -19.53 1.72
N SER A 5 -1.47 -20.03 0.60
CA SER A 5 -0.35 -19.42 -0.10
C SER A 5 -0.67 -17.95 -0.42
N PHE A 6 0.35 -17.25 -0.89
CA PHE A 6 0.31 -15.91 -1.49
C PHE A 6 -1.03 -15.54 -2.13
N VAL A 7 -1.55 -16.40 -2.99
CA VAL A 7 -2.80 -16.16 -3.72
C VAL A 7 -4.00 -16.02 -2.77
N GLY A 8 -4.51 -14.79 -2.67
CA GLY A 8 -5.62 -14.38 -1.80
C GLY A 8 -5.22 -13.39 -0.70
N LEU A 9 -3.92 -13.30 -0.37
CA LEU A 9 -3.39 -12.45 0.72
C LEU A 9 -3.36 -10.96 0.33
N ARG A 10 -3.84 -10.10 1.26
CA ARG A 10 -3.67 -8.64 1.19
C ARG A 10 -2.26 -8.26 1.62
N VAL A 11 -1.57 -7.50 0.76
CA VAL A 11 -0.13 -7.18 0.86
C VAL A 11 0.11 -5.77 0.27
N VAL A 12 1.37 -5.32 0.23
CA VAL A 12 1.76 -4.05 -0.44
C VAL A 12 2.85 -4.36 -1.48
N ALA A 13 2.80 -3.74 -2.65
CA ALA A 13 3.62 -4.10 -3.81
C ALA A 13 4.12 -2.88 -4.58
N LYS A 14 5.19 -3.03 -5.36
CA LYS A 14 5.66 -1.95 -6.25
C LYS A 14 4.90 -1.97 -7.58
N TRP A 15 4.46 -0.80 -8.05
CA TRP A 15 3.98 -0.64 -9.42
C TRP A 15 5.20 -0.30 -10.31
N SER A 16 5.61 -1.27 -11.14
CA SER A 16 6.87 -1.25 -11.90
C SER A 16 7.01 -0.08 -12.90
N SER A 17 5.89 0.37 -13.49
CA SER A 17 5.88 1.39 -14.55
C SER A 17 5.94 2.85 -14.06
N ASN A 18 6.12 3.10 -12.75
CA ASN A 18 6.37 4.45 -12.21
C ASN A 18 7.33 4.51 -11.00
N GLY A 19 7.25 3.60 -10.02
CA GLY A 19 8.27 3.49 -8.96
C GLY A 19 7.81 3.32 -7.51
N TYR A 20 6.54 3.57 -7.16
CA TYR A 20 6.10 3.63 -5.75
C TYR A 20 5.29 2.38 -5.36
N PHE A 21 4.99 2.23 -4.06
CA PHE A 21 4.44 1.00 -3.49
C PHE A 21 3.00 1.23 -3.00
N TYR A 22 2.09 0.35 -3.43
CA TYR A 22 0.64 0.48 -3.29
C TYR A 22 0.03 -0.82 -2.73
N SER A 23 -1.06 -0.72 -1.95
CA SER A 23 -1.71 -1.90 -1.37
C SER A 23 -2.45 -2.70 -2.44
N GLY A 24 -2.57 -4.02 -2.25
CA GLY A 24 -3.24 -4.90 -3.19
C GLY A 24 -3.41 -6.33 -2.66
N LYS A 25 -3.87 -7.23 -3.53
CA LYS A 25 -4.03 -8.67 -3.23
C LYS A 25 -3.27 -9.49 -4.27
N ILE A 26 -2.52 -10.50 -3.84
CA ILE A 26 -1.91 -11.42 -4.81
C ILE A 26 -3.05 -12.25 -5.42
N THR A 27 -3.23 -12.17 -6.73
CA THR A 27 -4.35 -12.80 -7.46
C THR A 27 -3.95 -14.13 -8.10
N ARG A 28 -2.65 -14.29 -8.40
CA ARG A 28 -2.02 -15.52 -8.93
C ARG A 28 -0.49 -15.45 -8.93
N ASP A 29 0.21 -16.52 -8.58
CA ASP A 29 1.66 -16.66 -8.79
C ASP A 29 1.96 -16.78 -10.29
N VAL A 30 2.45 -15.70 -10.90
CA VAL A 30 2.73 -15.62 -12.35
C VAL A 30 3.74 -16.71 -12.72
N GLY A 31 4.85 -16.75 -11.99
CA GLY A 31 5.89 -17.79 -12.04
C GLY A 31 7.27 -17.19 -11.77
N ALA A 32 8.29 -18.03 -11.58
CA ALA A 32 9.70 -17.63 -11.38
C ALA A 32 10.00 -16.73 -10.15
N GLY A 33 8.99 -16.36 -9.36
CA GLY A 33 9.04 -15.36 -8.30
C GLY A 33 8.17 -14.14 -8.57
N LYS A 34 7.62 -13.95 -9.79
CA LYS A 34 6.62 -12.92 -10.09
C LYS A 34 5.25 -13.40 -9.62
N TYR A 35 4.52 -12.50 -8.96
CA TYR A 35 3.13 -12.68 -8.54
C TYR A 35 2.26 -11.55 -9.13
N LYS A 36 1.08 -11.90 -9.64
CA LYS A 36 0.04 -11.01 -10.18
C LYS A 36 -0.62 -10.27 -9.02
N LEU A 37 -0.59 -8.94 -9.05
CA LEU A 37 -1.08 -8.06 -7.98
C LEU A 37 -2.17 -7.10 -8.46
N LEU A 38 -3.38 -7.31 -7.92
CA LEU A 38 -4.52 -6.41 -8.00
C LEU A 38 -4.40 -5.35 -6.91
N PHE A 39 -3.97 -4.16 -7.28
CA PHE A 39 -3.94 -3.00 -6.40
C PHE A 39 -5.36 -2.53 -6.04
N ASP A 40 -5.55 -2.04 -4.82
CA ASP A 40 -6.85 -1.50 -4.37
C ASP A 40 -7.28 -0.25 -5.18
N ASP A 41 -6.32 0.47 -5.77
CA ASP A 41 -6.59 1.60 -6.65
C ASP A 41 -7.22 1.19 -8.01
N GLY A 42 -7.36 -0.12 -8.25
CA GLY A 42 -8.14 -0.72 -9.33
C GLY A 42 -7.32 -1.38 -10.45
N TYR A 43 -5.99 -1.34 -10.34
CA TYR A 43 -5.03 -1.74 -11.38
C TYR A 43 -4.47 -3.17 -11.14
N GLU A 44 -3.92 -3.81 -12.17
CA GLU A 44 -3.20 -5.10 -12.04
C GLU A 44 -1.86 -5.09 -12.79
N CYS A 45 -0.81 -5.66 -12.17
CA CYS A 45 0.50 -5.90 -12.79
C CYS A 45 1.21 -7.13 -12.19
N ASP A 46 2.18 -7.73 -12.89
CA ASP A 46 3.08 -8.75 -12.37
C ASP A 46 4.22 -8.06 -11.59
N VAL A 47 4.48 -8.50 -10.36
CA VAL A 47 5.48 -7.92 -9.46
C VAL A 47 6.38 -9.04 -8.92
N LEU A 48 7.71 -8.86 -8.91
CA LEU A 48 8.62 -9.87 -8.35
C LEU A 48 8.53 -9.95 -6.82
N GLY A 49 8.80 -11.13 -6.25
CA GLY A 49 8.71 -11.39 -4.81
C GLY A 49 9.47 -10.38 -3.95
N LYS A 50 10.65 -9.96 -4.41
CA LYS A 50 11.45 -8.93 -3.73
C LYS A 50 10.67 -7.62 -3.52
N ASP A 51 9.79 -7.30 -4.46
CA ASP A 51 9.00 -6.07 -4.52
C ASP A 51 7.58 -6.21 -3.92
N ILE A 52 7.30 -7.20 -3.05
CA ILE A 52 5.99 -7.39 -2.40
C ILE A 52 6.19 -7.70 -0.91
N LEU A 53 5.42 -7.03 -0.05
CA LEU A 53 5.55 -6.96 1.40
C LEU A 53 4.27 -7.54 2.02
N LEU A 54 4.34 -8.68 2.70
CA LEU A 54 3.16 -9.46 3.11
C LEU A 54 2.86 -9.56 4.61
N CYS A 55 3.68 -8.93 5.45
CA CYS A 55 3.51 -8.84 6.91
C CYS A 55 3.51 -7.35 7.29
N ASP A 56 2.78 -6.55 6.50
CA ASP A 56 2.89 -5.09 6.46
C ASP A 56 1.69 -4.26 6.95
N PRO A 57 1.40 -4.25 8.27
CA PRO A 57 0.61 -3.17 8.83
C PRO A 57 1.58 -1.98 8.84
N ILE A 58 1.23 -0.83 8.23
CA ILE A 58 2.18 0.25 7.97
C ILE A 58 2.78 0.73 9.30
N PRO A 59 4.10 0.62 9.52
CA PRO A 59 4.69 0.88 10.82
C PRO A 59 4.52 2.33 11.21
N LEU A 60 4.03 2.52 12.44
CA LEU A 60 3.96 3.81 13.06
C LEU A 60 5.37 4.44 13.12
N ASP A 61 5.45 5.77 13.07
CA ASP A 61 6.64 6.59 12.87
C ASP A 61 7.27 6.50 11.46
N THR A 62 6.70 5.74 10.50
CA THR A 62 7.12 5.81 9.09
C THR A 62 6.39 6.92 8.33
N GLU A 63 7.07 7.50 7.35
CA GLU A 63 6.54 8.58 6.51
C GLU A 63 5.80 8.01 5.30
N VAL A 64 4.64 8.59 5.00
CA VAL A 64 3.67 8.07 4.02
C VAL A 64 2.89 9.20 3.33
N THR A 65 2.38 8.92 2.14
CA THR A 65 1.42 9.80 1.46
C THR A 65 0.00 9.36 1.84
N ALA A 66 -0.88 10.34 2.08
CA ALA A 66 -2.26 10.17 2.51
C ALA A 66 -3.21 10.79 1.45
N LEU A 67 -4.36 10.14 1.22
CA LEU A 67 -5.38 10.52 0.23
C LEU A 67 -6.78 10.66 0.86
N SER A 68 -7.51 11.73 0.55
CA SER A 68 -8.78 12.05 1.20
C SER A 68 -9.98 11.75 0.29
N GLU A 69 -11.17 11.53 0.86
CA GLU A 69 -12.42 11.32 0.10
C GLU A 69 -12.84 12.54 -0.73
N ASP A 70 -12.39 13.75 -0.32
CA ASP A 70 -12.52 15.00 -1.08
C ASP A 70 -11.41 15.18 -2.16
N GLU A 71 -10.63 14.12 -2.40
CA GLU A 71 -9.62 13.91 -3.46
C GLU A 71 -8.21 14.49 -3.19
N TYR A 72 -8.01 15.25 -2.10
CA TYR A 72 -6.68 15.77 -1.74
C TYR A 72 -5.64 14.65 -1.61
N PHE A 73 -4.38 14.96 -1.95
CA PHE A 73 -3.23 14.08 -1.77
C PHE A 73 -2.06 14.87 -1.14
N SER A 74 -1.50 14.33 -0.07
CA SER A 74 -0.49 14.99 0.77
C SER A 74 0.42 13.98 1.49
N ALA A 75 1.42 14.39 2.27
CA ALA A 75 2.25 13.46 3.04
C ALA A 75 2.40 13.83 4.52
N GLY A 76 2.67 12.80 5.34
CA GLY A 76 2.70 12.86 6.80
C GLY A 76 3.26 11.55 7.39
N VAL A 77 3.01 11.29 8.67
CA VAL A 77 3.66 10.16 9.39
C VAL A 77 2.64 9.37 10.18
N VAL A 78 2.70 8.06 10.11
CA VAL A 78 1.77 7.21 10.84
C VAL A 78 1.96 7.38 12.36
N LYS A 79 0.90 7.62 13.14
CA LYS A 79 0.92 7.64 14.63
C LYS A 79 -0.32 6.95 15.28
N GLY A 80 -1.05 6.10 14.55
CA GLY A 80 -2.11 5.25 15.09
C GLY A 80 -2.73 4.25 14.11
N HIS A 81 -3.64 3.41 14.61
CA HIS A 81 -4.32 2.31 13.91
C HIS A 81 -5.81 2.20 14.29
N ARG A 82 -6.63 1.75 13.33
CA ARG A 82 -8.05 1.43 13.49
C ARG A 82 -8.42 0.24 12.61
N LYS A 83 -9.50 -0.45 12.94
CA LYS A 83 -10.14 -1.49 12.11
C LYS A 83 -11.62 -1.16 11.91
N GLU A 84 -12.14 -1.37 10.70
CA GLU A 84 -13.55 -1.13 10.38
C GLU A 84 -14.15 -2.28 9.56
N SER A 85 -14.96 -3.14 10.21
CA SER A 85 -15.72 -4.25 9.59
C SER A 85 -14.93 -5.15 8.61
N GLY A 86 -13.65 -5.40 8.90
CA GLY A 86 -12.75 -6.24 8.08
C GLY A 86 -11.71 -5.47 7.24
N GLU A 87 -11.53 -4.17 7.49
CA GLU A 87 -10.61 -3.27 6.77
C GLU A 87 -9.77 -2.48 7.79
N LEU A 88 -8.61 -2.00 7.37
CA LEU A 88 -7.57 -1.42 8.21
C LEU A 88 -7.37 0.07 7.91
N TYR A 89 -7.05 0.81 8.96
CA TYR A 89 -6.95 2.27 8.99
C TYR A 89 -5.72 2.74 9.77
N TYR A 90 -5.31 3.97 9.50
CA TYR A 90 -4.07 4.57 9.98
C TYR A 90 -4.31 6.02 10.35
N SER A 91 -3.96 6.40 11.58
CA SER A 91 -3.93 7.81 11.94
C SER A 91 -2.60 8.33 11.42
N ILE A 92 -2.65 9.25 10.47
CA ILE A 92 -1.48 9.93 9.93
C ILE A 92 -1.41 11.32 10.57
N GLU A 93 -0.26 11.72 11.08
CA GLU A 93 0.01 13.08 11.53
C GLU A 93 0.49 13.86 10.30
N LYS A 94 -0.40 14.71 9.79
CA LYS A 94 -0.26 15.38 8.49
C LYS A 94 -0.41 16.88 8.70
N GLU A 95 0.63 17.64 8.37
CA GLU A 95 0.77 19.07 8.70
C GLU A 95 0.57 19.36 10.22
N GLY A 96 0.93 18.37 11.06
CA GLY A 96 0.80 18.46 12.54
C GLY A 96 -0.56 17.98 13.09
N GLN A 97 -1.36 17.26 12.30
CA GLN A 97 -2.76 16.92 12.60
C GLN A 97 -2.95 15.41 12.52
N ARG A 98 -3.40 14.75 13.60
CA ARG A 98 -3.63 13.29 13.61
C ARG A 98 -4.99 13.00 12.96
N LYS A 99 -4.91 12.47 11.74
CA LYS A 99 -6.04 12.36 10.79
C LYS A 99 -6.18 10.92 10.32
N TRP A 100 -7.39 10.37 10.34
CA TRP A 100 -7.66 8.98 9.95
C TRP A 100 -7.71 8.83 8.43
N TYR A 101 -6.84 7.96 7.92
CA TYR A 101 -6.78 7.54 6.53
C TYR A 101 -6.90 6.01 6.39
N LYS A 102 -7.37 5.54 5.25
CA LYS A 102 -7.58 4.11 4.96
C LYS A 102 -6.24 3.44 4.64
N ARG A 103 -6.12 2.12 4.83
CA ARG A 103 -4.98 1.31 4.35
C ARG A 103 -4.57 1.66 2.91
N MET A 104 -5.52 1.57 1.97
CA MET A 104 -5.24 1.89 0.56
C MET A 104 -5.05 3.39 0.28
N ALA A 105 -5.44 4.24 1.24
CA ALA A 105 -5.24 5.68 1.16
C ALA A 105 -3.89 6.12 1.74
N VAL A 106 -3.13 5.19 2.34
CA VAL A 106 -1.80 5.40 2.92
C VAL A 106 -0.77 4.67 2.05
N ILE A 107 -0.21 5.39 1.09
CA ILE A 107 0.71 4.87 0.07
C ILE A 107 2.17 5.17 0.47
N LEU A 108 3.11 4.29 0.10
CA LEU A 108 4.50 4.26 0.55
C LEU A 108 5.44 4.53 -0.65
N SER A 109 6.49 5.35 -0.48
CA SER A 109 7.54 5.43 -1.50
C SER A 109 8.36 4.14 -1.51
N LEU A 110 9.12 3.88 -2.58
CA LEU A 110 10.09 2.78 -2.59
C LEU A 110 11.11 2.89 -1.45
N GLU A 111 11.53 4.10 -1.09
CA GLU A 111 12.58 4.28 -0.06
C GLU A 111 12.01 4.02 1.34
N GLN A 112 10.74 4.35 1.56
CA GLN A 112 10.03 4.02 2.80
C GLN A 112 9.81 2.50 2.87
N GLY A 113 9.25 1.91 1.81
CA GLY A 113 9.01 0.47 1.67
C GLY A 113 10.28 -0.38 1.74
N ASN A 114 11.44 0.11 1.32
CA ASN A 114 12.73 -0.58 1.53
C ASN A 114 13.02 -0.88 3.01
N ARG A 115 12.72 0.04 3.96
CA ARG A 115 12.86 -0.24 5.42
C ARG A 115 12.06 -1.46 5.87
N LEU A 116 10.96 -1.74 5.17
CA LEU A 116 10.07 -2.86 5.42
C LEU A 116 10.47 -4.10 4.62
N ARG A 117 11.06 -3.92 3.42
CA ARG A 117 11.32 -4.96 2.42
C ARG A 117 12.17 -6.09 2.99
N GLU A 118 13.16 -5.72 3.79
CA GLU A 118 14.06 -6.63 4.51
C GLU A 118 13.37 -7.68 5.37
N GLN A 119 12.19 -7.38 5.92
CA GLN A 119 11.50 -8.22 6.87
C GLN A 119 10.22 -8.82 6.26
N TYR A 120 9.58 -8.06 5.36
CA TYR A 120 8.24 -8.36 4.81
C TYR A 120 8.26 -8.93 3.38
N GLY A 121 9.38 -8.79 2.66
CA GLY A 121 9.58 -9.27 1.30
C GLY A 121 9.19 -10.74 1.08
N LEU A 122 8.56 -11.07 -0.06
CA LEU A 122 8.28 -12.48 -0.42
C LEU A 122 9.56 -13.21 -0.85
N GLY A 123 10.42 -12.44 -1.52
CA GLY A 123 11.61 -12.90 -2.24
C GLY A 123 12.83 -11.98 -2.09
N SER B 1 -8.14 22.68 -12.88
CA SER B 1 -6.97 21.90 -12.39
C SER B 1 -7.20 21.36 -10.97
N THR B 2 -6.39 20.38 -10.53
CA THR B 2 -6.44 19.77 -9.19
C THR B 2 -5.07 19.24 -8.76
N SER B 3 -4.84 19.11 -7.46
CA SER B 3 -3.67 18.40 -6.90
C SER B 3 -3.85 16.90 -7.09
N ARG B 4 -2.91 16.20 -7.74
CA ARG B 4 -2.92 14.73 -7.84
C ARG B 4 -1.51 14.13 -7.95
N HIS B 5 -1.39 12.87 -7.54
CA HIS B 5 -0.13 12.12 -7.41
C HIS B 5 0.58 11.90 -8.76
N LYS B 6 1.88 11.53 -8.69
CA LYS B 6 2.70 11.17 -9.86
C LYS B 6 2.18 9.97 -10.67
N MLY B 7 1.34 9.12 -10.08
CA MLY B 7 0.65 8.01 -10.75
CB MLY B 7 1.51 6.75 -10.58
CG MLY B 7 1.05 5.59 -11.50
CD MLY B 7 0.65 4.30 -10.76
CE MLY B 7 -0.69 4.36 -10.00
NZ MLY B 7 -1.23 3.01 -9.70
CH1 MLY B 7 -0.49 2.21 -8.69
CH2 MLY B 7 -1.70 2.23 -10.88
C MLY B 7 -0.77 7.76 -10.23
O MLY B 7 -1.67 7.55 -11.04
H MLY B 7 1.19 9.24 -9.09
HA MLY B 7 0.58 8.24 -11.82
HB2 MLY B 7 2.55 6.99 -10.83
HB3 MLY B 7 1.48 6.43 -9.54
HG2 MLY B 7 1.89 5.34 -12.16
HG3 MLY B 7 0.25 5.91 -12.16
HD2 MLY B 7 0.57 3.54 -11.53
HD3 MLY B 7 1.44 4.00 -10.08
HE2 MLY B 7 -1.42 4.91 -10.61
HE3 MLY B 7 -0.54 4.93 -9.08
HH11 MLY B 7 -0.42 2.76 -7.76
HH12 MLY B 7 -1.02 1.28 -8.47
HH13 MLY B 7 0.51 1.96 -9.04
HH21 MLY B 7 -2.21 1.32 -10.53
HH22 MLY B 7 -2.40 2.81 -11.48
HH23 MLY B 7 -0.88 1.92 -11.51
HZ MLY B 7 -2.15 3.17 -9.22
N LEU B 8 -0.96 7.75 -8.90
CA LEU B 8 -2.24 7.39 -8.26
C LEU B 8 -3.40 8.29 -8.72
N MET B 9 -4.30 7.72 -9.53
CA MET B 9 -5.62 8.27 -9.90
C MET B 9 -6.47 7.23 -10.67
N PHE B 10 -7.79 7.36 -10.57
CA PHE B 10 -8.79 6.41 -11.06
C PHE B 10 -10.19 7.06 -11.15
N LYS B 11 -11.09 6.46 -11.95
CA LYS B 11 -12.51 6.86 -12.02
C LYS B 11 -13.25 6.66 -10.68
N THR B 12 -14.30 7.45 -10.46
CA THR B 12 -15.13 7.47 -9.23
C THR B 12 -16.62 7.65 -9.58
N GLY A 1 -6.53 -27.12 8.08
CA GLY A 1 -5.70 -25.89 7.98
C GLY A 1 -6.54 -24.64 7.74
N HIS A 2 -5.89 -23.46 7.75
CA HIS A 2 -6.54 -22.13 7.65
C HIS A 2 -5.79 -21.16 6.70
N MET A 3 -4.83 -21.66 5.91
CA MET A 3 -3.89 -20.86 5.12
C MET A 3 -3.65 -21.42 3.70
N ASN A 4 -3.06 -20.58 2.85
CA ASN A 4 -2.70 -20.86 1.45
C ASN A 4 -1.41 -20.17 1.06
N SER A 5 -0.89 -20.59 -0.09
CA SER A 5 0.15 -19.85 -0.78
C SER A 5 -0.33 -18.41 -0.98
N PHE A 6 0.63 -17.49 -1.09
CA PHE A 6 0.52 -16.09 -1.48
C PHE A 6 -0.82 -15.68 -2.11
N VAL A 7 -1.18 -16.32 -3.22
CA VAL A 7 -2.45 -16.22 -3.93
C VAL A 7 -3.67 -16.27 -3.00
N GLY A 8 -4.20 -15.08 -2.71
CA GLY A 8 -5.38 -14.84 -1.87
C GLY A 8 -5.12 -13.88 -0.71
N LEU A 9 -3.85 -13.69 -0.30
CA LEU A 9 -3.44 -12.84 0.83
C LEU A 9 -3.42 -11.35 0.46
N ARG A 10 -3.87 -10.50 1.40
CA ARG A 10 -3.73 -9.03 1.34
C ARG A 10 -2.31 -8.63 1.74
N VAL A 11 -1.65 -7.82 0.92
CA VAL A 11 -0.23 -7.44 1.01
C VAL A 11 -0.04 -6.03 0.41
N VAL A 12 1.16 -5.45 0.46
CA VAL A 12 1.48 -4.16 -0.21
C VAL A 12 2.57 -4.40 -1.24
N ALA A 13 2.46 -3.83 -2.44
CA ALA A 13 3.33 -4.14 -3.58
C ALA A 13 3.81 -2.88 -4.28
N LYS A 14 4.94 -2.97 -4.99
CA LYS A 14 5.42 -1.88 -5.84
C LYS A 14 4.77 -1.96 -7.21
N TRP A 15 4.12 -0.87 -7.63
CA TRP A 15 3.68 -0.73 -9.02
C TRP A 15 4.91 -0.46 -9.93
N SER A 16 4.94 -1.11 -11.11
CA SER A 16 6.08 -1.10 -12.04
C SER A 16 6.33 0.27 -12.71
N SER A 17 7.27 0.32 -13.67
CA SER A 17 7.79 1.59 -14.25
C SER A 17 8.29 2.58 -13.17
N ASN A 18 8.95 2.01 -12.15
CA ASN A 18 9.47 2.69 -10.95
C ASN A 18 8.44 3.58 -10.20
N GLY A 19 7.27 3.02 -9.85
CA GLY A 19 6.27 3.70 -9.02
C GLY A 19 6.53 3.60 -7.51
N TYR A 20 5.45 3.77 -6.74
CA TYR A 20 5.40 3.69 -5.26
C TYR A 20 4.73 2.36 -4.85
N PHE A 21 4.47 2.18 -3.55
CA PHE A 21 3.97 0.94 -2.95
C PHE A 21 2.51 1.12 -2.52
N TYR A 22 1.64 0.23 -3.02
CA TYR A 22 0.19 0.32 -2.94
C TYR A 22 -0.39 -1.00 -2.40
N SER A 23 -1.48 -0.96 -1.61
CA SER A 23 -2.08 -2.18 -1.06
C SER A 23 -2.84 -2.97 -2.12
N GLY A 24 -2.89 -4.29 -1.96
CA GLY A 24 -3.49 -5.21 -2.94
C GLY A 24 -3.59 -6.65 -2.44
N LYS A 25 -3.97 -7.57 -3.33
CA LYS A 25 -4.08 -9.02 -3.06
C LYS A 25 -3.32 -9.79 -4.13
N ILE A 26 -2.54 -10.81 -3.74
CA ILE A 26 -1.93 -11.71 -4.75
C ILE A 26 -3.06 -12.49 -5.42
N THR A 27 -3.16 -12.44 -6.74
CA THR A 27 -4.27 -13.05 -7.52
C THR A 27 -3.84 -14.33 -8.25
N ARG A 28 -2.53 -14.43 -8.54
CA ARG A 28 -1.88 -15.56 -9.21
C ARG A 28 -0.35 -15.48 -9.07
N ASP A 29 0.34 -16.58 -9.33
CA ASP A 29 1.80 -16.67 -9.41
C ASP A 29 2.20 -16.66 -10.89
N VAL A 30 2.65 -15.50 -11.36
CA VAL A 30 2.95 -15.25 -12.78
C VAL A 30 4.03 -16.23 -13.28
N GLY A 31 5.12 -16.30 -12.52
CA GLY A 31 6.25 -17.20 -12.75
C GLY A 31 7.58 -16.53 -12.41
N ALA A 32 8.68 -17.28 -12.36
CA ALA A 32 10.05 -16.79 -12.13
C ALA A 32 10.31 -16.05 -10.79
N GLY A 33 9.29 -15.86 -9.95
CA GLY A 33 9.29 -15.01 -8.76
C GLY A 33 8.28 -13.87 -8.84
N LYS A 34 7.71 -13.55 -10.02
CA LYS A 34 6.67 -12.55 -10.21
C LYS A 34 5.31 -13.11 -9.88
N TYR A 35 4.58 -12.42 -9.02
CA TYR A 35 3.23 -12.78 -8.60
C TYR A 35 2.30 -11.63 -9.05
N LYS A 36 1.14 -11.97 -9.61
CA LYS A 36 0.11 -11.04 -10.10
C LYS A 36 -0.58 -10.38 -8.90
N LEU A 37 -0.66 -9.05 -8.87
CA LEU A 37 -1.20 -8.27 -7.75
C LEU A 37 -2.33 -7.34 -8.18
N LEU A 38 -3.53 -7.59 -7.64
CA LEU A 38 -4.69 -6.70 -7.72
C LEU A 38 -4.62 -5.64 -6.64
N PHE A 39 -4.29 -4.42 -7.02
CA PHE A 39 -4.28 -3.26 -6.15
C PHE A 39 -5.71 -2.84 -5.74
N ASP A 40 -5.86 -2.30 -4.52
CA ASP A 40 -7.11 -1.66 -4.09
C ASP A 40 -7.51 -0.45 -4.95
N ASP A 41 -6.53 0.19 -5.59
CA ASP A 41 -6.71 1.24 -6.61
C ASP A 41 -7.49 0.72 -7.85
N GLY A 42 -7.60 -0.61 -8.01
CA GLY A 42 -8.40 -1.30 -9.02
C GLY A 42 -7.59 -1.90 -10.19
N TYR A 43 -6.26 -1.79 -10.12
CA TYR A 43 -5.29 -2.18 -11.14
C TYR A 43 -4.74 -3.60 -10.92
N GLU A 44 -4.20 -4.24 -11.96
CA GLU A 44 -3.47 -5.51 -11.86
C GLU A 44 -2.17 -5.47 -12.69
N CYS A 45 -1.07 -5.90 -12.07
CA CYS A 45 0.22 -6.09 -12.74
C CYS A 45 1.03 -7.21 -12.05
N ASP A 46 2.12 -7.61 -12.70
CA ASP A 46 3.08 -8.60 -12.24
C ASP A 46 4.14 -7.91 -11.36
N VAL A 47 4.39 -8.41 -10.16
CA VAL A 47 5.35 -7.83 -9.22
C VAL A 47 6.26 -8.94 -8.68
N LEU A 48 7.58 -8.77 -8.72
CA LEU A 48 8.53 -9.73 -8.16
C LEU A 48 8.36 -9.89 -6.65
N GLY A 49 8.62 -11.10 -6.13
CA GLY A 49 8.51 -11.41 -4.70
C GLY A 49 9.22 -10.40 -3.80
N LYS A 50 10.42 -9.95 -4.19
CA LYS A 50 11.15 -8.94 -3.41
C LYS A 50 10.36 -7.65 -3.20
N ASP A 51 9.55 -7.31 -4.21
CA ASP A 51 8.79 -6.06 -4.36
C ASP A 51 7.34 -6.16 -3.84
N ILE A 52 7.04 -7.17 -3.02
CA ILE A 52 5.75 -7.34 -2.34
C ILE A 52 6.02 -7.60 -0.86
N LEU A 53 5.14 -7.10 0.01
CA LEU A 53 5.31 -6.97 1.45
C LEU A 53 4.12 -7.59 2.17
N LEU A 54 4.30 -8.72 2.83
CA LEU A 54 3.17 -9.51 3.36
C LEU A 54 2.98 -9.53 4.89
N CYS A 55 3.84 -8.81 5.60
CA CYS A 55 3.76 -8.61 7.05
C CYS A 55 3.71 -7.10 7.31
N ASP A 56 2.90 -6.39 6.52
CA ASP A 56 2.92 -4.94 6.42
C ASP A 56 1.63 -4.19 6.80
N PRO A 57 1.16 -4.30 8.06
CA PRO A 57 0.25 -3.30 8.59
C PRO A 57 1.16 -2.06 8.71
N ILE A 58 0.80 -0.92 8.10
CA ILE A 58 1.75 0.20 7.91
C ILE A 58 2.32 0.67 9.27
N PRO A 59 3.63 0.53 9.51
CA PRO A 59 4.19 0.77 10.83
C PRO A 59 4.07 2.24 11.22
N LEU A 60 3.58 2.45 12.43
CA LEU A 60 3.53 3.76 13.03
C LEU A 60 4.95 4.35 13.10
N ASP A 61 5.03 5.69 13.05
CA ASP A 61 6.27 6.47 12.88
C ASP A 61 6.91 6.35 11.48
N THR A 62 6.34 5.59 10.53
CA THR A 62 6.78 5.62 9.12
C THR A 62 6.10 6.75 8.35
N GLU A 63 6.84 7.33 7.41
CA GLU A 63 6.39 8.40 6.53
C GLU A 63 5.62 7.79 5.33
N VAL A 64 4.49 8.43 4.99
CA VAL A 64 3.52 7.95 4.01
C VAL A 64 2.81 9.11 3.31
N THR A 65 2.31 8.86 2.09
CA THR A 65 1.39 9.78 1.41
C THR A 65 -0.05 9.38 1.75
N ALA A 66 -0.92 10.38 1.88
CA ALA A 66 -2.32 10.26 2.24
C ALA A 66 -3.20 10.88 1.15
N LEU A 67 -4.31 10.22 0.80
CA LEU A 67 -5.32 10.65 -0.19
C LEU A 67 -6.70 10.85 0.45
N SER A 68 -7.39 11.94 0.09
CA SER A 68 -8.73 12.27 0.58
C SER A 68 -9.80 12.01 -0.50
N GLU A 69 -11.04 11.73 -0.09
CA GLU A 69 -12.18 11.59 -1.03
C GLU A 69 -12.48 12.90 -1.80
N ASP A 70 -12.13 14.06 -1.21
CA ASP A 70 -12.14 15.38 -1.87
C ASP A 70 -10.92 15.62 -2.79
N GLU A 71 -10.18 14.55 -3.09
CA GLU A 71 -9.12 14.38 -4.10
C GLU A 71 -7.69 14.85 -3.71
N TYR A 72 -7.51 15.54 -2.58
CA TYR A 72 -6.18 16.01 -2.16
C TYR A 72 -5.18 14.86 -1.96
N PHE A 73 -3.91 15.10 -2.29
CA PHE A 73 -2.78 14.20 -2.03
C PHE A 73 -1.61 14.97 -1.37
N SER A 74 -1.15 14.50 -0.21
CA SER A 74 0.01 15.06 0.50
C SER A 74 0.70 14.01 1.39
N ALA A 75 1.82 14.34 2.04
CA ALA A 75 2.58 13.39 2.86
C ALA A 75 2.69 13.78 4.35
N GLY A 76 2.83 12.75 5.19
CA GLY A 76 2.78 12.81 6.65
C GLY A 76 3.25 11.50 7.26
N VAL A 77 2.93 11.24 8.53
CA VAL A 77 3.50 10.09 9.28
C VAL A 77 2.44 9.37 10.06
N VAL A 78 2.46 8.04 10.01
CA VAL A 78 1.50 7.26 10.76
C VAL A 78 1.65 7.46 12.28
N LYS A 79 0.56 7.75 13.00
CA LYS A 79 0.49 7.89 14.48
C LYS A 79 -0.70 7.15 15.13
N GLY A 80 -1.44 6.31 14.39
CA GLY A 80 -2.52 5.48 14.95
C GLY A 80 -3.15 4.49 13.98
N HIS A 81 -4.05 3.65 14.50
CA HIS A 81 -4.80 2.59 13.79
C HIS A 81 -6.27 2.57 14.18
N ARG A 82 -7.14 2.19 13.24
CA ARG A 82 -8.59 2.01 13.44
C ARG A 82 -9.07 0.81 12.63
N LYS A 83 -10.11 0.14 13.12
CA LYS A 83 -10.85 -0.92 12.42
C LYS A 83 -12.32 -0.50 12.34
N GLU A 84 -12.92 -0.74 11.18
CA GLU A 84 -14.24 -0.23 10.82
C GLU A 84 -15.03 -1.31 10.07
N SER A 85 -15.94 -1.98 10.78
CA SER A 85 -16.84 -3.07 10.33
C SER A 85 -16.18 -4.35 9.76
N GLY A 86 -15.14 -4.20 8.94
CA GLY A 86 -14.33 -5.25 8.33
C GLY A 86 -13.16 -4.70 7.48
N GLU A 87 -12.70 -3.47 7.74
CA GLU A 87 -11.62 -2.81 6.98
C GLU A 87 -10.72 -1.98 7.90
N LEU A 88 -9.56 -1.56 7.40
CA LEU A 88 -8.44 -1.02 8.18
C LEU A 88 -8.09 0.43 7.83
N TYR A 89 -7.77 1.20 8.87
CA TYR A 89 -7.49 2.63 8.85
C TYR A 89 -6.20 2.97 9.59
N TYR A 90 -5.65 4.13 9.24
CA TYR A 90 -4.38 4.67 9.74
C TYR A 90 -4.58 6.15 10.05
N SER A 91 -4.29 6.55 11.28
CA SER A 91 -4.23 7.97 11.62
C SER A 91 -2.88 8.48 11.15
N ILE A 92 -2.89 9.38 10.18
CA ILE A 92 -1.69 10.03 9.64
C ILE A 92 -1.61 11.44 10.25
N GLU A 93 -0.45 11.81 10.77
CA GLU A 93 -0.13 13.17 11.19
C GLU A 93 0.40 13.92 9.97
N LYS A 94 -0.40 14.86 9.47
CA LYS A 94 -0.16 15.56 8.21
C LYS A 94 -0.29 17.06 8.46
N GLU A 95 0.77 17.82 8.21
CA GLU A 95 0.92 19.23 8.62
C GLU A 95 0.65 19.44 10.13
N GLY A 96 0.96 18.42 10.95
CA GLY A 96 0.76 18.43 12.41
C GLY A 96 -0.64 18.00 12.87
N GLN A 97 -1.45 17.41 11.99
CA GLN A 97 -2.87 17.08 12.23
C GLN A 97 -3.06 15.56 12.17
N ARG A 98 -3.51 14.91 13.24
CA ARG A 98 -3.76 13.45 13.27
C ARG A 98 -5.12 13.18 12.64
N LYS A 99 -5.08 12.65 11.41
CA LYS A 99 -6.21 12.53 10.48
C LYS A 99 -6.37 11.09 9.99
N TRP A 100 -7.58 10.56 9.99
CA TRP A 100 -7.84 9.17 9.56
C TRP A 100 -7.85 9.04 8.04
N TYR A 101 -7.03 8.13 7.55
CA TYR A 101 -6.98 7.68 6.15
C TYR A 101 -7.10 6.16 6.05
N LYS A 102 -7.56 5.65 4.91
CA LYS A 102 -7.80 4.21 4.66
C LYS A 102 -6.50 3.49 4.35
N ARG A 103 -6.43 2.15 4.52
CA ARG A 103 -5.32 1.28 4.04
C ARG A 103 -4.84 1.68 2.64
N MET A 104 -5.77 1.65 1.68
CA MET A 104 -5.50 1.99 0.28
C MET A 104 -5.18 3.47 0.03
N ALA A 105 -5.62 4.38 0.91
CA ALA A 105 -5.38 5.82 0.81
C ALA A 105 -4.05 6.20 1.49
N VAL A 106 -3.40 5.28 2.20
CA VAL A 106 -2.10 5.46 2.86
C VAL A 106 -1.05 4.69 2.08
N ILE A 107 -0.38 5.40 1.18
CA ILE A 107 0.54 4.83 0.19
C ILE A 107 1.98 5.09 0.63
N LEU A 108 2.86 4.11 0.40
CA LEU A 108 4.25 4.13 0.85
C LEU A 108 5.13 4.59 -0.33
N SER A 109 5.81 5.73 -0.18
CA SER A 109 6.82 6.21 -1.14
C SER A 109 7.89 5.13 -1.37
N LEU A 110 8.51 5.05 -2.54
CA LEU A 110 9.41 3.92 -2.86
C LEU A 110 10.58 3.76 -1.88
N GLU A 111 11.09 4.86 -1.36
CA GLU A 111 12.16 4.88 -0.36
C GLU A 111 11.69 4.26 0.98
N GLN A 112 10.42 4.46 1.34
CA GLN A 112 9.77 3.83 2.48
C GLN A 112 9.62 2.32 2.22
N GLY A 113 8.98 1.95 1.11
CA GLY A 113 8.77 0.54 0.72
C GLY A 113 10.06 -0.28 0.67
N ASN A 114 11.17 0.34 0.26
CA ASN A 114 12.51 -0.23 0.35
C ASN A 114 12.88 -0.69 1.76
N ARG A 115 12.73 0.19 2.77
CA ARG A 115 12.97 -0.11 4.19
C ARG A 115 12.09 -1.25 4.73
N LEU A 116 11.06 -1.65 3.98
CA LEU A 116 10.19 -2.77 4.32
C LEU A 116 10.53 -4.04 3.51
N ARG A 117 11.08 -3.93 2.28
CA ARG A 117 11.47 -5.11 1.46
C ARG A 117 12.39 -6.05 2.22
N GLU A 118 13.31 -5.49 3.00
CA GLU A 118 14.27 -6.23 3.82
C GLU A 118 13.65 -7.20 4.84
N GLN A 119 12.47 -6.88 5.39
CA GLN A 119 11.86 -7.56 6.50
C GLN A 119 10.60 -8.32 6.07
N TYR A 120 9.86 -7.71 5.15
CA TYR A 120 8.51 -8.14 4.71
C TYR A 120 8.47 -8.69 3.28
N GLY A 121 9.56 -8.54 2.52
CA GLY A 121 9.71 -9.03 1.15
C GLY A 121 9.33 -10.51 1.02
N LEU A 122 8.48 -10.86 0.05
CA LEU A 122 8.13 -12.26 -0.22
C LEU A 122 9.33 -13.07 -0.72
N GLY A 123 10.18 -12.36 -1.46
CA GLY A 123 11.30 -12.91 -2.25
C GLY A 123 12.59 -12.09 -2.19
N SER B 1 -2.70 18.47 -12.76
CA SER B 1 -2.00 19.78 -12.72
C SER B 1 -1.08 19.93 -11.49
N THR B 2 -1.61 20.14 -10.27
CA THR B 2 -0.79 20.53 -9.09
C THR B 2 -1.01 19.67 -7.83
N SER B 3 -2.16 18.99 -7.69
CA SER B 3 -2.56 18.33 -6.43
C SER B 3 -3.05 16.88 -6.61
N ARG B 4 -2.45 16.11 -7.53
CA ARG B 4 -2.71 14.66 -7.68
C ARG B 4 -1.40 13.89 -7.92
N HIS B 5 -1.38 12.62 -7.50
CA HIS B 5 -0.23 11.72 -7.59
C HIS B 5 0.23 11.48 -9.06
N LYS B 6 1.49 11.04 -9.25
CA LYS B 6 2.06 10.73 -10.58
C LYS B 6 1.30 9.64 -11.35
N MLY B 7 0.55 8.77 -10.66
CA MLY B 7 -0.37 7.80 -11.29
CB MLY B 7 0.39 6.48 -11.57
CG MLY B 7 0.92 5.73 -10.33
CD MLY B 7 0.38 4.29 -10.20
CE MLY B 7 -1.10 4.22 -9.78
NZ MLY B 7 -1.64 2.83 -9.67
CH1 MLY B 7 -1.04 1.97 -8.61
CH2 MLY B 7 -1.83 2.14 -10.98
C MLY B 7 -1.69 7.53 -10.55
O MLY B 7 -2.67 7.22 -11.21
H MLY B 7 0.57 8.85 -9.65
HA MLY B 7 -0.66 8.21 -12.26
HB2 MLY B 7 1.24 6.72 -12.22
HB3 MLY B 7 -0.26 5.84 -12.16
HG2 MLY B 7 0.69 6.29 -9.41
HG3 MLY B 7 2.01 5.68 -10.41
HD2 MLY B 7 0.98 3.77 -9.45
HD3 MLY B 7 0.52 3.78 -11.17
HE2 MLY B 7 -1.18 4.72 -8.81
HE3 MLY B 7 -1.70 4.78 -10.49
HH11 MLY B 7 -0.01 1.71 -8.84
HH12 MLY B 7 -1.05 2.48 -7.65
HH13 MLY B 7 -1.60 1.04 -8.50
HH21 MLY B 7 -0.89 2.07 -11.53
HH22 MLY B 7 -2.53 2.69 -11.61
HH23 MLY B 7 -2.22 1.13 -10.84
HZ MLY B 7 -2.62 2.98 -9.34
N LEU B 8 -1.73 7.61 -9.20
CA LEU B 8 -2.92 7.19 -8.44
C LEU B 8 -4.03 8.25 -8.36
N MET B 9 -5.28 7.80 -8.52
CA MET B 9 -6.52 8.50 -8.16
C MET B 9 -7.76 7.60 -8.36
N PHE B 10 -8.62 7.55 -7.35
CA PHE B 10 -9.81 6.69 -7.27
C PHE B 10 -11.04 7.30 -7.99
N LYS B 11 -12.19 6.61 -7.89
CA LYS B 11 -13.52 7.05 -8.42
C LYS B 11 -14.49 7.44 -7.29
N THR B 12 -13.93 7.90 -6.16
CA THR B 12 -14.61 8.40 -4.95
C THR B 12 -15.60 9.55 -5.24
N GLY A 1 -10.53 -21.80 9.12
CA GLY A 1 -9.75 -21.38 7.93
C GLY A 1 -8.25 -21.34 8.21
N HIS A 2 -7.44 -21.21 7.14
CA HIS A 2 -5.97 -21.13 7.19
C HIS A 2 -5.40 -20.27 6.05
N MET A 3 -4.11 -19.95 6.12
CA MET A 3 -3.35 -19.26 5.07
C MET A 3 -3.27 -20.06 3.75
N ASN A 4 -2.85 -19.40 2.67
CA ASN A 4 -2.68 -19.97 1.33
C ASN A 4 -1.38 -19.46 0.68
N SER A 5 -1.01 -20.11 -0.43
CA SER A 5 0.23 -19.95 -1.21
C SER A 5 0.40 -18.61 -1.90
N PHE A 6 0.50 -17.52 -1.12
CA PHE A 6 0.51 -16.11 -1.55
C PHE A 6 -0.85 -15.68 -2.11
N VAL A 7 -1.35 -16.46 -3.05
CA VAL A 7 -2.54 -16.22 -3.84
C VAL A 7 -3.80 -16.20 -2.96
N GLY A 8 -4.33 -15.00 -2.78
CA GLY A 8 -5.49 -14.69 -1.94
C GLY A 8 -5.20 -13.62 -0.85
N LEU A 9 -3.94 -13.49 -0.43
CA LEU A 9 -3.50 -12.61 0.66
C LEU A 9 -3.50 -11.12 0.32
N ARG A 10 -4.02 -10.29 1.23
CA ARG A 10 -3.89 -8.81 1.20
C ARG A 10 -2.48 -8.43 1.65
N VAL A 11 -1.76 -7.68 0.82
CA VAL A 11 -0.34 -7.32 0.96
C VAL A 11 -0.11 -5.91 0.37
N VAL A 12 1.12 -5.40 0.36
CA VAL A 12 1.47 -4.12 -0.30
C VAL A 12 2.58 -4.37 -1.32
N ALA A 13 2.55 -3.74 -2.49
CA ALA A 13 3.49 -4.04 -3.58
C ALA A 13 3.91 -2.79 -4.35
N LYS A 14 5.04 -2.88 -5.06
CA LYS A 14 5.50 -1.79 -5.94
C LYS A 14 4.85 -1.92 -7.32
N TRP A 15 4.15 -0.87 -7.75
CA TRP A 15 3.65 -0.76 -9.13
C TRP A 15 4.84 -0.72 -10.09
N SER A 16 4.89 -1.68 -11.02
CA SER A 16 6.07 -2.01 -11.84
C SER A 16 6.65 -0.94 -12.76
N SER A 17 5.93 0.16 -13.08
CA SER A 17 6.46 1.30 -13.86
C SER A 17 7.39 2.21 -13.05
N ASN A 18 8.32 1.60 -12.29
CA ASN A 18 9.23 2.21 -11.31
C ASN A 18 8.56 3.24 -10.37
N GLY A 19 7.38 2.88 -9.82
CA GLY A 19 6.57 3.78 -8.99
C GLY A 19 6.79 3.64 -7.47
N TYR A 20 5.71 3.85 -6.73
CA TYR A 20 5.61 3.75 -5.26
C TYR A 20 4.86 2.44 -4.90
N PHE A 21 4.53 2.24 -3.62
CA PHE A 21 3.99 1.01 -3.07
C PHE A 21 2.52 1.18 -2.64
N TYR A 22 1.66 0.29 -3.14
CA TYR A 22 0.20 0.37 -3.01
C TYR A 22 -0.34 -0.95 -2.44
N SER A 23 -1.42 -0.91 -1.63
CA SER A 23 -2.03 -2.15 -1.11
C SER A 23 -2.80 -2.90 -2.22
N GLY A 24 -2.87 -4.23 -2.09
CA GLY A 24 -3.49 -5.10 -3.08
C GLY A 24 -3.60 -6.55 -2.63
N LYS A 25 -4.05 -7.45 -3.50
CA LYS A 25 -4.16 -8.90 -3.23
C LYS A 25 -3.31 -9.66 -4.24
N ILE A 26 -2.52 -10.64 -3.81
CA ILE A 26 -1.86 -11.54 -4.77
C ILE A 26 -2.96 -12.37 -5.45
N THR A 27 -3.07 -12.29 -6.77
CA THR A 27 -4.13 -12.94 -7.55
C THR A 27 -3.67 -14.23 -8.23
N ARG A 28 -2.36 -14.32 -8.52
CA ARG A 28 -1.69 -15.52 -9.09
C ARG A 28 -0.16 -15.39 -9.11
N ASP A 29 0.58 -16.43 -8.73
CA ASP A 29 2.02 -16.55 -8.96
C ASP A 29 2.34 -16.61 -10.46
N VAL A 30 2.81 -15.50 -11.03
CA VAL A 30 3.07 -15.37 -12.48
C VAL A 30 4.15 -16.38 -12.90
N GLY A 31 5.29 -16.38 -12.20
CA GLY A 31 6.40 -17.31 -12.39
C GLY A 31 7.74 -16.67 -12.06
N ALA A 32 8.79 -17.46 -11.88
CA ALA A 32 10.17 -17.03 -11.61
C ALA A 32 10.39 -16.13 -10.35
N GLY A 33 9.34 -15.86 -9.58
CA GLY A 33 9.32 -14.91 -8.47
C GLY A 33 8.41 -13.72 -8.71
N LYS A 34 7.81 -13.55 -9.91
CA LYS A 34 6.77 -12.56 -10.18
C LYS A 34 5.44 -13.11 -9.66
N TYR A 35 4.66 -12.27 -8.99
CA TYR A 35 3.29 -12.54 -8.56
C TYR A 35 2.38 -11.42 -9.08
N LYS A 36 1.22 -11.78 -9.64
CA LYS A 36 0.17 -10.88 -10.13
C LYS A 36 -0.52 -10.19 -8.95
N LEU A 37 -0.54 -8.86 -8.95
CA LEU A 37 -1.08 -8.03 -7.85
C LEU A 37 -2.21 -7.11 -8.33
N LEU A 38 -3.42 -7.39 -7.83
CA LEU A 38 -4.59 -6.53 -7.93
C LEU A 38 -4.56 -5.49 -6.82
N PHE A 39 -4.12 -4.29 -7.15
CA PHE A 39 -4.13 -3.14 -6.26
C PHE A 39 -5.55 -2.70 -5.92
N ASP A 40 -5.74 -2.15 -4.71
CA ASP A 40 -7.05 -1.67 -4.24
C ASP A 40 -7.58 -0.46 -5.03
N ASP A 41 -6.69 0.28 -5.69
CA ASP A 41 -7.09 1.33 -6.63
C ASP A 41 -7.78 0.80 -7.90
N GLY A 42 -7.75 -0.52 -8.11
CA GLY A 42 -8.46 -1.26 -9.17
C GLY A 42 -7.52 -1.83 -10.24
N TYR A 43 -6.23 -1.49 -10.19
CA TYR A 43 -5.24 -1.81 -11.21
C TYR A 43 -4.58 -3.19 -10.99
N GLU A 44 -3.99 -3.78 -12.03
CA GLU A 44 -3.22 -5.04 -11.93
C GLU A 44 -1.88 -4.94 -12.67
N CYS A 45 -0.82 -5.44 -12.03
CA CYS A 45 0.50 -5.64 -12.65
C CYS A 45 1.23 -6.86 -12.05
N ASP A 46 2.16 -7.46 -12.79
CA ASP A 46 3.09 -8.46 -12.26
C ASP A 46 4.17 -7.76 -11.40
N VAL A 47 4.53 -8.32 -10.25
CA VAL A 47 5.54 -7.75 -9.32
C VAL A 47 6.44 -8.84 -8.78
N LEU A 48 7.76 -8.65 -8.83
CA LEU A 48 8.71 -9.61 -8.26
C LEU A 48 8.67 -9.65 -6.73
N GLY A 49 8.87 -10.84 -6.15
CA GLY A 49 8.64 -11.11 -4.74
C GLY A 49 9.32 -10.13 -3.79
N LYS A 50 10.50 -9.64 -4.13
CA LYS A 50 11.22 -8.67 -3.29
C LYS A 50 10.37 -7.43 -3.03
N ASP A 51 9.65 -7.04 -4.07
CA ASP A 51 8.81 -5.84 -4.18
C ASP A 51 7.35 -6.07 -3.72
N ILE A 52 7.07 -7.11 -2.95
CA ILE A 52 5.76 -7.37 -2.35
C ILE A 52 5.98 -7.68 -0.87
N LEU A 53 5.20 -7.02 -0.02
CA LEU A 53 5.33 -6.89 1.42
C LEU A 53 4.08 -7.50 2.06
N LEU A 54 4.21 -8.68 2.65
CA LEU A 54 3.03 -9.48 3.06
C LEU A 54 2.68 -9.46 4.55
N CYS A 55 3.52 -8.82 5.35
CA CYS A 55 3.35 -8.70 6.80
C CYS A 55 3.57 -7.23 7.21
N ASP A 56 2.97 -6.33 6.41
CA ASP A 56 3.12 -4.88 6.43
C ASP A 56 1.85 -4.12 6.86
N PRO A 57 1.33 -4.32 8.08
CA PRO A 57 0.40 -3.34 8.65
C PRO A 57 1.31 -2.11 8.84
N ILE A 58 0.98 -0.97 8.22
CA ILE A 58 1.93 0.14 8.05
C ILE A 58 2.48 0.61 9.42
N PRO A 59 3.79 0.45 9.69
CA PRO A 59 4.33 0.69 11.01
C PRO A 59 4.18 2.15 11.40
N LEU A 60 3.65 2.35 12.60
CA LEU A 60 3.58 3.67 13.20
C LEU A 60 5.00 4.26 13.31
N ASP A 61 5.09 5.58 13.27
CA ASP A 61 6.31 6.38 13.11
C ASP A 61 6.99 6.25 11.73
N THR A 62 6.44 5.47 10.77
CA THR A 62 6.91 5.49 9.38
C THR A 62 6.24 6.62 8.59
N GLU A 63 6.96 7.12 7.60
CA GLU A 63 6.52 8.21 6.73
C GLU A 63 5.80 7.64 5.50
N VAL A 64 4.72 8.29 5.10
CA VAL A 64 3.76 7.80 4.09
C VAL A 64 3.08 8.94 3.34
N THR A 65 2.61 8.67 2.13
CA THR A 65 1.72 9.56 1.38
C THR A 65 0.27 9.20 1.72
N ALA A 66 -0.62 10.19 1.72
CA ALA A 66 -2.00 10.12 2.15
C ALA A 66 -2.92 10.75 1.08
N LEU A 67 -4.00 10.06 0.72
CA LEU A 67 -4.98 10.47 -0.29
C LEU A 67 -6.38 10.65 0.31
N SER A 68 -7.06 11.74 -0.04
CA SER A 68 -8.43 12.03 0.38
C SER A 68 -9.41 11.79 -0.76
N GLU A 69 -10.65 11.41 -0.46
CA GLU A 69 -11.70 11.17 -1.47
C GLU A 69 -12.05 12.41 -2.31
N ASP A 70 -11.75 13.61 -1.79
CA ASP A 70 -11.86 14.89 -2.52
C ASP A 70 -10.67 15.18 -3.48
N GLU A 71 -9.73 14.23 -3.58
CA GLU A 71 -8.58 14.06 -4.51
C GLU A 71 -7.22 14.51 -3.94
N TYR A 72 -7.19 15.24 -2.82
CA TYR A 72 -5.94 15.79 -2.27
C TYR A 72 -4.90 14.71 -1.96
N PHE A 73 -3.64 15.00 -2.28
CA PHE A 73 -2.49 14.13 -1.99
C PHE A 73 -1.34 14.90 -1.34
N SER A 74 -0.91 14.44 -0.16
CA SER A 74 0.31 14.92 0.52
C SER A 74 0.89 13.86 1.45
N ALA A 75 2.03 14.12 2.10
CA ALA A 75 2.71 13.13 2.94
C ALA A 75 2.86 13.55 4.41
N GLY A 76 3.00 12.54 5.27
CA GLY A 76 2.96 12.64 6.73
C GLY A 76 3.40 11.33 7.37
N VAL A 77 3.06 11.10 8.63
CA VAL A 77 3.63 9.98 9.42
C VAL A 77 2.57 9.27 10.20
N VAL A 78 2.58 7.95 10.15
CA VAL A 78 1.60 7.17 10.90
C VAL A 78 1.76 7.38 12.42
N LYS A 79 0.68 7.66 13.15
CA LYS A 79 0.62 7.73 14.62
C LYS A 79 -0.60 7.02 15.25
N GLY A 80 -1.35 6.20 14.49
CA GLY A 80 -2.46 5.39 15.03
C GLY A 80 -3.07 4.40 14.04
N HIS A 81 -3.99 3.56 14.52
CA HIS A 81 -4.71 2.50 13.79
C HIS A 81 -6.21 2.48 14.14
N ARG A 82 -7.05 2.06 13.17
CA ARG A 82 -8.50 1.85 13.32
C ARG A 82 -8.95 0.67 12.46
N LYS A 83 -10.01 0.00 12.86
CA LYS A 83 -10.70 -1.06 12.08
C LYS A 83 -12.18 -0.69 11.94
N GLU A 84 -12.73 -0.91 10.74
CA GLU A 84 -14.06 -0.46 10.37
C GLU A 84 -14.76 -1.53 9.52
N SER A 85 -15.65 -2.31 10.14
CA SER A 85 -16.48 -3.42 9.59
C SER A 85 -15.75 -4.59 8.90
N GLY A 86 -14.74 -4.32 8.07
CA GLY A 86 -13.89 -5.28 7.36
C GLY A 86 -12.70 -4.61 6.65
N GLU A 87 -12.30 -3.39 7.05
CA GLU A 87 -11.18 -2.65 6.44
C GLU A 87 -10.36 -1.94 7.51
N LEU A 88 -9.16 -1.50 7.13
CA LEU A 88 -8.12 -1.01 8.02
C LEU A 88 -7.75 0.44 7.73
N TYR A 89 -7.52 1.19 8.80
CA TYR A 89 -7.27 2.63 8.83
C TYR A 89 -6.01 2.97 9.63
N TYR A 90 -5.46 4.14 9.33
CA TYR A 90 -4.24 4.69 9.90
C TYR A 90 -4.45 6.17 10.21
N SER A 91 -4.14 6.58 11.44
CA SER A 91 -4.08 8.01 11.75
C SER A 91 -2.72 8.47 11.27
N ILE A 92 -2.72 9.36 10.28
CA ILE A 92 -1.52 9.98 9.74
C ILE A 92 -1.41 11.39 10.32
N GLU A 93 -0.27 11.76 10.87
CA GLU A 93 0.05 13.13 11.24
C GLU A 93 0.60 13.82 9.99
N LYS A 94 -0.22 14.65 9.37
CA LYS A 94 0.07 15.31 8.10
C LYS A 94 -0.08 16.82 8.25
N GLU A 95 0.96 17.56 7.85
CA GLU A 95 1.06 19.03 8.05
C GLU A 95 0.82 19.47 9.53
N GLY A 96 1.08 18.57 10.49
CA GLY A 96 0.88 18.79 11.94
C GLY A 96 -0.49 18.34 12.49
N GLN A 97 -1.25 17.52 11.74
CA GLN A 97 -2.65 17.17 12.01
C GLN A 97 -2.84 15.65 12.02
N ARG A 98 -3.39 15.08 13.10
CA ARG A 98 -3.73 13.64 13.17
C ARG A 98 -5.03 13.39 12.41
N LYS A 99 -4.91 12.73 11.25
CA LYS A 99 -5.97 12.60 10.23
C LYS A 99 -6.13 11.13 9.82
N TRP A 100 -7.35 10.60 9.84
CA TRP A 100 -7.61 9.21 9.47
C TRP A 100 -7.62 9.01 7.96
N TYR A 101 -6.81 8.06 7.49
CA TYR A 101 -6.78 7.56 6.12
C TYR A 101 -6.90 6.02 6.09
N LYS A 102 -7.33 5.45 4.97
CA LYS A 102 -7.48 3.98 4.75
C LYS A 102 -6.12 3.35 4.43
N ARG A 103 -5.98 2.02 4.58
CA ARG A 103 -4.79 1.27 4.08
C ARG A 103 -4.50 1.61 2.61
N MET A 104 -5.51 1.49 1.75
CA MET A 104 -5.41 1.81 0.32
C MET A 104 -5.23 3.30 0.00
N ALA A 105 -5.43 4.18 0.99
CA ALA A 105 -5.23 5.62 0.86
C ALA A 105 -3.91 6.09 1.50
N VAL A 106 -3.25 5.22 2.28
CA VAL A 106 -1.92 5.41 2.85
C VAL A 106 -0.92 4.64 1.99
N ILE A 107 -0.38 5.33 0.99
CA ILE A 107 0.51 4.76 -0.04
C ILE A 107 1.96 5.05 0.37
N LEU A 108 2.83 4.07 0.21
CA LEU A 108 4.21 4.10 0.75
C LEU A 108 5.14 4.57 -0.38
N SER A 109 5.81 5.71 -0.21
CA SER A 109 6.85 6.18 -1.13
C SER A 109 7.94 5.10 -1.28
N LEU A 110 8.62 5.00 -2.42
CA LEU A 110 9.52 3.85 -2.68
C LEU A 110 10.64 3.68 -1.65
N GLU A 111 11.14 4.78 -1.10
CA GLU A 111 12.18 4.73 -0.06
C GLU A 111 11.62 4.23 1.29
N GLN A 112 10.31 4.38 1.52
CA GLN A 112 9.57 3.79 2.65
C GLN A 112 9.36 2.29 2.40
N GLY A 113 8.87 1.91 1.21
CA GLY A 113 8.72 0.51 0.75
C GLY A 113 10.01 -0.31 0.88
N ASN A 114 11.15 0.32 0.58
CA ASN A 114 12.49 -0.26 0.77
C ASN A 114 12.77 -0.73 2.20
N ARG A 115 12.49 0.11 3.22
CA ARG A 115 12.63 -0.22 4.66
C ARG A 115 11.81 -1.42 5.13
N LEU A 116 10.97 -1.93 4.24
CA LEU A 116 10.01 -2.99 4.48
C LEU A 116 10.33 -4.22 3.62
N ARG A 117 10.95 -4.06 2.43
CA ARG A 117 11.39 -5.21 1.59
C ARG A 117 12.31 -6.16 2.36
N GLU A 118 13.18 -5.59 3.18
CA GLU A 118 14.18 -6.29 3.99
C GLU A 118 13.62 -7.41 4.88
N GLN A 119 12.45 -7.19 5.49
CA GLN A 119 11.85 -8.06 6.47
C GLN A 119 10.56 -8.71 5.95
N TYR A 120 9.79 -7.98 5.13
CA TYR A 120 8.45 -8.35 4.67
C TYR A 120 8.38 -8.83 3.22
N GLY A 121 9.47 -8.66 2.46
CA GLY A 121 9.59 -9.10 1.07
C GLY A 121 9.29 -10.61 0.91
N LEU A 122 8.52 -11.00 -0.12
CA LEU A 122 8.31 -12.43 -0.45
C LEU A 122 9.63 -13.07 -0.91
N GLY A 123 10.34 -12.27 -1.72
CA GLY A 123 11.52 -12.59 -2.53
C GLY A 123 11.99 -14.04 -2.56
N SER B 1 -0.63 24.27 -8.99
CA SER B 1 -0.23 22.84 -9.09
C SER B 1 -1.41 21.91 -8.82
N THR B 2 -1.54 20.82 -9.58
CA THR B 2 -2.65 19.83 -9.47
C THR B 2 -2.73 19.20 -8.08
N SER B 3 -3.94 19.05 -7.53
CA SER B 3 -4.19 18.60 -6.14
C SER B 3 -3.85 17.12 -5.86
N ARG B 4 -3.67 16.29 -6.90
CA ARG B 4 -3.57 14.82 -6.79
C ARG B 4 -2.26 14.25 -7.34
N HIS B 5 -1.96 13.04 -6.87
CA HIS B 5 -0.82 12.18 -7.16
C HIS B 5 -0.57 11.93 -8.67
N LYS B 6 0.68 11.52 -9.01
CA LYS B 6 1.14 11.28 -10.38
C LYS B 6 0.40 10.18 -11.18
N MLY B 7 -0.31 9.26 -10.51
CA MLY B 7 -1.17 8.24 -11.15
CB MLY B 7 -0.34 6.99 -11.48
CG MLY B 7 0.30 6.28 -10.27
CD MLY B 7 0.06 4.76 -10.24
CE MLY B 7 -1.34 4.40 -9.68
NZ MLY B 7 -1.62 2.94 -9.73
CH1 MLY B 7 -0.80 2.07 -8.83
CH2 MLY B 7 -1.82 2.37 -11.09
C MLY B 7 -2.45 7.84 -10.38
O MLY B 7 -3.39 7.37 -11.02
H MLY B 7 -0.28 9.32 -9.50
HA MLY B 7 -1.52 8.66 -12.09
HB2 MLY B 7 -0.99 6.29 -12.02
HB3 MLY B 7 0.45 7.27 -12.19
HG2 MLY B 7 -0.05 6.71 -9.34
HG3 MLY B 7 1.38 6.46 -10.32
HD2 MLY B 7 0.82 4.29 -9.60
HD3 MLY B 7 0.19 4.36 -11.24
HE2 MLY B 7 -2.09 4.92 -10.27
HE3 MLY B 7 -1.41 4.76 -8.65
HH11 MLY B 7 -0.86 2.43 -7.80
HH12 MLY B 7 0.25 2.07 -9.14
HH13 MLY B 7 -1.16 1.04 -8.83
HH21 MLY B 7 -2.61 2.92 -11.62
HH22 MLY B 7 -0.91 2.43 -11.68
HH23 MLY B 7 -2.12 1.32 -11.03
HZ MLY B 7 -2.57 2.83 -9.30
N LEU B 8 -2.49 7.97 -9.04
CA LEU B 8 -3.59 7.42 -8.24
C LEU B 8 -4.93 8.11 -8.53
N MET B 9 -5.99 7.30 -8.69
CA MET B 9 -7.40 7.70 -8.69
C MET B 9 -8.31 6.46 -8.46
N PHE B 10 -9.59 6.69 -8.12
CA PHE B 10 -10.53 5.68 -7.65
C PHE B 10 -11.92 5.78 -8.31
N LYS B 11 -12.71 4.70 -8.19
CA LYS B 11 -14.14 4.61 -8.54
C LYS B 11 -14.98 3.90 -7.45
N THR B 12 -14.47 3.94 -6.21
CA THR B 12 -15.03 3.32 -4.99
C THR B 12 -16.47 3.74 -4.68
N GLY A 1 -2.26 -22.43 13.05
CA GLY A 1 -2.81 -21.58 11.97
C GLY A 1 -2.26 -21.95 10.60
N HIS A 2 -2.88 -21.43 9.52
CA HIS A 2 -2.51 -21.68 8.12
C HIS A 2 -2.86 -20.48 7.21
N MET A 3 -2.18 -20.37 6.07
CA MET A 3 -2.37 -19.32 5.05
C MET A 3 -2.20 -19.90 3.63
N ASN A 4 -2.97 -19.39 2.66
CA ASN A 4 -2.89 -19.83 1.26
C ASN A 4 -1.61 -19.36 0.54
N SER A 5 -1.34 -19.99 -0.60
CA SER A 5 -0.16 -19.86 -1.45
C SER A 5 0.01 -18.52 -2.15
N PHE A 6 0.14 -17.43 -1.39
CA PHE A 6 0.20 -16.03 -1.83
C PHE A 6 -1.12 -15.55 -2.40
N VAL A 7 -1.66 -16.30 -3.33
CA VAL A 7 -2.87 -16.05 -4.09
C VAL A 7 -4.08 -15.99 -3.16
N GLY A 8 -4.63 -14.78 -3.01
CA GLY A 8 -5.74 -14.44 -2.11
C GLY A 8 -5.36 -13.44 -1.00
N LEU A 9 -4.08 -13.35 -0.62
CA LEU A 9 -3.57 -12.48 0.45
C LEU A 9 -3.56 -11.00 0.08
N ARG A 10 -4.02 -10.15 1.02
CA ARG A 10 -3.88 -8.68 0.97
C ARG A 10 -2.47 -8.29 1.41
N VAL A 11 -1.79 -7.51 0.58
CA VAL A 11 -0.34 -7.18 0.68
C VAL A 11 -0.10 -5.76 0.12
N VAL A 12 1.14 -5.27 0.14
CA VAL A 12 1.52 -3.98 -0.48
C VAL A 12 2.63 -4.24 -1.50
N ALA A 13 2.53 -3.69 -2.71
CA ALA A 13 3.37 -4.01 -3.86
C ALA A 13 3.91 -2.77 -4.57
N LYS A 14 4.97 -2.90 -5.37
CA LYS A 14 5.44 -1.82 -6.25
C LYS A 14 4.68 -1.81 -7.56
N TRP A 15 4.21 -0.63 -7.96
CA TRP A 15 3.71 -0.41 -9.32
C TRP A 15 4.93 -0.07 -10.21
N SER A 16 5.43 -1.07 -10.93
CA SER A 16 6.70 -1.03 -11.68
C SER A 16 6.75 0.03 -12.78
N SER A 17 5.60 0.41 -13.35
CA SER A 17 5.45 1.44 -14.39
C SER A 17 5.61 2.89 -13.90
N ASN A 18 5.86 3.14 -12.60
CA ASN A 18 6.22 4.47 -12.10
C ASN A 18 7.27 4.49 -10.97
N GLY A 19 7.10 3.72 -9.86
CA GLY A 19 8.13 3.71 -8.80
C GLY A 19 7.69 3.47 -7.35
N TYR A 20 6.45 3.75 -6.97
CA TYR A 20 6.01 3.74 -5.55
C TYR A 20 5.14 2.51 -5.23
N PHE A 21 4.82 2.31 -3.95
CA PHE A 21 4.21 1.08 -3.43
C PHE A 21 2.76 1.33 -2.95
N TYR A 22 1.85 0.47 -3.40
CA TYR A 22 0.40 0.61 -3.25
C TYR A 22 -0.23 -0.71 -2.75
N SER A 23 -1.32 -0.67 -1.98
CA SER A 23 -1.96 -1.88 -1.44
C SER A 23 -2.78 -2.64 -2.48
N GLY A 24 -2.92 -3.96 -2.31
CA GLY A 24 -3.59 -4.84 -3.27
C GLY A 24 -3.70 -6.29 -2.78
N LYS A 25 -4.11 -7.20 -3.66
CA LYS A 25 -4.21 -8.66 -3.40
C LYS A 25 -3.44 -9.43 -4.45
N ILE A 26 -2.69 -10.46 -4.06
CA ILE A 26 -2.09 -11.38 -5.04
C ILE A 26 -3.24 -12.17 -5.68
N THR A 27 -3.38 -12.08 -7.01
CA THR A 27 -4.47 -12.73 -7.76
C THR A 27 -4.04 -14.03 -8.42
N ARG A 28 -2.73 -14.16 -8.72
CA ARG A 28 -2.10 -15.36 -9.30
C ARG A 28 -0.56 -15.27 -9.31
N ASP A 29 0.15 -16.33 -8.94
CA ASP A 29 1.60 -16.47 -9.17
C ASP A 29 1.88 -16.53 -10.67
N VAL A 30 2.37 -15.42 -11.25
CA VAL A 30 2.63 -15.30 -12.70
C VAL A 30 3.63 -16.39 -13.11
N GLY A 31 4.76 -16.46 -12.39
CA GLY A 31 5.74 -17.52 -12.46
C GLY A 31 7.13 -17.01 -12.05
N ALA A 32 8.03 -17.94 -11.75
CA ALA A 32 9.47 -17.68 -11.47
C ALA A 32 9.80 -16.69 -10.33
N GLY A 33 8.80 -16.17 -9.62
CA GLY A 33 8.92 -15.14 -8.58
C GLY A 33 8.02 -13.93 -8.82
N LYS A 34 7.47 -13.72 -10.03
CA LYS A 34 6.48 -12.70 -10.32
C LYS A 34 5.10 -13.16 -9.84
N TYR A 35 4.36 -12.27 -9.22
CA TYR A 35 2.97 -12.45 -8.81
C TYR A 35 2.10 -11.32 -9.40
N LYS A 36 0.92 -11.68 -9.90
CA LYS A 36 -0.12 -10.79 -10.42
C LYS A 36 -0.80 -10.08 -9.26
N LEU A 37 -0.80 -8.76 -9.27
CA LEU A 37 -1.29 -7.90 -8.16
C LEU A 37 -2.41 -6.95 -8.60
N LEU A 38 -3.60 -7.19 -8.05
CA LEU A 38 -4.77 -6.32 -8.11
C LEU A 38 -4.69 -5.27 -7.00
N PHE A 39 -4.26 -4.07 -7.36
CA PHE A 39 -4.23 -2.91 -6.48
C PHE A 39 -5.65 -2.45 -6.10
N ASP A 40 -5.79 -1.85 -4.91
CA ASP A 40 -7.08 -1.38 -4.40
C ASP A 40 -7.69 -0.22 -5.22
N ASP A 41 -6.87 0.52 -5.99
CA ASP A 41 -7.36 1.52 -6.95
C ASP A 41 -7.98 0.90 -8.22
N GLY A 42 -7.92 -0.43 -8.36
CA GLY A 42 -8.62 -1.23 -9.37
C GLY A 42 -7.70 -1.82 -10.46
N TYR A 43 -6.41 -1.48 -10.41
CA TYR A 43 -5.41 -1.79 -11.43
C TYR A 43 -4.77 -3.18 -11.24
N GLU A 44 -4.22 -3.77 -12.31
CA GLU A 44 -3.49 -5.05 -12.26
C GLU A 44 -2.22 -5.04 -13.11
N CYS A 45 -1.12 -5.55 -12.53
CA CYS A 45 0.14 -5.83 -13.22
C CYS A 45 0.90 -6.96 -12.49
N ASP A 46 1.88 -7.55 -13.19
CA ASP A 46 2.84 -8.47 -12.62
C ASP A 46 3.89 -7.71 -11.79
N VAL A 47 4.29 -8.25 -10.63
CA VAL A 47 5.29 -7.66 -9.72
C VAL A 47 6.20 -8.78 -9.19
N LEU A 48 7.53 -8.60 -9.15
CA LEU A 48 8.45 -9.59 -8.59
C LEU A 48 8.35 -9.69 -7.07
N GLY A 49 8.59 -10.88 -6.50
CA GLY A 49 8.44 -11.15 -5.07
C GLY A 49 9.19 -10.18 -4.14
N LYS A 50 10.38 -9.73 -4.56
CA LYS A 50 11.18 -8.75 -3.81
C LYS A 50 10.44 -7.42 -3.62
N ASP A 51 9.57 -7.10 -4.57
CA ASP A 51 8.77 -5.88 -4.64
C ASP A 51 7.36 -6.02 -4.02
N ILE A 52 7.10 -7.03 -3.17
CA ILE A 52 5.79 -7.24 -2.52
C ILE A 52 5.99 -7.59 -1.04
N LEU A 53 5.19 -6.99 -0.18
CA LEU A 53 5.29 -6.95 1.28
C LEU A 53 4.01 -7.54 1.88
N LEU A 54 4.10 -8.70 2.56
CA LEU A 54 2.91 -9.49 2.94
C LEU A 54 2.62 -9.62 4.45
N CYS A 55 3.41 -8.97 5.29
CA CYS A 55 3.22 -8.90 6.75
C CYS A 55 3.18 -7.41 7.14
N ASP A 56 2.46 -6.60 6.33
CA ASP A 56 2.56 -5.15 6.32
C ASP A 56 1.30 -4.34 6.72
N PRO A 57 0.81 -4.45 7.98
CA PRO A 57 -0.05 -3.41 8.50
C PRO A 57 0.91 -2.21 8.68
N ILE A 58 0.62 -1.05 8.07
CA ILE A 58 1.62 0.02 7.91
C ILE A 58 2.18 0.45 9.29
N PRO A 59 3.49 0.27 9.54
CA PRO A 59 4.05 0.47 10.87
C PRO A 59 3.96 1.93 11.27
N LEU A 60 3.47 2.14 12.49
CA LEU A 60 3.47 3.43 13.12
C LEU A 60 4.91 3.98 13.19
N ASP A 61 5.03 5.31 13.18
CA ASP A 61 6.28 6.07 13.02
C ASP A 61 6.93 5.97 11.61
N THR A 62 6.34 5.25 10.64
CA THR A 62 6.80 5.31 9.24
C THR A 62 6.15 6.46 8.48
N GLU A 63 6.91 7.07 7.57
CA GLU A 63 6.45 8.18 6.73
C GLU A 63 5.69 7.66 5.50
N VAL A 64 4.56 8.29 5.20
CA VAL A 64 3.59 7.85 4.19
C VAL A 64 2.88 9.03 3.51
N THR A 65 2.41 8.82 2.30
CA THR A 65 1.50 9.76 1.61
C THR A 65 0.05 9.37 1.91
N ALA A 66 -0.85 10.36 1.94
CA ALA A 66 -2.24 10.27 2.37
C ALA A 66 -3.14 10.94 1.32
N LEU A 67 -4.26 10.29 0.97
CA LEU A 67 -5.25 10.75 -0.02
C LEU A 67 -6.64 10.94 0.63
N SER A 68 -7.31 12.05 0.33
CA SER A 68 -8.63 12.39 0.91
C SER A 68 -9.76 12.18 -0.10
N GLU A 69 -10.99 11.98 0.39
CA GLU A 69 -12.19 11.85 -0.47
C GLU A 69 -12.49 13.14 -1.26
N ASP A 70 -12.06 14.30 -0.74
CA ASP A 70 -12.08 15.59 -1.43
C ASP A 70 -10.89 15.80 -2.40
N GLU A 71 -10.12 14.73 -2.65
CA GLU A 71 -9.07 14.56 -3.67
C GLU A 71 -7.67 15.11 -3.30
N TYR A 72 -7.50 15.74 -2.13
CA TYR A 72 -6.18 16.22 -1.65
C TYR A 72 -5.18 15.06 -1.54
N PHE A 73 -3.89 15.37 -1.79
CA PHE A 73 -2.77 14.44 -1.64
C PHE A 73 -1.56 15.13 -1.01
N SER A 74 -1.13 14.65 0.17
CA SER A 74 0.07 15.12 0.88
C SER A 74 0.67 14.04 1.78
N ALA A 75 1.80 14.31 2.45
CA ALA A 75 2.53 13.32 3.24
C ALA A 75 2.71 13.66 4.73
N GLY A 76 2.89 12.62 5.54
CA GLY A 76 2.88 12.63 6.99
C GLY A 76 3.33 11.28 7.55
N VAL A 77 3.00 10.98 8.81
CA VAL A 77 3.55 9.81 9.52
C VAL A 77 2.49 9.07 10.27
N VAL A 78 2.50 7.75 10.19
CA VAL A 78 1.50 6.97 10.92
C VAL A 78 1.66 7.13 12.45
N LYS A 79 0.58 7.45 13.16
CA LYS A 79 0.51 7.59 14.63
C LYS A 79 -0.69 6.88 15.28
N GLY A 80 -1.45 6.07 14.52
CA GLY A 80 -2.56 5.25 15.07
C GLY A 80 -3.20 4.28 14.08
N HIS A 81 -4.12 3.44 14.57
CA HIS A 81 -4.88 2.42 13.83
C HIS A 81 -6.36 2.44 14.21
N ARG A 82 -7.22 2.09 13.26
CA ARG A 82 -8.68 1.97 13.43
C ARG A 82 -9.20 0.81 12.59
N LYS A 83 -10.27 0.18 13.05
CA LYS A 83 -11.05 -0.83 12.33
C LYS A 83 -12.51 -0.39 12.27
N GLU A 84 -13.13 -0.57 11.11
CA GLU A 84 -14.45 -0.02 10.79
C GLU A 84 -15.27 -1.05 10.01
N SER A 85 -16.19 -1.73 10.70
CA SER A 85 -17.10 -2.81 10.24
C SER A 85 -16.45 -4.07 9.62
N GLY A 86 -15.41 -3.92 8.82
CA GLY A 86 -14.62 -4.96 8.17
C GLY A 86 -13.45 -4.43 7.34
N GLU A 87 -12.96 -3.19 7.59
CA GLU A 87 -11.86 -2.58 6.85
C GLU A 87 -10.94 -1.77 7.78
N LEU A 88 -9.74 -1.43 7.30
CA LEU A 88 -8.62 -0.93 8.12
C LEU A 88 -8.20 0.51 7.79
N TYR A 89 -7.85 1.23 8.85
CA TYR A 89 -7.53 2.66 8.87
C TYR A 89 -6.24 2.95 9.63
N TYR A 90 -5.65 4.10 9.32
CA TYR A 90 -4.39 4.61 9.84
C TYR A 90 -4.55 6.08 10.19
N SER A 91 -4.26 6.45 11.44
CA SER A 91 -4.18 7.87 11.79
C SER A 91 -2.82 8.34 11.33
N ILE A 92 -2.81 9.27 10.39
CA ILE A 92 -1.59 9.89 9.86
C ILE A 92 -1.47 11.27 10.50
N GLU A 93 -0.31 11.59 11.07
CA GLU A 93 0.05 12.92 11.54
C GLU A 93 0.63 13.66 10.33
N LYS A 94 -0.22 14.48 9.70
CA LYS A 94 0.05 15.17 8.45
C LYS A 94 -0.02 16.67 8.66
N GLU A 95 1.05 17.38 8.31
CA GLU A 95 1.20 18.82 8.58
C GLU A 95 1.03 19.17 10.09
N GLY A 96 1.27 18.21 10.99
CA GLY A 96 1.09 18.34 12.46
C GLY A 96 -0.29 17.93 12.98
N GLN A 97 -1.10 17.20 12.19
CA GLN A 97 -2.52 16.91 12.45
C GLN A 97 -2.79 15.41 12.38
N ARG A 98 -3.27 14.78 13.45
CA ARG A 98 -3.59 13.34 13.49
C ARG A 98 -4.95 13.11 12.83
N LYS A 99 -4.91 12.57 11.60
CA LYS A 99 -6.05 12.49 10.66
C LYS A 99 -6.24 11.06 10.15
N TRP A 100 -7.47 10.56 10.14
CA TRP A 100 -7.77 9.19 9.72
C TRP A 100 -7.78 9.05 8.19
N TYR A 101 -6.95 8.14 7.69
CA TYR A 101 -6.91 7.71 6.29
C TYR A 101 -7.06 6.18 6.19
N LYS A 102 -7.54 5.71 5.03
CA LYS A 102 -7.78 4.27 4.78
C LYS A 102 -6.49 3.53 4.46
N ARG A 103 -6.43 2.20 4.61
CA ARG A 103 -5.33 1.34 4.11
C ARG A 103 -4.90 1.72 2.69
N MET A 104 -5.86 1.70 1.78
CA MET A 104 -5.63 2.04 0.36
C MET A 104 -5.38 3.54 0.07
N ALA A 105 -5.70 4.42 1.03
CA ALA A 105 -5.42 5.85 0.93
C ALA A 105 -4.07 6.22 1.56
N VAL A 106 -3.39 5.27 2.21
CA VAL A 106 -2.08 5.45 2.83
C VAL A 106 -1.05 4.67 2.02
N ILE A 107 -0.18 5.40 1.32
CA ILE A 107 0.73 4.86 0.30
C ILE A 107 2.20 5.09 0.70
N LEU A 108 3.09 4.19 0.30
CA LEU A 108 4.49 4.11 0.76
C LEU A 108 5.43 4.40 -0.42
N SER A 109 6.49 5.20 -0.22
CA SER A 109 7.57 5.29 -1.23
C SER A 109 8.34 3.97 -1.29
N LEU A 110 9.08 3.74 -2.38
CA LEU A 110 10.03 2.62 -2.43
C LEU A 110 11.05 2.65 -1.29
N GLU A 111 11.51 3.83 -0.88
CA GLU A 111 12.57 3.96 0.13
C GLU A 111 12.01 3.69 1.54
N GLN A 112 10.75 4.05 1.78
CA GLN A 112 10.02 3.69 3.01
C GLN A 112 9.76 2.19 3.04
N GLY A 113 9.20 1.64 1.96
CA GLY A 113 8.92 0.20 1.78
C GLY A 113 10.17 -0.69 1.84
N ASN A 114 11.35 -0.20 1.45
CA ASN A 114 12.62 -0.91 1.66
C ASN A 114 12.88 -1.25 3.15
N ARG A 115 12.62 -0.34 4.10
CA ARG A 115 12.75 -0.62 5.56
C ARG A 115 11.92 -1.83 6.00
N LEU A 116 10.86 -2.12 5.25
CA LEU A 116 9.96 -3.24 5.49
C LEU A 116 10.35 -4.48 4.67
N ARG A 117 10.92 -4.29 3.46
CA ARG A 117 11.29 -5.33 2.47
C ARG A 117 12.14 -6.45 3.07
N GLU A 118 13.06 -6.07 3.94
CA GLU A 118 13.93 -6.99 4.69
C GLU A 118 13.19 -8.07 5.49
N GLN A 119 12.00 -7.78 6.02
CA GLN A 119 11.26 -8.60 6.93
C GLN A 119 9.98 -9.14 6.26
N TYR A 120 9.36 -8.34 5.38
CA TYR A 120 8.03 -8.59 4.80
C TYR A 120 8.05 -9.07 3.34
N GLY A 121 9.21 -9.00 2.66
CA GLY A 121 9.37 -9.34 1.25
C GLY A 121 8.99 -10.79 0.91
N LEU A 122 8.34 -11.05 -0.23
CA LEU A 122 8.04 -12.43 -0.67
C LEU A 122 9.31 -13.17 -1.10
N GLY A 123 10.15 -12.42 -1.81
CA GLY A 123 11.34 -12.87 -2.54
C GLY A 123 12.64 -12.50 -1.83
N SER B 1 -5.53 19.25 -12.53
CA SER B 1 -4.75 20.27 -11.78
C SER B 1 -3.53 19.67 -11.07
N THR B 2 -2.60 20.51 -10.58
CA THR B 2 -1.31 20.13 -9.98
C THR B 2 -1.39 19.11 -8.85
N SER B 3 -2.36 19.25 -7.93
CA SER B 3 -2.44 18.49 -6.67
C SER B 3 -2.96 17.05 -6.85
N ARG B 4 -2.20 16.19 -7.53
CA ARG B 4 -2.45 14.74 -7.60
C ARG B 4 -1.15 13.93 -7.61
N HIS B 5 -1.22 12.71 -7.08
CA HIS B 5 -0.08 11.79 -6.93
C HIS B 5 0.51 11.34 -8.28
N LYS B 6 1.67 10.66 -8.23
CA LYS B 6 2.51 10.27 -9.38
C LYS B 6 1.78 9.53 -10.51
N MLY B 7 0.75 8.74 -10.17
CA MLY B 7 -0.13 8.04 -11.11
CB MLY B 7 0.53 6.72 -11.54
CG MLY B 7 0.67 5.63 -10.46
CD MLY B 7 -0.52 4.63 -10.47
CE MLY B 7 -0.45 3.60 -9.32
NZ MLY B 7 -1.56 2.59 -9.33
CH1 MLY B 7 -1.30 1.43 -8.44
CH2 MLY B 7 -2.11 2.19 -10.66
C MLY B 7 -1.55 7.79 -10.55
O MLY B 7 -2.51 7.75 -11.32
H MLY B 7 0.50 8.80 -9.20
HA MLY B 7 -0.25 8.66 -12.00
HB2 MLY B 7 -0.01 6.31 -12.40
HB3 MLY B 7 1.54 6.96 -11.91
HG2 MLY B 7 0.78 6.08 -9.47
HG3 MLY B 7 1.59 5.06 -10.65
HD2 MLY B 7 -0.49 4.12 -11.44
HD3 MLY B 7 -1.46 5.17 -10.40
HE2 MLY B 7 -0.46 4.13 -8.37
HE3 MLY B 7 0.50 3.09 -9.40
HH11 MLY B 7 -0.49 0.81 -8.83
HH12 MLY B 7 -1.03 1.76 -7.44
HH13 MLY B 7 -2.19 0.79 -8.35
HH21 MLY B 7 -2.66 3.01 -11.14
HH22 MLY B 7 -1.32 1.89 -11.35
HH23 MLY B 7 -2.79 1.35 -10.54
HZ MLY B 7 -2.40 3.03 -8.90
N LEU B 8 -1.69 7.61 -9.22
CA LEU B 8 -2.94 7.26 -8.55
C LEU B 8 -4.01 8.36 -8.69
N MET B 9 -5.25 7.91 -8.94
CA MET B 9 -6.51 8.65 -8.85
C MET B 9 -7.69 7.67 -8.93
N PHE B 10 -8.84 8.03 -8.34
CA PHE B 10 -9.96 7.13 -8.11
C PHE B 10 -11.18 7.39 -9.01
N LYS B 11 -11.42 6.45 -9.93
CA LYS B 11 -12.61 6.30 -10.78
C LYS B 11 -13.08 4.82 -10.78
N THR B 12 -12.68 4.09 -9.72
CA THR B 12 -12.76 2.64 -9.48
C THR B 12 -14.20 2.12 -9.48
N GLY A 1 -0.48 -25.47 8.27
CA GLY A 1 -0.32 -24.03 7.93
C GLY A 1 -1.55 -23.20 8.26
N HIS A 2 -1.44 -21.86 8.14
CA HIS A 2 -2.47 -20.88 8.56
C HIS A 2 -2.86 -19.87 7.46
N MET A 3 -2.35 -20.04 6.23
CA MET A 3 -2.60 -19.16 5.08
C MET A 3 -2.48 -19.90 3.73
N ASN A 4 -3.07 -19.33 2.68
CA ASN A 4 -2.92 -19.81 1.30
C ASN A 4 -1.61 -19.34 0.64
N SER A 5 -1.30 -19.96 -0.49
CA SER A 5 -0.10 -19.83 -1.32
C SER A 5 0.07 -18.49 -2.02
N PHE A 6 0.18 -17.40 -1.25
CA PHE A 6 0.23 -15.99 -1.69
C PHE A 6 -1.10 -15.53 -2.27
N VAL A 7 -1.61 -16.29 -3.22
CA VAL A 7 -2.81 -16.07 -3.99
C VAL A 7 -4.04 -16.02 -3.06
N GLY A 8 -4.59 -14.81 -2.90
CA GLY A 8 -5.72 -14.49 -2.03
C GLY A 8 -5.38 -13.44 -0.95
N LEU A 9 -4.10 -13.32 -0.57
CA LEU A 9 -3.62 -12.45 0.51
C LEU A 9 -3.60 -10.95 0.14
N ARG A 10 -4.12 -10.10 1.04
CA ARG A 10 -3.95 -8.65 1.00
C ARG A 10 -2.51 -8.30 1.42
N VAL A 11 -1.84 -7.47 0.62
CA VAL A 11 -0.40 -7.13 0.72
C VAL A 11 -0.17 -5.73 0.15
N VAL A 12 1.08 -5.23 0.14
CA VAL A 12 1.46 -3.98 -0.55
C VAL A 12 2.56 -4.27 -1.57
N ALA A 13 2.51 -3.66 -2.74
CA ALA A 13 3.33 -3.99 -3.90
C ALA A 13 3.86 -2.74 -4.60
N LYS A 14 4.94 -2.86 -5.38
CA LYS A 14 5.41 -1.77 -6.25
C LYS A 14 4.65 -1.77 -7.56
N TRP A 15 4.11 -0.61 -7.94
CA TRP A 15 3.59 -0.40 -9.28
C TRP A 15 4.80 -0.15 -10.21
N SER A 16 5.20 -1.19 -10.94
CA SER A 16 6.46 -1.24 -11.72
C SER A 16 6.61 -0.12 -12.76
N SER A 17 5.49 0.38 -13.32
CA SER A 17 5.48 1.40 -14.37
C SER A 17 5.72 2.84 -13.90
N ASN A 18 5.79 3.13 -12.58
CA ASN A 18 6.14 4.51 -12.13
C ASN A 18 6.92 4.66 -10.80
N GLY A 19 7.08 3.65 -9.95
CA GLY A 19 8.08 3.69 -8.86
C GLY A 19 7.65 3.47 -7.40
N TYR A 20 6.41 3.75 -7.00
CA TYR A 20 5.98 3.74 -5.59
C TYR A 20 5.11 2.53 -5.26
N PHE A 21 4.78 2.34 -3.97
CA PHE A 21 4.16 1.11 -3.46
C PHE A 21 2.72 1.39 -2.98
N TYR A 22 1.79 0.53 -3.42
CA TYR A 22 0.34 0.69 -3.23
C TYR A 22 -0.27 -0.65 -2.75
N SER A 23 -1.36 -0.61 -1.98
CA SER A 23 -1.98 -1.83 -1.42
C SER A 23 -2.80 -2.60 -2.47
N GLY A 24 -2.90 -3.91 -2.29
CA GLY A 24 -3.55 -4.82 -3.25
C GLY A 24 -3.70 -6.25 -2.74
N LYS A 25 -4.10 -7.18 -3.62
CA LYS A 25 -4.20 -8.63 -3.32
C LYS A 25 -3.44 -9.43 -4.35
N ILE A 26 -2.69 -10.46 -3.95
CA ILE A 26 -2.08 -11.37 -4.93
C ILE A 26 -3.21 -12.18 -5.57
N THR A 27 -3.35 -12.10 -6.89
CA THR A 27 -4.44 -12.74 -7.64
C THR A 27 -4.01 -14.05 -8.32
N ARG A 28 -2.71 -14.16 -8.62
CA ARG A 28 -2.06 -15.38 -9.18
C ARG A 28 -0.53 -15.27 -9.21
N ASP A 29 0.19 -16.31 -8.83
CA ASP A 29 1.65 -16.44 -9.06
C ASP A 29 1.95 -16.51 -10.57
N VAL A 30 2.43 -15.40 -11.15
CA VAL A 30 2.71 -15.28 -12.58
C VAL A 30 3.73 -16.34 -13.01
N GLY A 31 4.85 -16.38 -12.28
CA GLY A 31 5.94 -17.34 -12.42
C GLY A 31 7.28 -16.69 -12.10
N ALA A 32 8.35 -17.49 -11.94
CA ALA A 32 9.74 -17.03 -11.71
C ALA A 32 9.98 -16.17 -10.43
N GLY A 33 8.95 -15.94 -9.61
CA GLY A 33 8.94 -15.00 -8.50
C GLY A 33 8.03 -13.78 -8.74
N LYS A 34 7.50 -13.58 -9.95
CA LYS A 34 6.48 -12.55 -10.23
C LYS A 34 5.13 -13.06 -9.78
N TYR A 35 4.37 -12.19 -9.11
CA TYR A 35 2.99 -12.41 -8.69
C TYR A 35 2.10 -11.30 -9.29
N LYS A 36 0.93 -11.67 -9.81
CA LYS A 36 -0.12 -10.79 -10.34
C LYS A 36 -0.80 -10.08 -9.17
N LEU A 37 -0.82 -8.75 -9.19
CA LEU A 37 -1.32 -7.90 -8.10
C LEU A 37 -2.43 -6.95 -8.55
N LEU A 38 -3.63 -7.20 -8.01
CA LEU A 38 -4.79 -6.33 -8.08
C LEU A 38 -4.70 -5.29 -6.97
N PHE A 39 -4.26 -4.09 -7.32
CA PHE A 39 -4.28 -2.94 -6.45
C PHE A 39 -5.73 -2.54 -6.06
N ASP A 40 -5.89 -1.97 -4.87
CA ASP A 40 -7.21 -1.66 -4.28
C ASP A 40 -8.07 -0.69 -5.12
N ASP A 41 -7.45 0.14 -5.95
CA ASP A 41 -8.08 1.08 -6.89
C ASP A 41 -8.58 0.41 -8.19
N GLY A 42 -8.26 -0.86 -8.40
CA GLY A 42 -8.81 -1.72 -9.47
C GLY A 42 -7.78 -2.07 -10.58
N TYR A 43 -6.56 -1.55 -10.47
CA TYR A 43 -5.47 -1.76 -11.42
C TYR A 43 -4.80 -3.14 -11.21
N GLU A 44 -4.23 -3.74 -12.26
CA GLU A 44 -3.48 -5.00 -12.16
C GLU A 44 -2.16 -4.93 -12.93
N CYS A 45 -1.09 -5.44 -12.29
CA CYS A 45 0.24 -5.63 -12.92
C CYS A 45 0.96 -6.85 -12.31
N ASP A 46 1.94 -7.42 -13.01
CA ASP A 46 2.85 -8.42 -12.46
C ASP A 46 3.92 -7.68 -11.63
N VAL A 47 4.27 -8.20 -10.46
CA VAL A 47 5.26 -7.60 -9.54
C VAL A 47 6.16 -8.71 -9.01
N LEU A 48 7.48 -8.54 -9.05
CA LEU A 48 8.42 -9.52 -8.49
C LEU A 48 8.28 -9.60 -6.96
N GLY A 49 8.50 -10.78 -6.37
CA GLY A 49 8.28 -10.99 -4.94
C GLY A 49 9.11 -10.09 -4.03
N LYS A 50 10.31 -9.70 -4.49
CA LYS A 50 11.19 -8.73 -3.82
C LYS A 50 10.53 -7.34 -3.68
N ASP A 51 9.55 -7.06 -4.52
CA ASP A 51 8.77 -5.82 -4.57
C ASP A 51 7.36 -5.94 -3.93
N ILE A 52 7.11 -6.94 -3.08
CA ILE A 52 5.81 -7.15 -2.41
C ILE A 52 6.02 -7.48 -0.93
N LEU A 53 5.17 -6.91 -0.09
CA LEU A 53 5.25 -6.87 1.37
C LEU A 53 3.96 -7.46 1.95
N LEU A 54 4.05 -8.58 2.70
CA LEU A 54 2.88 -9.37 3.12
C LEU A 54 2.62 -9.53 4.63
N CYS A 55 3.41 -8.86 5.46
CA CYS A 55 3.20 -8.71 6.91
C CYS A 55 3.12 -7.20 7.19
N ASP A 56 2.37 -6.55 6.31
CA ASP A 56 2.33 -5.14 5.97
C ASP A 56 1.29 -4.13 6.54
N PRO A 57 0.54 -4.36 7.63
CA PRO A 57 -0.18 -3.23 8.24
C PRO A 57 0.86 -2.13 8.53
N ILE A 58 0.61 -0.90 8.06
CA ILE A 58 1.65 0.15 8.01
C ILE A 58 2.17 0.44 9.43
N PRO A 59 3.48 0.26 9.71
CA PRO A 59 4.02 0.48 11.04
C PRO A 59 3.89 1.95 11.42
N LEU A 60 3.33 2.16 12.61
CA LEU A 60 3.27 3.46 13.24
C LEU A 60 4.70 4.02 13.39
N ASP A 61 4.80 5.35 13.39
CA ASP A 61 6.04 6.13 13.31
C ASP A 61 6.77 6.05 11.93
N THR A 62 6.26 5.30 10.93
CA THR A 62 6.80 5.38 9.56
C THR A 62 6.18 6.55 8.78
N GLU A 63 6.95 7.09 7.86
CA GLU A 63 6.55 8.21 7.00
C GLU A 63 5.87 7.70 5.72
N VAL A 64 4.77 8.35 5.36
CA VAL A 64 3.83 7.91 4.31
C VAL A 64 3.18 9.11 3.60
N THR A 65 2.67 8.89 2.39
CA THR A 65 1.82 9.86 1.69
C THR A 65 0.35 9.51 1.93
N ALA A 66 -0.45 10.52 2.24
CA ALA A 66 -1.89 10.44 2.42
C ALA A 66 -2.63 11.03 1.21
N LEU A 67 -3.82 10.49 0.92
CA LEU A 67 -4.73 10.91 -0.16
C LEU A 67 -6.14 11.16 0.37
N SER A 68 -6.76 12.27 0.00
CA SER A 68 -8.09 12.69 0.47
C SER A 68 -9.14 12.49 -0.64
N GLU A 69 -10.40 12.28 -0.25
CA GLU A 69 -11.52 12.07 -1.20
C GLU A 69 -11.80 13.32 -2.08
N ASP A 70 -11.39 14.50 -1.60
CA ASP A 70 -11.41 15.77 -2.34
C ASP A 70 -10.21 15.95 -3.31
N GLU A 71 -9.34 14.94 -3.40
CA GLU A 71 -8.21 14.65 -4.31
C GLU A 71 -6.83 14.99 -3.72
N TYR A 72 -6.74 15.77 -2.63
CA TYR A 72 -5.44 16.26 -2.14
C TYR A 72 -4.45 15.13 -1.82
N PHE A 73 -3.16 15.36 -2.07
CA PHE A 73 -2.09 14.43 -1.72
C PHE A 73 -0.90 15.15 -1.08
N SER A 74 -0.51 14.69 0.12
CA SER A 74 0.59 15.24 0.92
C SER A 74 1.19 14.17 1.85
N ALA A 75 2.30 14.43 2.53
CA ALA A 75 3.00 13.42 3.33
C ALA A 75 3.07 13.75 4.83
N GLY A 76 3.13 12.70 5.64
CA GLY A 76 3.01 12.71 7.10
C GLY A 76 3.42 11.36 7.69
N VAL A 77 3.04 11.09 8.94
CA VAL A 77 3.56 9.93 9.69
C VAL A 77 2.46 9.20 10.41
N VAL A 78 2.46 7.87 10.32
CA VAL A 78 1.43 7.09 11.01
C VAL A 78 1.53 7.25 12.54
N LYS A 79 0.43 7.55 13.23
CA LYS A 79 0.31 7.57 14.71
C LYS A 79 -0.95 6.88 15.27
N GLY A 80 -1.68 6.11 14.45
CA GLY A 80 -2.80 5.27 14.93
C GLY A 80 -3.42 4.34 13.89
N HIS A 81 -4.36 3.50 14.34
CA HIS A 81 -5.09 2.48 13.56
C HIS A 81 -6.58 2.47 13.91
N ARG A 82 -7.41 2.09 12.94
CA ARG A 82 -8.87 1.88 13.09
C ARG A 82 -9.33 0.74 12.19
N LYS A 83 -10.38 0.04 12.63
CA LYS A 83 -11.04 -1.05 11.88
C LYS A 83 -12.54 -0.78 11.81
N GLU A 84 -13.13 -0.91 10.62
CA GLU A 84 -14.54 -0.58 10.39
C GLU A 84 -15.23 -1.65 9.55
N SER A 85 -15.97 -2.54 10.20
CA SER A 85 -16.81 -3.61 9.58
C SER A 85 -16.15 -4.41 8.43
N GLY A 86 -14.83 -4.63 8.51
CA GLY A 86 -14.03 -5.31 7.47
C GLY A 86 -13.10 -4.40 6.65
N GLU A 87 -12.79 -3.18 7.12
CA GLU A 87 -11.96 -2.18 6.45
C GLU A 87 -10.91 -1.63 7.42
N LEU A 88 -9.76 -1.18 6.92
CA LEU A 88 -8.60 -0.79 7.71
C LEU A 88 -8.17 0.66 7.43
N TYR A 89 -8.00 1.40 8.52
CA TYR A 89 -7.67 2.82 8.57
C TYR A 89 -6.40 3.11 9.36
N TYR A 90 -5.81 4.28 9.09
CA TYR A 90 -4.56 4.77 9.65
C TYR A 90 -4.73 6.23 10.05
N SER A 91 -4.42 6.56 11.31
CA SER A 91 -4.33 7.95 11.71
C SER A 91 -2.94 8.42 11.32
N ILE A 92 -2.87 9.37 10.39
CA ILE A 92 -1.63 9.99 9.94
C ILE A 92 -1.51 11.37 10.61
N GLU A 93 -0.36 11.67 11.19
CA GLU A 93 0.00 13.00 11.65
C GLU A 93 0.59 13.74 10.47
N LYS A 94 -0.20 14.63 9.88
CA LYS A 94 0.14 15.38 8.68
C LYS A 94 0.05 16.87 8.97
N GLU A 95 1.11 17.61 8.66
CA GLU A 95 1.22 19.05 8.93
C GLU A 95 0.99 19.41 10.42
N GLY A 96 1.21 18.43 11.33
CA GLY A 96 0.99 18.56 12.78
C GLY A 96 -0.40 18.12 13.27
N GLN A 97 -1.15 17.36 12.46
CA GLN A 97 -2.58 17.04 12.68
C GLN A 97 -2.82 15.54 12.58
N ARG A 98 -3.40 14.89 13.61
CA ARG A 98 -3.78 13.46 13.56
C ARG A 98 -5.09 13.32 12.77
N LYS A 99 -4.99 12.73 11.58
CA LYS A 99 -6.03 12.70 10.54
C LYS A 99 -6.22 11.28 10.01
N TRP A 100 -7.47 10.81 9.93
CA TRP A 100 -7.76 9.45 9.44
C TRP A 100 -7.70 9.36 7.91
N TYR A 101 -6.90 8.41 7.44
CA TYR A 101 -6.83 7.98 6.04
C TYR A 101 -7.00 6.46 5.91
N LYS A 102 -7.42 5.99 4.72
CA LYS A 102 -7.71 4.57 4.43
C LYS A 102 -6.41 3.83 4.12
N ARG A 103 -6.35 2.50 4.25
CA ARG A 103 -5.22 1.65 3.76
C ARG A 103 -4.70 2.08 2.39
N MET A 104 -5.58 2.02 1.39
CA MET A 104 -5.25 2.37 -0.01
C MET A 104 -4.99 3.87 -0.23
N ALA A 105 -5.33 4.70 0.75
CA ALA A 105 -5.08 6.13 0.74
C ALA A 105 -3.82 6.52 1.54
N VAL A 106 -3.14 5.55 2.15
CA VAL A 106 -1.85 5.70 2.83
C VAL A 106 -0.80 4.91 2.04
N ILE A 107 -0.15 5.59 1.11
CA ILE A 107 0.80 5.02 0.16
C ILE A 107 2.24 5.18 0.68
N LEU A 108 3.14 4.29 0.24
CA LEU A 108 4.53 4.20 0.70
C LEU A 108 5.47 4.44 -0.49
N SER A 109 6.53 5.25 -0.31
CA SER A 109 7.59 5.31 -1.34
C SER A 109 8.34 3.98 -1.39
N LEU A 110 9.10 3.74 -2.44
CA LEU A 110 10.03 2.60 -2.47
C LEU A 110 11.02 2.61 -1.29
N GLU A 111 11.48 3.79 -0.87
CA GLU A 111 12.49 3.91 0.20
C GLU A 111 11.88 3.62 1.57
N GLN A 112 10.62 4.03 1.77
CA GLN A 112 9.84 3.67 2.95
C GLN A 112 9.52 2.18 2.94
N GLY A 113 8.97 1.65 1.84
CA GLY A 113 8.69 0.23 1.65
C GLY A 113 9.91 -0.66 1.78
N ASN A 114 11.10 -0.19 1.43
CA ASN A 114 12.37 -0.88 1.70
C ASN A 114 12.59 -1.19 3.19
N ARG A 115 12.37 -0.25 4.12
CA ARG A 115 12.52 -0.55 5.57
C ARG A 115 11.48 -1.53 6.12
N LEU A 116 10.50 -1.92 5.29
CA LEU A 116 9.56 -3.01 5.53
C LEU A 116 10.01 -4.27 4.76
N ARG A 117 10.61 -4.15 3.56
CA ARG A 117 11.07 -5.22 2.67
C ARG A 117 11.96 -6.23 3.38
N GLU A 118 12.83 -5.72 4.24
CA GLU A 118 13.74 -6.50 5.09
C GLU A 118 13.06 -7.62 5.89
N GLN A 119 11.83 -7.40 6.38
CA GLN A 119 11.12 -8.29 7.24
C GLN A 119 9.86 -8.88 6.56
N TYR A 120 9.23 -8.12 5.64
CA TYR A 120 7.92 -8.42 5.04
C TYR A 120 7.98 -8.93 3.59
N GLY A 121 9.14 -8.87 2.94
CA GLY A 121 9.31 -9.20 1.52
C GLY A 121 8.99 -10.66 1.17
N LEU A 122 8.34 -10.93 0.03
CA LEU A 122 8.07 -12.32 -0.42
C LEU A 122 9.34 -12.99 -0.91
N GLY A 123 9.96 -12.27 -1.85
CA GLY A 123 11.04 -12.68 -2.71
C GLY A 123 10.60 -13.42 -3.98
N SER B 1 1.00 19.93 -12.79
CA SER B 1 0.64 18.66 -13.48
C SER B 1 -0.79 18.23 -13.12
N THR B 2 -1.01 17.62 -11.94
CA THR B 2 -2.34 17.25 -11.41
C THR B 2 -2.34 17.30 -9.87
N SER B 3 -3.52 17.29 -9.24
CA SER B 3 -3.74 17.46 -7.79
C SER B 3 -3.40 16.23 -6.94
N ARG B 4 -2.83 15.17 -7.53
CA ARG B 4 -2.64 13.82 -6.96
C ARG B 4 -1.26 13.22 -7.26
N HIS B 5 -0.96 12.13 -6.55
CA HIS B 5 0.20 11.26 -6.82
C HIS B 5 0.16 10.66 -8.25
N LYS B 6 1.33 10.28 -8.77
CA LYS B 6 1.64 9.92 -10.18
C LYS B 6 0.99 8.65 -10.77
N MLY B 7 -0.20 8.25 -10.33
CA MLY B 7 -0.83 6.98 -10.74
CB MLY B 7 -0.28 5.88 -9.80
CG MLY B 7 -0.04 4.50 -10.46
CD MLY B 7 -1.27 3.77 -11.05
CE MLY B 7 -2.50 3.55 -10.16
NZ MLY B 7 -2.35 2.57 -9.04
CH1 MLY B 7 -1.74 3.08 -7.76
CH2 MLY B 7 -1.87 1.21 -9.40
C MLY B 7 -2.37 6.96 -10.70
O MLY B 7 -2.98 6.39 -11.61
H MLY B 7 -0.66 8.87 -9.68
HA MLY B 7 -0.51 6.76 -11.76
HB2 MLY B 7 0.70 6.19 -9.42
HB3 MLY B 7 -0.92 5.78 -8.93
HG2 MLY B 7 0.44 3.84 -9.72
HG3 MLY B 7 0.68 4.64 -11.25
HD2 MLY B 7 -1.58 4.31 -11.93
HD3 MLY B 7 -0.94 2.79 -11.41
HE2 MLY B 7 -2.86 4.50 -9.77
HE3 MLY B 7 -3.31 3.20 -10.82
HH11 MLY B 7 -0.66 3.22 -7.88
HH12 MLY B 7 -1.91 2.36 -6.96
HH13 MLY B 7 -2.19 4.02 -7.47
HH21 MLY B 7 -2.16 0.47 -8.66
HH22 MLY B 7 -2.26 0.89 -10.37
HH23 MLY B 7 -0.77 1.20 -9.47
HZ MLY B 7 -3.35 2.42 -8.74
N LEU B 8 -2.99 7.57 -9.69
CA LEU B 8 -4.40 7.31 -9.35
C LEU B 8 -5.41 8.47 -9.42
N MET B 9 -6.68 8.09 -9.21
CA MET B 9 -7.88 8.92 -8.97
C MET B 9 -9.07 8.00 -8.68
N PHE B 10 -9.28 7.73 -7.38
CA PHE B 10 -10.23 6.72 -6.87
C PHE B 10 -11.72 7.03 -7.13
N LYS B 11 -12.55 5.98 -6.97
CA LYS B 11 -14.02 6.02 -6.99
C LYS B 11 -14.62 5.08 -5.92
N THR B 12 -13.98 5.05 -4.74
CA THR B 12 -14.33 4.18 -3.58
C THR B 12 -15.77 4.33 -3.12
N GLY A 1 -5.68 -26.08 7.42
CA GLY A 1 -4.71 -24.95 7.43
C GLY A 1 -5.40 -23.59 7.55
N HIS A 2 -4.60 -22.52 7.66
CA HIS A 2 -5.06 -21.14 7.95
C HIS A 2 -4.56 -20.09 6.93
N MET A 3 -3.87 -20.52 5.87
CA MET A 3 -3.35 -19.64 4.80
C MET A 3 -3.23 -20.38 3.45
N ASN A 4 -2.78 -19.67 2.41
CA ASN A 4 -2.55 -20.18 1.06
C ASN A 4 -1.23 -19.64 0.47
N SER A 5 -0.83 -20.20 -0.66
CA SER A 5 0.40 -19.97 -1.42
C SER A 5 0.52 -18.57 -2.03
N PHE A 6 0.60 -17.53 -1.18
CA PHE A 6 0.60 -16.10 -1.52
C PHE A 6 -0.74 -15.64 -2.08
N VAL A 7 -1.16 -16.29 -3.16
CA VAL A 7 -2.42 -16.17 -3.88
C VAL A 7 -3.61 -16.19 -2.92
N GLY A 8 -4.10 -14.99 -2.62
CA GLY A 8 -5.24 -14.74 -1.74
C GLY A 8 -4.97 -13.73 -0.61
N LEU A 9 -3.69 -13.54 -0.24
CA LEU A 9 -3.25 -12.64 0.84
C LEU A 9 -3.29 -11.16 0.45
N ARG A 10 -3.76 -10.30 1.36
CA ARG A 10 -3.62 -8.84 1.26
C ARG A 10 -2.19 -8.43 1.64
N VAL A 11 -1.55 -7.62 0.80
CA VAL A 11 -0.12 -7.26 0.87
C VAL A 11 0.07 -5.86 0.25
N VAL A 12 1.28 -5.28 0.32
CA VAL A 12 1.62 -4.00 -0.36
C VAL A 12 2.70 -4.27 -1.42
N ALA A 13 2.54 -3.75 -2.62
CA ALA A 13 3.35 -4.08 -3.80
C ALA A 13 3.84 -2.85 -4.55
N LYS A 14 4.90 -3.00 -5.36
CA LYS A 14 5.33 -1.91 -6.27
C LYS A 14 4.53 -1.95 -7.56
N TRP A 15 3.99 -0.80 -7.96
CA TRP A 15 3.44 -0.60 -9.29
C TRP A 15 4.60 -0.23 -10.24
N SER A 16 4.97 -1.13 -11.15
CA SER A 16 6.19 -1.06 -11.96
C SER A 16 6.31 0.18 -12.86
N SER A 17 5.20 0.65 -13.46
CA SER A 17 5.25 1.71 -14.48
C SER A 17 5.51 3.12 -13.93
N ASN A 18 5.38 3.36 -12.61
CA ASN A 18 5.55 4.70 -12.01
C ASN A 18 6.41 4.75 -10.73
N GLY A 19 6.72 3.63 -10.06
CA GLY A 19 7.78 3.59 -9.03
C GLY A 19 7.40 3.45 -7.55
N TYR A 20 6.14 3.64 -7.15
CA TYR A 20 5.74 3.67 -5.73
C TYR A 20 4.97 2.39 -5.31
N PHE A 21 4.71 2.24 -4.01
CA PHE A 21 4.14 1.01 -3.43
C PHE A 21 2.72 1.24 -2.92
N TYR A 22 1.81 0.35 -3.31
CA TYR A 22 0.36 0.49 -3.12
C TYR A 22 -0.24 -0.83 -2.62
N SER A 23 -1.34 -0.78 -1.86
CA SER A 23 -1.95 -1.98 -1.26
C SER A 23 -2.74 -2.80 -2.29
N GLY A 24 -2.85 -4.11 -2.08
CA GLY A 24 -3.51 -5.03 -3.01
C GLY A 24 -3.59 -6.47 -2.50
N LYS A 25 -3.89 -7.42 -3.41
CA LYS A 25 -3.97 -8.87 -3.12
C LYS A 25 -3.20 -9.66 -4.18
N ILE A 26 -2.45 -10.70 -3.79
CA ILE A 26 -1.88 -11.62 -4.77
C ILE A 26 -3.05 -12.40 -5.40
N THR A 27 -3.17 -12.38 -6.72
CA THR A 27 -4.29 -13.02 -7.45
C THR A 27 -3.87 -14.31 -8.16
N ARG A 28 -2.58 -14.40 -8.50
CA ARG A 28 -1.93 -15.56 -9.14
C ARG A 28 -0.40 -15.47 -9.03
N ASP A 29 0.28 -16.58 -9.22
CA ASP A 29 1.75 -16.69 -9.28
C ASP A 29 2.14 -16.72 -10.75
N VAL A 30 2.62 -15.58 -11.25
CA VAL A 30 2.92 -15.39 -12.67
C VAL A 30 3.98 -16.41 -13.13
N GLY A 31 5.07 -16.49 -12.37
CA GLY A 31 6.17 -17.44 -12.53
C GLY A 31 7.50 -16.81 -12.14
N ALA A 32 8.56 -17.61 -11.98
CA ALA A 32 9.93 -17.15 -11.70
C ALA A 32 10.17 -16.34 -10.40
N GLY A 33 9.11 -16.08 -9.61
CA GLY A 33 9.11 -15.15 -8.48
C GLY A 33 8.21 -13.93 -8.70
N LYS A 34 7.67 -13.71 -9.91
CA LYS A 34 6.64 -12.70 -10.18
C LYS A 34 5.28 -13.24 -9.75
N TYR A 35 4.52 -12.42 -9.05
CA TYR A 35 3.14 -12.67 -8.65
C TYR A 35 2.23 -11.57 -9.24
N LYS A 36 1.07 -11.96 -9.74
CA LYS A 36 0.01 -11.07 -10.24
C LYS A 36 -0.66 -10.35 -9.06
N LEU A 37 -0.65 -9.03 -9.06
CA LEU A 37 -1.13 -8.18 -7.96
C LEU A 37 -2.26 -7.24 -8.41
N LEU A 38 -3.44 -7.48 -7.85
CA LEU A 38 -4.61 -6.60 -7.93
C LEU A 38 -4.51 -5.54 -6.84
N PHE A 39 -4.23 -4.30 -7.22
CA PHE A 39 -4.23 -3.15 -6.34
C PHE A 39 -5.65 -2.74 -5.93
N ASP A 40 -5.78 -2.08 -4.78
CA ASP A 40 -7.08 -1.66 -4.24
C ASP A 40 -7.79 -0.59 -5.10
N ASP A 41 -7.08 0.15 -5.96
CA ASP A 41 -7.67 1.03 -6.95
C ASP A 41 -8.21 0.30 -8.21
N GLY A 42 -8.08 -1.04 -8.27
CA GLY A 42 -8.69 -1.92 -9.27
C GLY A 42 -7.74 -2.40 -10.37
N TYR A 43 -6.48 -1.95 -10.34
CA TYR A 43 -5.46 -2.22 -11.36
C TYR A 43 -4.76 -3.57 -11.13
N GLU A 44 -4.21 -4.19 -12.19
CA GLU A 44 -3.45 -5.45 -12.09
C GLU A 44 -2.17 -5.41 -12.93
N CYS A 45 -1.06 -5.87 -12.34
CA CYS A 45 0.21 -6.12 -13.02
C CYS A 45 1.02 -7.22 -12.30
N ASP A 46 2.05 -7.73 -12.96
CA ASP A 46 3.00 -8.71 -12.47
C ASP A 46 4.11 -8.00 -11.67
N VAL A 47 4.34 -8.43 -10.43
CA VAL A 47 5.31 -7.80 -9.50
C VAL A 47 6.23 -8.88 -8.95
N LEU A 48 7.55 -8.68 -8.98
CA LEU A 48 8.52 -9.65 -8.43
C LEU A 48 8.44 -9.75 -6.90
N GLY A 49 8.73 -10.92 -6.33
CA GLY A 49 8.66 -11.18 -4.90
C GLY A 49 9.40 -10.15 -4.03
N LYS A 50 10.58 -9.70 -4.49
CA LYS A 50 11.33 -8.64 -3.79
C LYS A 50 10.54 -7.33 -3.63
N ASP A 51 9.65 -7.05 -4.58
CA ASP A 51 8.81 -5.86 -4.67
C ASP A 51 7.40 -6.03 -4.04
N ILE A 52 7.18 -7.00 -3.15
CA ILE A 52 5.90 -7.23 -2.47
C ILE A 52 6.14 -7.53 -0.99
N LEU A 53 5.32 -6.94 -0.13
CA LEU A 53 5.46 -6.85 1.32
C LEU A 53 4.24 -7.45 2.01
N LEU A 54 4.40 -8.58 2.71
CA LEU A 54 3.25 -9.38 3.20
C LEU A 54 3.06 -9.45 4.72
N CYS A 55 3.89 -8.74 5.48
CA CYS A 55 3.78 -8.58 6.93
C CYS A 55 3.70 -7.08 7.28
N ASP A 56 3.03 -6.29 6.42
CA ASP A 56 3.06 -4.84 6.43
C ASP A 56 1.76 -4.09 6.84
N PRO A 57 1.21 -4.31 8.05
CA PRO A 57 0.27 -3.34 8.60
C PRO A 57 1.18 -2.11 8.85
N ILE A 58 0.87 -0.97 8.23
CA ILE A 58 1.84 0.15 8.11
C ILE A 58 2.35 0.60 9.49
N PRO A 59 3.65 0.43 9.79
CA PRO A 59 4.15 0.66 11.13
C PRO A 59 4.02 2.12 11.53
N LEU A 60 3.52 2.31 12.75
CA LEU A 60 3.49 3.61 13.36
C LEU A 60 4.91 4.19 13.44
N ASP A 61 5.01 5.53 13.42
CA ASP A 61 6.24 6.32 13.27
C ASP A 61 6.91 6.20 11.89
N THR A 62 6.37 5.44 10.91
CA THR A 62 6.85 5.46 9.53
C THR A 62 6.20 6.61 8.74
N GLU A 63 6.96 7.18 7.80
CA GLU A 63 6.53 8.30 6.96
C GLU A 63 5.88 7.77 5.67
N VAL A 64 4.73 8.35 5.34
CA VAL A 64 3.80 7.86 4.31
C VAL A 64 3.08 9.00 3.60
N THR A 65 2.54 8.72 2.43
CA THR A 65 1.60 9.59 1.72
C THR A 65 0.17 9.21 2.14
N ALA A 66 -0.72 10.19 2.23
CA ALA A 66 -2.12 10.07 2.56
C ALA A 66 -2.98 10.70 1.44
N LEU A 67 -4.19 10.17 1.23
CA LEU A 67 -5.15 10.61 0.20
C LEU A 67 -6.52 10.91 0.81
N SER A 68 -7.11 12.05 0.47
CA SER A 68 -8.30 12.58 1.15
C SER A 68 -9.58 12.39 0.33
N GLU A 69 -10.71 12.44 1.03
CA GLU A 69 -12.06 12.31 0.47
C GLU A 69 -12.40 13.43 -0.55
N ASP A 70 -11.72 14.58 -0.43
CA ASP A 70 -11.76 15.70 -1.38
C ASP A 70 -10.65 15.63 -2.47
N GLU A 71 -9.99 14.47 -2.58
CA GLU A 71 -9.06 14.01 -3.63
C GLU A 71 -7.59 14.45 -3.48
N TYR A 72 -7.24 15.32 -2.52
CA TYR A 72 -5.85 15.76 -2.28
C TYR A 72 -4.92 14.59 -1.96
N PHE A 73 -3.62 14.75 -2.25
CA PHE A 73 -2.56 13.85 -1.79
C PHE A 73 -1.37 14.63 -1.21
N SER A 74 -0.92 14.24 -0.02
CA SER A 74 0.22 14.83 0.70
C SER A 74 0.90 13.81 1.63
N ALA A 75 1.98 14.15 2.33
CA ALA A 75 2.70 13.20 3.18
C ALA A 75 2.84 13.63 4.65
N GLY A 76 2.98 12.63 5.51
CA GLY A 76 2.93 12.70 6.97
C GLY A 76 3.37 11.38 7.60
N VAL A 77 3.01 11.11 8.85
CA VAL A 77 3.57 9.98 9.62
C VAL A 77 2.49 9.24 10.36
N VAL A 78 2.53 7.91 10.33
CA VAL A 78 1.55 7.12 11.06
C VAL A 78 1.69 7.33 12.58
N LYS A 79 0.58 7.62 13.28
CA LYS A 79 0.49 7.81 14.74
C LYS A 79 -0.72 7.10 15.40
N GLY A 80 -1.46 6.25 14.65
CA GLY A 80 -2.55 5.43 15.21
C GLY A 80 -3.18 4.43 14.23
N HIS A 81 -4.08 3.59 14.72
CA HIS A 81 -4.83 2.54 14.00
C HIS A 81 -6.31 2.54 14.35
N ARG A 82 -7.16 2.17 13.37
CA ARG A 82 -8.61 2.05 13.51
C ARG A 82 -9.13 0.90 12.63
N LYS A 83 -10.29 0.38 12.96
CA LYS A 83 -11.04 -0.62 12.19
C LYS A 83 -12.48 -0.14 12.01
N GLU A 84 -12.92 0.06 10.76
CA GLU A 84 -14.25 0.64 10.47
C GLU A 84 -14.89 -0.07 9.28
N SER A 85 -16.16 -0.45 9.42
CA SER A 85 -16.95 -1.16 8.39
C SER A 85 -16.23 -2.37 7.73
N GLY A 86 -15.39 -3.09 8.51
CA GLY A 86 -14.60 -4.23 8.02
C GLY A 86 -13.36 -3.84 7.21
N GLU A 87 -12.73 -2.69 7.52
CA GLU A 87 -11.57 -2.15 6.82
C GLU A 87 -10.60 -1.54 7.84
N LEU A 88 -9.32 -1.53 7.51
CA LEU A 88 -8.24 -1.01 8.34
C LEU A 88 -7.94 0.45 7.99
N TYR A 89 -7.61 1.21 9.02
CA TYR A 89 -7.37 2.64 9.00
C TYR A 89 -6.13 3.00 9.79
N TYR A 90 -5.55 4.14 9.43
CA TYR A 90 -4.30 4.67 9.97
C TYR A 90 -4.51 6.15 10.29
N SER A 91 -4.25 6.54 11.53
CA SER A 91 -4.19 7.97 11.87
C SER A 91 -2.82 8.43 11.41
N ILE A 92 -2.80 9.32 10.43
CA ILE A 92 -1.59 9.95 9.91
C ILE A 92 -1.51 11.35 10.50
N GLU A 93 -0.37 11.73 11.06
CA GLU A 93 -0.05 13.10 11.47
C GLU A 93 0.51 13.82 10.24
N LYS A 94 -0.27 14.75 9.68
CA LYS A 94 0.00 15.40 8.40
C LYS A 94 -0.07 16.91 8.60
N GLU A 95 1.06 17.60 8.38
CA GLU A 95 1.28 19.01 8.75
C GLU A 95 0.93 19.32 10.24
N GLY A 96 1.16 18.33 11.11
CA GLY A 96 0.93 18.43 12.56
C GLY A 96 -0.47 18.01 13.04
N GLN A 97 -1.28 17.41 12.15
CA GLN A 97 -2.70 17.09 12.37
C GLN A 97 -2.92 15.58 12.36
N ARG A 98 -3.42 14.97 13.43
CA ARG A 98 -3.73 13.53 13.48
C ARG A 98 -5.06 13.29 12.78
N LYS A 99 -4.99 12.72 11.58
CA LYS A 99 -6.10 12.60 10.62
C LYS A 99 -6.26 11.14 10.18
N TRP A 100 -7.49 10.64 10.17
CA TRP A 100 -7.77 9.25 9.78
C TRP A 100 -7.77 9.08 8.26
N TYR A 101 -6.96 8.13 7.80
CA TYR A 101 -6.89 7.71 6.40
C TYR A 101 -7.05 6.17 6.29
N LYS A 102 -7.54 5.71 5.14
CA LYS A 102 -7.80 4.28 4.88
C LYS A 102 -6.50 3.55 4.61
N ARG A 103 -6.45 2.24 4.83
CA ARG A 103 -5.34 1.35 4.39
C ARG A 103 -4.88 1.69 2.98
N MET A 104 -5.79 1.65 2.01
CA MET A 104 -5.49 1.94 0.60
C MET A 104 -5.28 3.44 0.29
N ALA A 105 -5.67 4.35 1.19
CA ALA A 105 -5.39 5.78 1.06
C ALA A 105 -4.04 6.16 1.70
N VAL A 106 -3.38 5.22 2.40
CA VAL A 106 -2.05 5.39 2.96
C VAL A 106 -1.05 4.59 2.13
N ILE A 107 -0.26 5.31 1.35
CA ILE A 107 0.63 4.76 0.30
C ILE A 107 2.09 5.08 0.64
N LEU A 108 3.03 4.23 0.22
CA LEU A 108 4.43 4.24 0.63
C LEU A 108 5.31 4.51 -0.61
N SER A 109 6.34 5.37 -0.48
CA SER A 109 7.36 5.43 -1.54
C SER A 109 8.14 4.12 -1.56
N LEU A 110 8.86 3.85 -2.64
CA LEU A 110 9.80 2.72 -2.66
C LEU A 110 10.82 2.78 -1.51
N GLU A 111 11.26 3.97 -1.14
CA GLU A 111 12.35 4.15 -0.18
C GLU A 111 11.85 4.01 1.27
N GLN A 112 10.62 4.45 1.54
CA GLN A 112 9.92 4.19 2.80
C GLN A 112 9.59 2.69 2.91
N GLY A 113 9.12 2.08 1.82
CA GLY A 113 8.81 0.65 1.70
C GLY A 113 10.03 -0.26 1.83
N ASN A 114 11.21 0.21 1.43
CA ASN A 114 12.47 -0.54 1.51
C ASN A 114 12.80 -0.90 2.97
N ARG A 115 12.56 0.01 3.95
CA ARG A 115 12.77 -0.26 5.40
C ARG A 115 11.93 -1.43 5.91
N LEU A 116 10.91 -1.80 5.14
CA LEU A 116 9.99 -2.90 5.38
C LEU A 116 10.40 -4.14 4.59
N ARG A 117 10.92 -3.96 3.37
CA ARG A 117 11.35 -5.00 2.41
C ARG A 117 12.29 -6.04 3.01
N GLU A 118 13.20 -5.57 3.85
CA GLU A 118 14.15 -6.40 4.60
C GLU A 118 13.53 -7.54 5.42
N GLN A 119 12.33 -7.33 5.99
CA GLN A 119 11.67 -8.23 6.88
C GLN A 119 10.40 -8.84 6.24
N TYR A 120 9.72 -8.06 5.38
CA TYR A 120 8.39 -8.37 4.84
C TYR A 120 8.37 -8.84 3.37
N GLY A 121 9.50 -8.73 2.68
CA GLY A 121 9.64 -9.08 1.26
C GLY A 121 9.28 -10.56 0.98
N LEU A 122 8.60 -10.86 -0.14
CA LEU A 122 8.33 -12.27 -0.52
C LEU A 122 9.60 -12.98 -0.98
N GLY A 123 10.44 -12.19 -1.66
CA GLY A 123 11.62 -12.62 -2.42
C GLY A 123 12.85 -11.72 -2.25
N SER B 1 -2.30 17.61 -12.28
CA SER B 1 -1.81 19.02 -12.21
C SER B 1 -1.33 19.39 -10.80
N THR B 2 -2.22 19.86 -9.90
CA THR B 2 -1.85 20.45 -8.60
C THR B 2 -1.83 19.50 -7.40
N SER B 3 -2.67 18.46 -7.42
CA SER B 3 -2.98 17.67 -6.22
C SER B 3 -3.28 16.18 -6.44
N ARG B 4 -2.84 15.56 -7.54
CA ARG B 4 -3.06 14.13 -7.82
C ARG B 4 -1.74 13.40 -8.18
N HIS B 5 -1.69 12.09 -7.87
CA HIS B 5 -0.48 11.26 -7.87
C HIS B 5 0.11 10.93 -9.26
N LYS B 6 1.22 10.18 -9.25
CA LYS B 6 1.96 9.67 -10.43
C LYS B 6 1.10 8.79 -11.35
N MLY B 7 0.23 7.98 -10.74
CA MLY B 7 -0.71 7.07 -11.40
CB MLY B 7 -0.02 5.69 -11.53
CG MLY B 7 -0.89 4.56 -12.14
CD MLY B 7 -1.85 3.78 -11.20
CE MLY B 7 -1.21 3.30 -9.88
NZ MLY B 7 -2.04 2.30 -9.14
CH1 MLY B 7 -1.77 2.27 -7.67
CH2 MLY B 7 -2.04 0.92 -9.70
C MLY B 7 -2.04 6.95 -10.65
O MLY B 7 -3.09 6.96 -11.30
H MLY B 7 0.21 8.04 -9.73
HA MLY B 7 -0.93 7.44 -12.40
HB2 MLY B 7 0.82 5.83 -12.21
HB3 MLY B 7 0.39 5.38 -10.58
HG2 MLY B 7 -0.22 3.84 -12.59
HG3 MLY B 7 -1.48 4.96 -12.96
HD2 MLY B 7 -2.20 2.90 -11.77
HD3 MLY B 7 -2.73 4.37 -10.97
HE2 MLY B 7 -1.05 4.18 -9.25
HE3 MLY B 7 -0.22 2.88 -10.08
HH11 MLY B 7 -2.47 1.61 -7.14
HH12 MLY B 7 -0.75 1.90 -7.50
HH13 MLY B 7 -1.87 3.26 -7.22
HH21 MLY B 7 -2.74 0.29 -9.14
HH22 MLY B 7 -1.05 0.47 -9.58
HH23 MLY B 7 -2.32 0.92 -10.75
HZ MLY B 7 -3.04 2.61 -9.18
N LEU B 8 -2.00 6.84 -9.31
CA LEU B 8 -3.19 6.73 -8.47
C LEU B 8 -4.20 7.86 -8.76
N MET B 9 -5.42 7.46 -9.17
CA MET B 9 -6.62 8.28 -9.29
C MET B 9 -7.86 7.38 -9.44
N PHE B 10 -9.06 7.94 -9.24
CA PHE B 10 -10.33 7.22 -9.09
C PHE B 10 -11.47 7.76 -9.96
N LYS B 11 -12.47 6.90 -10.23
CA LYS B 11 -13.67 7.19 -11.05
C LYS B 11 -14.97 6.66 -10.39
N THR B 12 -14.96 6.56 -9.05
CA THR B 12 -16.02 5.98 -8.21
C THR B 12 -16.17 6.72 -6.88
N GLY A 1 2.42 -19.20 11.22
CA GLY A 1 1.04 -19.35 10.69
C GLY A 1 0.98 -19.25 9.17
N HIS A 2 -0.04 -19.88 8.57
CA HIS A 2 -0.28 -19.91 7.11
C HIS A 2 -1.78 -20.04 6.78
N MET A 3 -2.19 -19.66 5.56
CA MET A 3 -3.59 -19.70 5.10
C MET A 3 -3.74 -20.21 3.65
N ASN A 4 -3.04 -19.59 2.68
CA ASN A 4 -3.03 -20.02 1.28
C ASN A 4 -1.75 -19.57 0.55
N SER A 5 -1.52 -20.14 -0.64
CA SER A 5 -0.36 -20.00 -1.52
C SER A 5 -0.20 -18.64 -2.18
N PHE A 6 -0.06 -17.58 -1.38
CA PHE A 6 0.01 -16.17 -1.79
C PHE A 6 -1.31 -15.66 -2.35
N VAL A 7 -1.83 -16.39 -3.32
CA VAL A 7 -3.02 -16.11 -4.08
C VAL A 7 -4.25 -16.06 -3.16
N GLY A 8 -4.81 -14.87 -3.02
CA GLY A 8 -5.94 -14.54 -2.14
C GLY A 8 -5.58 -13.54 -1.02
N LEU A 9 -4.30 -13.47 -0.60
CA LEU A 9 -3.81 -12.63 0.49
C LEU A 9 -3.79 -11.13 0.15
N ARG A 10 -4.27 -10.30 1.09
CA ARG A 10 -4.12 -8.83 1.06
C ARG A 10 -2.69 -8.46 1.49
N VAL A 11 -2.00 -7.68 0.67
CA VAL A 11 -0.56 -7.37 0.80
C VAL A 11 -0.30 -5.95 0.25
N VAL A 12 0.94 -5.46 0.30
CA VAL A 12 1.35 -4.18 -0.32
C VAL A 12 2.47 -4.44 -1.32
N ALA A 13 2.43 -3.83 -2.50
CA ALA A 13 3.35 -4.14 -3.60
C ALA A 13 3.84 -2.88 -4.33
N LYS A 14 4.93 -3.02 -5.07
CA LYS A 14 5.44 -1.96 -5.94
C LYS A 14 4.73 -1.99 -7.29
N TRP A 15 4.16 -0.86 -7.71
CA TRP A 15 3.68 -0.69 -9.08
C TRP A 15 4.90 -0.42 -9.99
N SER A 16 5.16 -1.35 -10.93
CA SER A 16 6.39 -1.41 -11.73
C SER A 16 6.66 -0.18 -12.61
N SER A 17 5.63 0.43 -13.20
CA SER A 17 5.78 1.48 -14.23
C SER A 17 6.14 2.88 -13.71
N ASN A 18 6.07 3.13 -12.38
CA ASN A 18 6.33 4.47 -11.79
C ASN A 18 7.15 4.46 -10.48
N GLY A 19 7.20 3.36 -9.70
CA GLY A 19 8.17 3.24 -8.59
C GLY A 19 7.67 3.11 -7.16
N TYR A 20 6.40 3.40 -6.83
CA TYR A 20 5.93 3.47 -5.43
C TYR A 20 5.06 2.25 -5.05
N PHE A 21 4.64 2.17 -3.78
CA PHE A 21 4.05 0.98 -3.16
C PHE A 21 2.60 1.21 -2.71
N TYR A 22 1.71 0.30 -3.13
CA TYR A 22 0.26 0.43 -3.02
C TYR A 22 -0.36 -0.88 -2.49
N SER A 23 -1.44 -0.81 -1.72
CA SER A 23 -2.13 -2.00 -1.19
C SER A 23 -2.95 -2.72 -2.27
N GLY A 24 -3.05 -4.05 -2.13
CA GLY A 24 -3.71 -4.90 -3.12
C GLY A 24 -3.85 -6.36 -2.66
N LYS A 25 -4.25 -7.26 -3.56
CA LYS A 25 -4.36 -8.71 -3.30
C LYS A 25 -3.57 -9.48 -4.34
N ILE A 26 -2.83 -10.53 -3.94
CA ILE A 26 -2.22 -11.43 -4.93
C ILE A 26 -3.35 -12.20 -5.61
N THR A 27 -3.47 -12.09 -6.93
CA THR A 27 -4.57 -12.70 -7.71
C THR A 27 -4.16 -13.99 -8.41
N ARG A 28 -2.86 -14.13 -8.71
CA ARG A 28 -2.24 -15.33 -9.31
C ARG A 28 -0.70 -15.27 -9.34
N ASP A 29 -0.01 -16.35 -9.00
CA ASP A 29 1.43 -16.53 -9.23
C ASP A 29 1.74 -16.57 -10.73
N VAL A 30 2.25 -15.46 -11.27
CA VAL A 30 2.52 -15.29 -12.71
C VAL A 30 3.53 -16.35 -13.19
N GLY A 31 4.64 -16.46 -12.47
CA GLY A 31 5.71 -17.44 -12.65
C GLY A 31 7.06 -16.88 -12.22
N ALA A 32 8.07 -17.74 -12.04
CA ALA A 32 9.46 -17.40 -11.66
C ALA A 32 9.65 -16.67 -10.31
N GLY A 33 8.57 -16.33 -9.60
CA GLY A 33 8.56 -15.47 -8.43
C GLY A 33 7.78 -14.17 -8.66
N LYS A 34 7.30 -13.88 -9.89
CA LYS A 34 6.37 -12.79 -10.16
C LYS A 34 4.97 -13.24 -9.75
N TYR A 35 4.24 -12.37 -9.07
CA TYR A 35 2.84 -12.55 -8.70
C TYR A 35 2.01 -11.38 -9.27
N LYS A 36 0.83 -11.69 -9.81
CA LYS A 36 -0.20 -10.76 -10.31
C LYS A 36 -0.86 -10.05 -9.13
N LEU A 37 -0.84 -8.73 -9.10
CA LEU A 37 -1.34 -7.89 -8.00
C LEU A 37 -2.44 -6.92 -8.43
N LEU A 38 -3.64 -7.16 -7.91
CA LEU A 38 -4.78 -6.25 -7.99
C LEU A 38 -4.71 -5.22 -6.86
N PHE A 39 -4.29 -4.02 -7.18
CA PHE A 39 -4.33 -2.86 -6.28
C PHE A 39 -5.77 -2.44 -5.97
N ASP A 40 -6.02 -1.91 -4.76
CA ASP A 40 -7.39 -1.61 -4.29
C ASP A 40 -8.16 -0.59 -5.15
N ASP A 41 -7.43 0.34 -5.76
CA ASP A 41 -7.91 1.31 -6.75
C ASP A 41 -8.40 0.66 -8.08
N GLY A 42 -8.13 -0.64 -8.26
CA GLY A 42 -8.69 -1.49 -9.32
C GLY A 42 -7.69 -1.89 -10.41
N TYR A 43 -6.44 -1.41 -10.32
CA TYR A 43 -5.38 -1.63 -11.30
C TYR A 43 -4.68 -2.98 -11.06
N GLU A 44 -4.13 -3.58 -12.12
CA GLU A 44 -3.38 -4.86 -12.02
C GLU A 44 -2.04 -4.79 -12.77
N CYS A 45 -0.99 -5.33 -12.14
CA CYS A 45 0.33 -5.52 -12.76
C CYS A 45 1.02 -6.77 -12.18
N ASP A 46 1.95 -7.38 -12.93
CA ASP A 46 2.85 -8.41 -12.42
C ASP A 46 3.95 -7.74 -11.58
N VAL A 47 4.34 -8.36 -10.46
CA VAL A 47 5.35 -7.84 -9.51
C VAL A 47 6.21 -8.99 -8.99
N LEU A 48 7.54 -8.90 -9.03
CA LEU A 48 8.43 -9.90 -8.42
C LEU A 48 8.24 -9.98 -6.91
N GLY A 49 8.40 -11.18 -6.33
CA GLY A 49 8.25 -11.41 -4.89
C GLY A 49 9.06 -10.45 -4.01
N LYS A 50 10.24 -10.07 -4.49
CA LYS A 50 11.12 -9.10 -3.82
C LYS A 50 10.46 -7.73 -3.62
N ASP A 51 9.44 -7.43 -4.40
CA ASP A 51 8.71 -6.16 -4.45
C ASP A 51 7.28 -6.26 -3.89
N ILE A 52 6.97 -7.26 -3.05
CA ILE A 52 5.67 -7.44 -2.41
C ILE A 52 5.89 -7.78 -0.93
N LEU A 53 5.05 -7.20 -0.09
CA LEU A 53 5.13 -7.12 1.37
C LEU A 53 3.85 -7.70 1.94
N LEU A 54 3.90 -8.90 2.52
CA LEU A 54 2.68 -9.65 2.86
C LEU A 54 2.26 -9.63 4.34
N CYS A 55 3.07 -9.01 5.18
CA CYS A 55 2.83 -8.93 6.62
C CYS A 55 3.07 -7.49 7.11
N ASP A 56 2.55 -6.54 6.31
CA ASP A 56 2.77 -5.09 6.37
C ASP A 56 1.54 -4.26 6.78
N PRO A 57 0.94 -4.47 7.98
CA PRO A 57 0.05 -3.46 8.53
C PRO A 57 0.99 -2.26 8.78
N ILE A 58 0.71 -1.11 8.18
CA ILE A 58 1.70 -0.01 8.08
C ILE A 58 2.20 0.42 9.47
N PRO A 59 3.49 0.22 9.80
CA PRO A 59 3.97 0.45 11.14
C PRO A 59 3.87 1.92 11.51
N LEU A 60 3.37 2.15 12.71
CA LEU A 60 3.37 3.45 13.35
C LEU A 60 4.81 3.97 13.43
N ASP A 61 4.97 5.29 13.38
CA ASP A 61 6.23 6.02 13.23
C ASP A 61 6.90 5.91 11.84
N THR A 62 6.31 5.17 10.87
CA THR A 62 6.79 5.22 9.47
C THR A 62 6.15 6.39 8.70
N GLU A 63 6.89 6.92 7.74
CA GLU A 63 6.46 8.03 6.91
C GLU A 63 5.71 7.50 5.68
N VAL A 64 4.63 8.18 5.31
CA VAL A 64 3.66 7.74 4.31
C VAL A 64 3.00 8.92 3.61
N THR A 65 2.51 8.69 2.39
CA THR A 65 1.65 9.63 1.67
C THR A 65 0.20 9.31 2.01
N ALA A 66 -0.61 10.34 2.26
CA ALA A 66 -2.00 10.25 2.64
C ALA A 66 -2.89 10.95 1.59
N LEU A 67 -4.07 10.37 1.32
CA LEU A 67 -5.00 10.81 0.27
C LEU A 67 -6.42 11.03 0.79
N SER A 68 -7.04 12.15 0.43
CA SER A 68 -8.37 12.56 0.92
C SER A 68 -9.44 12.36 -0.16
N GLU A 69 -10.71 12.17 0.25
CA GLU A 69 -11.85 12.05 -0.68
C GLU A 69 -12.11 13.33 -1.50
N ASP A 70 -11.64 14.48 -1.01
CA ASP A 70 -11.61 15.77 -1.74
C ASP A 70 -10.42 15.89 -2.74
N GLU A 71 -9.67 14.79 -2.93
CA GLU A 71 -8.59 14.50 -3.89
C GLU A 71 -7.17 14.84 -3.41
N TYR A 72 -7.02 15.61 -2.33
CA TYR A 72 -5.70 16.06 -1.84
C TYR A 72 -4.71 14.89 -1.65
N PHE A 73 -3.47 15.11 -2.07
CA PHE A 73 -2.35 14.17 -1.89
C PHE A 73 -1.19 14.89 -1.18
N SER A 74 -0.77 14.34 -0.05
CA SER A 74 0.21 14.93 0.88
C SER A 74 0.97 13.85 1.66
N ALA A 75 1.94 14.19 2.51
CA ALA A 75 2.67 13.19 3.31
C ALA A 75 2.80 13.56 4.80
N GLY A 76 2.98 12.52 5.62
CA GLY A 76 2.94 12.56 7.08
C GLY A 76 3.39 11.22 7.66
N VAL A 77 3.09 10.96 8.93
CA VAL A 77 3.63 9.79 9.66
C VAL A 77 2.55 9.07 10.41
N VAL A 78 2.53 7.75 10.33
CA VAL A 78 1.53 6.97 11.05
C VAL A 78 1.66 7.15 12.57
N LYS A 79 0.58 7.43 13.29
CA LYS A 79 0.50 7.57 14.76
C LYS A 79 -0.72 6.86 15.41
N GLY A 80 -1.51 6.08 14.65
CA GLY A 80 -2.64 5.31 15.19
C GLY A 80 -3.31 4.35 14.20
N HIS A 81 -4.25 3.55 14.69
CA HIS A 81 -5.01 2.52 13.95
C HIS A 81 -6.50 2.52 14.30
N ARG A 82 -7.35 2.19 13.32
CA ARG A 82 -8.81 2.08 13.46
C ARG A 82 -9.32 0.93 12.60
N LYS A 83 -10.41 0.30 13.04
CA LYS A 83 -11.15 -0.73 12.30
C LYS A 83 -12.61 -0.30 12.18
N GLU A 84 -13.18 -0.48 10.99
CA GLU A 84 -14.49 0.08 10.62
C GLU A 84 -15.28 -0.93 9.78
N SER A 85 -16.24 -1.63 10.40
CA SER A 85 -17.15 -2.59 9.76
C SER A 85 -16.50 -3.61 8.79
N GLY A 86 -15.24 -3.98 9.02
CA GLY A 86 -14.49 -4.94 8.19
C GLY A 86 -13.37 -4.34 7.32
N GLU A 87 -12.93 -3.10 7.54
CA GLU A 87 -11.81 -2.46 6.82
C GLU A 87 -10.92 -1.65 7.77
N LEU A 88 -9.70 -1.32 7.32
CA LEU A 88 -8.61 -0.82 8.17
C LEU A 88 -8.20 0.62 7.82
N TYR A 89 -7.88 1.35 8.89
CA TYR A 89 -7.53 2.76 8.90
C TYR A 89 -6.24 3.03 9.69
N TYR A 90 -5.60 4.15 9.34
CA TYR A 90 -4.36 4.62 9.91
C TYR A 90 -4.52 6.10 10.25
N SER A 91 -4.27 6.47 11.49
CA SER A 91 -4.18 7.89 11.85
C SER A 91 -2.80 8.33 11.41
N ILE A 92 -2.75 9.26 10.46
CA ILE A 92 -1.52 9.89 9.97
C ILE A 92 -1.41 11.26 10.61
N GLU A 93 -0.26 11.60 11.17
CA GLU A 93 0.10 12.93 11.63
C GLU A 93 0.64 13.68 10.42
N LYS A 94 -0.19 14.59 9.89
CA LYS A 94 0.01 15.27 8.61
C LYS A 94 -0.08 16.77 8.84
N GLU A 95 1.00 17.50 8.55
CA GLU A 95 1.19 18.91 8.92
C GLU A 95 1.00 19.17 10.44
N GLY A 96 1.28 18.16 11.27
CA GLY A 96 1.14 18.22 12.73
C GLY A 96 -0.24 17.80 13.27
N GLN A 97 -1.07 17.16 12.43
CA GLN A 97 -2.49 16.87 12.71
C GLN A 97 -2.74 15.37 12.59
N ARG A 98 -3.20 14.70 13.66
CA ARG A 98 -3.50 13.26 13.64
C ARG A 98 -4.87 13.04 13.01
N LYS A 99 -4.86 12.54 11.76
CA LYS A 99 -5.99 12.48 10.82
C LYS A 99 -6.16 11.07 10.27
N TRP A 100 -7.40 10.57 10.24
CA TRP A 100 -7.67 9.21 9.78
C TRP A 100 -7.66 9.12 8.25
N TYR A 101 -6.86 8.18 7.76
CA TYR A 101 -6.82 7.78 6.35
C TYR A 101 -6.98 6.27 6.19
N LYS A 102 -7.46 5.82 5.03
CA LYS A 102 -7.75 4.40 4.72
C LYS A 102 -6.45 3.64 4.42
N ARG A 103 -6.43 2.31 4.56
CA ARG A 103 -5.32 1.44 4.09
C ARG A 103 -4.81 1.85 2.69
N MET A 104 -5.70 1.88 1.71
CA MET A 104 -5.36 2.24 0.33
C MET A 104 -5.11 3.74 0.10
N ALA A 105 -5.52 4.60 1.03
CA ALA A 105 -5.21 6.03 1.00
C ALA A 105 -3.87 6.34 1.67
N VAL A 106 -3.26 5.36 2.36
CA VAL A 106 -1.95 5.47 3.00
C VAL A 106 -0.94 4.66 2.18
N ILE A 107 -0.30 5.37 1.24
CA ILE A 107 0.62 4.79 0.24
C ILE A 107 2.08 5.03 0.67
N LEU A 108 2.99 4.14 0.26
CA LEU A 108 4.38 4.07 0.73
C LEU A 108 5.32 4.40 -0.44
N SER A 109 6.38 5.21 -0.20
CA SER A 109 7.45 5.34 -1.21
C SER A 109 8.25 4.04 -1.33
N LEU A 110 9.06 3.89 -2.37
CA LEU A 110 10.02 2.76 -2.42
C LEU A 110 10.99 2.71 -1.24
N GLU A 111 11.38 3.87 -0.69
CA GLU A 111 12.31 3.91 0.45
C GLU A 111 11.62 3.40 1.71
N GLN A 112 10.34 3.75 1.88
CA GLN A 112 9.50 3.23 2.96
C GLN A 112 9.22 1.73 2.76
N GLY A 113 8.77 1.32 1.57
CA GLY A 113 8.62 -0.08 1.15
C GLY A 113 9.87 -0.93 1.43
N ASN A 114 11.05 -0.40 1.18
CA ASN A 114 12.34 -1.03 1.49
C ASN A 114 12.50 -1.37 2.99
N ARG A 115 12.21 -0.44 3.90
CA ARG A 115 12.25 -0.65 5.38
C ARG A 115 11.29 -1.72 5.89
N LEU A 116 10.49 -2.26 4.97
CA LEU A 116 9.46 -3.25 5.20
C LEU A 116 9.80 -4.52 4.41
N ARG A 117 10.44 -4.38 3.24
CA ARG A 117 10.95 -5.46 2.37
C ARG A 117 11.86 -6.42 3.11
N GLU A 118 12.70 -5.87 3.98
CA GLU A 118 13.68 -6.59 4.79
C GLU A 118 13.11 -7.77 5.59
N GLN A 119 11.88 -7.64 6.11
CA GLN A 119 11.22 -8.61 6.92
C GLN A 119 9.98 -9.21 6.22
N TYR A 120 9.31 -8.43 5.35
CA TYR A 120 7.99 -8.76 4.77
C TYR A 120 8.02 -9.21 3.30
N GLY A 121 9.17 -9.07 2.63
CA GLY A 121 9.37 -9.47 1.23
C GLY A 121 8.98 -10.94 0.97
N LEU A 122 8.25 -11.22 -0.13
CA LEU A 122 7.91 -12.61 -0.48
C LEU A 122 9.13 -13.42 -0.92
N GLY A 123 10.00 -12.73 -1.65
CA GLY A 123 11.14 -13.26 -2.39
C GLY A 123 12.53 -12.79 -1.94
N SER B 1 -9.57 18.39 -9.53
CA SER B 1 -8.40 19.22 -9.13
C SER B 1 -7.06 18.55 -9.49
N THR B 2 -6.07 19.34 -9.95
CA THR B 2 -4.78 18.85 -10.49
C THR B 2 -3.82 18.22 -9.46
N SER B 3 -4.05 18.45 -8.16
CA SER B 3 -3.21 18.04 -7.01
C SER B 3 -3.13 16.51 -6.78
N ARG B 4 -2.42 15.79 -7.66
CA ARG B 4 -2.24 14.32 -7.65
C ARG B 4 -0.76 13.91 -7.80
N HIS B 5 -0.47 12.67 -7.40
CA HIS B 5 0.84 11.99 -7.40
C HIS B 5 1.39 11.75 -8.83
N LYS B 6 2.66 11.30 -8.93
CA LYS B 6 3.28 10.87 -10.22
C LYS B 6 2.52 9.73 -10.94
N MLY B 7 1.75 8.93 -10.19
CA MLY B 7 0.97 7.79 -10.66
CB MLY B 7 1.70 6.51 -10.21
CG MLY B 7 1.09 5.16 -10.65
CD MLY B 7 -0.20 4.73 -9.91
CE MLY B 7 -0.57 3.26 -10.16
NZ MLY B 7 -1.84 2.86 -9.47
CH1 MLY B 7 -3.08 3.52 -10.00
CH2 MLY B 7 -1.76 2.80 -7.99
C MLY B 7 -0.47 7.86 -10.14
O MLY B 7 -1.39 7.79 -10.94
H MLY B 7 1.79 9.08 -9.20
HA MLY B 7 0.92 7.79 -11.75
HB2 MLY B 7 1.79 6.52 -9.13
HB3 MLY B 7 2.71 6.57 -10.61
HG2 MLY B 7 1.85 4.40 -10.43
HG3 MLY B 7 0.92 5.17 -11.73
HD2 MLY B 7 -0.06 4.90 -8.85
HD3 MLY B 7 -1.02 5.35 -10.27
HE2 MLY B 7 -0.66 3.10 -11.24
HE3 MLY B 7 0.25 2.64 -9.79
HH11 MLY B 7 -3.12 4.56 -9.70
HH12 MLY B 7 -3.97 3.01 -9.62
HH13 MLY B 7 -3.12 3.47 -11.09
HH21 MLY B 7 -1.70 3.80 -7.55
HH22 MLY B 7 -2.65 2.31 -7.58
HH23 MLY B 7 -0.89 2.22 -7.66
HZ MLY B 7 -1.97 1.87 -9.74
N LEU B 8 -0.64 7.96 -8.80
CA LEU B 8 -1.94 7.84 -8.15
C LEU B 8 -2.97 8.89 -8.62
N MET B 9 -3.87 8.42 -9.50
CA MET B 9 -5.10 9.07 -9.97
C MET B 9 -5.85 8.08 -10.88
N PHE B 10 -7.19 8.12 -10.84
CA PHE B 10 -8.07 7.11 -11.45
C PHE B 10 -9.51 7.63 -11.67
N LYS B 11 -10.33 6.86 -12.40
CA LYS B 11 -11.71 7.20 -12.81
C LYS B 11 -12.75 6.23 -12.22
N THR B 12 -12.49 5.77 -10.98
CA THR B 12 -13.34 4.86 -10.18
C THR B 12 -14.81 5.32 -10.07
N GLY A 1 -8.91 -23.66 5.33
CA GLY A 1 -7.61 -23.23 5.93
C GLY A 1 -7.57 -21.73 6.19
N HIS A 2 -6.79 -21.31 7.20
CA HIS A 2 -6.67 -19.90 7.63
C HIS A 2 -5.99 -18.99 6.59
N MET A 3 -5.05 -19.54 5.81
CA MET A 3 -4.29 -18.85 4.75
C MET A 3 -4.07 -19.77 3.53
N ASN A 4 -3.59 -19.17 2.42
CA ASN A 4 -3.25 -19.86 1.18
C ASN A 4 -2.06 -19.19 0.51
N SER A 5 -0.98 -19.96 0.34
CA SER A 5 0.31 -19.63 -0.29
C SER A 5 0.67 -18.14 -0.31
N PHE A 6 0.21 -17.48 -1.35
CA PHE A 6 0.27 -16.06 -1.62
C PHE A 6 -1.08 -15.63 -2.19
N VAL A 7 -1.62 -16.43 -3.11
CA VAL A 7 -2.83 -16.15 -3.86
C VAL A 7 -4.06 -16.08 -2.94
N GLY A 8 -4.57 -14.85 -2.77
CA GLY A 8 -5.70 -14.50 -1.89
C GLY A 8 -5.31 -13.48 -0.79
N LEU A 9 -4.04 -13.40 -0.42
CA LEU A 9 -3.52 -12.51 0.64
C LEU A 9 -3.51 -11.03 0.25
N ARG A 10 -3.99 -10.18 1.18
CA ARG A 10 -3.84 -8.71 1.12
C ARG A 10 -2.41 -8.32 1.53
N VAL A 11 -1.72 -7.55 0.68
CA VAL A 11 -0.27 -7.24 0.79
C VAL A 11 -0.01 -5.85 0.19
N VAL A 12 1.20 -5.31 0.31
CA VAL A 12 1.59 -4.02 -0.33
C VAL A 12 2.70 -4.28 -1.35
N ALA A 13 2.57 -3.73 -2.56
CA ALA A 13 3.39 -4.04 -3.72
C ALA A 13 3.94 -2.77 -4.38
N LYS A 14 5.02 -2.91 -5.15
CA LYS A 14 5.52 -1.82 -5.98
C LYS A 14 4.77 -1.80 -7.31
N TRP A 15 4.28 -0.64 -7.71
CA TRP A 15 3.79 -0.41 -9.06
C TRP A 15 5.01 -0.04 -9.95
N SER A 16 5.44 -0.98 -10.79
CA SER A 16 6.71 -0.91 -11.54
C SER A 16 6.83 0.29 -12.51
N SER A 17 5.73 0.73 -13.13
CA SER A 17 5.76 1.77 -14.16
C SER A 17 6.04 3.20 -13.65
N ASN A 18 5.93 3.47 -12.34
CA ASN A 18 6.17 4.81 -11.76
C ASN A 18 7.01 4.85 -10.46
N GLY A 19 7.20 3.73 -9.74
CA GLY A 19 8.22 3.65 -8.67
C GLY A 19 7.77 3.47 -7.22
N TYR A 20 6.51 3.68 -6.85
CA TYR A 20 6.05 3.70 -5.44
C TYR A 20 5.21 2.46 -5.07
N PHE A 21 4.81 2.36 -3.80
CA PHE A 21 4.23 1.14 -3.21
C PHE A 21 2.80 1.38 -2.74
N TYR A 22 1.89 0.49 -3.18
CA TYR A 22 0.44 0.62 -3.03
C TYR A 22 -0.16 -0.72 -2.56
N SER A 23 -1.26 -0.69 -1.79
CA SER A 23 -1.89 -1.92 -1.26
C SER A 23 -2.69 -2.66 -2.34
N GLY A 24 -2.80 -3.98 -2.18
CA GLY A 24 -3.45 -4.88 -3.15
C GLY A 24 -3.60 -6.31 -2.63
N LYS A 25 -3.99 -7.24 -3.52
CA LYS A 25 -4.10 -8.68 -3.22
C LYS A 25 -3.33 -9.48 -4.26
N ILE A 26 -2.58 -10.50 -3.85
CA ILE A 26 -2.01 -11.42 -4.84
C ILE A 26 -3.16 -12.21 -5.47
N THR A 27 -3.26 -12.20 -6.79
CA THR A 27 -4.33 -12.85 -7.56
C THR A 27 -3.82 -14.10 -8.25
N ARG A 28 -2.48 -14.20 -8.41
CA ARG A 28 -1.78 -15.36 -8.95
C ARG A 28 -0.26 -15.31 -8.75
N ASP A 29 0.38 -16.45 -8.66
CA ASP A 29 1.82 -16.57 -8.87
C ASP A 29 2.00 -16.59 -10.39
N VAL A 30 2.54 -15.50 -10.95
CA VAL A 30 2.75 -15.39 -12.40
C VAL A 30 3.75 -16.47 -12.85
N GLY A 31 4.89 -16.52 -12.15
CA GLY A 31 5.90 -17.59 -12.26
C GLY A 31 7.28 -17.07 -11.85
N ALA A 32 8.20 -17.99 -11.56
CA ALA A 32 9.63 -17.72 -11.28
C ALA A 32 9.97 -16.74 -10.12
N GLY A 33 8.96 -16.22 -9.42
CA GLY A 33 9.08 -15.19 -8.37
C GLY A 33 8.17 -13.98 -8.61
N LYS A 34 7.60 -13.80 -9.81
CA LYS A 34 6.60 -12.75 -10.09
C LYS A 34 5.24 -13.22 -9.59
N TYR A 35 4.49 -12.31 -8.97
CA TYR A 35 3.11 -12.50 -8.55
C TYR A 35 2.23 -11.39 -9.16
N LYS A 36 1.04 -11.75 -9.65
CA LYS A 36 0.00 -10.87 -10.18
C LYS A 36 -0.68 -10.14 -9.02
N LEU A 37 -0.67 -8.82 -9.04
CA LEU A 37 -1.18 -7.98 -7.94
C LEU A 37 -2.29 -7.03 -8.39
N LEU A 38 -3.48 -7.27 -7.85
CA LEU A 38 -4.65 -6.39 -7.94
C LEU A 38 -4.56 -5.32 -6.86
N PHE A 39 -4.15 -4.12 -7.24
CA PHE A 39 -4.15 -2.95 -6.36
C PHE A 39 -5.57 -2.52 -5.97
N ASP A 40 -5.72 -1.92 -4.78
CA ASP A 40 -7.01 -1.36 -4.33
C ASP A 40 -7.54 -0.23 -5.23
N ASP A 41 -6.65 0.42 -5.99
CA ASP A 41 -6.99 1.42 -7.03
C ASP A 41 -7.76 0.78 -8.23
N GLY A 42 -7.70 -0.55 -8.34
CA GLY A 42 -8.42 -1.36 -9.34
C GLY A 42 -7.51 -1.90 -10.47
N TYR A 43 -6.21 -1.61 -10.40
CA TYR A 43 -5.20 -1.97 -11.41
C TYR A 43 -4.63 -3.38 -11.17
N GLU A 44 -4.11 -4.03 -12.21
CA GLU A 44 -3.42 -5.32 -12.11
C GLU A 44 -2.15 -5.31 -12.96
N CYS A 45 -1.02 -5.72 -12.35
CA CYS A 45 0.25 -5.98 -13.04
C CYS A 45 1.03 -7.08 -12.31
N ASP A 46 1.99 -7.68 -13.01
CA ASP A 46 2.97 -8.59 -12.44
C ASP A 46 4.00 -7.80 -11.62
N VAL A 47 4.39 -8.30 -10.44
CA VAL A 47 5.38 -7.69 -9.53
C VAL A 47 6.28 -8.80 -8.99
N LEU A 48 7.61 -8.63 -8.98
CA LEU A 48 8.54 -9.63 -8.41
C LEU A 48 8.42 -9.72 -6.88
N GLY A 49 8.66 -10.91 -6.30
CA GLY A 49 8.53 -11.17 -4.86
C GLY A 49 9.27 -10.19 -3.95
N LYS A 50 10.47 -9.77 -4.37
CA LYS A 50 11.26 -8.76 -3.65
C LYS A 50 10.53 -7.41 -3.53
N ASP A 51 9.69 -7.11 -4.49
CA ASP A 51 8.87 -5.89 -4.60
C ASP A 51 7.45 -6.02 -3.97
N ILE A 52 7.20 -7.00 -3.09
CA ILE A 52 5.90 -7.20 -2.42
C ILE A 52 6.13 -7.54 -0.94
N LEU A 53 5.26 -7.02 -0.09
CA LEU A 53 5.35 -6.96 1.35
C LEU A 53 4.07 -7.55 1.96
N LEU A 54 4.16 -8.73 2.56
CA LEU A 54 2.94 -9.49 2.91
C LEU A 54 2.51 -9.46 4.38
N CYS A 55 3.31 -8.84 5.23
CA CYS A 55 3.08 -8.75 6.67
C CYS A 55 3.35 -7.31 7.16
N ASP A 56 2.86 -6.35 6.35
CA ASP A 56 3.12 -4.92 6.41
C ASP A 56 1.90 -4.05 6.84
N PRO A 57 1.34 -4.24 8.05
CA PRO A 57 0.47 -3.22 8.61
C PRO A 57 1.41 -2.02 8.84
N ILE A 58 1.12 -0.86 8.26
CA ILE A 58 2.08 0.25 8.16
C ILE A 58 2.57 0.65 9.57
N PRO A 59 3.87 0.51 9.89
CA PRO A 59 4.36 0.78 11.23
C PRO A 59 4.23 2.27 11.56
N LEU A 60 3.72 2.52 12.76
CA LEU A 60 3.67 3.84 13.34
C LEU A 60 5.10 4.40 13.42
N ASP A 61 5.21 5.73 13.32
CA ASP A 61 6.45 6.49 13.17
C ASP A 61 7.12 6.37 11.78
N THR A 62 6.56 5.60 10.82
CA THR A 62 7.02 5.64 9.43
C THR A 62 6.35 6.77 8.66
N GLU A 63 7.04 7.28 7.64
CA GLU A 63 6.57 8.37 6.81
C GLU A 63 5.83 7.82 5.59
N VAL A 64 4.72 8.46 5.24
CA VAL A 64 3.76 7.99 4.23
C VAL A 64 3.05 9.15 3.54
N THR A 65 2.60 8.94 2.32
CA THR A 65 1.69 9.87 1.63
C THR A 65 0.24 9.47 1.91
N ALA A 66 -0.63 10.45 2.04
CA ALA A 66 -2.04 10.35 2.37
C ALA A 66 -2.90 10.92 1.24
N LEU A 67 -4.07 10.30 0.97
CA LEU A 67 -5.04 10.69 -0.06
C LEU A 67 -6.45 10.84 0.53
N SER A 68 -7.17 11.90 0.17
CA SER A 68 -8.49 12.23 0.73
C SER A 68 -9.61 11.90 -0.28
N GLU A 69 -10.82 11.65 0.21
CA GLU A 69 -11.99 11.40 -0.66
C GLU A 69 -12.38 12.64 -1.51
N ASP A 70 -12.01 13.83 -1.03
CA ASP A 70 -12.11 15.10 -1.79
C ASP A 70 -10.93 15.31 -2.80
N GLU A 71 -10.09 14.27 -2.97
CA GLU A 71 -9.03 14.07 -3.98
C GLU A 71 -7.64 14.65 -3.62
N TYR A 72 -7.49 15.41 -2.53
CA TYR A 72 -6.20 15.96 -2.09
C TYR A 72 -5.15 14.86 -1.84
N PHE A 73 -3.87 15.21 -2.00
CA PHE A 73 -2.75 14.34 -1.61
C PHE A 73 -1.57 15.14 -1.01
N SER A 74 -1.12 14.72 0.18
CA SER A 74 0.11 15.23 0.84
C SER A 74 0.71 14.19 1.78
N ALA A 75 1.86 14.47 2.43
CA ALA A 75 2.58 13.46 3.21
C ALA A 75 2.75 13.82 4.71
N GLY A 76 2.96 12.78 5.51
CA GLY A 76 2.95 12.81 6.97
C GLY A 76 3.42 11.49 7.56
N VAL A 77 3.11 11.22 8.83
CA VAL A 77 3.70 10.09 9.58
C VAL A 77 2.64 9.34 10.34
N VAL A 78 2.67 8.02 10.28
CA VAL A 78 1.68 7.23 11.00
C VAL A 78 1.80 7.41 12.53
N LYS A 79 0.69 7.68 13.22
CA LYS A 79 0.60 7.83 14.70
C LYS A 79 -0.61 7.11 15.34
N GLY A 80 -1.35 6.29 14.58
CA GLY A 80 -2.46 5.48 15.11
C GLY A 80 -3.06 4.47 14.13
N HIS A 81 -3.97 3.62 14.61
CA HIS A 81 -4.65 2.53 13.89
C HIS A 81 -6.14 2.44 14.24
N ARG A 82 -6.95 1.98 13.28
CA ARG A 82 -8.39 1.69 13.44
C ARG A 82 -8.76 0.48 12.56
N LYS A 83 -9.74 -0.29 13.00
CA LYS A 83 -10.38 -1.38 12.25
C LYS A 83 -11.88 -1.14 12.16
N GLU A 84 -12.46 -1.37 10.99
CA GLU A 84 -13.85 -1.04 10.67
C GLU A 84 -14.48 -2.14 9.81
N SER A 85 -15.27 -3.02 10.44
CA SER A 85 -16.00 -4.19 9.88
C SER A 85 -15.19 -5.26 9.13
N GLY A 86 -14.25 -4.87 8.27
CA GLY A 86 -13.36 -5.72 7.49
C GLY A 86 -12.26 -4.93 6.76
N GLU A 87 -11.97 -3.69 7.18
CA GLU A 87 -10.97 -2.81 6.56
C GLU A 87 -10.16 -2.08 7.63
N LEU A 88 -9.00 -1.56 7.23
CA LEU A 88 -7.94 -1.06 8.11
C LEU A 88 -7.59 0.40 7.81
N TYR A 89 -7.36 1.14 8.88
CA TYR A 89 -7.17 2.59 8.91
C TYR A 89 -5.92 2.99 9.69
N TYR A 90 -5.40 4.17 9.38
CA TYR A 90 -4.15 4.72 9.88
C TYR A 90 -4.36 6.20 10.20
N SER A 91 -4.11 6.61 11.45
CA SER A 91 -4.05 8.03 11.78
C SER A 91 -2.70 8.52 11.33
N ILE A 92 -2.68 9.42 10.35
CA ILE A 92 -1.47 10.06 9.84
C ILE A 92 -1.36 11.44 10.46
N GLU A 93 -0.21 11.78 11.02
CA GLU A 93 0.12 13.13 11.48
C GLU A 93 0.70 13.87 10.27
N LYS A 94 -0.16 14.63 9.61
CA LYS A 94 0.10 15.27 8.32
C LYS A 94 0.04 16.78 8.49
N GLU A 95 1.10 17.48 8.11
CA GLU A 95 1.28 18.92 8.35
C GLU A 95 1.13 19.31 9.86
N GLY A 96 1.37 18.36 10.77
CA GLY A 96 1.21 18.52 12.22
C GLY A 96 -0.16 18.12 12.80
N GLN A 97 -0.98 17.38 12.02
CA GLN A 97 -2.40 17.11 12.32
C GLN A 97 -2.66 15.60 12.27
N ARG A 98 -3.11 14.99 13.37
CA ARG A 98 -3.44 13.55 13.43
C ARG A 98 -4.82 13.32 12.78
N LYS A 99 -4.79 12.77 11.57
CA LYS A 99 -5.93 12.68 10.62
C LYS A 99 -6.09 11.24 10.13
N TRP A 100 -7.31 10.72 10.11
CA TRP A 100 -7.58 9.33 9.69
C TRP A 100 -7.58 9.18 8.17
N TYR A 101 -6.79 8.21 7.70
CA TYR A 101 -6.74 7.75 6.31
C TYR A 101 -6.89 6.21 6.24
N LYS A 102 -7.32 5.70 5.09
CA LYS A 102 -7.54 4.27 4.82
C LYS A 102 -6.24 3.57 4.45
N ARG A 103 -6.16 2.23 4.56
CA ARG A 103 -5.06 1.40 4.00
C ARG A 103 -4.62 1.86 2.62
N MET A 104 -5.55 1.81 1.66
CA MET A 104 -5.29 2.18 0.25
C MET A 104 -5.02 3.66 0.03
N ALA A 105 -5.35 4.49 1.03
CA ALA A 105 -5.13 5.93 1.01
C ALA A 105 -3.80 6.33 1.66
N VAL A 106 -3.10 5.38 2.30
CA VAL A 106 -1.79 5.55 2.94
C VAL A 106 -0.74 4.78 2.12
N ILE A 107 -0.11 5.52 1.20
CA ILE A 107 0.82 4.98 0.19
C ILE A 107 2.28 5.20 0.66
N LEU A 108 3.18 4.30 0.25
CA LEU A 108 4.57 4.23 0.73
C LEU A 108 5.52 4.57 -0.44
N SER A 109 6.58 5.35 -0.21
CA SER A 109 7.65 5.50 -1.23
C SER A 109 8.43 4.19 -1.34
N LEU A 110 9.24 4.02 -2.40
CA LEU A 110 10.19 2.91 -2.46
C LEU A 110 11.17 2.87 -1.28
N GLU A 111 11.58 4.02 -0.76
CA GLU A 111 12.53 4.08 0.38
C GLU A 111 11.85 3.60 1.67
N GLN A 112 10.58 3.96 1.86
CA GLN A 112 9.74 3.46 2.96
C GLN A 112 9.46 1.96 2.78
N GLY A 113 9.01 1.53 1.60
CA GLY A 113 8.84 0.13 1.19
C GLY A 113 10.08 -0.72 1.46
N ASN A 114 11.27 -0.19 1.18
CA ASN A 114 12.55 -0.84 1.48
C ASN A 114 12.75 -1.16 2.97
N ARG A 115 12.47 -0.22 3.89
CA ARG A 115 12.53 -0.43 5.37
C ARG A 115 11.57 -1.50 5.89
N LEU A 116 10.74 -2.03 4.99
CA LEU A 116 9.72 -3.01 5.24
C LEU A 116 10.05 -4.30 4.45
N ARG A 117 10.69 -4.17 3.28
CA ARG A 117 11.18 -5.26 2.42
C ARG A 117 12.11 -6.21 3.16
N GLU A 118 12.95 -5.65 4.03
CA GLU A 118 13.91 -6.38 4.85
C GLU A 118 13.31 -7.54 5.65
N GLN A 119 12.10 -7.39 6.17
CA GLN A 119 11.44 -8.33 7.02
C GLN A 119 10.19 -8.95 6.34
N TYR A 120 9.53 -8.20 5.45
CA TYR A 120 8.21 -8.53 4.88
C TYR A 120 8.23 -8.98 3.41
N GLY A 121 9.37 -8.86 2.74
CA GLY A 121 9.55 -9.25 1.34
C GLY A 121 9.14 -10.71 1.07
N LEU A 122 8.41 -10.97 -0.03
CA LEU A 122 8.08 -12.36 -0.43
C LEU A 122 9.33 -13.12 -0.90
N GLY A 123 10.20 -12.36 -1.57
CA GLY A 123 11.37 -12.79 -2.32
C GLY A 123 12.65 -11.98 -2.05
N SER B 1 -7.21 22.62 -12.73
CA SER B 1 -5.87 22.61 -12.07
C SER B 1 -5.62 21.29 -11.31
N THR B 2 -6.17 21.15 -10.08
CA THR B 2 -5.99 20.05 -9.10
C THR B 2 -4.53 19.67 -8.80
N SER B 3 -4.35 18.63 -7.97
CA SER B 3 -3.08 18.04 -7.51
C SER B 3 -3.25 16.53 -7.45
N ARG B 4 -2.26 15.74 -7.91
CA ARG B 4 -2.33 14.26 -7.89
C ARG B 4 -0.95 13.59 -7.85
N HIS B 5 -0.90 12.39 -7.26
CA HIS B 5 0.30 11.53 -7.18
C HIS B 5 0.77 11.01 -8.58
N LYS B 6 1.86 10.24 -8.60
CA LYS B 6 2.57 9.78 -9.82
C LYS B 6 1.70 9.04 -10.84
N MLY B 7 0.74 8.25 -10.35
CA MLY B 7 -0.11 7.35 -11.15
CB MLY B 7 0.57 5.96 -11.21
CG MLY B 7 0.86 5.30 -9.84
CD MLY B 7 0.11 3.97 -9.62
CE MLY B 7 -1.40 4.13 -9.39
NZ MLY B 7 -2.05 2.88 -8.91
CH1 MLY B 7 -1.96 1.73 -9.85
CH2 MLY B 7 -1.79 2.51 -7.49
C MLY B 7 -1.58 7.22 -10.70
O MLY B 7 -2.40 6.69 -11.44
H MLY B 7 0.69 8.21 -9.34
HA MLY B 7 -0.16 7.74 -12.17
HB2 MLY B 7 -0.02 5.30 -11.84
HB3 MLY B 7 1.52 6.10 -11.73
HG2 MLY B 7 0.61 5.97 -9.03
HG3 MLY B 7 1.93 5.09 -9.77
HD2 MLY B 7 0.26 3.32 -10.49
HD3 MLY B 7 0.55 3.47 -8.76
HE2 MLY B 7 -1.56 4.92 -8.65
HE3 MLY B 7 -1.87 4.44 -10.32
HH11 MLY B 7 -0.96 1.31 -9.85
HH12 MLY B 7 -2.66 0.95 -9.54
HH13 MLY B 7 -2.21 2.03 -10.87
HH21 MLY B 7 -2.48 1.72 -7.17
HH22 MLY B 7 -0.78 2.14 -7.37
HH23 MLY B 7 -1.94 3.37 -6.83
HZ MLY B 7 -3.05 3.15 -8.93
N LEU B 8 -1.91 7.67 -9.47
CA LEU B 8 -3.20 7.42 -8.84
C LEU B 8 -4.37 8.16 -9.51
N MET B 9 -5.50 7.46 -9.73
CA MET B 9 -6.80 8.04 -10.09
C MET B 9 -7.95 7.06 -9.76
N PHE B 10 -8.39 7.06 -8.49
CA PHE B 10 -9.51 6.23 -8.01
C PHE B 10 -10.80 6.43 -8.82
N LYS B 11 -11.36 5.33 -9.33
CA LYS B 11 -12.65 5.23 -10.07
C LYS B 11 -13.45 3.99 -9.62
N THR B 12 -13.29 3.59 -8.34
CA THR B 12 -13.83 2.37 -7.72
C THR B 12 -14.24 2.59 -6.26
N GLY A 1 -5.02 -22.76 13.20
CA GLY A 1 -5.43 -22.00 11.99
C GLY A 1 -4.60 -22.37 10.76
N HIS A 2 -5.05 -21.94 9.58
CA HIS A 2 -4.40 -22.20 8.28
C HIS A 2 -4.64 -21.04 7.29
N MET A 3 -3.80 -20.94 6.25
CA MET A 3 -3.83 -19.91 5.20
C MET A 3 -3.45 -20.49 3.83
N ASN A 4 -4.07 -19.96 2.76
CA ASN A 4 -3.68 -20.23 1.37
C ASN A 4 -2.32 -19.62 1.03
N SER A 5 -1.78 -20.10 -0.09
CA SER A 5 -0.66 -19.45 -0.74
C SER A 5 -1.01 -17.99 -1.06
N PHE A 6 0.01 -17.16 -1.19
CA PHE A 6 0.03 -15.78 -1.72
C PHE A 6 -1.27 -15.30 -2.36
N VAL A 7 -1.67 -15.98 -3.44
CA VAL A 7 -2.91 -15.82 -4.17
C VAL A 7 -4.14 -15.73 -3.27
N GLY A 8 -4.59 -14.49 -3.05
CA GLY A 8 -5.76 -14.11 -2.26
C GLY A 8 -5.44 -13.18 -1.08
N LEU A 9 -4.18 -13.11 -0.64
CA LEU A 9 -3.72 -12.27 0.48
C LEU A 9 -3.64 -10.79 0.08
N ARG A 10 -4.09 -9.91 0.98
CA ARG A 10 -3.89 -8.44 0.91
C ARG A 10 -2.47 -8.09 1.36
N VAL A 11 -1.76 -7.34 0.52
CA VAL A 11 -0.32 -7.03 0.60
C VAL A 11 -0.07 -5.64 0.00
N VAL A 12 1.19 -5.21 -0.12
CA VAL A 12 1.58 -3.94 -0.80
C VAL A 12 2.67 -4.24 -1.82
N ALA A 13 2.65 -3.61 -2.99
CA ALA A 13 3.50 -3.97 -4.12
C ALA A 13 4.04 -2.74 -4.84
N LYS A 14 5.12 -2.90 -5.61
CA LYS A 14 5.63 -1.83 -6.48
C LYS A 14 4.88 -1.82 -7.80
N TRP A 15 4.43 -0.63 -8.21
CA TRP A 15 3.91 -0.40 -9.57
C TRP A 15 5.08 0.04 -10.48
N SER A 16 5.46 -0.83 -11.42
CA SER A 16 6.68 -0.72 -12.24
C SER A 16 6.71 0.53 -13.15
N SER A 17 5.56 1.02 -13.61
CA SER A 17 5.45 2.13 -14.57
C SER A 17 5.60 3.54 -13.96
N ASN A 18 5.85 3.67 -12.65
CA ASN A 18 6.13 4.97 -12.02
C ASN A 18 7.15 4.95 -10.85
N GLY A 19 7.16 3.91 -9.98
CA GLY A 19 8.24 3.73 -8.99
C GLY A 19 7.85 3.51 -7.53
N TYR A 20 6.61 3.77 -7.10
CA TYR A 20 6.19 3.78 -5.69
C TYR A 20 5.38 2.51 -5.35
N PHE A 21 5.07 2.29 -4.07
CA PHE A 21 4.43 1.05 -3.60
C PHE A 21 2.98 1.34 -3.16
N TYR A 22 2.05 0.52 -3.68
CA TYR A 22 0.61 0.71 -3.55
C TYR A 22 -0.04 -0.60 -3.03
N SER A 23 -1.08 -0.52 -2.22
CA SER A 23 -1.71 -1.73 -1.64
C SER A 23 -2.53 -2.50 -2.67
N GLY A 24 -2.69 -3.81 -2.45
CA GLY A 24 -3.34 -4.71 -3.39
C GLY A 24 -3.50 -6.13 -2.90
N LYS A 25 -3.89 -7.04 -3.80
CA LYS A 25 -4.13 -8.47 -3.54
C LYS A 25 -3.35 -9.30 -4.56
N ILE A 26 -2.67 -10.37 -4.14
CA ILE A 26 -2.10 -11.31 -5.11
C ILE A 26 -3.26 -12.03 -5.81
N THR A 27 -3.33 -11.95 -7.13
CA THR A 27 -4.41 -12.55 -7.93
C THR A 27 -4.00 -13.89 -8.56
N ARG A 28 -2.70 -14.07 -8.82
CA ARG A 28 -2.08 -15.31 -9.36
C ARG A 28 -0.55 -15.25 -9.34
N ASP A 29 0.14 -16.33 -8.98
CA ASP A 29 1.59 -16.49 -9.19
C ASP A 29 1.89 -16.58 -10.70
N VAL A 30 2.40 -15.50 -11.29
CA VAL A 30 2.71 -15.40 -12.72
C VAL A 30 3.70 -16.53 -13.07
N GLY A 31 4.80 -16.62 -12.32
CA GLY A 31 5.72 -17.73 -12.31
C GLY A 31 7.12 -17.28 -11.93
N ALA A 32 8.01 -18.23 -11.59
CA ALA A 32 9.43 -18.02 -11.31
C ALA A 32 9.80 -17.01 -10.19
N GLY A 33 8.80 -16.44 -9.50
CA GLY A 33 8.92 -15.41 -8.47
C GLY A 33 8.06 -14.19 -8.74
N LYS A 34 7.53 -13.98 -9.96
CA LYS A 34 6.58 -12.91 -10.28
C LYS A 34 5.19 -13.33 -9.83
N TYR A 35 4.47 -12.40 -9.20
CA TYR A 35 3.06 -12.54 -8.85
C TYR A 35 2.24 -11.39 -9.47
N LYS A 36 1.06 -11.72 -10.01
CA LYS A 36 0.05 -10.80 -10.54
C LYS A 36 -0.63 -10.08 -9.37
N LEU A 37 -0.59 -8.76 -9.37
CA LEU A 37 -1.08 -7.90 -8.29
C LEU A 37 -2.17 -6.94 -8.75
N LEU A 38 -3.37 -7.15 -8.21
CA LEU A 38 -4.50 -6.22 -8.30
C LEU A 38 -4.35 -5.18 -7.21
N PHE A 39 -3.92 -3.99 -7.57
CA PHE A 39 -3.91 -2.83 -6.70
C PHE A 39 -5.34 -2.45 -6.28
N ASP A 40 -5.50 -1.92 -5.07
CA ASP A 40 -6.78 -1.34 -4.62
C ASP A 40 -7.26 -0.15 -5.47
N ASP A 41 -6.36 0.39 -6.30
CA ASP A 41 -6.68 1.41 -7.30
C ASP A 41 -7.63 0.87 -8.39
N GLY A 42 -7.73 -0.46 -8.53
CA GLY A 42 -8.47 -1.16 -9.59
C GLY A 42 -7.60 -1.67 -10.76
N TYR A 43 -6.27 -1.51 -10.66
CA TYR A 43 -5.28 -1.83 -11.72
C TYR A 43 -4.57 -3.16 -11.45
N GLU A 44 -4.02 -3.82 -12.48
CA GLU A 44 -3.25 -5.06 -12.34
C GLU A 44 -1.92 -5.00 -13.11
N CYS A 45 -0.84 -5.51 -12.49
CA CYS A 45 0.46 -5.73 -13.13
C CYS A 45 1.19 -6.94 -12.51
N ASP A 46 2.15 -7.52 -13.23
CA ASP A 46 3.06 -8.52 -12.66
C ASP A 46 4.14 -7.79 -11.82
N VAL A 47 4.51 -8.36 -10.68
CA VAL A 47 5.53 -7.79 -9.76
C VAL A 47 6.42 -8.93 -9.24
N LEU A 48 7.73 -8.77 -9.21
CA LEU A 48 8.64 -9.78 -8.66
C LEU A 48 8.53 -9.86 -7.12
N GLY A 49 8.68 -11.06 -6.54
CA GLY A 49 8.49 -11.33 -5.11
C GLY A 49 9.17 -10.34 -4.17
N LYS A 50 10.40 -9.91 -4.51
CA LYS A 50 11.12 -8.92 -3.69
C LYS A 50 10.32 -7.63 -3.49
N ASP A 51 9.59 -7.21 -4.52
CA ASP A 51 8.82 -5.96 -4.58
C ASP A 51 7.35 -6.12 -4.13
N ILE A 52 7.05 -7.13 -3.32
CA ILE A 52 5.73 -7.34 -2.71
C ILE A 52 5.93 -7.64 -1.22
N LEU A 53 5.17 -6.96 -0.37
CA LEU A 53 5.30 -6.87 1.08
C LEU A 53 4.04 -7.44 1.73
N LEU A 54 4.16 -8.53 2.48
CA LEU A 54 3.00 -9.31 2.99
C LEU A 54 2.85 -9.38 4.52
N CYS A 55 3.72 -8.69 5.26
CA CYS A 55 3.62 -8.48 6.71
C CYS A 55 3.46 -6.97 7.01
N ASP A 56 2.78 -6.32 6.07
CA ASP A 56 2.62 -4.91 5.77
C ASP A 56 1.58 -3.99 6.44
N PRO A 57 0.78 -4.33 7.48
CA PRO A 57 0.05 -3.29 8.20
C PRO A 57 1.06 -2.20 8.61
N ILE A 58 0.83 -0.95 8.19
CA ILE A 58 1.85 0.10 8.21
C ILE A 58 2.35 0.35 9.65
N PRO A 59 3.66 0.18 9.95
CA PRO A 59 4.18 0.42 11.28
C PRO A 59 4.07 1.90 11.64
N LEU A 60 3.54 2.14 12.84
CA LEU A 60 3.50 3.45 13.42
C LEU A 60 4.92 4.04 13.52
N ASP A 61 5.01 5.37 13.47
CA ASP A 61 6.25 6.15 13.36
C ASP A 61 6.94 6.06 11.97
N THR A 62 6.44 5.26 11.01
CA THR A 62 6.94 5.33 9.63
C THR A 62 6.27 6.48 8.87
N GLU A 63 7.00 7.00 7.89
CA GLU A 63 6.58 8.14 7.07
C GLU A 63 5.95 7.65 5.76
N VAL A 64 4.81 8.23 5.41
CA VAL A 64 3.90 7.76 4.34
C VAL A 64 3.19 8.91 3.64
N THR A 65 2.66 8.66 2.43
CA THR A 65 1.74 9.56 1.74
C THR A 65 0.29 9.20 2.12
N ALA A 66 -0.57 10.21 2.20
CA ALA A 66 -1.98 10.12 2.49
C ALA A 66 -2.80 10.75 1.34
N LEU A 67 -3.99 10.22 1.06
CA LEU A 67 -4.93 10.72 0.06
C LEU A 67 -6.33 10.94 0.65
N SER A 68 -6.97 12.05 0.29
CA SER A 68 -8.31 12.44 0.76
C SER A 68 -9.35 12.22 -0.34
N GLU A 69 -10.61 12.00 0.03
CA GLU A 69 -11.73 11.83 -0.92
C GLU A 69 -11.99 13.09 -1.77
N ASP A 70 -11.56 14.26 -1.27
CA ASP A 70 -11.57 15.55 -1.99
C ASP A 70 -10.34 15.73 -2.94
N GLU A 71 -9.55 14.66 -3.12
CA GLU A 71 -8.45 14.42 -4.08
C GLU A 71 -7.04 14.80 -3.57
N TYR A 72 -6.94 15.56 -2.47
CA TYR A 72 -5.66 16.02 -1.92
C TYR A 72 -4.68 14.87 -1.64
N PHE A 73 -3.40 15.09 -1.94
CA PHE A 73 -2.30 14.19 -1.60
C PHE A 73 -1.14 14.94 -0.93
N SER A 74 -0.69 14.41 0.20
CA SER A 74 0.49 14.92 0.94
C SER A 74 1.14 13.81 1.77
N ALA A 75 2.27 14.08 2.44
CA ALA A 75 2.95 13.08 3.27
C ALA A 75 3.09 13.50 4.74
N GLY A 76 3.15 12.49 5.60
CA GLY A 76 3.08 12.59 7.06
C GLY A 76 3.48 11.26 7.69
N VAL A 77 3.12 11.02 8.96
CA VAL A 77 3.67 9.89 9.74
C VAL A 77 2.60 9.17 10.51
N VAL A 78 2.61 7.84 10.46
CA VAL A 78 1.60 7.08 11.19
C VAL A 78 1.73 7.27 12.70
N LYS A 79 0.63 7.59 13.39
CA LYS A 79 0.53 7.75 14.87
C LYS A 79 -0.70 7.04 15.48
N GLY A 80 -1.45 6.23 14.71
CA GLY A 80 -2.54 5.40 15.23
C GLY A 80 -3.17 4.43 14.22
N HIS A 81 -4.08 3.59 14.71
CA HIS A 81 -4.83 2.56 13.96
C HIS A 81 -6.32 2.57 14.34
N ARG A 82 -7.19 2.24 13.38
CA ARG A 82 -8.65 2.10 13.56
C ARG A 82 -9.17 0.93 12.74
N LYS A 83 -10.23 0.29 13.22
CA LYS A 83 -11.00 -0.74 12.51
C LYS A 83 -12.47 -0.31 12.44
N GLU A 84 -13.09 -0.52 11.30
CA GLU A 84 -14.42 0.01 10.98
C GLU A 84 -15.23 -1.03 10.20
N SER A 85 -16.13 -1.73 10.91
CA SER A 85 -17.03 -2.81 10.46
C SER A 85 -16.37 -4.07 9.85
N GLY A 86 -15.35 -3.90 9.01
CA GLY A 86 -14.56 -4.94 8.34
C GLY A 86 -13.39 -4.38 7.51
N GLU A 87 -12.92 -3.15 7.78
CA GLU A 87 -11.82 -2.50 7.05
C GLU A 87 -10.92 -1.70 7.99
N LEU A 88 -9.73 -1.32 7.50
CA LEU A 88 -8.62 -0.80 8.31
C LEU A 88 -8.22 0.63 7.96
N TYR A 89 -7.85 1.37 9.00
CA TYR A 89 -7.51 2.79 9.01
C TYR A 89 -6.22 3.09 9.78
N TYR A 90 -5.63 4.24 9.45
CA TYR A 90 -4.38 4.74 9.99
C TYR A 90 -4.54 6.20 10.36
N SER A 91 -4.22 6.58 11.59
CA SER A 91 -4.13 7.99 11.94
C SER A 91 -2.75 8.44 11.48
N ILE A 92 -2.72 9.32 10.48
CA ILE A 92 -1.49 9.93 9.97
C ILE A 92 -1.37 11.31 10.59
N GLU A 93 -0.23 11.63 11.19
CA GLU A 93 0.11 12.97 11.64
C GLU A 93 0.73 13.69 10.45
N LYS A 94 -0.06 14.57 9.85
CA LYS A 94 0.26 15.26 8.61
C LYS A 94 0.18 16.76 8.81
N GLU A 95 1.24 17.49 8.50
CA GLU A 95 1.34 18.95 8.72
C GLU A 95 1.14 19.32 10.22
N GLY A 96 1.34 18.36 11.14
CA GLY A 96 1.08 18.52 12.59
C GLY A 96 -0.32 18.09 13.07
N GLN A 97 -1.06 17.31 12.26
CA GLN A 97 -2.49 17.01 12.47
C GLN A 97 -2.73 15.49 12.41
N ARG A 98 -3.22 14.88 13.47
CA ARG A 98 -3.54 13.43 13.52
C ARG A 98 -4.89 13.18 12.84
N LYS A 99 -4.83 12.63 11.63
CA LYS A 99 -5.95 12.54 10.67
C LYS A 99 -6.14 11.11 10.17
N TRP A 100 -7.39 10.62 10.15
CA TRP A 100 -7.70 9.25 9.74
C TRP A 100 -7.71 9.11 8.22
N TYR A 101 -6.85 8.22 7.72
CA TYR A 101 -6.81 7.77 6.33
C TYR A 101 -7.00 6.24 6.23
N LYS A 102 -7.46 5.76 5.08
CA LYS A 102 -7.74 4.32 4.84
C LYS A 102 -6.44 3.57 4.59
N ARG A 103 -6.39 2.24 4.79
CA ARG A 103 -5.26 1.38 4.35
C ARG A 103 -4.77 1.73 2.94
N MET A 104 -5.69 1.67 1.96
CA MET A 104 -5.36 1.98 0.56
C MET A 104 -5.15 3.47 0.26
N ALA A 105 -5.59 4.38 1.15
CA ALA A 105 -5.32 5.81 1.01
C ALA A 105 -3.95 6.18 1.61
N VAL A 106 -3.30 5.26 2.34
CA VAL A 106 -1.96 5.41 2.90
C VAL A 106 -0.97 4.63 2.03
N ILE A 107 -0.19 5.35 1.23
CA ILE A 107 0.70 4.78 0.19
C ILE A 107 2.17 5.04 0.58
N LEU A 108 3.08 4.15 0.17
CA LEU A 108 4.47 4.11 0.66
C LEU A 108 5.45 4.41 -0.48
N SER A 109 6.19 5.52 -0.37
CA SER A 109 7.32 5.83 -1.24
C SER A 109 8.34 4.70 -1.18
N LEU A 110 8.99 4.32 -2.29
CA LEU A 110 9.82 3.11 -2.35
C LEU A 110 10.89 3.03 -1.26
N GLU A 111 11.49 4.16 -0.90
CA GLU A 111 12.54 4.21 0.14
C GLU A 111 11.97 3.95 1.54
N GLN A 112 10.71 4.34 1.78
CA GLN A 112 9.97 4.07 3.02
C GLN A 112 9.57 2.59 3.06
N GLY A 113 9.08 2.05 1.93
CA GLY A 113 8.71 0.63 1.77
C GLY A 113 9.90 -0.33 1.85
N ASN A 114 11.09 0.11 1.46
CA ASN A 114 12.36 -0.61 1.61
C ASN A 114 12.68 -0.99 3.07
N ARG A 115 12.45 -0.09 4.05
CA ARG A 115 12.60 -0.41 5.50
C ARG A 115 11.79 -1.65 5.92
N LEU A 116 10.74 -1.94 5.15
CA LEU A 116 9.84 -3.06 5.30
C LEU A 116 10.32 -4.26 4.46
N ARG A 117 10.80 -4.02 3.23
CA ARG A 117 11.18 -5.03 2.21
C ARG A 117 12.13 -6.09 2.73
N GLU A 118 13.07 -5.70 3.58
CA GLU A 118 14.02 -6.58 4.26
C GLU A 118 13.39 -7.75 5.03
N GLN A 119 12.22 -7.54 5.65
CA GLN A 119 11.56 -8.48 6.53
C GLN A 119 10.24 -8.99 5.90
N TYR A 120 9.57 -8.15 5.10
CA TYR A 120 8.20 -8.40 4.58
C TYR A 120 8.16 -8.88 3.12
N GLY A 121 9.27 -8.79 2.39
CA GLY A 121 9.38 -9.23 1.00
C GLY A 121 9.00 -10.70 0.79
N LEU A 122 8.28 -11.04 -0.29
CA LEU A 122 7.97 -12.45 -0.64
C LEU A 122 9.23 -13.21 -1.06
N GLY A 123 10.11 -12.47 -1.75
CA GLY A 123 11.28 -12.96 -2.47
C GLY A 123 12.59 -12.23 -2.15
N SER B 1 -6.29 23.73 -9.20
CA SER B 1 -5.13 22.82 -8.93
C SER B 1 -5.58 21.36 -8.80
N THR B 2 -4.87 20.42 -9.44
CA THR B 2 -5.18 18.97 -9.37
C THR B 2 -4.93 18.36 -7.97
N SER B 3 -3.88 18.83 -7.28
CA SER B 3 -3.52 18.47 -5.89
C SER B 3 -3.41 16.96 -5.58
N ARG B 4 -3.17 16.11 -6.60
CA ARG B 4 -3.27 14.65 -6.51
C ARG B 4 -1.98 13.92 -6.93
N HIS B 5 -1.77 12.73 -6.37
CA HIS B 5 -0.53 11.93 -6.43
C HIS B 5 -0.10 11.53 -7.86
N LYS B 6 1.18 11.14 -8.01
CA LYS B 6 1.96 10.90 -9.24
C LYS B 6 1.20 10.29 -10.44
N MLY B 7 0.41 9.24 -10.18
CA MLY B 7 -0.37 8.50 -11.19
CB MLY B 7 0.41 7.22 -11.57
CG MLY B 7 0.56 6.12 -10.50
CD MLY B 7 -0.68 5.19 -10.36
CE MLY B 7 -0.38 3.90 -9.59
NZ MLY B 7 -1.55 2.97 -9.48
CH1 MLY B 7 -2.32 2.70 -10.73
CH2 MLY B 7 -1.18 1.71 -8.75
C MLY B 7 -1.81 8.20 -10.73
O MLY B 7 -2.53 7.47 -11.40
H MLY B 7 0.42 8.90 -9.24
HA MLY B 7 -0.46 9.12 -12.09
HB2 MLY B 7 1.41 7.54 -11.86
HB3 MLY B 7 -0.04 6.80 -12.47
HG2 MLY B 7 0.79 6.57 -9.52
HG3 MLY B 7 1.41 5.51 -10.78
HD2 MLY B 7 -1.02 4.94 -11.37
HD3 MLY B 7 -1.48 5.71 -9.84
HE2 MLY B 7 0.45 3.39 -10.09
HE3 MLY B 7 -0.04 4.17 -8.59
HH11 MLY B 7 -1.67 2.33 -11.52
HH12 MLY B 7 -2.83 3.60 -11.08
HH13 MLY B 7 -3.10 1.96 -10.56
HH21 MLY B 7 -0.46 1.13 -9.31
HH22 MLY B 7 -2.06 1.09 -8.57
HH23 MLY B 7 -0.75 1.94 -7.78
HZ MLY B 7 -2.24 3.43 -8.84
N LEU B 8 -2.21 8.73 -9.57
CA LEU B 8 -3.41 8.33 -8.86
C LEU B 8 -4.71 8.77 -9.54
N MET B 9 -5.44 7.76 -10.00
CA MET B 9 -6.84 7.75 -10.39
C MET B 9 -7.27 6.28 -10.48
N PHE B 10 -8.56 6.00 -10.34
CA PHE B 10 -9.04 4.64 -10.08
C PHE B 10 -9.92 4.03 -11.19
N LYS B 11 -9.99 2.69 -11.15
CA LYS B 11 -10.77 1.80 -12.03
C LYS B 11 -11.60 0.78 -11.20
N THR B 12 -11.79 1.10 -9.92
CA THR B 12 -12.57 0.36 -8.91
C THR B 12 -14.00 0.03 -9.35
N GLY A 1 -9.58 -20.76 10.63
CA GLY A 1 -8.43 -19.92 10.22
C GLY A 1 -7.56 -20.64 9.20
N HIS A 2 -7.59 -20.18 7.94
CA HIS A 2 -6.94 -20.83 6.78
C HIS A 2 -6.32 -19.80 5.82
N MET A 3 -5.41 -20.27 4.95
CA MET A 3 -4.69 -19.47 3.93
C MET A 3 -4.54 -20.24 2.60
N ASN A 4 -4.11 -19.53 1.55
CA ASN A 4 -3.90 -20.06 0.20
C ASN A 4 -2.66 -19.43 -0.43
N SER A 5 -1.51 -20.07 -0.20
CA SER A 5 -0.16 -19.70 -0.65
C SER A 5 0.19 -18.22 -0.54
N PHE A 6 -0.20 -17.47 -1.56
CA PHE A 6 -0.01 -16.05 -1.76
C PHE A 6 -1.27 -15.49 -2.39
N VAL A 7 -1.67 -16.14 -3.48
CA VAL A 7 -2.85 -15.90 -4.29
C VAL A 7 -4.13 -15.81 -3.44
N GLY A 8 -4.54 -14.57 -3.17
CA GLY A 8 -5.75 -14.20 -2.42
C GLY A 8 -5.48 -13.22 -1.26
N LEU A 9 -4.23 -13.17 -0.75
CA LEU A 9 -3.82 -12.33 0.39
C LEU A 9 -3.70 -10.85 0.02
N ARG A 10 -4.22 -9.96 0.88
CA ARG A 10 -3.93 -8.52 0.83
C ARG A 10 -2.53 -8.23 1.37
N VAL A 11 -1.74 -7.49 0.58
CA VAL A 11 -0.31 -7.20 0.75
C VAL A 11 -0.01 -5.80 0.20
N VAL A 12 1.25 -5.37 0.16
CA VAL A 12 1.67 -4.10 -0.51
C VAL A 12 2.80 -4.43 -1.49
N ALA A 13 2.87 -3.77 -2.65
CA ALA A 13 3.79 -4.10 -3.73
C ALA A 13 4.35 -2.85 -4.39
N LYS A 14 5.49 -3.00 -5.09
CA LYS A 14 6.06 -1.93 -5.92
C LYS A 14 5.44 -1.95 -7.31
N TRP A 15 4.83 -0.83 -7.73
CA TRP A 15 4.34 -0.63 -9.11
C TRP A 15 5.52 -0.30 -10.04
N SER A 16 5.77 -1.17 -11.02
CA SER A 16 6.98 -1.15 -11.87
C SER A 16 7.13 0.09 -12.77
N SER A 17 6.03 0.65 -13.28
CA SER A 17 6.04 1.72 -14.29
C SER A 17 6.38 3.14 -13.76
N ASN A 18 6.54 3.31 -12.43
CA ASN A 18 7.00 4.58 -11.83
C ASN A 18 7.86 4.40 -10.55
N GLY A 19 7.62 3.37 -9.74
CA GLY A 19 8.53 3.00 -8.64
C GLY A 19 8.19 3.55 -7.26
N TYR A 20 6.97 3.33 -6.76
CA TYR A 20 6.50 3.56 -5.37
C TYR A 20 5.69 2.32 -4.93
N PHE A 21 5.23 2.24 -3.68
CA PHE A 21 4.63 1.04 -3.08
C PHE A 21 3.15 1.26 -2.70
N TYR A 22 2.28 0.39 -3.21
CA TYR A 22 0.82 0.55 -3.15
C TYR A 22 0.15 -0.76 -2.71
N SER A 23 -0.96 -0.69 -1.96
CA SER A 23 -1.62 -1.90 -1.44
C SER A 23 -2.39 -2.64 -2.54
N GLY A 24 -2.53 -3.96 -2.39
CA GLY A 24 -3.24 -4.79 -3.36
C GLY A 24 -3.41 -6.23 -2.90
N LYS A 25 -3.85 -7.12 -3.80
CA LYS A 25 -4.00 -8.57 -3.55
C LYS A 25 -3.19 -9.36 -4.56
N ILE A 26 -2.51 -10.43 -4.13
CA ILE A 26 -1.90 -11.38 -5.09
C ILE A 26 -3.04 -12.07 -5.84
N THR A 27 -3.07 -11.94 -7.16
CA THR A 27 -4.15 -12.52 -8.00
C THR A 27 -3.75 -13.83 -8.66
N ARG A 28 -2.44 -14.02 -8.89
CA ARG A 28 -1.82 -15.24 -9.46
C ARG A 28 -0.28 -15.20 -9.41
N ASP A 29 0.37 -16.30 -9.03
CA ASP A 29 1.81 -16.50 -9.20
C ASP A 29 2.14 -16.55 -10.70
N VAL A 30 2.69 -15.46 -11.24
CA VAL A 30 3.01 -15.33 -12.67
C VAL A 30 3.96 -16.47 -13.06
N GLY A 31 5.05 -16.61 -12.29
CA GLY A 31 5.95 -17.75 -12.33
C GLY A 31 7.34 -17.34 -11.86
N ALA A 32 8.19 -18.32 -11.55
CA ALA A 32 9.61 -18.17 -11.20
C ALA A 32 9.96 -17.23 -10.02
N GLY A 33 8.96 -16.64 -9.35
CA GLY A 33 9.08 -15.65 -8.27
C GLY A 33 8.26 -14.39 -8.52
N LYS A 34 7.78 -14.12 -9.75
CA LYS A 34 6.87 -13.00 -10.05
C LYS A 34 5.46 -13.40 -9.64
N TYR A 35 4.74 -12.47 -9.03
CA TYR A 35 3.32 -12.58 -8.70
C TYR A 35 2.55 -11.40 -9.31
N LYS A 36 1.39 -11.68 -9.90
CA LYS A 36 0.41 -10.73 -10.42
C LYS A 36 -0.29 -10.03 -9.27
N LEU A 37 -0.23 -8.70 -9.23
CA LEU A 37 -0.76 -7.86 -8.15
C LEU A 37 -1.79 -6.86 -8.66
N LEU A 38 -3.03 -7.07 -8.21
CA LEU A 38 -4.14 -6.13 -8.36
C LEU A 38 -4.07 -5.14 -7.20
N PHE A 39 -3.58 -3.95 -7.49
CA PHE A 39 -3.62 -2.81 -6.59
C PHE A 39 -5.08 -2.42 -6.25
N ASP A 40 -5.32 -1.94 -5.03
CA ASP A 40 -6.67 -1.60 -4.56
C ASP A 40 -7.34 -0.46 -5.36
N ASP A 41 -6.56 0.35 -6.07
CA ASP A 41 -7.06 1.37 -7.01
C ASP A 41 -7.58 0.80 -8.35
N GLY A 42 -7.48 -0.52 -8.55
CA GLY A 42 -8.05 -1.27 -9.68
C GLY A 42 -7.04 -1.67 -10.77
N TYR A 43 -5.77 -1.29 -10.60
CA TYR A 43 -4.69 -1.48 -11.57
C TYR A 43 -3.95 -2.82 -11.33
N GLU A 44 -3.33 -3.41 -12.36
CA GLU A 44 -2.58 -4.68 -12.24
C GLU A 44 -1.19 -4.61 -12.89
N CYS A 45 -0.20 -5.24 -12.23
CA CYS A 45 1.14 -5.48 -12.80
C CYS A 45 1.79 -6.75 -12.21
N ASP A 46 2.74 -7.38 -12.92
CA ASP A 46 3.59 -8.45 -12.40
C ASP A 46 4.72 -7.83 -11.54
N VAL A 47 4.97 -8.39 -10.35
CA VAL A 47 5.97 -7.90 -9.39
C VAL A 47 6.79 -9.09 -8.87
N LEU A 48 8.12 -8.99 -8.82
CA LEU A 48 8.97 -10.06 -8.23
C LEU A 48 8.77 -10.16 -6.71
N GLY A 49 8.85 -11.37 -6.14
CA GLY A 49 8.58 -11.64 -4.72
C GLY A 49 9.32 -10.71 -3.75
N LYS A 50 10.57 -10.35 -4.06
CA LYS A 50 11.35 -9.42 -3.25
C LYS A 50 10.62 -8.09 -3.03
N ASP A 51 9.90 -7.62 -4.04
CA ASP A 51 9.21 -6.33 -4.11
C ASP A 51 7.73 -6.36 -3.63
N ILE A 52 7.33 -7.37 -2.85
CA ILE A 52 5.98 -7.52 -2.30
C ILE A 52 6.08 -7.82 -0.80
N LEU A 53 5.27 -7.15 -0.01
CA LEU A 53 5.30 -7.02 1.43
C LEU A 53 4.03 -7.63 2.03
N LEU A 54 4.12 -8.75 2.74
CA LEU A 54 2.94 -9.53 3.18
C LEU A 54 2.73 -9.66 4.70
N CYS A 55 3.58 -9.01 5.50
CA CYS A 55 3.43 -8.84 6.95
C CYS A 55 3.42 -7.32 7.21
N ASP A 56 2.59 -6.66 6.41
CA ASP A 56 2.59 -5.24 6.08
C ASP A 56 1.61 -4.23 6.72
N PRO A 57 0.99 -4.42 7.91
CA PRO A 57 0.32 -3.29 8.56
C PRO A 57 1.36 -2.17 8.75
N ILE A 58 1.06 -0.96 8.26
CA ILE A 58 2.06 0.12 8.12
C ILE A 58 2.65 0.46 9.51
N PRO A 59 3.98 0.37 9.71
CA PRO A 59 4.59 0.67 11.00
C PRO A 59 4.45 2.15 11.33
N LEU A 60 3.96 2.42 12.53
CA LEU A 60 3.90 3.75 13.08
C LEU A 60 5.32 4.35 13.14
N ASP A 61 5.40 5.68 13.05
CA ASP A 61 6.62 6.48 12.85
C ASP A 61 7.24 6.38 11.44
N THR A 62 6.72 5.55 10.52
CA THR A 62 7.14 5.60 9.10
C THR A 62 6.44 6.73 8.34
N GLU A 63 7.15 7.30 7.37
CA GLU A 63 6.63 8.34 6.48
C GLU A 63 5.80 7.70 5.35
N VAL A 64 4.68 8.34 5.01
CA VAL A 64 3.71 7.85 4.04
C VAL A 64 2.98 8.99 3.32
N THR A 65 2.48 8.70 2.12
CA THR A 65 1.54 9.58 1.40
C THR A 65 0.11 9.17 1.78
N ALA A 66 -0.81 10.13 1.80
CA ALA A 66 -2.19 10.04 2.23
C ALA A 66 -3.13 10.60 1.15
N LEU A 67 -4.30 10.00 0.95
CA LEU A 67 -5.33 10.45 0.00
C LEU A 67 -6.70 10.62 0.65
N SER A 68 -7.43 11.67 0.29
CA SER A 68 -8.76 12.00 0.83
C SER A 68 -9.87 11.67 -0.18
N GLU A 69 -11.08 11.44 0.33
CA GLU A 69 -12.26 11.16 -0.53
C GLU A 69 -12.59 12.34 -1.47
N ASP A 70 -12.22 13.57 -1.07
CA ASP A 70 -12.28 14.80 -1.87
C ASP A 70 -11.10 14.97 -2.86
N GLU A 71 -10.30 13.92 -3.06
CA GLU A 71 -9.23 13.70 -4.07
C GLU A 71 -7.83 14.21 -3.68
N TYR A 72 -7.70 15.02 -2.62
CA TYR A 72 -6.40 15.56 -2.19
C TYR A 72 -5.36 14.47 -1.94
N PHE A 73 -4.10 14.75 -2.28
CA PHE A 73 -2.94 13.90 -1.98
C PHE A 73 -1.76 14.71 -1.41
N SER A 74 -1.29 14.32 -0.21
CA SER A 74 -0.07 14.86 0.42
C SER A 74 0.57 13.85 1.39
N ALA A 75 1.71 14.16 2.02
CA ALA A 75 2.46 13.20 2.84
C ALA A 75 2.68 13.64 4.29
N GLY A 76 2.92 12.65 5.15
CA GLY A 76 2.98 12.75 6.60
C GLY A 76 3.49 11.44 7.22
N VAL A 77 3.16 11.18 8.49
CA VAL A 77 3.77 10.06 9.25
C VAL A 77 2.74 9.32 10.04
N VAL A 78 2.79 8.00 10.03
CA VAL A 78 1.83 7.22 10.79
C VAL A 78 2.00 7.43 12.31
N LYS A 79 0.93 7.74 13.03
CA LYS A 79 0.87 7.91 14.49
C LYS A 79 -0.31 7.19 15.18
N GLY A 80 -1.07 6.35 14.46
CA GLY A 80 -2.13 5.51 15.04
C GLY A 80 -2.75 4.49 14.08
N HIS A 81 -3.63 3.64 14.63
CA HIS A 81 -4.37 2.56 13.95
C HIS A 81 -5.83 2.51 14.41
N ARG A 82 -6.72 2.08 13.52
CA ARG A 82 -8.14 1.82 13.80
C ARG A 82 -8.63 0.63 12.97
N LYS A 83 -9.62 -0.08 13.51
CA LYS A 83 -10.39 -1.13 12.83
C LYS A 83 -11.87 -0.77 12.92
N GLU A 84 -12.58 -0.91 11.79
CA GLU A 84 -13.98 -0.52 11.66
C GLU A 84 -14.74 -1.55 10.83
N SER A 85 -15.59 -2.34 11.51
CA SER A 85 -16.49 -3.40 11.00
C SER A 85 -15.86 -4.58 10.22
N GLY A 86 -14.84 -4.32 9.41
CA GLY A 86 -14.09 -5.28 8.61
C GLY A 86 -13.00 -4.62 7.75
N GLU A 87 -12.53 -3.41 8.09
CA GLU A 87 -11.49 -2.68 7.34
C GLU A 87 -10.55 -1.91 8.27
N LEU A 88 -9.38 -1.55 7.75
CA LEU A 88 -8.23 -1.05 8.51
C LEU A 88 -7.86 0.39 8.14
N TYR A 89 -7.52 1.15 9.16
CA TYR A 89 -7.26 2.59 9.14
C TYR A 89 -5.98 2.95 9.87
N TYR A 90 -5.45 4.13 9.52
CA TYR A 90 -4.19 4.69 10.00
C TYR A 90 -4.38 6.16 10.30
N SER A 91 -4.01 6.59 11.51
CA SER A 91 -3.93 8.02 11.80
C SER A 91 -2.58 8.48 11.29
N ILE A 92 -2.60 9.34 10.27
CA ILE A 92 -1.41 9.97 9.71
C ILE A 92 -1.30 11.38 10.30
N GLU A 93 -0.13 11.75 10.82
CA GLU A 93 0.20 13.11 11.21
C GLU A 93 0.73 13.81 9.97
N LYS A 94 -0.16 14.56 9.32
CA LYS A 94 0.09 15.21 8.03
C LYS A 94 0.02 16.72 8.19
N GLU A 95 1.06 17.43 7.78
CA GLU A 95 1.24 18.88 8.00
C GLU A 95 1.09 19.29 9.49
N GLY A 96 1.36 18.35 10.42
CA GLY A 96 1.21 18.55 11.87
C GLY A 96 -0.15 18.15 12.46
N GLN A 97 -0.97 17.39 11.71
CA GLN A 97 -2.38 17.11 12.03
C GLN A 97 -2.64 15.61 12.02
N ARG A 98 -3.09 15.02 13.13
CA ARG A 98 -3.38 13.57 13.22
C ARG A 98 -4.76 13.31 12.60
N LYS A 99 -4.73 12.73 11.39
CA LYS A 99 -5.86 12.60 10.46
C LYS A 99 -6.04 11.13 10.05
N TRP A 100 -7.26 10.62 10.11
CA TRP A 100 -7.56 9.23 9.77
C TRP A 100 -7.64 9.01 8.25
N TYR A 101 -6.85 8.06 7.77
CA TYR A 101 -6.83 7.58 6.38
C TYR A 101 -6.98 6.04 6.33
N LYS A 102 -7.45 5.53 5.20
CA LYS A 102 -7.72 4.09 4.95
C LYS A 102 -6.42 3.35 4.64
N ARG A 103 -6.33 2.02 4.82
CA ARG A 103 -5.20 1.18 4.33
C ARG A 103 -4.76 1.55 2.91
N MET A 104 -5.69 1.47 1.95
CA MET A 104 -5.40 1.80 0.54
C MET A 104 -5.24 3.30 0.24
N ALA A 105 -5.63 4.18 1.16
CA ALA A 105 -5.37 5.62 1.06
C ALA A 105 -4.00 6.01 1.66
N VAL A 106 -3.33 5.09 2.36
CA VAL A 106 -2.00 5.29 2.93
C VAL A 106 -0.99 4.46 2.13
N ILE A 107 -0.18 5.18 1.35
CA ILE A 107 0.72 4.61 0.33
C ILE A 107 2.18 4.95 0.67
N LEU A 108 3.12 4.05 0.36
CA LEU A 108 4.51 4.12 0.82
C LEU A 108 5.44 4.57 -0.33
N SER A 109 6.23 5.62 -0.11
CA SER A 109 7.31 6.00 -1.03
C SER A 109 8.43 4.95 -1.00
N LEU A 110 9.21 4.77 -2.09
CA LEU A 110 10.12 3.62 -2.25
C LEU A 110 11.15 3.44 -1.14
N GLU A 111 11.69 4.53 -0.60
CA GLU A 111 12.66 4.49 0.50
C GLU A 111 12.04 3.90 1.79
N GLN A 112 10.77 4.22 2.02
CA GLN A 112 9.98 3.74 3.17
C GLN A 112 9.60 2.27 2.96
N GLY A 113 9.04 1.94 1.79
CA GLY A 113 8.75 0.55 1.37
C GLY A 113 9.96 -0.37 1.46
N ASN A 114 11.16 0.13 1.10
CA ASN A 114 12.43 -0.58 1.30
C ASN A 114 12.69 -1.01 2.76
N ARG A 115 12.50 -0.14 3.75
CA ARG A 115 12.65 -0.48 5.18
C ARG A 115 11.67 -1.55 5.66
N LEU A 116 10.58 -1.78 4.93
CA LEU A 116 9.69 -2.92 5.16
C LEU A 116 10.16 -4.15 4.38
N ARG A 117 10.67 -3.95 3.17
CA ARG A 117 11.06 -4.98 2.18
C ARG A 117 12.06 -5.99 2.71
N GLU A 118 12.99 -5.52 3.52
CA GLU A 118 13.96 -6.34 4.25
C GLU A 118 13.34 -7.45 5.12
N GLN A 119 12.15 -7.22 5.71
CA GLN A 119 11.57 -8.08 6.69
C GLN A 119 10.31 -8.77 6.14
N TYR A 120 9.58 -8.08 5.25
CA TYR A 120 8.25 -8.47 4.75
C TYR A 120 8.25 -9.02 3.31
N GLY A 121 9.37 -8.90 2.59
CA GLY A 121 9.56 -9.44 1.24
C GLY A 121 9.11 -10.91 1.10
N LEU A 122 8.38 -11.28 0.04
CA LEU A 122 7.99 -12.68 -0.23
C LEU A 122 9.20 -13.57 -0.55
N GLY A 123 10.10 -12.97 -1.32
CA GLY A 123 11.25 -13.61 -1.97
C GLY A 123 12.56 -13.36 -1.23
N SER B 1 -6.23 25.05 -10.01
CA SER B 1 -5.17 24.29 -9.30
C SER B 1 -5.43 22.78 -9.33
N THR B 2 -4.43 21.97 -8.98
CA THR B 2 -4.47 20.48 -9.04
C THR B 2 -3.89 19.87 -7.76
N SER B 3 -4.53 18.81 -7.24
CA SER B 3 -4.25 18.23 -5.91
C SER B 3 -4.21 16.69 -5.88
N ARG B 4 -4.00 16.03 -7.02
CA ARG B 4 -4.17 14.58 -7.19
C ARG B 4 -2.85 13.90 -7.63
N HIS B 5 -2.61 12.70 -7.09
CA HIS B 5 -1.41 11.88 -7.24
C HIS B 5 -1.01 11.56 -8.70
N LYS B 6 0.29 11.31 -8.91
CA LYS B 6 0.99 11.02 -10.17
C LYS B 6 0.45 9.87 -11.05
N MLY B 7 -0.28 8.89 -10.48
CA MLY B 7 -0.83 7.72 -11.19
CB MLY B 7 0.25 6.62 -11.16
CG MLY B 7 -0.13 5.29 -11.86
CD MLY B 7 -1.03 4.27 -11.14
CE MLY B 7 -0.55 3.91 -9.71
NZ MLY B 7 -1.35 2.83 -9.05
CH1 MLY B 7 -1.13 2.78 -7.59
CH2 MLY B 7 -1.23 1.47 -9.66
C MLY B 7 -2.14 7.23 -10.58
O MLY B 7 -3.09 6.95 -11.32
H MLY B 7 -0.44 8.98 -9.48
HA MLY B 7 -1.02 7.99 -12.22
HB2 MLY B 7 1.13 7.01 -11.69
HB3 MLY B 7 0.56 6.42 -10.14
HG2 MLY B 7 -0.60 5.54 -12.82
HG3 MLY B 7 0.81 4.78 -12.11
HD2 MLY B 7 -2.05 4.63 -11.08
HD3 MLY B 7 -1.04 3.36 -11.74
HE2 MLY B 7 -0.62 4.82 -9.10
HE3 MLY B 7 0.50 3.63 -9.75
HH11 MLY B 7 -0.10 2.50 -7.41
HH12 MLY B 7 -1.77 2.03 -7.12
HH13 MLY B 7 -1.33 3.74 -7.12
HH21 MLY B 7 -1.52 1.47 -10.70
HH22 MLY B 7 -1.88 0.77 -9.13
HH23 MLY B 7 -0.21 1.10 -9.56
HZ MLY B 7 -2.37 3.06 -9.14
N LEU B 8 -2.19 7.13 -9.24
CA LEU B 8 -3.35 6.66 -8.48
C LEU B 8 -4.61 7.43 -8.84
N MET B 9 -5.72 6.70 -9.11
CA MET B 9 -7.06 7.30 -9.21
C MET B 9 -8.19 6.29 -8.98
N PHE B 10 -9.36 6.78 -8.56
CA PHE B 10 -10.50 6.01 -8.06
C PHE B 10 -11.76 6.17 -8.94
N LYS B 11 -11.60 5.91 -10.25
CA LYS B 11 -12.71 5.74 -11.21
C LYS B 11 -13.56 4.48 -10.92
N THR B 12 -13.01 3.57 -10.10
CA THR B 12 -13.60 2.35 -9.50
C THR B 12 -15.07 2.49 -9.08
N GLY A 1 -9.67 -24.37 3.28
CA GLY A 1 -8.33 -24.38 3.92
C GLY A 1 -8.09 -23.14 4.78
N HIS A 2 -7.32 -23.30 5.87
CA HIS A 2 -7.01 -22.22 6.84
C HIS A 2 -6.16 -21.08 6.25
N MET A 3 -5.25 -21.41 5.32
CA MET A 3 -4.34 -20.48 4.64
C MET A 3 -3.99 -20.97 3.21
N ASN A 4 -3.38 -20.11 2.40
CA ASN A 4 -2.83 -20.44 1.07
C ASN A 4 -1.49 -19.74 0.89
N SER A 5 -0.75 -20.19 -0.13
CA SER A 5 0.65 -19.87 -0.39
C SER A 5 1.00 -18.39 -0.29
N PHE A 6 0.33 -17.64 -1.15
CA PHE A 6 0.51 -16.21 -1.38
C PHE A 6 -0.81 -15.68 -1.93
N VAL A 7 -1.21 -16.34 -3.01
CA VAL A 7 -2.46 -16.17 -3.74
C VAL A 7 -3.68 -16.16 -2.82
N GLY A 8 -4.16 -14.95 -2.52
CA GLY A 8 -5.33 -14.68 -1.68
C GLY A 8 -5.04 -13.71 -0.52
N LEU A 9 -3.77 -13.58 -0.11
CA LEU A 9 -3.32 -12.71 1.01
C LEU A 9 -3.34 -11.23 0.62
N ARG A 10 -3.80 -10.38 1.57
CA ARG A 10 -3.67 -8.92 1.51
C ARG A 10 -2.25 -8.49 1.90
N VAL A 11 -1.61 -7.70 1.05
CA VAL A 11 -0.18 -7.32 1.11
C VAL A 11 0.00 -5.91 0.50
N VAL A 12 1.20 -5.33 0.54
CA VAL A 12 1.50 -4.03 -0.11
C VAL A 12 2.61 -4.23 -1.14
N ALA A 13 2.48 -3.69 -2.34
CA ALA A 13 3.36 -3.98 -3.48
C ALA A 13 3.78 -2.73 -4.24
N LYS A 14 4.92 -2.80 -4.94
CA LYS A 14 5.37 -1.71 -5.82
C LYS A 14 4.74 -1.88 -7.20
N TRP A 15 4.04 -0.85 -7.66
CA TRP A 15 3.57 -0.75 -9.04
C TRP A 15 4.77 -0.77 -10.00
N SER A 16 4.82 -1.76 -10.89
CA SER A 16 6.01 -2.12 -11.67
C SER A 16 6.58 -1.08 -12.64
N SER A 17 5.82 -0.07 -13.06
CA SER A 17 6.31 1.07 -13.87
C SER A 17 7.06 2.12 -13.03
N ASN A 18 8.03 1.65 -12.25
CA ASN A 18 8.85 2.38 -11.27
C ASN A 18 8.09 3.42 -10.41
N GLY A 19 6.99 3.00 -9.78
CA GLY A 19 6.14 3.85 -8.92
C GLY A 19 6.42 3.70 -7.42
N TYR A 20 5.36 3.87 -6.63
CA TYR A 20 5.34 3.77 -5.15
C TYR A 20 4.66 2.44 -4.75
N PHE A 21 4.43 2.26 -3.46
CA PHE A 21 3.94 1.01 -2.85
C PHE A 21 2.48 1.20 -2.42
N TYR A 22 1.61 0.33 -2.94
CA TYR A 22 0.15 0.41 -2.83
C TYR A 22 -0.43 -0.89 -2.27
N SER A 23 -1.51 -0.85 -1.49
CA SER A 23 -2.13 -2.06 -0.91
C SER A 23 -2.93 -2.85 -1.95
N GLY A 24 -2.94 -4.17 -1.81
CA GLY A 24 -3.56 -5.08 -2.77
C GLY A 24 -3.60 -6.54 -2.29
N LYS A 25 -3.99 -7.46 -3.18
CA LYS A 25 -4.05 -8.92 -2.89
C LYS A 25 -3.30 -9.70 -3.96
N ILE A 26 -2.53 -10.72 -3.59
CA ILE A 26 -1.94 -11.62 -4.59
C ILE A 26 -3.08 -12.38 -5.27
N THR A 27 -3.20 -12.27 -6.58
CA THR A 27 -4.27 -12.92 -7.37
C THR A 27 -3.80 -14.21 -8.04
N ARG A 28 -2.49 -14.29 -8.36
CA ARG A 28 -1.83 -15.46 -8.98
C ARG A 28 -0.29 -15.33 -9.05
N ASP A 29 0.45 -16.38 -8.72
CA ASP A 29 1.89 -16.49 -8.99
C ASP A 29 2.17 -16.51 -10.51
N VAL A 30 2.63 -15.37 -11.04
CA VAL A 30 2.89 -15.18 -12.49
C VAL A 30 3.92 -16.21 -12.97
N GLY A 31 5.07 -16.26 -12.27
CA GLY A 31 6.17 -17.19 -12.52
C GLY A 31 7.51 -16.55 -12.14
N ALA A 32 8.58 -17.34 -12.03
CA ALA A 32 9.95 -16.89 -11.72
C ALA A 32 10.18 -16.12 -10.39
N GLY A 33 9.12 -15.90 -9.60
CA GLY A 33 9.11 -15.02 -8.43
C GLY A 33 8.21 -13.79 -8.61
N LYS A 34 7.65 -13.54 -9.80
CA LYS A 34 6.64 -12.51 -10.03
C LYS A 34 5.27 -13.04 -9.60
N TYR A 35 4.52 -12.21 -8.90
CA TYR A 35 3.14 -12.45 -8.49
C TYR A 35 2.23 -11.32 -9.03
N LYS A 36 1.06 -11.69 -9.57
CA LYS A 36 -0.01 -10.80 -10.04
C LYS A 36 -0.70 -10.16 -8.83
N LEU A 37 -0.77 -8.83 -8.78
CA LEU A 37 -1.30 -8.05 -7.65
C LEU A 37 -2.44 -7.13 -8.08
N LEU A 38 -3.63 -7.42 -7.53
CA LEU A 38 -4.81 -6.56 -7.59
C LEU A 38 -4.76 -5.52 -6.48
N PHE A 39 -4.42 -4.29 -6.83
CA PHE A 39 -4.41 -3.13 -5.96
C PHE A 39 -5.84 -2.69 -5.57
N ASP A 40 -6.00 -2.08 -4.40
CA ASP A 40 -7.32 -1.69 -3.87
C ASP A 40 -8.03 -0.61 -4.71
N ASP A 41 -7.29 0.19 -5.47
CA ASP A 41 -7.85 1.15 -6.43
C ASP A 41 -8.47 0.48 -7.68
N GLY A 42 -8.26 -0.84 -7.85
CA GLY A 42 -8.87 -1.69 -8.87
C GLY A 42 -7.90 -2.16 -9.97
N TYR A 43 -6.65 -1.69 -9.92
CA TYR A 43 -5.61 -1.94 -10.93
C TYR A 43 -4.92 -3.30 -10.71
N GLU A 44 -4.31 -3.87 -11.76
CA GLU A 44 -3.51 -5.11 -11.67
C GLU A 44 -2.19 -4.98 -12.43
N CYS A 45 -1.10 -5.46 -11.82
CA CYS A 45 0.21 -5.61 -12.46
C CYS A 45 0.97 -6.85 -11.89
N ASP A 46 1.96 -7.36 -12.61
CA ASP A 46 2.90 -8.34 -12.11
C ASP A 46 3.95 -7.61 -11.26
N VAL A 47 4.35 -8.17 -10.13
CA VAL A 47 5.35 -7.58 -9.23
C VAL A 47 6.29 -8.69 -8.76
N LEU A 48 7.62 -8.48 -8.80
CA LEU A 48 8.58 -9.46 -8.26
C LEU A 48 8.45 -9.61 -6.74
N GLY A 49 8.71 -10.81 -6.23
CA GLY A 49 8.55 -11.15 -4.82
C GLY A 49 9.25 -10.18 -3.88
N LYS A 50 10.46 -9.74 -4.23
CA LYS A 50 11.20 -8.75 -3.42
C LYS A 50 10.39 -7.45 -3.19
N ASP A 51 9.57 -7.09 -4.17
CA ASP A 51 8.80 -5.85 -4.26
C ASP A 51 7.35 -5.98 -3.71
N ILE A 52 7.06 -7.03 -2.94
CA ILE A 52 5.76 -7.29 -2.30
C ILE A 52 6.01 -7.59 -0.82
N LEU A 53 5.24 -6.92 0.04
CA LEU A 53 5.43 -6.80 1.48
C LEU A 53 4.22 -7.44 2.19
N LEU A 54 4.43 -8.61 2.81
CA LEU A 54 3.31 -9.44 3.32
C LEU A 54 3.16 -9.50 4.84
N CYS A 55 4.00 -8.76 5.55
CA CYS A 55 3.95 -8.59 7.01
C CYS A 55 3.88 -7.09 7.33
N ASP A 56 3.05 -6.38 6.55
CA ASP A 56 3.04 -4.92 6.46
C ASP A 56 1.75 -4.19 6.88
N PRO A 57 1.32 -4.30 8.14
CA PRO A 57 0.41 -3.30 8.68
C PRO A 57 1.32 -2.06 8.80
N ILE A 58 0.95 -0.92 8.18
CA ILE A 58 1.91 0.19 7.97
C ILE A 58 2.52 0.65 9.31
N PRO A 59 3.85 0.50 9.51
CA PRO A 59 4.44 0.71 10.82
C PRO A 59 4.30 2.16 11.25
N LEU A 60 3.83 2.32 12.48
CA LEU A 60 3.79 3.62 13.13
C LEU A 60 5.20 4.22 13.19
N ASP A 61 5.28 5.54 13.18
CA ASP A 61 6.49 6.35 13.00
C ASP A 61 7.12 6.28 11.59
N THR A 62 6.53 5.53 10.62
CA THR A 62 6.95 5.59 9.21
C THR A 62 6.25 6.73 8.47
N GLU A 63 6.98 7.34 7.54
CA GLU A 63 6.49 8.42 6.68
C GLU A 63 5.73 7.85 5.48
N VAL A 64 4.61 8.48 5.15
CA VAL A 64 3.63 8.02 4.16
C VAL A 64 2.90 9.17 3.47
N THR A 65 2.37 8.91 2.27
CA THR A 65 1.42 9.81 1.60
C THR A 65 0.00 9.40 2.02
N ALA A 66 -0.88 10.37 2.16
CA ALA A 66 -2.26 10.24 2.60
C ALA A 66 -3.20 10.88 1.55
N LEU A 67 -4.37 10.28 1.33
CA LEU A 67 -5.38 10.76 0.38
C LEU A 67 -6.77 10.90 1.00
N SER A 68 -7.46 11.99 0.70
CA SER A 68 -8.78 12.32 1.28
C SER A 68 -9.89 12.06 0.26
N GLU A 69 -11.11 11.78 0.71
CA GLU A 69 -12.27 11.59 -0.19
C GLU A 69 -12.66 12.89 -0.94
N ASP A 70 -12.22 14.05 -0.42
CA ASP A 70 -12.28 15.34 -1.11
C ASP A 70 -11.17 15.53 -2.18
N GLU A 71 -10.35 14.49 -2.41
CA GLU A 71 -9.35 14.26 -3.46
C GLU A 71 -7.93 14.82 -3.19
N TYR A 72 -7.69 15.50 -2.07
CA TYR A 72 -6.34 15.99 -1.70
C TYR A 72 -5.33 14.85 -1.57
N PHE A 73 -4.05 15.13 -1.87
CA PHE A 73 -2.93 14.20 -1.67
C PHE A 73 -1.70 14.94 -1.10
N SER A 74 -1.22 14.49 0.07
CA SER A 74 -0.09 15.09 0.81
C SER A 74 0.62 14.04 1.67
N ALA A 75 1.72 14.37 2.36
CA ALA A 75 2.48 13.39 3.16
C ALA A 75 2.67 13.79 4.64
N GLY A 76 2.87 12.77 5.47
CA GLY A 76 2.88 12.83 6.93
C GLY A 76 3.36 11.49 7.51
N VAL A 77 3.06 11.20 8.77
CA VAL A 77 3.65 10.05 9.50
C VAL A 77 2.63 9.30 10.29
N VAL A 78 2.65 7.99 10.21
CA VAL A 78 1.71 7.18 10.99
C VAL A 78 1.93 7.36 12.49
N LYS A 79 0.88 7.61 13.28
CA LYS A 79 0.89 7.63 14.77
C LYS A 79 -0.31 6.91 15.43
N GLY A 80 -1.08 6.10 14.69
CA GLY A 80 -2.15 5.26 15.27
C GLY A 80 -2.82 4.29 14.29
N HIS A 81 -3.72 3.45 14.80
CA HIS A 81 -4.46 2.40 14.09
C HIS A 81 -5.94 2.37 14.51
N ARG A 82 -6.82 2.02 13.57
CA ARG A 82 -8.27 1.86 13.77
C ARG A 82 -8.79 0.69 12.93
N LYS A 83 -9.86 0.06 13.39
CA LYS A 83 -10.62 -0.98 12.67
C LYS A 83 -12.08 -0.57 12.57
N GLU A 84 -12.67 -0.76 11.40
CA GLU A 84 -13.99 -0.22 11.05
C GLU A 84 -14.81 -1.23 10.25
N SER A 85 -15.74 -1.92 10.92
CA SER A 85 -16.68 -2.89 10.33
C SER A 85 -16.07 -3.93 9.35
N GLY A 86 -14.78 -4.26 9.53
CA GLY A 86 -14.04 -5.19 8.67
C GLY A 86 -12.98 -4.56 7.75
N GLU A 87 -12.50 -3.33 8.00
CA GLU A 87 -11.38 -2.72 7.25
C GLU A 87 -10.44 -1.95 8.18
N LEU A 88 -9.26 -1.57 7.66
CA LEU A 88 -8.15 -1.05 8.46
C LEU A 88 -7.80 0.41 8.14
N TYR A 89 -7.53 1.16 9.20
CA TYR A 89 -7.24 2.59 9.21
C TYR A 89 -5.95 2.92 9.95
N TYR A 90 -5.41 4.09 9.63
CA TYR A 90 -4.15 4.63 10.13
C TYR A 90 -4.34 6.09 10.50
N SER A 91 -4.02 6.46 11.74
CA SER A 91 -3.94 7.87 12.09
C SER A 91 -2.60 8.37 11.58
N ILE A 92 -2.64 9.31 10.64
CA ILE A 92 -1.47 9.96 10.09
C ILE A 92 -1.36 11.34 10.72
N GLU A 93 -0.20 11.70 11.25
CA GLU A 93 0.11 13.07 11.66
C GLU A 93 0.61 13.80 10.42
N LYS A 94 -0.23 14.67 9.89
CA LYS A 94 0.01 15.39 8.66
C LYS A 94 -0.11 16.89 8.91
N GLU A 95 0.92 17.66 8.56
CA GLU A 95 0.98 19.11 8.78
C GLU A 95 0.81 19.49 10.28
N GLY A 96 1.10 18.55 11.20
CA GLY A 96 0.92 18.71 12.65
C GLY A 96 -0.43 18.21 13.21
N GLN A 97 -1.19 17.42 12.43
CA GLN A 97 -2.58 17.04 12.72
C GLN A 97 -2.75 15.52 12.67
N ARG A 98 -3.22 14.89 13.74
CA ARG A 98 -3.52 13.43 13.77
C ARG A 98 -4.87 13.21 13.07
N LYS A 99 -4.83 12.57 11.90
CA LYS A 99 -5.95 12.46 10.96
C LYS A 99 -6.12 11.02 10.47
N TRP A 100 -7.33 10.48 10.50
CA TRP A 100 -7.60 9.09 10.09
C TRP A 100 -7.66 8.96 8.57
N TYR A 101 -6.82 8.07 8.04
CA TYR A 101 -6.83 7.65 6.64
C TYR A 101 -6.96 6.13 6.51
N LYS A 102 -7.47 5.66 5.37
CA LYS A 102 -7.70 4.22 5.08
C LYS A 102 -6.38 3.53 4.74
N ARG A 103 -6.29 2.21 4.88
CA ARG A 103 -5.17 1.39 4.36
C ARG A 103 -4.74 1.83 2.96
N MET A 104 -5.70 1.76 2.04
CA MET A 104 -5.48 2.05 0.62
C MET A 104 -5.37 3.55 0.30
N ALA A 105 -5.69 4.40 1.29
CA ALA A 105 -5.46 5.85 1.21
C ALA A 105 -4.09 6.26 1.79
N VAL A 106 -3.40 5.35 2.48
CA VAL A 106 -2.06 5.52 3.04
C VAL A 106 -1.06 4.77 2.17
N ILE A 107 -0.48 5.48 1.22
CA ILE A 107 0.41 4.94 0.19
C ILE A 107 1.87 5.23 0.59
N LEU A 108 2.75 4.25 0.39
CA LEU A 108 4.14 4.26 0.89
C LEU A 108 5.06 4.71 -0.26
N SER A 109 5.77 5.84 -0.08
CA SER A 109 6.78 6.31 -1.04
C SER A 109 7.86 5.23 -1.25
N LEU A 110 8.48 5.16 -2.45
CA LEU A 110 9.38 4.03 -2.78
C LEU A 110 10.57 3.86 -1.81
N GLU A 111 11.08 4.98 -1.29
CA GLU A 111 12.17 5.00 -0.31
C GLU A 111 11.73 4.38 1.04
N GLN A 112 10.47 4.58 1.41
CA GLN A 112 9.83 3.94 2.56
C GLN A 112 9.68 2.44 2.29
N GLY A 113 9.03 2.06 1.19
CA GLY A 113 8.81 0.66 0.79
C GLY A 113 10.10 -0.16 0.72
N ASN A 114 11.20 0.47 0.31
CA ASN A 114 12.55 -0.12 0.37
C ASN A 114 12.94 -0.60 1.78
N ARG A 115 12.79 0.27 2.80
CA ARG A 115 13.06 -0.06 4.21
C ARG A 115 12.20 -1.19 4.75
N LEU A 116 11.14 -1.56 4.03
CA LEU A 116 10.27 -2.69 4.35
C LEU A 116 10.59 -3.94 3.51
N ARG A 117 11.13 -3.83 2.28
CA ARG A 117 11.48 -5.00 1.43
C ARG A 117 12.40 -5.98 2.15
N GLU A 118 13.35 -5.45 2.91
CA GLU A 118 14.33 -6.21 3.69
C GLU A 118 13.73 -7.24 4.67
N GLN A 119 12.59 -6.94 5.29
CA GLN A 119 12.01 -7.70 6.35
C GLN A 119 10.70 -8.39 5.91
N TYR A 120 9.93 -7.70 5.05
CA TYR A 120 8.56 -8.09 4.64
C TYR A 120 8.48 -8.65 3.21
N GLY A 121 9.56 -8.52 2.42
CA GLY A 121 9.65 -8.99 1.03
C GLY A 121 9.31 -10.49 0.88
N LEU A 122 8.57 -10.87 -0.17
CA LEU A 122 8.36 -12.29 -0.48
C LEU A 122 9.66 -12.96 -0.95
N GLY A 123 10.43 -12.18 -1.72
CA GLY A 123 11.60 -12.63 -2.48
C GLY A 123 12.75 -13.10 -1.60
N SER B 1 -3.83 17.26 -14.10
CA SER B 1 -3.96 18.74 -14.00
C SER B 1 -3.32 19.27 -12.71
N THR B 2 -4.00 19.18 -11.56
CA THR B 2 -3.59 19.81 -10.28
C THR B 2 -3.86 18.89 -9.09
N SER B 3 -2.98 18.93 -8.07
CA SER B 3 -3.06 18.16 -6.81
C SER B 3 -3.39 16.66 -6.98
N ARG B 4 -2.65 15.96 -7.84
CA ARG B 4 -2.75 14.48 -7.98
C ARG B 4 -1.39 13.81 -8.20
N HIS B 5 -1.32 12.54 -7.81
CA HIS B 5 -0.12 11.70 -7.79
C HIS B 5 0.40 11.32 -9.20
N LYS B 6 1.62 10.78 -9.27
CA LYS B 6 2.24 10.27 -10.52
C LYS B 6 1.52 9.07 -11.14
N MLY B 7 0.79 8.27 -10.34
CA MLY B 7 -0.04 7.16 -10.83
CB MLY B 7 0.78 5.85 -10.77
CG MLY B 7 -0.04 4.58 -11.09
CD MLY B 7 -0.53 3.85 -9.82
CE MLY B 7 -1.92 3.20 -9.97
NZ MLY B 7 -2.29 2.34 -8.81
CH1 MLY B 7 -1.80 0.93 -8.88
CH2 MLY B 7 -2.13 2.94 -7.44
C MLY B 7 -1.38 7.03 -10.08
O MLY B 7 -2.39 6.77 -10.74
H MLY B 7 0.81 8.47 -9.36
HA MLY B 7 -0.29 7.34 -11.87
HB2 MLY B 7 1.27 5.76 -9.79
HB3 MLY B 7 1.59 5.94 -11.51
HG2 MLY B 7 -0.88 4.84 -11.74
HG3 MLY B 7 0.59 3.90 -11.66
HD2 MLY B 7 -0.56 4.56 -8.99
HD3 MLY B 7 0.21 3.08 -9.56
HE2 MLY B 7 -2.66 4.01 -10.06
HE3 MLY B 7 -1.96 2.63 -10.90
HH11 MLY B 7 -0.72 0.89 -8.73
HH12 MLY B 7 -2.27 0.32 -8.10
HH13 MLY B 7 -2.05 0.48 -9.85
HH21 MLY B 7 -2.58 3.93 -7.40
HH22 MLY B 7 -2.62 2.32 -6.69
HH23 MLY B 7 -1.08 3.02 -7.20
HZ MLY B 7 -3.34 2.27 -8.87
N LEU B 8 -1.42 7.20 -8.75
CA LEU B 8 -2.67 7.08 -7.98
C LEU B 8 -3.71 8.10 -8.47
N MET B 9 -4.85 7.58 -8.97
CA MET B 9 -6.08 8.33 -9.28
C MET B 9 -7.28 7.38 -9.47
N PHE B 10 -8.49 7.92 -9.36
CA PHE B 10 -9.77 7.19 -9.27
C PHE B 10 -10.75 7.54 -10.40
N LYS B 11 -10.23 7.71 -11.63
CA LYS B 11 -11.02 7.87 -12.87
C LYS B 11 -11.59 6.51 -13.34
N THR B 12 -12.35 5.86 -12.46
CA THR B 12 -12.87 4.48 -12.57
C THR B 12 -14.27 4.32 -11.96
N GLY A 1 -5.73 -25.70 8.01
CA GLY A 1 -4.97 -24.42 7.90
C GLY A 1 -5.87 -23.23 7.59
N HIS A 2 -5.29 -22.02 7.60
CA HIS A 2 -6.02 -20.74 7.45
C HIS A 2 -5.43 -19.82 6.36
N MET A 3 -4.54 -20.34 5.50
CA MET A 3 -3.82 -19.60 4.45
C MET A 3 -3.78 -20.38 3.12
N ASN A 4 -3.42 -19.70 2.04
CA ASN A 4 -3.29 -20.24 0.69
C ASN A 4 -2.13 -19.54 -0.04
N SER A 5 -0.94 -20.15 0.10
CA SER A 5 0.36 -19.72 -0.45
C SER A 5 0.65 -18.23 -0.38
N PHE A 6 0.19 -17.51 -1.39
CA PHE A 6 0.29 -16.09 -1.60
C PHE A 6 -1.04 -15.60 -2.15
N VAL A 7 -1.48 -16.27 -3.22
CA VAL A 7 -2.73 -16.07 -3.93
C VAL A 7 -3.95 -16.04 -2.99
N GLY A 8 -4.39 -14.81 -2.67
CA GLY A 8 -5.53 -14.49 -1.83
C GLY A 8 -5.22 -13.53 -0.67
N LEU A 9 -3.94 -13.42 -0.27
CA LEU A 9 -3.45 -12.56 0.82
C LEU A 9 -3.46 -11.07 0.42
N ARG A 10 -3.89 -10.21 1.36
CA ARG A 10 -3.73 -8.74 1.28
C ARG A 10 -2.29 -8.36 1.66
N VAL A 11 -1.63 -7.58 0.82
CA VAL A 11 -0.19 -7.23 0.88
C VAL A 11 0.04 -5.82 0.29
N VAL A 12 1.26 -5.29 0.29
CA VAL A 12 1.62 -4.00 -0.36
C VAL A 12 2.72 -4.23 -1.38
N ALA A 13 2.62 -3.66 -2.58
CA ALA A 13 3.49 -3.99 -3.71
C ALA A 13 3.97 -2.75 -4.48
N LYS A 14 5.05 -2.90 -5.25
CA LYS A 14 5.53 -1.86 -6.16
C LYS A 14 4.78 -1.93 -7.48
N TRP A 15 4.33 -0.77 -7.96
CA TRP A 15 3.80 -0.68 -9.32
C TRP A 15 4.96 -0.66 -10.34
N SER A 16 4.92 -1.58 -11.31
CA SER A 16 6.03 -1.94 -12.20
C SER A 16 6.62 -0.84 -13.10
N SER A 17 5.91 0.26 -13.40
CA SER A 17 6.45 1.41 -14.16
C SER A 17 7.38 2.32 -13.31
N ASN A 18 8.29 1.69 -12.56
CA ASN A 18 9.20 2.27 -11.56
C ASN A 18 8.55 3.32 -10.62
N GLY A 19 7.39 2.99 -10.05
CA GLY A 19 6.61 3.89 -9.18
C GLY A 19 6.88 3.72 -7.67
N TYR A 20 5.81 3.92 -6.88
CA TYR A 20 5.77 3.79 -5.41
C TYR A 20 5.05 2.47 -5.03
N PHE A 21 4.81 2.25 -3.73
CA PHE A 21 4.23 1.00 -3.20
C PHE A 21 2.78 1.24 -2.74
N TYR A 22 1.87 0.41 -3.25
CA TYR A 22 0.42 0.56 -3.12
C TYR A 22 -0.20 -0.76 -2.59
N SER A 23 -1.28 -0.71 -1.79
CA SER A 23 -1.88 -1.93 -1.20
C SER A 23 -2.72 -2.72 -2.23
N GLY A 24 -2.82 -4.03 -2.03
CA GLY A 24 -3.48 -4.93 -2.99
C GLY A 24 -3.59 -6.37 -2.50
N LYS A 25 -4.00 -7.29 -3.39
CA LYS A 25 -4.10 -8.74 -3.11
C LYS A 25 -3.36 -9.53 -4.20
N ILE A 26 -2.62 -10.58 -3.81
CA ILE A 26 -2.06 -11.50 -4.81
C ILE A 26 -3.24 -12.24 -5.47
N THR A 27 -3.37 -12.14 -6.79
CA THR A 27 -4.45 -12.77 -7.55
C THR A 27 -4.03 -14.06 -8.24
N ARG A 28 -2.72 -14.19 -8.55
CA ARG A 28 -2.10 -15.39 -9.15
C ARG A 28 -0.57 -15.29 -9.22
N ASP A 29 0.16 -16.35 -8.86
CA ASP A 29 1.61 -16.49 -9.12
C ASP A 29 1.89 -16.57 -10.63
N VAL A 30 2.39 -15.46 -11.20
CA VAL A 30 2.64 -15.30 -12.64
C VAL A 30 3.66 -16.34 -13.12
N GLY A 31 4.79 -16.43 -12.43
CA GLY A 31 5.91 -17.34 -12.70
C GLY A 31 7.24 -16.72 -12.27
N ALA A 32 8.29 -17.53 -12.11
CA ALA A 32 9.66 -17.13 -11.74
C ALA A 32 9.84 -16.39 -10.40
N GLY A 33 8.76 -16.14 -9.65
CA GLY A 33 8.72 -15.27 -8.48
C GLY A 33 7.91 -13.99 -8.72
N LYS A 34 7.40 -13.72 -9.93
CA LYS A 34 6.44 -12.65 -10.20
C LYS A 34 5.07 -13.15 -9.76
N TYR A 35 4.33 -12.30 -9.08
CA TYR A 35 2.94 -12.49 -8.67
C TYR A 35 2.06 -11.36 -9.26
N LYS A 36 0.89 -11.70 -9.77
CA LYS A 36 -0.16 -10.81 -10.25
C LYS A 36 -0.82 -10.12 -9.05
N LEU A 37 -0.81 -8.79 -9.04
CA LEU A 37 -1.29 -7.96 -7.93
C LEU A 37 -2.41 -7.00 -8.37
N LEU A 38 -3.60 -7.25 -7.82
CA LEU A 38 -4.75 -6.36 -7.87
C LEU A 38 -4.63 -5.34 -6.74
N PHE A 39 -4.24 -4.12 -7.09
CA PHE A 39 -4.20 -3.00 -6.17
C PHE A 39 -5.62 -2.61 -5.73
N ASP A 40 -5.79 -2.20 -4.47
CA ASP A 40 -7.06 -1.66 -3.94
C ASP A 40 -7.58 -0.45 -4.75
N ASP A 41 -6.66 0.23 -5.45
CA ASP A 41 -6.91 1.39 -6.30
C ASP A 41 -7.71 1.04 -7.57
N GLY A 42 -7.84 -0.25 -7.88
CA GLY A 42 -8.58 -0.79 -9.02
C GLY A 42 -7.70 -1.25 -10.20
N TYR A 43 -6.37 -1.22 -10.03
CA TYR A 43 -5.36 -1.53 -11.04
C TYR A 43 -4.81 -2.96 -10.88
N GLU A 44 -4.26 -3.57 -11.94
CA GLU A 44 -3.51 -4.84 -11.85
C GLU A 44 -2.18 -4.76 -12.62
N CYS A 45 -1.11 -5.32 -12.02
CA CYS A 45 0.18 -5.54 -12.69
C CYS A 45 0.92 -6.78 -12.13
N ASP A 46 1.83 -7.38 -12.89
CA ASP A 46 2.76 -8.39 -12.39
C ASP A 46 3.87 -7.70 -11.57
N VAL A 47 4.30 -8.30 -10.46
CA VAL A 47 5.33 -7.76 -9.55
C VAL A 47 6.21 -8.90 -9.02
N LEU A 48 7.55 -8.79 -9.08
CA LEU A 48 8.46 -9.77 -8.47
C LEU A 48 8.31 -9.84 -6.95
N GLY A 49 8.53 -11.01 -6.35
CA GLY A 49 8.45 -11.24 -4.90
C GLY A 49 9.26 -10.25 -4.06
N LYS A 50 10.43 -9.85 -4.59
CA LYS A 50 11.33 -8.86 -3.97
C LYS A 50 10.68 -7.46 -3.81
N ASP A 51 9.57 -7.25 -4.50
CA ASP A 51 8.83 -5.99 -4.60
C ASP A 51 7.40 -6.09 -4.03
N ILE A 52 7.13 -7.08 -3.16
CA ILE A 52 5.83 -7.26 -2.48
C ILE A 52 6.08 -7.58 -1.00
N LEU A 53 5.26 -7.00 -0.12
CA LEU A 53 5.42 -6.95 1.34
C LEU A 53 4.15 -7.53 1.99
N LEU A 54 4.28 -8.64 2.71
CA LEU A 54 3.10 -9.42 3.18
C LEU A 54 2.88 -9.47 4.70
N CYS A 55 3.73 -8.80 5.48
CA CYS A 55 3.59 -8.63 6.93
C CYS A 55 3.54 -7.13 7.27
N ASP A 56 2.91 -6.32 6.39
CA ASP A 56 2.98 -4.86 6.38
C ASP A 56 1.70 -4.09 6.76
N PRO A 57 1.12 -4.26 7.96
CA PRO A 57 0.20 -3.25 8.47
C PRO A 57 1.13 -2.04 8.72
N ILE A 58 0.82 -0.88 8.14
CA ILE A 58 1.80 0.22 8.04
C ILE A 58 2.33 0.64 9.42
N PRO A 59 3.64 0.51 9.70
CA PRO A 59 4.18 0.76 11.03
C PRO A 59 4.05 2.22 11.43
N LEU A 60 3.60 2.42 12.65
CA LEU A 60 3.61 3.73 13.29
C LEU A 60 5.04 4.30 13.31
N ASP A 61 5.15 5.63 13.29
CA ASP A 61 6.38 6.41 13.10
C ASP A 61 7.03 6.27 11.70
N THR A 62 6.45 5.53 10.73
CA THR A 62 6.90 5.56 9.32
C THR A 62 6.24 6.70 8.54
N GLU A 63 6.98 7.24 7.57
CA GLU A 63 6.52 8.33 6.72
C GLU A 63 5.78 7.80 5.48
N VAL A 64 4.65 8.43 5.17
CA VAL A 64 3.68 7.95 4.18
C VAL A 64 2.97 9.10 3.46
N THR A 65 2.47 8.84 2.25
CA THR A 65 1.54 9.75 1.55
C THR A 65 0.10 9.38 1.90
N ALA A 66 -0.79 10.36 1.92
CA ALA A 66 -2.17 10.29 2.36
C ALA A 66 -3.09 10.91 1.28
N LEU A 67 -4.16 10.21 0.92
CA LEU A 67 -5.18 10.66 -0.07
C LEU A 67 -6.52 10.92 0.63
N SER A 68 -7.15 12.07 0.36
CA SER A 68 -8.33 12.53 1.09
C SER A 68 -9.62 12.36 0.28
N GLU A 69 -10.73 12.32 1.00
CA GLU A 69 -12.10 12.19 0.48
C GLU A 69 -12.50 13.35 -0.47
N ASP A 70 -11.85 14.50 -0.32
CA ASP A 70 -11.96 15.69 -1.19
C ASP A 70 -10.83 15.80 -2.24
N GLU A 71 -10.11 14.69 -2.47
CA GLU A 71 -9.13 14.41 -3.54
C GLU A 71 -7.69 14.91 -3.29
N TYR A 72 -7.43 15.65 -2.20
CA TYR A 72 -6.07 16.12 -1.86
C TYR A 72 -5.07 14.97 -1.71
N PHE A 73 -3.80 15.22 -2.01
CA PHE A 73 -2.71 14.27 -1.82
C PHE A 73 -1.46 14.98 -1.23
N SER A 74 -1.05 14.56 -0.03
CA SER A 74 0.15 15.07 0.67
C SER A 74 0.74 14.03 1.63
N ALA A 75 1.87 14.32 2.30
CA ALA A 75 2.59 13.33 3.10
C ALA A 75 2.78 13.74 4.58
N GLY A 76 2.93 12.72 5.42
CA GLY A 76 2.92 12.78 6.88
C GLY A 76 3.37 11.45 7.48
N VAL A 77 3.05 11.20 8.76
CA VAL A 77 3.63 10.06 9.50
C VAL A 77 2.58 9.33 10.29
N VAL A 78 2.61 8.01 10.25
CA VAL A 78 1.64 7.23 11.03
C VAL A 78 1.82 7.45 12.53
N LYS A 79 0.74 7.73 13.27
CA LYS A 79 0.67 7.89 14.73
C LYS A 79 -0.51 7.14 15.40
N GLY A 80 -1.27 6.35 14.65
CA GLY A 80 -2.37 5.53 15.23
C GLY A 80 -3.01 4.54 14.25
N HIS A 81 -3.93 3.73 14.76
CA HIS A 81 -4.70 2.70 14.04
C HIS A 81 -6.17 2.68 14.46
N ARG A 82 -7.05 2.25 13.55
CA ARG A 82 -8.48 2.00 13.77
C ARG A 82 -8.90 0.80 12.91
N LYS A 83 -9.85 0.01 13.40
CA LYS A 83 -10.55 -1.02 12.61
C LYS A 83 -12.02 -0.67 12.48
N GLU A 84 -12.56 -0.99 11.32
CA GLU A 84 -13.90 -0.68 10.86
C GLU A 84 -14.43 -1.90 10.09
N SER A 85 -15.75 -1.97 9.86
CA SER A 85 -16.42 -3.10 9.21
C SER A 85 -15.73 -3.58 7.91
N GLY A 86 -14.87 -4.60 8.02
CA GLY A 86 -14.01 -5.09 6.94
C GLY A 86 -12.97 -4.08 6.41
N GLU A 87 -12.50 -3.13 7.24
CA GLU A 87 -11.69 -1.99 6.80
C GLU A 87 -10.65 -1.62 7.87
N LEU A 88 -9.50 -1.08 7.45
CA LEU A 88 -8.36 -0.77 8.30
C LEU A 88 -7.88 0.66 8.04
N TYR A 89 -7.73 1.40 9.13
CA TYR A 89 -7.40 2.83 9.15
C TYR A 89 -6.10 3.10 9.91
N TYR A 90 -5.50 4.23 9.53
CA TYR A 90 -4.24 4.74 10.05
C TYR A 90 -4.42 6.22 10.37
N SER A 91 -4.13 6.62 11.61
CA SER A 91 -4.06 8.05 11.93
C SER A 91 -2.70 8.53 11.44
N ILE A 92 -2.69 9.40 10.45
CA ILE A 92 -1.49 10.03 9.92
C ILE A 92 -1.40 11.44 10.50
N GLU A 93 -0.25 11.82 11.05
CA GLU A 93 0.07 13.19 11.44
C GLU A 93 0.64 13.89 10.21
N LYS A 94 -0.19 14.71 9.58
CA LYS A 94 0.09 15.38 8.32
C LYS A 94 -0.03 16.89 8.48
N GLU A 95 1.01 17.63 8.12
CA GLU A 95 1.11 19.09 8.37
C GLU A 95 0.89 19.46 9.87
N GLY A 96 1.15 18.51 10.79
CA GLY A 96 0.96 18.68 12.24
C GLY A 96 -0.41 18.24 12.77
N GLN A 97 -1.18 17.47 11.98
CA GLN A 97 -2.60 17.15 12.23
C GLN A 97 -2.82 15.63 12.20
N ARG A 98 -3.29 15.03 13.30
CA ARG A 98 -3.59 13.58 13.37
C ARG A 98 -4.94 13.31 12.72
N LYS A 99 -4.89 12.75 11.50
CA LYS A 99 -6.02 12.62 10.56
C LYS A 99 -6.16 11.16 10.13
N TRP A 100 -7.38 10.63 10.11
CA TRP A 100 -7.64 9.24 9.71
C TRP A 100 -7.62 9.07 8.19
N TYR A 101 -6.78 8.16 7.72
CA TYR A 101 -6.73 7.69 6.34
C TYR A 101 -6.85 6.17 6.25
N LYS A 102 -7.36 5.66 5.12
CA LYS A 102 -7.57 4.22 4.87
C LYS A 102 -6.26 3.53 4.52
N ARG A 103 -6.19 2.20 4.65
CA ARG A 103 -5.10 1.37 4.11
C ARG A 103 -4.71 1.80 2.68
N MET A 104 -5.68 1.73 1.76
CA MET A 104 -5.46 2.08 0.35
C MET A 104 -5.21 3.58 0.11
N ALA A 105 -5.50 4.41 1.10
CA ALA A 105 -5.26 5.85 1.04
C ALA A 105 -3.91 6.25 1.67
N VAL A 106 -3.27 5.33 2.40
CA VAL A 106 -1.95 5.47 2.99
C VAL A 106 -0.94 4.71 2.14
N ILE A 107 -0.31 5.42 1.21
CA ILE A 107 0.59 4.84 0.20
C ILE A 107 2.06 5.11 0.62
N LEU A 108 2.94 4.13 0.38
CA LEU A 108 4.33 4.13 0.86
C LEU A 108 5.29 4.50 -0.29
N SER A 109 6.27 5.37 -0.04
CA SER A 109 7.37 5.57 -1.01
C SER A 109 8.15 4.25 -1.16
N LEU A 110 8.81 4.04 -2.31
CA LEU A 110 9.68 2.87 -2.48
C LEU A 110 10.77 2.79 -1.41
N GLU A 111 11.32 3.93 -0.97
CA GLU A 111 12.37 3.93 0.06
C GLU A 111 11.77 3.66 1.45
N GLN A 112 10.56 4.16 1.72
CA GLN A 112 9.84 3.89 2.97
C GLN A 112 9.42 2.41 3.08
N GLY A 113 9.02 1.79 1.97
CA GLY A 113 8.68 0.36 1.88
C GLY A 113 9.89 -0.57 1.88
N ASN A 114 11.03 -0.10 1.37
CA ASN A 114 12.28 -0.87 1.38
C ASN A 114 12.80 -1.21 2.78
N ARG A 115 12.74 -0.29 3.77
CA ARG A 115 13.11 -0.62 5.17
C ARG A 115 12.19 -1.66 5.83
N LEU A 116 11.16 -2.09 5.11
CA LEU A 116 10.22 -3.15 5.45
C LEU A 116 10.51 -4.44 4.65
N ARG A 117 11.00 -4.32 3.40
CA ARG A 117 11.39 -5.42 2.49
C ARG A 117 12.24 -6.49 3.16
N GLU A 118 13.18 -6.04 3.97
CA GLU A 118 14.09 -6.85 4.79
C GLU A 118 13.39 -7.91 5.66
N GLN A 119 12.19 -7.64 6.15
CA GLN A 119 11.43 -8.46 7.05
C GLN A 119 10.16 -9.03 6.38
N TYR A 120 9.54 -8.25 5.48
CA TYR A 120 8.21 -8.50 4.91
C TYR A 120 8.21 -9.00 3.45
N GLY A 121 9.35 -8.97 2.77
CA GLY A 121 9.47 -9.30 1.34
C GLY A 121 9.10 -10.76 1.03
N LEU A 122 8.45 -11.02 -0.12
CA LEU A 122 8.12 -12.41 -0.52
C LEU A 122 9.36 -13.20 -0.94
N GLY A 123 10.22 -12.49 -1.69
CA GLY A 123 11.37 -13.02 -2.43
C GLY A 123 12.75 -12.52 -1.99
N SER B 1 -9.01 23.69 -11.11
CA SER B 1 -7.65 23.16 -10.79
C SER B 1 -7.70 22.02 -9.76
N THR B 2 -6.68 21.16 -9.75
CA THR B 2 -6.52 20.04 -8.79
C THR B 2 -5.04 19.68 -8.60
N SER B 3 -4.75 18.65 -7.79
CA SER B 3 -3.43 18.05 -7.57
C SER B 3 -3.56 16.52 -7.55
N ARG B 4 -2.58 15.77 -8.07
CA ARG B 4 -2.63 14.30 -8.11
C ARG B 4 -1.23 13.65 -8.16
N HIS B 5 -1.17 12.38 -7.74
CA HIS B 5 0.04 11.57 -7.54
C HIS B 5 0.82 11.27 -8.85
N LYS B 6 2.00 10.62 -8.70
CA LYS B 6 2.84 10.10 -9.81
C LYS B 6 2.05 9.26 -10.81
N MLY B 7 1.15 8.39 -10.31
CA MLY B 7 0.16 7.68 -11.13
CB MLY B 7 0.76 6.38 -11.68
CG MLY B 7 1.10 5.23 -10.70
CD MLY B 7 -0.13 4.60 -10.00
CE MLY B 7 -0.01 3.10 -9.71
NZ MLY B 7 -1.13 2.59 -8.83
CH1 MLY B 7 -0.99 1.13 -8.49
CH2 MLY B 7 -2.51 2.89 -9.33
C MLY B 7 -1.20 7.47 -10.46
O MLY B 7 -2.17 7.22 -11.17
H MLY B 7 1.13 8.31 -9.30
HA MLY B 7 -0.05 8.31 -11.99
HB2 MLY B 7 0.07 5.99 -12.43
HB3 MLY B 7 1.67 6.64 -12.22
HG2 MLY B 7 1.81 5.58 -9.96
HG3 MLY B 7 1.60 4.46 -11.29
HD2 MLY B 7 -0.30 5.12 -9.07
HD3 MLY B 7 -0.99 4.74 -10.65
HE2 MLY B 7 -0.04 2.57 -10.65
HE3 MLY B 7 0.96 2.90 -9.24
HH11 MLY B 7 -1.75 0.83 -7.76
HH12 MLY B 7 -0.02 0.92 -8.04
HH13 MLY B 7 -1.11 0.51 -9.38
HH21 MLY B 7 -2.72 3.96 -9.35
HH22 MLY B 7 -3.27 2.42 -8.71
HH23 MLY B 7 -2.62 2.52 -10.36
HZ MLY B 7 -1.05 3.06 -7.92
N LEU B 8 -1.30 7.51 -9.11
CA LEU B 8 -2.53 7.13 -8.41
C LEU B 8 -3.68 8.10 -8.70
N MET B 9 -4.76 7.53 -9.26
CA MET B 9 -6.08 8.15 -9.39
C MET B 9 -7.13 7.05 -9.56
N PHE B 10 -8.25 7.18 -8.85
CA PHE B 10 -9.26 6.13 -8.69
C PHE B 10 -10.22 6.02 -9.89
N LYS B 11 -9.71 5.47 -11.00
CA LYS B 11 -10.47 5.07 -12.21
C LYS B 11 -11.37 3.82 -11.98
N THR B 12 -11.75 3.55 -10.73
CA THR B 12 -12.51 2.39 -10.23
C THR B 12 -13.88 2.20 -10.91
N GLY A 1 -11.68 -19.30 8.43
CA GLY A 1 -10.71 -19.03 7.33
C GLY A 1 -9.27 -19.30 7.73
N HIS A 2 -8.38 -19.44 6.73
CA HIS A 2 -6.94 -19.70 6.91
C HIS A 2 -6.09 -19.08 5.78
N MET A 3 -4.77 -19.05 5.95
CA MET A 3 -3.79 -18.63 4.93
C MET A 3 -3.83 -19.51 3.66
N ASN A 4 -3.28 -18.97 2.56
CA ASN A 4 -3.16 -19.61 1.24
C ASN A 4 -1.84 -19.21 0.56
N SER A 5 -1.54 -19.89 -0.55
CA SER A 5 -0.32 -19.81 -1.37
C SER A 5 -0.08 -18.48 -2.08
N PHE A 6 0.05 -17.39 -1.32
CA PHE A 6 0.13 -15.99 -1.76
C PHE A 6 -1.17 -15.49 -2.37
N VAL A 7 -1.69 -16.26 -3.33
CA VAL A 7 -2.86 -15.99 -4.14
C VAL A 7 -4.11 -15.90 -3.25
N GLY A 8 -4.61 -14.67 -3.10
CA GLY A 8 -5.74 -14.30 -2.26
C GLY A 8 -5.42 -13.25 -1.18
N LEU A 9 -4.15 -13.12 -0.77
CA LEU A 9 -3.69 -12.27 0.34
C LEU A 9 -3.57 -10.78 -0.04
N ARG A 10 -4.12 -9.89 0.81
CA ARG A 10 -3.84 -8.45 0.75
C ARG A 10 -2.43 -8.16 1.30
N VAL A 11 -1.66 -7.43 0.52
CA VAL A 11 -0.22 -7.15 0.69
C VAL A 11 0.06 -5.74 0.09
N VAL A 12 1.34 -5.34 0.00
CA VAL A 12 1.74 -4.07 -0.66
C VAL A 12 2.81 -4.37 -1.69
N ALA A 13 2.73 -3.77 -2.88
CA ALA A 13 3.57 -4.12 -4.02
C ALA A 13 4.10 -2.88 -4.73
N LYS A 14 5.22 -3.01 -5.43
CA LYS A 14 5.76 -1.91 -6.23
C LYS A 14 5.10 -1.90 -7.61
N TRP A 15 4.62 -0.74 -8.03
CA TRP A 15 4.20 -0.54 -9.41
C TRP A 15 5.43 -0.36 -10.32
N SER A 16 5.54 -1.24 -11.32
CA SER A 16 6.74 -1.47 -12.15
C SER A 16 7.31 -0.29 -12.94
N SER A 17 6.53 0.75 -13.24
CA SER A 17 6.99 1.96 -13.95
C SER A 17 7.78 2.92 -13.04
N ASN A 18 8.84 2.41 -12.40
CA ASN A 18 9.71 3.11 -11.44
C ASN A 18 8.94 3.83 -10.31
N GLY A 19 7.87 3.21 -9.80
CA GLY A 19 6.93 3.82 -8.85
C GLY A 19 7.20 3.55 -7.37
N TYR A 20 6.12 3.65 -6.59
CA TYR A 20 6.04 3.50 -5.13
C TYR A 20 5.35 2.16 -4.77
N PHE A 21 5.19 1.88 -3.48
CA PHE A 21 4.47 0.72 -2.97
C PHE A 21 2.99 1.06 -2.73
N TYR A 22 2.11 0.38 -3.46
CA TYR A 22 0.65 0.52 -3.38
C TYR A 22 0.02 -0.78 -2.87
N SER A 23 -1.04 -0.72 -2.07
CA SER A 23 -1.68 -1.94 -1.53
C SER A 23 -2.46 -2.68 -2.63
N GLY A 24 -2.60 -3.99 -2.48
CA GLY A 24 -3.29 -4.84 -3.45
C GLY A 24 -3.41 -6.28 -2.99
N LYS A 25 -3.97 -7.15 -3.84
CA LYS A 25 -4.12 -8.60 -3.58
C LYS A 25 -3.31 -9.39 -4.60
N ILE A 26 -2.58 -10.41 -4.16
CA ILE A 26 -1.96 -11.36 -5.11
C ILE A 26 -3.10 -12.13 -5.78
N THR A 27 -3.19 -12.06 -7.11
CA THR A 27 -4.28 -12.67 -7.89
C THR A 27 -3.86 -13.99 -8.55
N ARG A 28 -2.55 -14.14 -8.82
CA ARG A 28 -1.92 -15.37 -9.35
C ARG A 28 -0.39 -15.29 -9.34
N ASP A 29 0.31 -16.35 -8.94
CA ASP A 29 1.76 -16.52 -9.14
C ASP A 29 2.09 -16.61 -10.63
N VAL A 30 2.61 -15.52 -11.22
CA VAL A 30 2.90 -15.41 -12.65
C VAL A 30 3.91 -16.51 -13.06
N GLY A 31 5.03 -16.58 -12.33
CA GLY A 31 6.02 -17.64 -12.46
C GLY A 31 7.40 -17.16 -12.00
N ALA A 32 8.31 -18.09 -11.71
CA ALA A 32 9.73 -17.84 -11.39
C ALA A 32 10.02 -16.88 -10.21
N GLY A 33 8.99 -16.42 -9.49
CA GLY A 33 9.06 -15.43 -8.41
C GLY A 33 8.19 -14.21 -8.65
N LYS A 34 7.68 -13.97 -9.88
CA LYS A 34 6.73 -12.89 -10.16
C LYS A 34 5.33 -13.32 -9.73
N TYR A 35 4.60 -12.41 -9.12
CA TYR A 35 3.18 -12.57 -8.76
C TYR A 35 2.36 -11.42 -9.36
N LYS A 36 1.18 -11.75 -9.91
CA LYS A 36 0.17 -10.84 -10.46
C LYS A 36 -0.52 -10.11 -9.31
N LEU A 37 -0.48 -8.78 -9.31
CA LEU A 37 -0.99 -7.93 -8.23
C LEU A 37 -2.06 -6.96 -8.71
N LEU A 38 -3.29 -7.18 -8.23
CA LEU A 38 -4.42 -6.27 -8.34
C LEU A 38 -4.32 -5.25 -7.21
N PHE A 39 -3.85 -4.05 -7.55
CA PHE A 39 -3.82 -2.90 -6.67
C PHE A 39 -5.24 -2.45 -6.28
N ASP A 40 -5.40 -1.91 -5.08
CA ASP A 40 -6.70 -1.42 -4.57
C ASP A 40 -7.23 -0.21 -5.35
N ASP A 41 -6.36 0.53 -6.07
CA ASP A 41 -6.79 1.58 -7.00
C ASP A 41 -7.45 1.03 -8.29
N GLY A 42 -7.45 -0.29 -8.49
CA GLY A 42 -8.17 -1.02 -9.53
C GLY A 42 -7.28 -1.60 -10.64
N TYR A 43 -5.97 -1.33 -10.58
CA TYR A 43 -4.99 -1.68 -11.60
C TYR A 43 -4.36 -3.07 -11.39
N GLU A 44 -3.80 -3.69 -12.44
CA GLU A 44 -3.05 -4.95 -12.34
C GLU A 44 -1.71 -4.90 -13.07
N CYS A 45 -0.66 -5.43 -12.43
CA CYS A 45 0.65 -5.67 -13.05
C CYS A 45 1.34 -6.90 -12.43
N ASP A 46 2.29 -7.51 -13.13
CA ASP A 46 3.19 -8.52 -12.57
C ASP A 46 4.26 -7.80 -11.72
N VAL A 47 4.59 -8.34 -10.54
CA VAL A 47 5.58 -7.79 -9.61
C VAL A 47 6.46 -8.93 -9.09
N LEU A 48 7.78 -8.77 -9.07
CA LEU A 48 8.69 -9.78 -8.52
C LEU A 48 8.55 -9.90 -6.99
N GLY A 49 8.73 -11.10 -6.44
CA GLY A 49 8.53 -11.39 -5.01
C GLY A 49 9.27 -10.44 -4.06
N LYS A 50 10.49 -10.03 -4.42
CA LYS A 50 11.26 -9.06 -3.63
C LYS A 50 10.50 -7.74 -3.45
N ASP A 51 9.72 -7.36 -4.45
CA ASP A 51 8.97 -6.10 -4.54
C ASP A 51 7.53 -6.19 -3.99
N ILE A 52 7.21 -7.22 -3.19
CA ILE A 52 5.88 -7.41 -2.57
C ILE A 52 6.07 -7.73 -1.09
N LEU A 53 5.33 -7.04 -0.23
CA LEU A 53 5.47 -6.99 1.22
C LEU A 53 4.18 -7.53 1.84
N LEU A 54 4.25 -8.64 2.58
CA LEU A 54 3.06 -9.40 3.04
C LEU A 54 2.84 -9.52 4.56
N CYS A 55 3.74 -8.94 5.36
CA CYS A 55 3.59 -8.77 6.82
C CYS A 55 3.57 -7.26 7.09
N ASP A 56 2.81 -6.57 6.26
CA ASP A 56 2.81 -5.14 5.98
C ASP A 56 1.84 -4.15 6.66
N PRO A 57 1.12 -4.42 7.77
CA PRO A 57 0.43 -3.34 8.47
C PRO A 57 1.45 -2.22 8.79
N ILE A 58 1.15 -0.99 8.34
CA ILE A 58 2.14 0.11 8.30
C ILE A 58 2.71 0.40 9.71
N PRO A 59 4.05 0.34 9.92
CA PRO A 59 4.65 0.66 11.20
C PRO A 59 4.49 2.15 11.51
N LEU A 60 4.00 2.40 12.72
CA LEU A 60 3.96 3.73 13.28
C LEU A 60 5.36 4.36 13.29
N ASP A 61 5.41 5.69 13.27
CA ASP A 61 6.59 6.53 13.07
C ASP A 61 7.21 6.44 11.65
N THR A 62 6.69 5.61 10.71
CA THR A 62 7.12 5.69 9.30
C THR A 62 6.37 6.79 8.55
N GLU A 63 7.05 7.39 7.57
CA GLU A 63 6.50 8.45 6.73
C GLU A 63 5.74 7.86 5.54
N VAL A 64 4.59 8.44 5.22
CA VAL A 64 3.61 7.92 4.26
C VAL A 64 2.83 9.02 3.55
N THR A 65 2.33 8.74 2.36
CA THR A 65 1.36 9.61 1.67
C THR A 65 -0.05 9.16 2.04
N ALA A 66 -0.96 10.12 2.17
CA ALA A 66 -2.34 9.97 2.58
C ALA A 66 -3.29 10.49 1.47
N LEU A 67 -4.41 9.82 1.26
CA LEU A 67 -5.44 10.17 0.26
C LEU A 67 -6.84 10.28 0.89
N SER A 68 -7.60 11.32 0.55
CA SER A 68 -8.94 11.58 1.10
C SER A 68 -10.03 11.20 0.09
N GLU A 69 -11.23 10.89 0.57
CA GLU A 69 -12.38 10.55 -0.31
C GLU A 69 -12.84 11.76 -1.16
N ASP A 70 -12.54 12.98 -0.70
CA ASP A 70 -12.70 14.24 -1.46
C ASP A 70 -11.54 14.50 -2.47
N GLU A 71 -10.64 13.53 -2.62
CA GLU A 71 -9.55 13.37 -3.62
C GLU A 71 -8.19 14.00 -3.26
N TYR A 72 -8.09 14.79 -2.17
CA TYR A 72 -6.82 15.40 -1.74
C TYR A 72 -5.72 14.35 -1.51
N PHE A 73 -4.47 14.75 -1.79
CA PHE A 73 -3.29 13.92 -1.51
C PHE A 73 -2.12 14.76 -0.94
N SER A 74 -1.60 14.33 0.22
CA SER A 74 -0.39 14.88 0.84
C SER A 74 0.30 13.89 1.77
N ALA A 75 1.45 14.21 2.37
CA ALA A 75 2.24 13.26 3.15
C ALA A 75 2.46 13.67 4.62
N GLY A 76 2.70 12.66 5.46
CA GLY A 76 2.75 12.74 6.92
C GLY A 76 3.28 11.44 7.52
N VAL A 77 2.99 11.18 8.80
CA VAL A 77 3.63 10.08 9.54
C VAL A 77 2.63 9.30 10.35
N VAL A 78 2.71 7.98 10.31
CA VAL A 78 1.78 7.17 11.10
C VAL A 78 1.99 7.40 12.60
N LYS A 79 0.93 7.69 13.35
CA LYS A 79 0.90 7.88 14.82
C LYS A 79 -0.25 7.14 15.53
N GLY A 80 -0.98 6.28 14.83
CA GLY A 80 -2.03 5.42 15.43
C GLY A 80 -2.66 4.39 14.47
N HIS A 81 -3.51 3.53 15.01
CA HIS A 81 -4.25 2.45 14.32
C HIS A 81 -5.71 2.40 14.78
N ARG A 82 -6.60 1.93 13.89
CA ARG A 82 -8.03 1.71 14.15
C ARG A 82 -8.56 0.55 13.32
N LYS A 83 -9.61 -0.10 13.82
CA LYS A 83 -10.38 -1.15 13.13
C LYS A 83 -11.86 -0.75 13.16
N GLU A 84 -12.40 -0.45 11.99
CA GLU A 84 -13.74 0.14 11.82
C GLU A 84 -14.40 -0.48 10.59
N SER A 85 -15.70 -0.77 10.68
CA SER A 85 -16.47 -1.42 9.61
C SER A 85 -15.84 -2.70 9.02
N GLY A 86 -14.99 -3.40 9.81
CA GLY A 86 -14.24 -4.57 9.38
C GLY A 86 -13.06 -4.26 8.44
N GLU A 87 -12.42 -3.09 8.55
CA GLU A 87 -11.26 -2.71 7.75
C GLU A 87 -10.26 -1.88 8.56
N LEU A 88 -9.04 -1.76 8.04
CA LEU A 88 -7.89 -1.24 8.77
C LEU A 88 -7.57 0.22 8.44
N TYR A 89 -7.36 0.99 9.51
CA TYR A 89 -7.13 2.43 9.52
C TYR A 89 -5.83 2.81 10.26
N TYR A 90 -5.34 3.99 9.92
CA TYR A 90 -4.09 4.58 10.37
C TYR A 90 -4.32 6.05 10.69
N SER A 91 -3.96 6.47 11.90
CA SER A 91 -3.92 7.90 12.21
C SER A 91 -2.60 8.41 11.67
N ILE A 92 -2.66 9.24 10.63
CA ILE A 92 -1.50 9.90 10.05
C ILE A 92 -1.41 11.30 10.64
N GLU A 93 -0.26 11.70 11.16
CA GLU A 93 0.03 13.07 11.55
C GLU A 93 0.55 13.79 10.31
N LYS A 94 -0.33 14.57 9.70
CA LYS A 94 -0.13 15.21 8.41
C LYS A 94 -0.27 16.72 8.56
N GLU A 95 0.74 17.47 8.14
CA GLU A 95 0.84 18.93 8.36
C GLU A 95 0.67 19.34 9.84
N GLY A 96 0.98 18.44 10.78
CA GLY A 96 0.82 18.64 12.23
C GLY A 96 -0.51 18.16 12.82
N GLN A 97 -1.30 17.37 12.08
CA GLN A 97 -2.69 17.01 12.41
C GLN A 97 -2.86 15.49 12.40
N ARG A 98 -3.27 14.88 13.52
CA ARG A 98 -3.52 13.43 13.62
C ARG A 98 -4.89 13.11 13.01
N LYS A 99 -4.87 12.51 11.82
CA LYS A 99 -6.03 12.34 10.91
C LYS A 99 -6.16 10.88 10.45
N TRP A 100 -7.37 10.33 10.47
CA TRP A 100 -7.62 8.94 10.08
C TRP A 100 -7.65 8.74 8.56
N TYR A 101 -6.82 7.82 8.09
CA TYR A 101 -6.80 7.31 6.71
C TYR A 101 -6.87 5.78 6.66
N LYS A 102 -7.32 5.22 5.52
CA LYS A 102 -7.50 3.77 5.30
C LYS A 102 -6.16 3.12 4.94
N ARG A 103 -6.01 1.79 5.13
CA ARG A 103 -4.86 1.01 4.62
C ARG A 103 -4.51 1.35 3.16
N MET A 104 -5.48 1.25 2.24
CA MET A 104 -5.27 1.58 0.83
C MET A 104 -5.11 3.08 0.53
N ALA A 105 -5.49 3.95 1.46
CA ALA A 105 -5.30 5.40 1.35
C ALA A 105 -3.94 5.85 1.91
N VAL A 106 -3.22 4.95 2.62
CA VAL A 106 -1.89 5.19 3.17
C VAL A 106 -0.85 4.46 2.33
N ILE A 107 -0.29 5.19 1.35
CA ILE A 107 0.64 4.66 0.34
C ILE A 107 2.09 4.98 0.76
N LEU A 108 3.04 4.11 0.41
CA LEU A 108 4.43 4.14 0.90
C LEU A 108 5.40 4.54 -0.22
N SER A 109 6.27 5.54 0.01
CA SER A 109 7.38 5.84 -0.92
C SER A 109 8.26 4.62 -1.14
N LEU A 110 8.97 4.57 -2.29
CA LEU A 110 9.91 3.47 -2.54
C LEU A 110 10.97 3.35 -1.43
N GLU A 111 11.44 4.47 -0.90
CA GLU A 111 12.48 4.47 0.14
C GLU A 111 11.90 4.06 1.50
N GLN A 112 10.67 4.50 1.80
CA GLN A 112 9.95 4.09 3.01
C GLN A 112 9.67 2.57 2.98
N GLY A 113 9.10 2.07 1.89
CA GLY A 113 8.78 0.65 1.70
C GLY A 113 10.01 -0.25 1.65
N ASN A 114 11.15 0.23 1.19
CA ASN A 114 12.43 -0.49 1.31
C ASN A 114 12.75 -0.90 2.77
N ARG A 115 12.54 -0.02 3.78
CA ARG A 115 12.73 -0.35 5.20
C ARG A 115 11.80 -1.47 5.70
N LEU A 116 10.72 -1.75 4.98
CA LEU A 116 9.80 -2.87 5.22
C LEU A 116 10.18 -4.08 4.36
N ARG A 117 10.71 -3.85 3.16
CA ARG A 117 11.02 -4.89 2.15
C ARG A 117 11.97 -5.94 2.71
N GLU A 118 12.96 -5.49 3.48
CA GLU A 118 13.94 -6.33 4.15
C GLU A 118 13.36 -7.46 5.02
N GLN A 119 12.19 -7.25 5.62
CA GLN A 119 11.59 -8.15 6.56
C GLN A 119 10.30 -8.79 6.00
N TYR A 120 9.58 -8.06 5.14
CA TYR A 120 8.24 -8.42 4.66
C TYR A 120 8.20 -8.92 3.20
N GLY A 121 9.28 -8.73 2.45
CA GLY A 121 9.45 -9.21 1.07
C GLY A 121 9.09 -10.70 0.89
N LEU A 122 8.41 -11.07 -0.21
CA LEU A 122 8.13 -12.48 -0.53
C LEU A 122 9.40 -13.23 -0.94
N GLY A 123 10.25 -12.50 -1.65
CA GLY A 123 11.44 -12.99 -2.36
C GLY A 123 12.75 -12.33 -1.94
N SER B 1 -7.68 21.55 -13.46
CA SER B 1 -6.45 21.07 -12.77
C SER B 1 -6.74 20.60 -11.34
N THR B 2 -5.94 19.65 -10.82
CA THR B 2 -6.06 19.12 -9.44
C THR B 2 -4.71 18.62 -8.90
N SER B 3 -4.57 18.57 -7.57
CA SER B 3 -3.44 17.93 -6.89
C SER B 3 -3.55 16.40 -7.00
N ARG B 4 -2.56 15.73 -7.59
CA ARG B 4 -2.52 14.25 -7.67
C ARG B 4 -1.08 13.72 -7.79
N HIS B 5 -0.85 12.48 -7.31
CA HIS B 5 0.45 11.80 -7.38
C HIS B 5 0.88 11.45 -8.82
N LYS B 6 2.13 11.00 -9.00
CA LYS B 6 2.76 10.73 -10.31
C LYS B 6 2.06 9.71 -11.22
N MLY B 7 1.20 8.84 -10.67
CA MLY B 7 0.38 7.89 -11.45
CB MLY B 7 1.19 6.60 -11.68
CG MLY B 7 1.22 5.57 -10.52
CD MLY B 7 0.06 4.55 -10.62
CE MLY B 7 0.04 3.52 -9.47
NZ MLY B 7 -1.05 2.50 -9.58
CH1 MLY B 7 -0.83 1.29 -8.72
CH2 MLY B 7 -1.52 2.15 -10.95
C MLY B 7 -1.02 7.60 -10.85
O MLY B 7 -1.94 7.34 -11.61
H MLY B 7 1.05 8.93 -9.69
HA MLY B 7 0.20 8.33 -12.43
HB2 MLY B 7 2.22 6.88 -11.92
HB3 MLY B 7 0.80 6.10 -12.58
HG2 MLY B 7 1.20 6.10 -9.56
HG3 MLY B 7 2.17 5.03 -10.57
HD2 MLY B 7 -0.90 5.06 -10.65
HD3 MLY B 7 0.20 4.03 -11.57
HE2 MLY B 7 1.01 3.01 -9.46
HE3 MLY B 7 -0.05 4.04 -8.52
HH11 MLY B 7 0.00 0.70 -9.09
HH12 MLY B 7 -1.72 0.65 -8.71
HH13 MLY B 7 -0.64 1.59 -7.68
HH21 MLY B 7 -0.68 1.98 -11.63
HH22 MLY B 7 -2.11 1.25 -10.92
HH23 MLY B 7 -2.14 2.95 -11.37
HZ MLY B 7 -1.92 2.90 -9.15
N LEU B 8 -1.15 7.60 -9.51
CA LEU B 8 -2.38 7.20 -8.80
C LEU B 8 -3.61 7.97 -9.27
N MET B 9 -4.68 7.23 -9.63
CA MET B 9 -6.02 7.75 -9.86
C MET B 9 -7.07 6.62 -9.79
N PHE B 10 -8.36 7.00 -9.67
CA PHE B 10 -9.47 6.09 -9.36
C PHE B 10 -10.64 6.20 -10.35
N LYS B 11 -11.43 5.12 -10.44
CA LYS B 11 -12.68 5.02 -11.24
C LYS B 11 -13.78 4.25 -10.46
N THR B 12 -13.70 4.33 -9.12
CA THR B 12 -14.57 3.64 -8.14
C THR B 12 -16.06 4.00 -8.28
N GLY A 1 -7.83 -24.17 6.14
CA GLY A 1 -6.61 -23.43 6.58
C GLY A 1 -6.81 -21.92 6.57
N HIS A 2 -6.09 -21.21 7.45
CA HIS A 2 -6.22 -19.75 7.63
C HIS A 2 -5.63 -18.91 6.47
N MET A 3 -4.69 -19.48 5.70
CA MET A 3 -3.97 -18.83 4.60
C MET A 3 -3.73 -19.80 3.42
N ASN A 4 -3.32 -19.25 2.27
CA ASN A 4 -3.02 -19.99 1.04
C ASN A 4 -1.83 -19.32 0.33
N SER A 5 -0.75 -20.10 0.18
CA SER A 5 0.54 -19.76 -0.46
C SER A 5 0.90 -18.26 -0.45
N PHE A 6 0.47 -17.60 -1.51
CA PHE A 6 0.48 -16.17 -1.74
C PHE A 6 -0.87 -15.73 -2.29
N VAL A 7 -1.42 -16.54 -3.18
CA VAL A 7 -2.64 -16.25 -3.93
C VAL A 7 -3.87 -16.18 -3.01
N GLY A 8 -4.35 -14.96 -2.80
CA GLY A 8 -5.45 -14.59 -1.91
C GLY A 8 -5.06 -13.59 -0.80
N LEU A 9 -3.77 -13.51 -0.45
CA LEU A 9 -3.25 -12.63 0.62
C LEU A 9 -3.27 -11.15 0.25
N ARG A 10 -3.74 -10.32 1.20
CA ARG A 10 -3.64 -8.85 1.15
C ARG A 10 -2.24 -8.42 1.58
N VAL A 11 -1.57 -7.65 0.73
CA VAL A 11 -0.14 -7.29 0.82
C VAL A 11 0.07 -5.87 0.25
N VAL A 12 1.30 -5.36 0.24
CA VAL A 12 1.64 -4.05 -0.37
C VAL A 12 2.76 -4.24 -1.39
N ALA A 13 2.61 -3.73 -2.61
CA ALA A 13 3.49 -4.02 -3.74
C ALA A 13 3.95 -2.75 -4.44
N LYS A 14 5.09 -2.82 -5.13
CA LYS A 14 5.59 -1.69 -5.91
C LYS A 14 4.94 -1.72 -7.29
N TRP A 15 4.41 -0.57 -7.71
CA TRP A 15 3.96 -0.43 -9.10
C TRP A 15 5.16 -0.19 -10.04
N SER A 16 5.15 -0.89 -11.18
CA SER A 16 6.32 -1.05 -12.08
C SER A 16 6.86 0.19 -12.83
N SER A 17 6.15 1.32 -12.88
CA SER A 17 6.65 2.61 -13.44
C SER A 17 7.71 3.30 -12.52
N ASN A 18 8.60 2.52 -11.92
CA ASN A 18 9.53 2.89 -10.84
C ASN A 18 8.85 3.75 -9.73
N GLY A 19 7.65 3.32 -9.32
CA GLY A 19 6.79 4.06 -8.39
C GLY A 19 7.03 3.71 -6.93
N TYR A 20 5.96 3.86 -6.13
CA TYR A 20 5.90 3.63 -4.69
C TYR A 20 5.14 2.32 -4.42
N PHE A 21 4.90 2.00 -3.15
CA PHE A 21 4.20 0.81 -2.71
C PHE A 21 2.72 1.12 -2.43
N TYR A 22 1.84 0.38 -3.13
CA TYR A 22 0.38 0.53 -3.08
C TYR A 22 -0.23 -0.79 -2.58
N SER A 23 -1.31 -0.76 -1.77
CA SER A 23 -1.91 -1.98 -1.22
C SER A 23 -2.70 -2.76 -2.27
N GLY A 24 -2.76 -4.09 -2.11
CA GLY A 24 -3.43 -4.98 -3.07
C GLY A 24 -3.50 -6.43 -2.59
N LYS A 25 -3.95 -7.35 -3.47
CA LYS A 25 -4.02 -8.80 -3.21
C LYS A 25 -3.26 -9.56 -4.29
N ILE A 26 -2.49 -10.58 -3.91
CA ILE A 26 -1.90 -11.50 -4.91
C ILE A 26 -3.05 -12.31 -5.52
N THR A 27 -3.18 -12.27 -6.85
CA THR A 27 -4.27 -12.92 -7.60
C THR A 27 -3.82 -14.20 -8.28
N ARG A 28 -2.50 -14.29 -8.58
CA ARG A 28 -1.83 -15.47 -9.16
C ARG A 28 -0.31 -15.37 -9.10
N ASP A 29 0.39 -16.49 -9.00
CA ASP A 29 1.84 -16.60 -9.19
C ASP A 29 2.14 -16.66 -10.69
N VAL A 30 2.58 -15.54 -11.26
CA VAL A 30 2.81 -15.39 -12.71
C VAL A 30 3.84 -16.41 -13.20
N GLY A 31 4.99 -16.46 -12.51
CA GLY A 31 6.11 -17.37 -12.74
C GLY A 31 7.45 -16.74 -12.34
N ALA A 32 8.50 -17.55 -12.18
CA ALA A 32 9.86 -17.13 -11.83
C ALA A 32 10.06 -16.39 -10.48
N GLY A 33 8.98 -16.13 -9.74
CA GLY A 33 8.95 -15.26 -8.56
C GLY A 33 8.11 -14.00 -8.80
N LYS A 34 7.59 -13.74 -10.00
CA LYS A 34 6.59 -12.70 -10.24
C LYS A 34 5.24 -13.21 -9.80
N TYR A 35 4.47 -12.34 -9.14
CA TYR A 35 3.08 -12.57 -8.75
C TYR A 35 2.22 -11.42 -9.31
N LYS A 36 1.04 -11.75 -9.83
CA LYS A 36 0.04 -10.79 -10.32
C LYS A 36 -0.68 -10.17 -9.13
N LEU A 37 -0.72 -8.84 -9.10
CA LEU A 37 -1.22 -8.03 -7.98
C LEU A 37 -2.36 -7.10 -8.39
N LEU A 38 -3.53 -7.37 -7.82
CA LEU A 38 -4.71 -6.50 -7.87
C LEU A 38 -4.63 -5.45 -6.77
N PHE A 39 -4.17 -4.26 -7.13
CA PHE A 39 -4.16 -3.09 -6.27
C PHE A 39 -5.58 -2.65 -5.88
N ASP A 40 -5.73 -2.07 -4.68
CA ASP A 40 -7.05 -1.65 -4.15
C ASP A 40 -7.72 -0.52 -4.96
N ASP A 41 -6.95 0.25 -5.74
CA ASP A 41 -7.48 1.22 -6.70
C ASP A 41 -8.15 0.58 -7.93
N GLY A 42 -7.99 -0.73 -8.11
CA GLY A 42 -8.64 -1.57 -9.12
C GLY A 42 -7.68 -2.06 -10.21
N TYR A 43 -6.42 -1.63 -10.18
CA TYR A 43 -5.42 -1.91 -11.20
C TYR A 43 -4.75 -3.29 -11.00
N GLU A 44 -4.17 -3.85 -12.07
CA GLU A 44 -3.46 -5.14 -12.03
C GLU A 44 -2.17 -5.11 -12.88
N CYS A 45 -1.07 -5.61 -12.31
CA CYS A 45 0.19 -5.89 -13.01
C CYS A 45 0.95 -7.01 -12.30
N ASP A 46 1.91 -7.60 -13.02
CA ASP A 46 2.90 -8.53 -12.48
C ASP A 46 3.95 -7.75 -11.66
N VAL A 47 4.34 -8.28 -10.50
CA VAL A 47 5.39 -7.71 -9.63
C VAL A 47 6.29 -8.84 -9.12
N LEU A 48 7.62 -8.70 -9.18
CA LEU A 48 8.56 -9.69 -8.61
C LEU A 48 8.42 -9.79 -7.08
N GLY A 49 8.66 -10.96 -6.49
CA GLY A 49 8.54 -11.21 -5.06
C GLY A 49 9.32 -10.22 -4.20
N LYS A 50 10.48 -9.79 -4.69
CA LYS A 50 11.34 -8.79 -4.03
C LYS A 50 10.63 -7.44 -3.83
N ASP A 51 9.60 -7.19 -4.63
CA ASP A 51 8.84 -5.94 -4.72
C ASP A 51 7.44 -6.05 -4.10
N ILE A 52 7.18 -7.06 -3.25
CA ILE A 52 5.89 -7.27 -2.57
C ILE A 52 6.15 -7.58 -1.10
N LEU A 53 5.35 -6.99 -0.22
CA LEU A 53 5.51 -6.93 1.23
C LEU A 53 4.27 -7.53 1.90
N LEU A 54 4.42 -8.67 2.59
CA LEU A 54 3.26 -9.47 3.06
C LEU A 54 3.05 -9.55 4.59
N CYS A 55 3.90 -8.89 5.37
CA CYS A 55 3.78 -8.76 6.82
C CYS A 55 3.74 -7.26 7.20
N ASP A 56 3.07 -6.46 6.37
CA ASP A 56 3.12 -5.00 6.36
C ASP A 56 1.83 -4.24 6.75
N PRO A 57 1.28 -4.44 7.96
CA PRO A 57 0.35 -3.44 8.50
C PRO A 57 1.27 -2.23 8.76
N ILE A 58 0.94 -1.05 8.21
CA ILE A 58 1.90 0.06 8.12
C ILE A 58 2.44 0.46 9.50
N PRO A 59 3.76 0.31 9.78
CA PRO A 59 4.30 0.57 11.09
C PRO A 59 4.20 2.05 11.44
N LEU A 60 3.69 2.28 12.65
CA LEU A 60 3.67 3.60 13.23
C LEU A 60 5.09 4.18 13.31
N ASP A 61 5.18 5.51 13.24
CA ASP A 61 6.41 6.30 13.08
C ASP A 61 7.07 6.21 11.68
N THR A 62 6.52 5.44 10.71
CA THR A 62 6.99 5.49 9.31
C THR A 62 6.33 6.63 8.53
N GLU A 63 7.08 7.18 7.57
CA GLU A 63 6.59 8.20 6.63
C GLU A 63 5.69 7.56 5.58
N VAL A 64 4.58 8.22 5.29
CA VAL A 64 3.59 7.80 4.28
C VAL A 64 2.91 8.98 3.60
N THR A 65 2.44 8.78 2.38
CA THR A 65 1.52 9.71 1.70
C THR A 65 0.08 9.32 2.02
N ALA A 66 -0.81 10.30 2.11
CA ALA A 66 -2.22 10.18 2.45
C ALA A 66 -3.09 10.82 1.35
N LEU A 67 -4.21 10.16 1.02
CA LEU A 67 -5.20 10.60 0.02
C LEU A 67 -6.57 10.83 0.68
N SER A 68 -7.23 11.94 0.35
CA SER A 68 -8.51 12.35 0.96
C SER A 68 -9.69 12.14 0.00
N GLU A 69 -10.90 11.97 0.54
CA GLU A 69 -12.12 11.82 -0.27
C GLU A 69 -12.47 13.07 -1.11
N ASP A 70 -11.99 14.25 -0.68
CA ASP A 70 -12.03 15.51 -1.44
C ASP A 70 -10.86 15.66 -2.45
N GLU A 71 -10.11 14.57 -2.67
CA GLU A 71 -9.08 14.32 -3.71
C GLU A 71 -7.66 14.80 -3.38
N TYR A 72 -7.45 15.54 -2.28
CA TYR A 72 -6.11 16.02 -1.87
C TYR A 72 -5.12 14.86 -1.67
N PHE A 73 -3.85 15.12 -1.97
CA PHE A 73 -2.74 14.19 -1.73
C PHE A 73 -1.53 14.92 -1.10
N SER A 74 -1.07 14.46 0.07
CA SER A 74 0.10 15.00 0.78
C SER A 74 0.79 13.96 1.67
N ALA A 75 1.92 14.29 2.31
CA ALA A 75 2.71 13.33 3.09
C ALA A 75 2.87 13.70 4.58
N GLY A 76 3.05 12.66 5.39
CA GLY A 76 3.02 12.70 6.85
C GLY A 76 3.50 11.37 7.45
N VAL A 77 3.13 11.08 8.69
CA VAL A 77 3.68 9.92 9.44
C VAL A 77 2.60 9.20 10.20
N VAL A 78 2.64 7.88 10.18
CA VAL A 78 1.66 7.11 10.94
C VAL A 78 1.82 7.32 12.46
N LYS A 79 0.73 7.63 13.17
CA LYS A 79 0.65 7.78 14.65
C LYS A 79 -0.56 7.05 15.30
N GLY A 80 -1.31 6.22 14.56
CA GLY A 80 -2.40 5.40 15.13
C GLY A 80 -3.03 4.40 14.15
N HIS A 81 -3.93 3.55 14.67
CA HIS A 81 -4.67 2.50 13.95
C HIS A 81 -6.16 2.49 14.33
N ARG A 82 -7.02 2.15 13.37
CA ARG A 82 -8.47 2.01 13.52
C ARG A 82 -8.98 0.87 12.64
N LYS A 83 -10.15 0.34 12.99
CA LYS A 83 -10.90 -0.67 12.22
C LYS A 83 -12.33 -0.20 12.05
N GLU A 84 -12.79 -0.02 10.80
CA GLU A 84 -14.12 0.55 10.52
C GLU A 84 -14.78 -0.17 9.35
N SER A 85 -16.04 -0.59 9.51
CA SER A 85 -16.84 -1.29 8.49
C SER A 85 -16.12 -2.49 7.81
N GLY A 86 -15.25 -3.18 8.54
CA GLY A 86 -14.45 -4.30 8.01
C GLY A 86 -13.22 -3.88 7.20
N GLU A 87 -12.60 -2.73 7.54
CA GLU A 87 -11.45 -2.16 6.84
C GLU A 87 -10.48 -1.57 7.86
N LEU A 88 -9.20 -1.55 7.51
CA LEU A 88 -8.13 -1.02 8.33
C LEU A 88 -7.84 0.44 7.99
N TYR A 89 -7.54 1.20 9.02
CA TYR A 89 -7.29 2.63 9.00
C TYR A 89 -6.02 2.98 9.76
N TYR A 90 -5.44 4.12 9.40
CA TYR A 90 -4.19 4.65 9.92
C TYR A 90 -4.39 6.13 10.25
N SER A 91 -4.12 6.51 11.48
CA SER A 91 -4.05 7.93 11.83
C SER A 91 -2.70 8.42 11.35
N ILE A 92 -2.70 9.33 10.38
CA ILE A 92 -1.51 9.95 9.83
C ILE A 92 -1.39 11.35 10.45
N GLU A 93 -0.23 11.70 10.98
CA GLU A 93 0.12 13.04 11.42
C GLU A 93 0.65 13.78 10.21
N LYS A 94 -0.13 14.74 9.71
CA LYS A 94 0.10 15.42 8.44
C LYS A 94 0.03 16.93 8.67
N GLU A 95 1.13 17.63 8.44
CA GLU A 95 1.34 19.04 8.82
C GLU A 95 1.03 19.31 10.32
N GLY A 96 1.29 18.29 11.16
CA GLY A 96 1.08 18.36 12.63
C GLY A 96 -0.32 17.93 13.09
N GLN A 97 -1.12 17.31 12.22
CA GLN A 97 -2.54 17.00 12.46
C GLN A 97 -2.75 15.49 12.39
N ARG A 98 -3.20 14.83 13.46
CA ARG A 98 -3.48 13.38 13.50
C ARG A 98 -4.85 13.13 12.86
N LYS A 99 -4.84 12.60 11.64
CA LYS A 99 -5.99 12.50 10.73
C LYS A 99 -6.16 11.07 10.22
N TRP A 100 -7.39 10.55 10.25
CA TRP A 100 -7.67 9.17 9.84
C TRP A 100 -7.72 9.03 8.31
N TYR A 101 -6.88 8.13 7.80
CA TYR A 101 -6.86 7.71 6.40
C TYR A 101 -7.01 6.18 6.30
N LYS A 102 -7.54 5.70 5.17
CA LYS A 102 -7.79 4.26 4.92
C LYS A 102 -6.49 3.55 4.58
N ARG A 103 -6.42 2.22 4.78
CA ARG A 103 -5.34 1.35 4.29
C ARG A 103 -4.92 1.72 2.86
N MET A 104 -5.87 1.67 1.92
CA MET A 104 -5.61 1.98 0.51
C MET A 104 -5.35 3.47 0.22
N ALA A 105 -5.72 4.38 1.13
CA ALA A 105 -5.44 5.81 1.02
C ALA A 105 -4.06 6.18 1.61
N VAL A 106 -3.38 5.24 2.28
CA VAL A 106 -2.08 5.42 2.89
C VAL A 106 -1.04 4.61 2.09
N ILE A 107 -0.19 5.33 1.37
CA ILE A 107 0.74 4.78 0.37
C ILE A 107 2.18 5.03 0.82
N LEU A 108 3.06 4.03 0.61
CA LEU A 108 4.42 4.00 1.15
C LEU A 108 5.42 4.45 0.08
N SER A 109 6.11 5.57 0.32
CA SER A 109 7.23 6.04 -0.52
C SER A 109 8.27 4.93 -0.69
N LEU A 110 8.93 4.82 -1.87
CA LEU A 110 9.74 3.62 -2.19
C LEU A 110 10.82 3.29 -1.15
N GLU A 111 11.49 4.31 -0.59
CA GLU A 111 12.46 4.11 0.51
C GLU A 111 11.77 3.58 1.79
N GLN A 112 10.57 4.08 2.08
CA GLN A 112 9.76 3.68 3.22
C GLN A 112 9.20 2.26 3.10
N GLY A 113 8.98 1.75 1.89
CA GLY A 113 8.68 0.32 1.66
C GLY A 113 9.93 -0.57 1.68
N ASN A 114 11.06 -0.04 1.22
CA ASN A 114 12.37 -0.71 1.24
C ASN A 114 12.84 -1.10 2.64
N ARG A 115 12.79 -0.17 3.62
CA ARG A 115 13.16 -0.50 5.03
C ARG A 115 12.26 -1.56 5.69
N LEU A 116 11.23 -2.02 4.97
CA LEU A 116 10.35 -3.13 5.33
C LEU A 116 10.66 -4.38 4.48
N ARG A 117 11.05 -4.19 3.19
CA ARG A 117 11.43 -5.23 2.22
C ARG A 117 12.40 -6.28 2.79
N GLU A 118 13.33 -5.80 3.61
CA GLU A 118 14.30 -6.62 4.35
C GLU A 118 13.69 -7.77 5.17
N GLN A 119 12.50 -7.57 5.75
CA GLN A 119 11.83 -8.49 6.64
C GLN A 119 10.54 -9.05 5.99
N TYR A 120 9.85 -8.24 5.17
CA TYR A 120 8.50 -8.51 4.64
C TYR A 120 8.46 -8.97 3.18
N GLY A 121 9.57 -8.86 2.46
CA GLY A 121 9.68 -9.22 1.04
C GLY A 121 9.33 -10.69 0.77
N LEU A 122 8.61 -10.98 -0.32
CA LEU A 122 8.30 -12.39 -0.68
C LEU A 122 9.54 -13.16 -1.14
N GLY A 123 10.38 -12.44 -1.90
CA GLY A 123 11.52 -12.96 -2.65
C GLY A 123 12.90 -12.46 -2.20
N SER B 1 -8.42 17.91 -14.32
CA SER B 1 -7.25 17.27 -13.67
C SER B 1 -6.61 18.20 -12.63
N THR B 2 -6.37 17.69 -11.41
CA THR B 2 -5.79 18.45 -10.27
C THR B 2 -4.88 17.58 -9.40
N SER B 3 -3.89 18.23 -8.76
CA SER B 3 -2.99 17.76 -7.68
C SER B 3 -3.11 16.27 -7.31
N ARG B 4 -2.29 15.41 -7.94
CA ARG B 4 -2.32 13.95 -7.74
C ARG B 4 -0.91 13.32 -7.73
N HIS B 5 -0.85 12.09 -7.21
CA HIS B 5 0.37 11.29 -7.08
C HIS B 5 1.04 10.91 -8.43
N LYS B 6 2.17 10.20 -8.37
CA LYS B 6 2.94 9.68 -9.53
C LYS B 6 2.09 8.89 -10.53
N MLY B 7 1.12 8.12 -10.01
CA MLY B 7 0.17 7.32 -10.80
CB MLY B 7 0.79 5.92 -11.03
CG MLY B 7 1.09 5.13 -9.74
CD MLY B 7 0.44 3.75 -9.68
CE MLY B 7 -1.04 3.78 -9.25
NZ MLY B 7 -1.72 2.45 -9.36
CH1 MLY B 7 -1.16 1.36 -8.50
CH2 MLY B 7 -2.02 2.04 -10.76
C MLY B 7 -1.24 7.18 -10.22
O MLY B 7 -2.14 6.82 -10.97
H MLY B 7 1.08 8.10 -9.01
HA MLY B 7 0.06 7.79 -11.78
HB2 MLY B 7 0.10 5.36 -11.67
HB3 MLY B 7 1.70 6.03 -11.61
HG2 MLY B 7 0.80 5.70 -8.86
HG3 MLY B 7 2.18 5.00 -9.68
HD2 MLY B 7 0.54 3.28 -10.66
HD3 MLY B 7 0.99 3.13 -8.97
HE2 MLY B 7 -1.58 4.49 -9.87
HE3 MLY B 7 -1.09 4.14 -8.21
HH11 MLY B 7 -1.04 1.68 -7.46
HH12 MLY B 7 -1.83 0.49 -8.49
HH13 MLY B 7 -0.19 1.02 -8.86
HH21 MLY B 7 -2.75 2.72 -11.21
HH22 MLY B 7 -2.43 1.04 -10.79
HH23 MLY B 7 -1.13 2.04 -11.40
HZ MLY B 7 -2.67 2.56 -8.95
N LEU B 8 -1.45 7.40 -8.91
CA LEU B 8 -2.71 7.05 -8.25
C LEU B 8 -3.92 7.82 -8.79
N MET B 9 -5.00 7.07 -9.02
CA MET B 9 -6.19 7.45 -9.78
C MET B 9 -7.44 6.73 -9.29
N PHE B 10 -8.60 7.39 -9.38
CA PHE B 10 -9.90 6.86 -8.93
C PHE B 10 -11.08 7.36 -9.78
N LYS B 11 -12.19 6.61 -9.75
CA LYS B 11 -13.49 6.93 -10.39
C LYS B 11 -14.68 6.70 -9.42
N THR B 12 -14.39 6.76 -8.11
CA THR B 12 -15.34 6.55 -6.99
C THR B 12 -16.56 7.48 -7.01
N GLY A 1 -8.96 -20.38 11.24
CA GLY A 1 -8.14 -19.62 10.26
C GLY A 1 -7.89 -20.43 8.99
N HIS A 2 -7.26 -19.79 7.98
CA HIS A 2 -6.91 -20.38 6.67
C HIS A 2 -5.61 -19.78 6.10
N MET A 3 -5.00 -20.46 5.14
CA MET A 3 -3.76 -20.04 4.45
C MET A 3 -3.69 -20.62 3.03
N ASN A 4 -3.06 -19.88 2.10
CA ASN A 4 -2.83 -20.31 0.71
C ASN A 4 -1.51 -19.75 0.17
N SER A 5 -1.09 -20.28 -0.98
CA SER A 5 0.15 -20.00 -1.72
C SER A 5 0.26 -18.57 -2.26
N PHE A 6 0.34 -17.58 -1.37
CA PHE A 6 0.38 -16.13 -1.65
C PHE A 6 -0.94 -15.62 -2.23
N VAL A 7 -1.32 -16.20 -3.35
CA VAL A 7 -2.56 -16.05 -4.08
C VAL A 7 -3.76 -16.09 -3.17
N GLY A 8 -4.27 -14.91 -2.85
CA GLY A 8 -5.44 -14.68 -1.99
C GLY A 8 -5.19 -13.72 -0.82
N LEU A 9 -3.92 -13.53 -0.42
CA LEU A 9 -3.51 -12.69 0.73
C LEU A 9 -3.50 -11.19 0.37
N ARG A 10 -3.95 -10.36 1.32
CA ARG A 10 -3.79 -8.90 1.28
C ARG A 10 -2.38 -8.53 1.74
N VAL A 11 -1.68 -7.72 0.93
CA VAL A 11 -0.25 -7.37 1.04
C VAL A 11 -0.04 -5.95 0.47
N VAL A 12 1.17 -5.40 0.53
CA VAL A 12 1.50 -4.10 -0.11
C VAL A 12 2.61 -4.34 -1.14
N ALA A 13 2.56 -3.73 -2.32
CA ALA A 13 3.43 -4.07 -3.44
C ALA A 13 3.93 -2.83 -4.17
N LYS A 14 5.04 -2.95 -4.92
CA LYS A 14 5.50 -1.86 -5.78
C LYS A 14 4.79 -1.89 -7.11
N TRP A 15 4.22 -0.76 -7.50
CA TRP A 15 3.74 -0.54 -8.86
C TRP A 15 4.95 -0.25 -9.75
N SER A 16 5.53 -1.32 -10.32
CA SER A 16 6.82 -1.29 -11.04
C SER A 16 6.83 -0.34 -12.26
N SER A 17 5.66 -0.09 -12.86
CA SER A 17 5.47 0.81 -14.00
C SER A 17 5.66 2.31 -13.69
N ASN A 18 5.81 2.71 -12.42
CA ASN A 18 6.17 4.11 -12.08
C ASN A 18 7.05 4.32 -10.83
N GLY A 19 6.90 3.58 -9.72
CA GLY A 19 7.89 3.64 -8.62
C GLY A 19 7.46 3.39 -7.18
N TYR A 20 6.21 3.65 -6.77
CA TYR A 20 5.84 3.65 -5.33
C TYR A 20 5.03 2.39 -4.94
N PHE A 21 4.67 2.27 -3.65
CA PHE A 21 4.12 1.06 -3.04
C PHE A 21 2.67 1.26 -2.57
N TYR A 22 1.78 0.36 -3.01
CA TYR A 22 0.32 0.47 -2.85
C TYR A 22 -0.26 -0.87 -2.34
N SER A 23 -1.33 -0.85 -1.55
CA SER A 23 -1.96 -2.08 -1.02
C SER A 23 -2.76 -2.83 -2.08
N GLY A 24 -2.85 -4.16 -1.92
CA GLY A 24 -3.48 -5.03 -2.90
C GLY A 24 -3.55 -6.50 -2.46
N LYS A 25 -3.89 -7.39 -3.40
CA LYS A 25 -4.11 -8.83 -3.20
C LYS A 25 -3.30 -9.61 -4.23
N ILE A 26 -2.57 -10.66 -3.83
CA ILE A 26 -1.98 -11.56 -4.83
C ILE A 26 -3.12 -12.32 -5.54
N THR A 27 -3.15 -12.32 -6.86
CA THR A 27 -4.22 -12.93 -7.67
C THR A 27 -3.78 -14.19 -8.41
N ARG A 28 -2.46 -14.27 -8.71
CA ARG A 28 -1.81 -15.41 -9.37
C ARG A 28 -0.27 -15.34 -9.23
N ASP A 29 0.40 -16.46 -9.43
CA ASP A 29 1.87 -16.59 -9.48
C ASP A 29 2.29 -16.57 -10.94
N VAL A 30 2.78 -15.41 -11.39
CA VAL A 30 3.09 -15.16 -12.80
C VAL A 30 4.16 -16.14 -13.30
N GLY A 31 5.25 -16.25 -12.54
CA GLY A 31 6.41 -17.11 -12.79
C GLY A 31 7.70 -16.44 -12.32
N ALA A 32 8.82 -17.16 -12.25
CA ALA A 32 10.15 -16.64 -11.88
C ALA A 32 10.27 -15.98 -10.48
N GLY A 33 9.20 -15.93 -9.70
CA GLY A 33 9.08 -15.16 -8.45
C GLY A 33 8.19 -13.92 -8.60
N LYS A 34 7.69 -13.59 -9.80
CA LYS A 34 6.71 -12.53 -10.03
C LYS A 34 5.33 -13.08 -9.69
N TYR A 35 4.55 -12.27 -8.98
CA TYR A 35 3.15 -12.53 -8.66
C TYR A 35 2.28 -11.40 -9.22
N LYS A 36 1.14 -11.76 -9.79
CA LYS A 36 0.10 -10.84 -10.27
C LYS A 36 -0.59 -10.21 -9.06
N LEU A 37 -0.57 -8.88 -8.97
CA LEU A 37 -1.10 -8.11 -7.84
C LEU A 37 -2.22 -7.16 -8.28
N LEU A 38 -3.42 -7.42 -7.75
CA LEU A 38 -4.57 -6.54 -7.85
C LEU A 38 -4.49 -5.50 -6.74
N PHE A 39 -4.12 -4.28 -7.10
CA PHE A 39 -4.12 -3.13 -6.19
C PHE A 39 -5.56 -2.71 -5.80
N ASP A 40 -5.71 -2.11 -4.62
CA ASP A 40 -7.02 -1.68 -4.11
C ASP A 40 -7.68 -0.57 -4.96
N ASP A 41 -6.90 0.19 -5.73
CA ASP A 41 -7.41 1.14 -6.71
C ASP A 41 -7.96 0.47 -8.00
N GLY A 42 -7.86 -0.87 -8.10
CA GLY A 42 -8.49 -1.72 -9.13
C GLY A 42 -7.55 -2.22 -10.23
N TYR A 43 -6.27 -1.85 -10.17
CA TYR A 43 -5.25 -2.13 -11.20
C TYR A 43 -4.56 -3.48 -10.98
N GLU A 44 -3.97 -4.08 -12.03
CA GLU A 44 -3.21 -5.34 -11.94
C GLU A 44 -1.90 -5.29 -12.74
N CYS A 45 -0.81 -5.75 -12.11
CA CYS A 45 0.50 -5.93 -12.77
C CYS A 45 1.31 -7.06 -12.08
N ASP A 46 2.40 -7.47 -12.73
CA ASP A 46 3.28 -8.57 -12.39
C ASP A 46 4.47 -8.06 -11.56
N VAL A 47 4.42 -8.23 -10.24
CA VAL A 47 5.41 -7.66 -9.30
C VAL A 47 6.32 -8.78 -8.79
N LEU A 48 7.66 -8.60 -8.82
CA LEU A 48 8.58 -9.58 -8.23
C LEU A 48 8.36 -9.74 -6.73
N GLY A 49 8.53 -10.97 -6.21
CA GLY A 49 8.36 -11.29 -4.80
C GLY A 49 9.12 -10.36 -3.87
N LYS A 50 10.32 -9.95 -4.30
CA LYS A 50 11.15 -8.97 -3.58
C LYS A 50 10.40 -7.66 -3.27
N ASP A 51 9.50 -7.28 -4.17
CA ASP A 51 8.76 -6.01 -4.21
C ASP A 51 7.30 -6.15 -3.72
N ILE A 52 7.00 -7.19 -2.94
CA ILE A 52 5.70 -7.43 -2.31
C ILE A 52 5.94 -7.74 -0.84
N LEU A 53 5.14 -7.11 0.01
CA LEU A 53 5.30 -6.99 1.45
C LEU A 53 4.09 -7.59 2.17
N LEU A 54 4.25 -8.76 2.77
CA LEU A 54 3.13 -9.55 3.28
C LEU A 54 2.97 -9.59 4.81
N CYS A 55 3.84 -8.88 5.52
CA CYS A 55 3.79 -8.69 6.97
C CYS A 55 3.76 -7.18 7.29
N ASP A 56 3.12 -6.38 6.43
CA ASP A 56 3.20 -4.93 6.40
C ASP A 56 1.92 -4.14 6.78
N PRO A 57 1.32 -4.36 7.97
CA PRO A 57 0.41 -3.34 8.50
C PRO A 57 1.35 -2.13 8.72
N ILE A 58 1.03 -0.96 8.15
CA ILE A 58 2.00 0.13 8.02
C ILE A 58 2.58 0.55 9.38
N PRO A 59 3.90 0.39 9.62
CA PRO A 59 4.47 0.63 10.93
C PRO A 59 4.36 2.10 11.31
N LEU A 60 3.91 2.30 12.54
CA LEU A 60 3.87 3.61 13.15
C LEU A 60 5.27 4.22 13.18
N ASP A 61 5.34 5.55 13.12
CA ASP A 61 6.54 6.37 12.91
C ASP A 61 7.16 6.29 11.50
N THR A 62 6.60 5.49 10.56
CA THR A 62 7.01 5.55 9.14
C THR A 62 6.32 6.69 8.40
N GLU A 63 6.98 7.21 7.37
CA GLU A 63 6.48 8.30 6.54
C GLU A 63 5.66 7.76 5.37
N VAL A 64 4.55 8.42 5.05
CA VAL A 64 3.56 7.96 4.08
C VAL A 64 2.82 9.11 3.42
N THR A 65 2.33 8.89 2.22
CA THR A 65 1.38 9.79 1.55
C THR A 65 -0.04 9.34 1.90
N ALA A 66 -0.96 10.30 2.00
CA ALA A 66 -2.32 10.15 2.48
C ALA A 66 -3.29 10.79 1.46
N LEU A 67 -4.37 10.07 1.11
CA LEU A 67 -5.40 10.47 0.14
C LEU A 67 -6.77 10.63 0.79
N SER A 68 -7.51 11.69 0.47
CA SER A 68 -8.79 12.02 1.14
C SER A 68 -9.99 11.69 0.23
N GLU A 69 -11.17 11.46 0.83
CA GLU A 69 -12.41 11.22 0.07
C GLU A 69 -12.86 12.46 -0.73
N ASP A 70 -12.46 13.66 -0.30
CA ASP A 70 -12.59 14.93 -1.04
C ASP A 70 -11.47 15.13 -2.11
N GLU A 71 -10.65 14.10 -2.33
CA GLU A 71 -9.64 13.89 -3.40
C GLU A 71 -8.21 14.41 -3.12
N TYR A 72 -8.00 15.21 -2.07
CA TYR A 72 -6.66 15.77 -1.75
C TYR A 72 -5.59 14.69 -1.55
N PHE A 73 -4.33 15.05 -1.84
CA PHE A 73 -3.16 14.17 -1.64
C PHE A 73 -1.98 14.96 -1.03
N SER A 74 -1.46 14.49 0.10
CA SER A 74 -0.28 15.06 0.80
C SER A 74 0.46 14.02 1.65
N ALA A 75 1.58 14.37 2.29
CA ALA A 75 2.41 13.42 3.06
C ALA A 75 2.56 13.76 4.55
N GLY A 76 2.79 12.73 5.36
CA GLY A 76 2.81 12.75 6.81
C GLY A 76 3.34 11.44 7.39
N VAL A 77 3.08 11.17 8.68
CA VAL A 77 3.71 10.05 9.42
C VAL A 77 2.70 9.31 10.26
N VAL A 78 2.73 7.98 10.20
CA VAL A 78 1.79 7.17 10.99
C VAL A 78 2.02 7.38 12.50
N LYS A 79 0.97 7.63 13.28
CA LYS A 79 0.97 7.66 14.77
C LYS A 79 -0.21 6.93 15.44
N GLY A 80 -0.95 6.09 14.71
CA GLY A 80 -2.04 5.28 15.27
C GLY A 80 -2.71 4.32 14.28
N HIS A 81 -3.67 3.53 14.79
CA HIS A 81 -4.45 2.50 14.06
C HIS A 81 -5.92 2.50 14.50
N ARG A 82 -6.81 2.12 13.58
CA ARG A 82 -8.25 1.90 13.81
C ARG A 82 -8.71 0.71 12.96
N LYS A 83 -9.67 -0.05 13.48
CA LYS A 83 -10.39 -1.10 12.76
C LYS A 83 -11.89 -0.82 12.77
N GLU A 84 -12.54 -1.23 11.70
CA GLU A 84 -13.98 -1.09 11.46
C GLU A 84 -14.45 -2.39 10.79
N SER A 85 -15.77 -2.61 10.78
CA SER A 85 -16.48 -3.86 10.44
C SER A 85 -16.00 -4.71 9.23
N GLY A 86 -15.16 -4.16 8.35
CA GLY A 86 -14.43 -4.89 7.30
C GLY A 86 -13.23 -4.12 6.73
N GLU A 87 -12.68 -3.14 7.45
CA GLU A 87 -11.65 -2.21 6.92
C GLU A 87 -10.66 -1.74 8.00
N LEU A 88 -9.50 -1.22 7.56
CA LEU A 88 -8.35 -0.89 8.41
C LEU A 88 -7.88 0.54 8.12
N TYR A 89 -7.54 1.25 9.19
CA TYR A 89 -7.20 2.67 9.21
C TYR A 89 -5.90 2.96 9.94
N TYR A 90 -5.32 4.11 9.60
CA TYR A 90 -4.06 4.63 10.13
C TYR A 90 -4.27 6.09 10.51
N SER A 91 -3.89 6.47 11.72
CA SER A 91 -3.84 7.89 12.10
C SER A 91 -2.53 8.42 11.56
N ILE A 92 -2.61 9.28 10.56
CA ILE A 92 -1.45 9.95 9.97
C ILE A 92 -1.33 11.34 10.59
N GLU A 93 -0.16 11.71 11.07
CA GLU A 93 0.16 13.08 11.48
C GLU A 93 0.61 13.83 10.22
N LYS A 94 -0.22 14.75 9.76
CA LYS A 94 -0.09 15.42 8.47
C LYS A 94 -0.17 16.92 8.71
N GLU A 95 0.91 17.65 8.40
CA GLU A 95 1.12 19.06 8.77
C GLU A 95 0.89 19.34 10.28
N GLY A 96 1.22 18.35 11.13
CA GLY A 96 1.10 18.42 12.59
C GLY A 96 -0.25 17.96 13.16
N GLN A 97 -1.10 17.32 12.33
CA GLN A 97 -2.49 16.97 12.66
C GLN A 97 -2.69 15.46 12.59
N ARG A 98 -3.14 14.81 13.66
CA ARG A 98 -3.48 13.36 13.62
C ARG A 98 -4.84 13.19 12.95
N LYS A 99 -4.81 12.54 11.78
CA LYS A 99 -5.93 12.44 10.82
C LYS A 99 -6.10 11.00 10.36
N TRP A 100 -7.32 10.48 10.36
CA TRP A 100 -7.59 9.10 9.96
C TRP A 100 -7.61 8.95 8.43
N TYR A 101 -6.78 8.03 7.94
CA TYR A 101 -6.76 7.61 6.54
C TYR A 101 -6.88 6.08 6.41
N LYS A 102 -7.41 5.61 5.28
CA LYS A 102 -7.63 4.17 5.01
C LYS A 102 -6.31 3.46 4.68
N ARG A 103 -6.24 2.14 4.80
CA ARG A 103 -5.12 1.31 4.29
C ARG A 103 -4.73 1.70 2.86
N MET A 104 -5.70 1.62 1.95
CA MET A 104 -5.50 1.91 0.51
C MET A 104 -5.25 3.40 0.21
N ALA A 105 -5.50 4.27 1.20
CA ALA A 105 -5.24 5.70 1.08
C ALA A 105 -3.87 6.10 1.66
N VAL A 106 -3.24 5.22 2.45
CA VAL A 106 -1.92 5.41 3.04
C VAL A 106 -0.89 4.66 2.19
N ILE A 107 -0.31 5.39 1.25
CA ILE A 107 0.60 4.87 0.22
C ILE A 107 2.06 5.14 0.63
N LEU A 108 2.95 4.18 0.35
CA LEU A 108 4.35 4.18 0.81
C LEU A 108 5.28 4.63 -0.34
N SER A 109 6.23 5.52 -0.07
CA SER A 109 7.29 5.84 -1.05
C SER A 109 8.15 4.61 -1.34
N LEU A 110 8.91 4.60 -2.44
CA LEU A 110 9.87 3.52 -2.71
C LEU A 110 10.92 3.37 -1.60
N GLU A 111 11.37 4.48 -1.03
CA GLU A 111 12.40 4.47 0.02
C GLU A 111 11.82 3.98 1.35
N GLN A 112 10.52 4.15 1.56
CA GLN A 112 9.78 3.55 2.69
C GLN A 112 9.53 2.06 2.44
N GLY A 113 9.06 1.68 1.24
CA GLY A 113 8.92 0.29 0.77
C GLY A 113 10.20 -0.53 0.92
N ASN A 114 11.35 0.10 0.66
CA ASN A 114 12.68 -0.49 0.88
C ASN A 114 12.90 -0.97 2.32
N ARG A 115 12.62 -0.13 3.32
CA ARG A 115 12.70 -0.45 4.77
C ARG A 115 11.81 -1.61 5.22
N LEU A 116 10.99 -2.12 4.30
CA LEU A 116 9.98 -3.12 4.51
C LEU A 116 10.27 -4.36 3.65
N ARG A 117 10.94 -4.23 2.48
CA ARG A 117 11.40 -5.38 1.66
C ARG A 117 12.27 -6.33 2.48
N GLU A 118 13.11 -5.77 3.35
CA GLU A 118 14.08 -6.48 4.18
C GLU A 118 13.48 -7.58 5.06
N GLN A 119 12.29 -7.37 5.64
CA GLN A 119 11.66 -8.24 6.57
C GLN A 119 10.38 -8.87 5.99
N TYR A 120 9.66 -8.12 5.16
CA TYR A 120 8.31 -8.45 4.66
C TYR A 120 8.27 -8.93 3.19
N GLY A 121 9.38 -8.76 2.46
CA GLY A 121 9.54 -9.21 1.08
C GLY A 121 9.20 -10.70 0.90
N LEU A 122 8.45 -11.05 -0.17
CA LEU A 122 8.17 -12.46 -0.47
C LEU A 122 9.43 -13.20 -0.93
N GLY A 123 10.23 -12.48 -1.72
CA GLY A 123 11.39 -13.01 -2.46
C GLY A 123 12.68 -12.98 -1.65
N SER B 1 -5.05 19.86 -13.69
CA SER B 1 -4.16 18.86 -13.03
C SER B 1 -3.35 19.52 -11.91
N THR B 2 -3.94 19.61 -10.70
CA THR B 2 -3.40 20.43 -9.59
C THR B 2 -3.58 19.80 -8.19
N SER B 3 -3.99 18.54 -8.08
CA SER B 3 -4.41 17.91 -6.81
C SER B 3 -4.12 16.42 -6.68
N ARG B 4 -3.20 15.83 -7.47
CA ARG B 4 -3.07 14.36 -7.54
C ARG B 4 -1.65 13.81 -7.70
N HIS B 5 -1.52 12.57 -7.21
CA HIS B 5 -0.29 11.76 -7.17
C HIS B 5 0.23 11.34 -8.57
N LYS B 6 1.45 10.78 -8.61
CA LYS B 6 2.21 10.48 -9.83
C LYS B 6 1.69 9.35 -10.74
N MLY B 7 0.70 8.56 -10.29
CA MLY B 7 -0.02 7.59 -11.13
CB MLY B 7 0.79 6.27 -11.24
CG MLY B 7 0.74 5.31 -10.02
CD MLY B 7 -0.42 4.29 -10.12
CE MLY B 7 -0.50 3.37 -8.90
NZ MLY B 7 -1.62 2.37 -8.96
CH1 MLY B 7 -1.38 1.18 -8.08
CH2 MLY B 7 -2.14 1.98 -10.30
C MLY B 7 -1.47 7.35 -10.69
O MLY B 7 -2.36 7.24 -11.53
H MLY B 7 0.32 8.82 -9.40
HA MLY B 7 -0.08 8.01 -12.13
HB2 MLY B 7 1.83 6.54 -11.41
HB3 MLY B 7 0.44 5.73 -12.13
HG2 MLY B 7 0.67 5.90 -9.10
HG3 MLY B 7 1.69 4.77 -9.98
HD2 MLY B 7 -1.37 4.81 -10.23
HD3 MLY B 7 -0.25 3.70 -11.02
HE2 MLY B 7 -0.63 3.97 -8.00
HE3 MLY B 7 0.45 2.84 -8.81
HH11 MLY B 7 -2.26 0.53 -8.04
HH12 MLY B 7 -1.16 1.49 -7.06
HH13 MLY B 7 -0.54 0.58 -8.44
HH21 MLY B 7 -2.60 2.82 -10.81
HH22 MLY B 7 -1.36 1.58 -10.93
HH23 MLY B 7 -2.91 1.22 -10.18
HZ MLY B 7 -2.47 2.80 -8.51
N LEU B 8 -1.72 7.28 -9.36
CA LEU B 8 -3.07 7.15 -8.78
C LEU B 8 -3.92 8.38 -9.12
N MET B 9 -5.25 8.20 -9.30
CA MET B 9 -6.20 9.33 -9.39
C MET B 9 -7.68 9.05 -9.08
N PHE B 10 -8.20 7.87 -9.42
CA PHE B 10 -9.60 7.43 -9.20
C PHE B 10 -10.60 7.95 -10.25
N LYS B 11 -10.29 7.69 -11.54
CA LYS B 11 -11.22 7.87 -12.68
C LYS B 11 -12.41 6.87 -12.64
N THR B 12 -12.26 5.81 -11.83
CA THR B 12 -13.23 4.74 -11.51
C THR B 12 -14.66 5.21 -11.30
#